data_7B2B
#
_entry.id   7B2B
#
_cell.length_a   1.000
_cell.length_b   1.000
_cell.length_c   1.000
_cell.angle_alpha   90.00
_cell.angle_beta   90.00
_cell.angle_gamma   90.00
#
_symmetry.space_group_name_H-M   'P 1'
#
loop_
_entity.id
_entity.type
_entity.pdbx_description
1 polymer 'Amino acid adenylation domain-containing protein'
2 polymer 'Peptide synthetase PaxA'
#
loop_
_entity_poly.entity_id
_entity_poly.type
_entity_poly.pdbx_seq_one_letter_code
_entity_poly.pdbx_strand_id
1 'polypeptide(L)' MNNNELTSLPLAERKRLLELAKAAKLSRQHY B
2 'polypeptide(L)'
;DHSSVITQEYAAPQGEIEEQLADIWQTILKIDRIGRYDNFFELGGHSLLVLQLQSRINEIFDVDISIQQLFAHPSICQLE
ECIINAQLLQFDADSLQDIYKSME
;
A
#
# COMPACT_ATOMS: atom_id res chain seq x y z
N MET A 1 2.25 -17.79 17.39
CA MET A 1 1.32 -17.15 16.45
C MET A 1 1.01 -15.76 16.98
N ASN A 2 1.51 -14.73 16.30
CA ASN A 2 1.34 -13.31 16.64
C ASN A 2 1.60 -12.51 15.38
N ASN A 3 1.22 -11.22 15.36
CA ASN A 3 1.40 -10.36 14.19
C ASN A 3 2.80 -10.30 13.60
N ASN A 4 3.86 -10.46 14.38
CA ASN A 4 5.21 -10.40 13.81
C ASN A 4 5.45 -11.56 12.83
N GLU A 5 4.77 -12.69 13.02
CA GLU A 5 4.91 -13.85 12.13
C GLU A 5 4.61 -13.43 10.68
N LEU A 6 3.53 -12.66 10.46
CA LEU A 6 3.16 -12.23 9.11
C LEU A 6 4.14 -11.23 8.52
N THR A 7 4.77 -10.41 9.35
CA THR A 7 5.73 -9.43 8.88
C THR A 7 7.14 -10.06 8.74
N SER A 8 7.33 -11.32 9.16
CA SER A 8 8.58 -12.06 9.08
C SER A 8 8.67 -12.80 7.74
N LEU A 9 7.53 -13.15 7.15
CA LEU A 9 7.45 -13.85 5.87
C LEU A 9 7.59 -12.81 4.74
N PRO A 10 8.10 -13.19 3.56
CA PRO A 10 8.30 -12.31 2.43
C PRO A 10 6.98 -11.97 1.74
N LEU A 11 6.97 -10.85 1.00
CA LEU A 11 5.82 -10.31 0.26
C LEU A 11 5.11 -11.37 -0.58
N ALA A 12 5.86 -12.25 -1.26
CA ALA A 12 5.24 -13.29 -2.09
C ALA A 12 4.25 -14.13 -1.26
N GLU A 13 4.67 -14.56 -0.09
CA GLU A 13 3.86 -15.36 0.82
C GLU A 13 2.83 -14.47 1.53
N ARG A 14 3.22 -13.24 1.86
CA ARG A 14 2.39 -12.23 2.53
C ARG A 14 1.11 -12.03 1.73
N LYS A 15 1.22 -11.70 0.44
CA LYS A 15 0.04 -11.50 -0.39
C LYS A 15 -0.70 -12.81 -0.63
N ARG A 16 0.01 -13.95 -0.70
CA ARG A 16 -0.65 -15.23 -0.93
C ARG A 16 -1.62 -15.54 0.20
N LEU A 17 -1.14 -15.48 1.45
CA LEU A 17 -1.99 -15.79 2.59
C LEU A 17 -3.07 -14.72 2.75
N LEU A 18 -2.76 -13.45 2.47
CA LEU A 18 -3.71 -12.34 2.56
C LEU A 18 -4.92 -12.59 1.68
N GLU A 19 -4.69 -13.08 0.47
CA GLU A 19 -5.77 -13.34 -0.46
C GLU A 19 -6.70 -14.41 0.12
N LEU A 20 -6.12 -15.54 0.54
CA LEU A 20 -6.88 -16.65 1.12
C LEU A 20 -7.65 -16.16 2.35
N ALA A 21 -7.00 -15.35 3.20
CA ALA A 21 -7.57 -14.79 4.41
C ALA A 21 -8.77 -13.90 4.10
N LYS A 22 -8.63 -12.97 3.15
CA LYS A 22 -9.69 -12.07 2.75
C LYS A 22 -10.86 -12.85 2.16
N ALA A 23 -10.55 -13.85 1.33
CA ALA A 23 -11.54 -14.69 0.68
C ALA A 23 -12.30 -15.57 1.69
N ALA A 24 -11.63 -16.05 2.74
CA ALA A 24 -12.20 -16.91 3.77
C ALA A 24 -12.86 -16.15 4.93
N LYS A 25 -12.65 -14.84 5.03
CA LYS A 25 -13.14 -13.92 6.06
C LYS A 25 -12.97 -14.44 7.50
N LEU A 26 -11.91 -15.22 7.77
CA LEU A 26 -11.60 -15.80 9.08
C LEU A 26 -11.73 -14.82 10.25
N SER A 27 -11.41 -13.54 10.04
CA SER A 27 -11.47 -12.47 11.02
C SER A 27 -11.45 -11.10 10.29
N ARG A 28 -11.94 -11.10 9.05
CA ARG A 28 -11.99 -9.91 8.20
C ARG A 28 -13.00 -8.91 8.80
N GLN A 29 -12.92 -7.63 8.42
CA GLN A 29 -13.83 -6.62 8.93
C GLN A 29 -14.56 -5.99 7.74
N HIS A 30 -15.86 -5.81 7.87
CA HIS A 30 -16.76 -5.23 6.87
C HIS A 30 -17.24 -3.86 7.39
N TYR A 31 -16.39 -3.17 8.18
CA TYR A 31 -16.68 -1.87 8.78
C TYR A 31 -16.22 -0.79 7.83
N ASP B 1 6.04 28.62 -16.90
CA ASP B 1 5.15 27.48 -17.17
C ASP B 1 6.01 26.38 -17.74
N HIS B 2 6.51 25.56 -16.83
CA HIS B 2 7.38 24.42 -17.00
C HIS B 2 7.50 23.87 -15.57
N SER B 3 7.07 22.64 -15.33
CA SER B 3 7.14 22.04 -14.02
C SER B 3 7.23 20.52 -14.21
N SER B 4 7.64 19.79 -13.16
CA SER B 4 7.84 18.35 -13.20
C SER B 4 8.95 18.06 -14.23
N VAL B 5 9.12 16.79 -14.53
CA VAL B 5 10.10 16.31 -15.49
C VAL B 5 9.37 15.77 -16.73
N ILE B 6 10.09 15.71 -17.85
CA ILE B 6 9.58 15.26 -19.12
C ILE B 6 9.27 13.76 -19.08
N THR B 7 8.08 13.43 -19.59
CA THR B 7 7.58 12.07 -19.70
C THR B 7 7.83 11.59 -21.13
N GLN B 8 7.89 10.28 -21.33
CA GLN B 8 8.08 9.64 -22.63
C GLN B 8 7.18 8.41 -22.71
N GLU B 9 6.94 7.75 -21.56
CA GLU B 9 6.13 6.56 -21.43
C GLU B 9 5.43 6.53 -20.08
N TYR B 10 4.29 7.22 -19.96
CA TYR B 10 3.53 7.24 -18.73
C TYR B 10 3.00 5.81 -18.48
N ALA B 11 2.96 5.37 -17.22
CA ALA B 11 2.50 4.04 -16.83
C ALA B 11 1.26 4.20 -15.96
N ALA B 12 0.13 3.73 -16.49
CA ALA B 12 -1.16 3.79 -15.83
C ALA B 12 -1.19 3.05 -14.49
N PRO B 13 -2.04 3.48 -13.55
CA PRO B 13 -2.15 2.82 -12.27
C PRO B 13 -2.76 1.45 -12.51
N GLN B 14 -2.43 0.54 -11.61
CA GLN B 14 -2.90 -0.83 -11.56
C GLN B 14 -4.31 -0.77 -10.99
N GLY B 15 -4.98 -1.91 -10.91
CA GLY B 15 -6.34 -2.02 -10.41
C GLY B 15 -6.65 -1.31 -9.08
N GLU B 16 -7.81 -1.62 -8.50
CA GLU B 16 -8.31 -0.97 -7.30
C GLU B 16 -7.36 -0.81 -6.11
N ILE B 17 -6.35 -1.65 -5.91
CA ILE B 17 -5.43 -1.48 -4.80
C ILE B 17 -4.47 -0.33 -5.12
N GLU B 18 -3.84 -0.32 -6.30
CA GLU B 18 -2.89 0.71 -6.68
C GLU B 18 -3.56 2.04 -7.00
N GLU B 19 -4.59 2.07 -7.86
CA GLU B 19 -5.28 3.32 -8.19
C GLU B 19 -5.84 4.03 -6.95
N GLN B 20 -6.21 3.26 -5.92
CA GLN B 20 -6.77 3.78 -4.68
C GLN B 20 -5.81 4.80 -4.09
N LEU B 21 -4.54 4.47 -3.92
CA LEU B 21 -3.61 5.45 -3.38
C LEU B 21 -3.24 6.51 -4.42
N ALA B 22 -3.07 6.11 -5.67
CA ALA B 22 -2.65 6.98 -6.76
C ALA B 22 -3.60 8.14 -6.96
N ASP B 23 -4.90 7.94 -6.81
CA ASP B 23 -5.92 8.95 -6.99
C ASP B 23 -5.74 10.12 -6.01
N ILE B 24 -5.41 9.77 -4.79
CA ILE B 24 -5.24 10.73 -3.72
C ILE B 24 -3.94 11.51 -3.93
N TRP B 25 -2.88 10.86 -4.42
CA TRP B 25 -1.60 11.53 -4.61
C TRP B 25 -1.71 12.79 -5.46
N GLN B 26 -2.24 12.74 -6.69
CA GLN B 26 -2.30 13.98 -7.48
C GLN B 26 -3.14 15.05 -6.80
N THR B 27 -4.13 14.69 -6.02
CA THR B 27 -4.94 15.69 -5.33
C THR B 27 -4.11 16.41 -4.25
N ILE B 28 -3.15 15.72 -3.62
CA ILE B 28 -2.31 16.26 -2.56
C ILE B 28 -1.22 17.18 -3.14
N LEU B 29 -0.55 16.75 -4.20
CA LEU B 29 0.52 17.52 -4.87
C LEU B 29 -0.02 18.38 -6.02
N LYS B 30 -1.33 18.36 -6.27
CA LYS B 30 -2.01 19.10 -7.33
C LYS B 30 -1.34 18.79 -8.68
N ILE B 31 -1.03 17.51 -8.91
CA ILE B 31 -0.38 17.08 -10.14
C ILE B 31 -1.39 16.59 -11.19
N ASP B 32 -0.87 16.24 -12.38
CA ASP B 32 -1.62 15.73 -13.52
C ASP B 32 -2.02 14.28 -13.28
N ARG B 33 -1.07 13.35 -13.40
CA ARG B 33 -1.24 11.91 -13.22
C ARG B 33 -0.15 11.34 -12.32
N ILE B 34 -0.25 10.07 -11.90
CA ILE B 34 0.75 9.41 -11.08
C ILE B 34 1.13 8.14 -11.83
N GLY B 35 2.41 7.97 -12.13
CA GLY B 35 2.90 6.78 -12.81
C GLY B 35 3.46 5.84 -11.76
N ARG B 36 3.36 4.52 -11.99
CA ARG B 36 3.85 3.53 -11.03
C ARG B 36 5.33 3.59 -10.67
N TYR B 37 6.14 4.27 -11.49
CA TYR B 37 7.58 4.44 -11.31
C TYR B 37 7.94 5.88 -10.93
N ASP B 38 6.98 6.81 -10.99
CA ASP B 38 7.23 8.21 -10.65
C ASP B 38 7.46 8.28 -9.15
N ASN B 39 8.48 9.01 -8.76
CA ASN B 39 8.88 9.18 -7.38
C ASN B 39 8.12 10.37 -6.84
N PHE B 40 7.58 10.28 -5.61
CA PHE B 40 6.83 11.41 -5.05
C PHE B 40 7.66 12.71 -5.04
N PHE B 41 8.98 12.60 -4.80
CA PHE B 41 9.87 13.76 -4.73
C PHE B 41 10.08 14.41 -6.10
N GLU B 42 10.01 13.65 -7.20
CA GLU B 42 10.17 14.22 -8.54
C GLU B 42 8.87 14.92 -8.95
N LEU B 43 7.74 14.33 -8.52
CA LEU B 43 6.41 14.83 -8.84
C LEU B 43 6.07 16.15 -8.17
N GLY B 44 6.53 16.40 -6.94
CA GLY B 44 6.23 17.65 -6.24
C GLY B 44 5.82 17.42 -4.79
N GLY B 45 5.88 16.19 -4.30
CA GLY B 45 5.54 15.86 -2.93
C GLY B 45 6.74 16.18 -2.04
N HIS B 46 6.51 16.64 -0.82
CA HIS B 46 7.51 17.02 0.17
C HIS B 46 7.13 16.38 1.51
N SER B 47 8.02 16.40 2.51
CA SER B 47 7.76 15.78 3.82
C SER B 47 6.40 16.08 4.43
N LEU B 48 5.94 17.33 4.42
CA LEU B 48 4.63 17.68 4.99
C LEU B 48 3.48 16.96 4.28
N LEU B 49 3.63 16.66 2.98
CA LEU B 49 2.61 15.98 2.19
C LEU B 49 2.61 14.49 2.54
N VAL B 50 3.74 13.96 2.97
CA VAL B 50 3.85 12.56 3.37
C VAL B 50 3.11 12.40 4.70
N LEU B 51 3.16 13.42 5.58
CA LEU B 51 2.48 13.39 6.87
C LEU B 51 0.97 13.26 6.68
N GLN B 52 0.39 14.10 5.81
CA GLN B 52 -1.04 14.06 5.54
C GLN B 52 -1.43 12.77 4.82
N LEU B 53 -0.56 12.31 3.90
CA LEU B 53 -0.76 11.08 3.14
C LEU B 53 -0.93 9.92 4.10
N GLN B 54 -0.03 9.75 5.07
CA GLN B 54 -0.12 8.68 6.06
C GLN B 54 -1.50 8.68 6.69
N SER B 55 -1.96 9.86 7.07
CA SER B 55 -3.26 10.03 7.69
C SER B 55 -4.34 9.50 6.73
N ARG B 56 -4.22 9.70 5.41
CA ARG B 56 -5.20 9.18 4.47
C ARG B 56 -5.07 7.65 4.42
N ILE B 57 -3.87 7.08 4.30
CA ILE B 57 -3.69 5.62 4.27
C ILE B 57 -4.41 4.97 5.44
N ASN B 58 -4.30 5.60 6.61
CA ASN B 58 -4.93 5.11 7.83
C ASN B 58 -6.44 4.96 7.67
N GLU B 59 -7.16 5.98 7.16
CA GLU B 59 -8.62 5.95 6.96
C GLU B 59 -9.07 5.19 5.71
N ILE B 60 -8.30 5.25 4.62
CA ILE B 60 -8.60 4.61 3.34
C ILE B 60 -8.53 3.10 3.44
N PHE B 61 -7.49 2.59 4.10
CA PHE B 61 -7.28 1.16 4.23
C PHE B 61 -7.66 0.61 5.62
N ASP B 62 -8.06 1.46 6.57
CA ASP B 62 -8.45 1.15 7.94
C ASP B 62 -7.30 0.45 8.70
N VAL B 63 -6.05 0.86 8.48
CA VAL B 63 -4.83 0.31 9.09
C VAL B 63 -4.01 1.44 9.71
N ASP B 64 -2.86 1.15 10.33
CA ASP B 64 -1.97 2.15 10.95
C ASP B 64 -0.60 2.07 10.28
N ILE B 65 -0.36 2.93 9.29
CA ILE B 65 0.88 3.02 8.54
C ILE B 65 1.70 4.20 9.08
N SER B 66 3.03 4.08 9.03
CA SER B 66 3.97 5.08 9.48
C SER B 66 4.54 5.82 8.27
N ILE B 67 4.88 7.10 8.42
CA ILE B 67 5.45 7.95 7.37
C ILE B 67 6.71 7.38 6.73
N GLN B 68 7.54 6.69 7.50
CA GLN B 68 8.79 6.12 7.01
C GLN B 68 8.54 5.17 5.85
N GLN B 69 7.48 4.35 5.90
CA GLN B 69 7.16 3.41 4.84
C GLN B 69 6.89 4.16 3.54
N LEU B 70 6.14 5.28 3.62
CA LEU B 70 5.80 6.09 2.46
C LEU B 70 7.07 6.59 1.77
N PHE B 71 8.05 7.09 2.53
CA PHE B 71 9.30 7.59 1.96
C PHE B 71 10.20 6.46 1.47
N ALA B 72 10.10 5.28 2.09
CA ALA B 72 10.88 4.11 1.75
C ALA B 72 10.40 3.47 0.44
N HIS B 73 9.14 3.68 0.08
CA HIS B 73 8.50 3.17 -1.12
C HIS B 73 7.91 4.41 -1.80
N PRO B 74 8.73 5.28 -2.42
CA PRO B 74 8.29 6.52 -3.04
C PRO B 74 7.46 6.40 -4.33
N SER B 75 6.89 5.24 -4.65
CA SER B 75 6.08 5.02 -5.86
C SER B 75 4.94 4.04 -5.58
N ILE B 76 3.86 4.09 -6.39
CA ILE B 76 2.66 3.24 -6.24
C ILE B 76 3.01 1.75 -6.14
N CYS B 77 3.77 1.22 -7.11
CA CYS B 77 4.15 -0.19 -7.14
C CYS B 77 4.90 -0.66 -5.90
N GLN B 78 5.70 0.21 -5.28
CA GLN B 78 6.42 -0.19 -4.10
C GLN B 78 5.52 -0.13 -2.85
N LEU B 79 4.69 0.92 -2.74
CA LEU B 79 3.79 1.18 -1.62
C LEU B 79 2.85 0.01 -1.35
N GLU B 80 2.30 -0.66 -2.38
CA GLU B 80 1.38 -1.79 -2.16
C GLU B 80 1.95 -2.84 -1.19
N GLU B 81 3.28 -3.07 -1.21
CA GLU B 81 3.93 -4.05 -0.33
C GLU B 81 3.58 -3.77 1.15
N CYS B 82 3.47 -2.49 1.53
CA CYS B 82 3.15 -2.12 2.89
C CYS B 82 1.68 -2.42 3.20
N ILE B 83 0.76 -2.13 2.27
CA ILE B 83 -0.67 -2.39 2.44
C ILE B 83 -0.85 -3.89 2.69
N ILE B 84 -0.17 -4.76 1.93
CA ILE B 84 -0.28 -6.21 2.09
C ILE B 84 -0.06 -6.59 3.55
N ASN B 85 1.08 -6.20 4.14
CA ASN B 85 1.37 -6.55 5.53
C ASN B 85 0.41 -5.84 6.50
N ALA B 86 0.11 -4.56 6.28
CA ALA B 86 -0.78 -3.82 7.16
C ALA B 86 -2.20 -4.36 7.16
N GLN B 87 -2.68 -4.87 6.03
CA GLN B 87 -4.02 -5.40 5.92
C GLN B 87 -4.14 -6.65 6.76
N LEU B 88 -3.17 -7.57 6.66
CA LEU B 88 -3.11 -8.82 7.41
C LEU B 88 -3.16 -8.54 8.89
N LEU B 89 -2.54 -7.45 9.35
CA LEU B 89 -2.56 -7.08 10.77
C LEU B 89 -3.97 -6.90 11.30
N GLN B 90 -4.96 -6.49 10.50
CA GLN B 90 -6.31 -6.34 11.06
C GLN B 90 -6.95 -7.72 11.23
N PHE B 91 -6.52 -8.72 10.44
CA PHE B 91 -7.07 -10.06 10.57
C PHE B 91 -6.43 -10.67 11.83
N ASP B 92 -7.04 -11.72 12.38
CA ASP B 92 -6.58 -12.40 13.58
C ASP B 92 -5.32 -13.20 13.26
N ALA B 93 -4.26 -13.06 14.06
CA ALA B 93 -3.00 -13.76 13.85
C ALA B 93 -3.06 -15.27 14.17
N ASP B 94 -3.99 -15.72 15.00
CA ASP B 94 -4.11 -17.14 15.36
C ASP B 94 -4.69 -17.93 14.19
N SER B 95 -5.82 -17.49 13.66
CA SER B 95 -6.48 -18.15 12.54
C SER B 95 -5.61 -17.98 11.28
N LEU B 96 -4.86 -16.88 11.18
CA LEU B 96 -3.99 -16.59 10.06
C LEU B 96 -2.96 -17.68 9.87
N GLN B 97 -2.38 -18.18 10.97
CA GLN B 97 -1.34 -19.20 10.87
C GLN B 97 -1.90 -20.48 10.26
N ASP B 98 -3.19 -20.78 10.47
CA ASP B 98 -3.82 -21.99 9.96
C ASP B 98 -3.97 -21.95 8.44
N ILE B 99 -4.26 -20.77 7.90
CA ILE B 99 -4.43 -20.51 6.47
C ILE B 99 -3.06 -20.46 5.83
N TYR B 100 -2.14 -19.75 6.47
CA TYR B 100 -0.77 -19.55 6.04
C TYR B 100 -0.06 -20.87 5.76
N LYS B 101 -0.13 -21.83 6.68
CA LYS B 101 0.54 -23.12 6.49
C LYS B 101 -0.13 -23.98 5.42
N SER B 102 -1.34 -23.63 4.99
CA SER B 102 -2.08 -24.36 3.98
C SER B 102 -1.93 -23.71 2.61
N MET B 103 -1.33 -22.52 2.52
CA MET B 103 -1.17 -21.83 1.23
C MET B 103 -0.21 -22.59 0.30
N GLU B 104 -0.35 -22.35 -1.01
CA GLU B 104 0.49 -22.93 -2.07
C GLU B 104 1.95 -22.58 -1.81
N MET A 1 1.07 -18.95 14.23
CA MET A 1 -0.24 -18.31 14.46
C MET A 1 -0.07 -17.00 15.26
N ASN A 2 0.60 -15.99 14.70
CA ASN A 2 0.82 -14.73 15.42
C ASN A 2 1.03 -13.56 14.46
N ASN A 3 0.65 -12.38 14.94
CA ASN A 3 0.72 -11.11 14.22
C ASN A 3 2.15 -10.67 13.95
N ASN A 4 3.08 -11.01 14.84
CA ASN A 4 4.47 -10.63 14.68
C ASN A 4 5.12 -11.52 13.64
N GLU A 5 4.73 -12.80 13.62
CA GLU A 5 5.25 -13.80 12.71
C GLU A 5 4.87 -13.55 11.25
N LEU A 6 3.61 -13.17 10.97
CA LEU A 6 3.14 -12.89 9.59
C LEU A 6 4.01 -11.83 8.90
N THR A 7 4.59 -10.91 9.66
CA THR A 7 5.44 -9.86 9.12
C THR A 7 6.88 -10.35 8.84
N SER A 8 7.29 -11.49 9.43
CA SER A 8 8.63 -12.07 9.28
C SER A 8 8.76 -12.85 7.97
N LEU A 9 7.67 -13.39 7.43
CA LEU A 9 7.68 -14.15 6.18
C LEU A 9 7.75 -13.16 5.00
N PRO A 10 8.36 -13.55 3.86
CA PRO A 10 8.50 -12.67 2.70
C PRO A 10 7.17 -12.29 2.06
N LEU A 11 7.15 -11.15 1.37
CA LEU A 11 5.98 -10.59 0.70
C LEU A 11 5.30 -11.63 -0.19
N ALA A 12 6.04 -12.41 -0.95
CA ALA A 12 5.48 -13.42 -1.85
C ALA A 12 4.46 -14.31 -1.14
N GLU A 13 4.83 -14.82 0.03
CA GLU A 13 3.97 -15.69 0.83
C GLU A 13 2.92 -14.85 1.55
N ARG A 14 3.31 -13.65 2.00
CA ARG A 14 2.44 -12.70 2.71
C ARG A 14 1.22 -12.35 1.86
N LYS A 15 1.42 -11.90 0.62
CA LYS A 15 0.32 -11.54 -0.27
C LYS A 15 -0.45 -12.79 -0.68
N ARG A 16 0.22 -13.94 -0.81
CA ARG A 16 -0.47 -15.16 -1.19
C ARG A 16 -1.49 -15.49 -0.11
N LEU A 17 -1.08 -15.55 1.15
CA LEU A 17 -1.98 -15.88 2.23
C LEU A 17 -3.06 -14.80 2.36
N LEU A 18 -2.72 -13.52 2.19
CA LEU A 18 -3.67 -12.42 2.30
C LEU A 18 -4.77 -12.49 1.25
N GLU A 19 -4.42 -12.84 0.01
CA GLU A 19 -5.38 -12.92 -1.08
C GLU A 19 -6.43 -13.97 -0.76
N LEU A 20 -5.99 -15.12 -0.24
CA LEU A 20 -6.87 -16.22 0.14
C LEU A 20 -7.66 -15.79 1.39
N ALA A 21 -6.99 -15.26 2.40
CA ALA A 21 -7.60 -14.83 3.65
C ALA A 21 -8.72 -13.81 3.43
N LYS A 22 -8.42 -12.74 2.70
CA LYS A 22 -9.40 -11.70 2.42
C LYS A 22 -10.59 -12.31 1.70
N ALA A 23 -10.34 -13.16 0.71
CA ALA A 23 -11.38 -13.82 -0.06
C ALA A 23 -12.23 -14.77 0.80
N ALA A 24 -11.61 -15.48 1.74
CA ALA A 24 -12.22 -16.45 2.64
C ALA A 24 -13.00 -15.79 3.77
N LYS A 25 -12.89 -14.48 3.94
CA LYS A 25 -13.60 -13.72 4.99
C LYS A 25 -13.38 -14.31 6.38
N LEU A 26 -12.20 -14.90 6.62
CA LEU A 26 -11.84 -15.53 7.89
C LEU A 26 -11.87 -14.57 9.08
N SER A 27 -11.68 -13.28 8.81
CA SER A 27 -11.63 -12.25 9.82
C SER A 27 -11.95 -10.89 9.19
N ARG A 28 -11.88 -9.81 9.99
CA ARG A 28 -12.17 -8.42 9.65
C ARG A 28 -13.69 -8.28 9.60
N GLN A 29 -14.21 -7.06 9.80
CA GLN A 29 -15.65 -6.80 9.81
C GLN A 29 -16.43 -7.33 8.61
N HIS A 30 -17.69 -7.71 8.85
CA HIS A 30 -18.63 -8.20 7.85
C HIS A 30 -19.64 -7.07 7.61
N TYR A 31 -19.13 -5.95 7.08
CA TYR A 31 -19.89 -4.75 6.77
C TYR A 31 -19.73 -4.54 5.28
N ASP B 1 3.30 31.32 -26.86
CA ASP B 1 4.01 30.49 -25.87
C ASP B 1 3.13 29.34 -25.44
N HIS B 2 3.67 28.38 -24.69
CA HIS B 2 2.95 27.21 -24.19
C HIS B 2 3.68 26.73 -22.92
N SER B 3 3.13 25.71 -22.24
CA SER B 3 3.71 25.14 -21.04
C SER B 3 3.43 23.65 -21.06
N SER B 4 4.41 22.86 -21.50
CA SER B 4 4.36 21.41 -21.60
C SER B 4 5.51 20.81 -20.79
N VAL B 5 5.50 19.49 -20.63
CA VAL B 5 6.50 18.73 -19.90
C VAL B 5 7.08 17.65 -20.83
N ILE B 6 8.12 16.97 -20.38
CA ILE B 6 8.77 15.89 -21.12
C ILE B 6 8.31 14.58 -20.48
N THR B 7 8.03 13.58 -21.32
CA THR B 7 7.56 12.25 -20.97
C THR B 7 8.16 11.24 -21.96
N GLN B 8 8.12 9.96 -21.60
CA GLN B 8 8.64 8.88 -22.40
C GLN B 8 7.71 7.67 -22.36
N GLU B 9 7.51 7.08 -21.17
CA GLU B 9 6.70 5.90 -20.96
C GLU B 9 6.12 5.92 -19.53
N TYR B 10 4.94 6.50 -19.35
CA TYR B 10 4.30 6.56 -18.04
C TYR B 10 3.67 5.21 -17.69
N ALA B 11 3.78 4.79 -16.43
CA ALA B 11 3.23 3.54 -15.93
C ALA B 11 1.87 3.80 -15.30
N ALA B 12 0.81 3.24 -15.89
CA ALA B 12 -0.55 3.40 -15.41
C ALA B 12 -0.75 2.71 -14.05
N PRO B 13 -1.74 3.17 -13.26
CA PRO B 13 -2.02 2.61 -11.95
C PRO B 13 -2.52 1.18 -12.03
N GLN B 14 -2.07 0.40 -11.05
CA GLN B 14 -2.45 -0.99 -10.82
C GLN B 14 -3.85 -0.92 -10.18
N GLY B 15 -4.48 -2.07 -9.96
CA GLY B 15 -5.84 -2.17 -9.40
C GLY B 15 -6.14 -1.36 -8.12
N GLU B 16 -7.30 -1.63 -7.52
CA GLU B 16 -7.85 -0.92 -6.35
C GLU B 16 -6.92 -0.67 -5.16
N ILE B 17 -5.91 -1.49 -4.92
CA ILE B 17 -5.00 -1.25 -3.82
C ILE B 17 -4.06 -0.12 -4.23
N GLU B 18 -3.39 -0.21 -5.38
CA GLU B 18 -2.43 0.75 -5.86
C GLU B 18 -3.07 2.06 -6.32
N GLU B 19 -4.10 2.03 -7.17
CA GLU B 19 -4.76 3.25 -7.64
C GLU B 19 -5.35 4.04 -6.46
N GLN B 20 -5.72 3.36 -5.39
CA GLN B 20 -6.29 4.02 -4.23
C GLN B 20 -5.32 5.02 -3.62
N LEU B 21 -4.07 4.63 -3.30
CA LEU B 21 -3.16 5.61 -2.74
C LEU B 21 -2.83 6.67 -3.78
N ALA B 22 -2.79 6.30 -5.06
CA ALA B 22 -2.49 7.18 -6.17
C ALA B 22 -3.48 8.36 -6.26
N ASP B 23 -4.74 8.14 -5.85
CA ASP B 23 -5.81 9.15 -5.89
C ASP B 23 -5.53 10.27 -4.90
N ILE B 24 -5.00 9.92 -3.75
CA ILE B 24 -4.69 10.89 -2.73
C ILE B 24 -3.43 11.67 -3.11
N TRP B 25 -2.42 10.98 -3.66
CA TRP B 25 -1.15 11.63 -4.00
C TRP B 25 -1.29 12.83 -4.92
N GLN B 26 -1.87 12.69 -6.12
CA GLN B 26 -2.00 13.80 -7.05
C GLN B 26 -2.84 14.93 -6.47
N THR B 27 -3.78 14.64 -5.59
CA THR B 27 -4.63 15.62 -4.94
C THR B 27 -3.83 16.43 -3.92
N ILE B 28 -2.86 15.81 -3.25
CA ILE B 28 -2.04 16.47 -2.24
C ILE B 28 -1.06 17.42 -2.91
N LEU B 29 -0.30 16.93 -3.90
CA LEU B 29 0.70 17.70 -4.65
C LEU B 29 0.10 18.42 -5.86
N LYS B 30 -1.23 18.34 -6.02
CA LYS B 30 -2.02 18.92 -7.12
C LYS B 30 -1.33 18.60 -8.45
N ILE B 31 -0.88 17.37 -8.61
CA ILE B 31 -0.18 16.90 -9.81
C ILE B 31 -1.18 16.26 -10.77
N ASP B 32 -0.69 15.89 -11.95
CA ASP B 32 -1.46 15.23 -13.00
C ASP B 32 -1.70 13.76 -12.63
N ARG B 33 -0.71 12.89 -12.86
CA ARG B 33 -0.79 11.45 -12.60
C ARG B 33 0.31 10.97 -11.69
N ILE B 34 0.19 9.75 -11.19
CA ILE B 34 1.15 9.12 -10.30
C ILE B 34 1.52 7.81 -10.97
N GLY B 35 2.78 7.68 -11.37
CA GLY B 35 3.27 6.47 -12.01
C GLY B 35 3.83 5.53 -10.95
N ARG B 36 3.78 4.22 -11.19
CA ARG B 36 4.25 3.21 -10.25
C ARG B 36 5.74 3.29 -9.89
N TYR B 37 6.58 3.91 -10.73
CA TYR B 37 8.01 4.03 -10.51
C TYR B 37 8.43 5.47 -10.23
N ASP B 38 7.50 6.43 -10.32
CA ASP B 38 7.81 7.84 -10.08
C ASP B 38 8.04 8.02 -8.58
N ASN B 39 8.97 8.89 -8.23
CA ASN B 39 9.31 9.14 -6.83
C ASN B 39 8.39 10.21 -6.29
N PHE B 40 7.91 10.02 -5.06
CA PHE B 40 7.01 10.98 -4.42
C PHE B 40 7.63 12.37 -4.39
N PHE B 41 8.93 12.47 -4.11
CA PHE B 41 9.63 13.74 -4.02
C PHE B 41 9.85 14.37 -5.40
N GLU B 42 10.16 13.58 -6.43
CA GLU B 42 10.40 14.12 -7.78
C GLU B 42 9.10 14.67 -8.35
N LEU B 43 7.97 14.07 -7.96
CA LEU B 43 6.67 14.50 -8.43
C LEU B 43 6.33 15.87 -7.83
N GLY B 44 6.78 16.15 -6.59
CA GLY B 44 6.56 17.40 -5.88
C GLY B 44 6.35 17.22 -4.37
N GLY B 45 6.40 15.98 -3.87
CA GLY B 45 6.21 15.66 -2.46
C GLY B 45 7.32 16.22 -1.56
N HIS B 46 6.94 16.72 -0.39
CA HIS B 46 7.82 17.30 0.63
C HIS B 46 7.48 16.66 1.99
N SER B 47 8.38 16.79 2.98
CA SER B 47 8.20 16.21 4.31
C SER B 47 6.83 16.48 4.95
N LEU B 48 6.34 17.71 4.87
CA LEU B 48 5.04 18.08 5.43
C LEU B 48 3.86 17.36 4.78
N LEU B 49 4.01 16.89 3.54
CA LEU B 49 2.95 16.20 2.82
C LEU B 49 2.86 14.76 3.30
N VAL B 50 4.01 14.17 3.67
CA VAL B 50 4.10 12.80 4.15
C VAL B 50 3.30 12.64 5.45
N LEU B 51 3.25 13.70 6.26
CA LEU B 51 2.54 13.70 7.53
C LEU B 51 1.04 13.56 7.27
N GLN B 52 0.49 14.36 6.36
CA GLN B 52 -0.93 14.29 6.07
C GLN B 52 -1.26 12.99 5.31
N LEU B 53 -0.32 12.50 4.50
CA LEU B 53 -0.48 11.30 3.70
C LEU B 53 -0.73 10.13 4.63
N GLN B 54 0.11 9.94 5.65
CA GLN B 54 0.00 8.87 6.64
C GLN B 54 -1.41 8.84 7.19
N SER B 55 -1.92 10.00 7.58
CA SER B 55 -3.26 10.15 8.14
C SER B 55 -4.33 9.58 7.20
N ARG B 56 -4.17 9.74 5.88
CA ARG B 56 -5.15 9.17 4.97
C ARG B 56 -4.95 7.67 4.97
N ILE B 57 -3.72 7.16 4.86
CA ILE B 57 -3.45 5.73 4.85
C ILE B 57 -4.06 5.07 6.10
N ASN B 58 -4.12 5.79 7.22
CA ASN B 58 -4.65 5.26 8.46
C ASN B 58 -6.09 4.81 8.30
N GLU B 59 -6.96 5.69 7.83
CA GLU B 59 -8.37 5.39 7.62
C GLU B 59 -8.68 4.66 6.31
N ILE B 60 -8.03 5.05 5.21
CA ILE B 60 -8.24 4.49 3.87
C ILE B 60 -7.97 2.99 3.83
N PHE B 61 -6.91 2.54 4.51
CA PHE B 61 -6.55 1.13 4.53
C PHE B 61 -6.83 0.51 5.90
N ASP B 62 -7.40 1.27 6.84
CA ASP B 62 -7.75 0.86 8.19
C ASP B 62 -6.56 0.16 8.88
N VAL B 63 -5.38 0.79 8.90
CA VAL B 63 -4.15 0.25 9.49
C VAL B 63 -3.28 1.37 10.09
N ASP B 64 -2.22 1.05 10.82
CA ASP B 64 -1.34 2.05 11.43
C ASP B 64 0.02 1.96 10.76
N ILE B 65 0.31 2.93 9.89
CA ILE B 65 1.57 3.04 9.16
C ILE B 65 2.30 4.26 9.73
N SER B 66 3.64 4.26 9.69
CA SER B 66 4.49 5.34 10.15
C SER B 66 5.01 6.14 8.94
N ILE B 67 5.36 7.42 9.11
CA ILE B 67 5.87 8.31 8.05
C ILE B 67 7.11 7.71 7.37
N GLN B 68 7.92 6.96 8.12
CA GLN B 68 9.13 6.33 7.66
C GLN B 68 8.87 5.40 6.48
N GLN B 69 7.84 4.55 6.57
CA GLN B 69 7.53 3.61 5.50
C GLN B 69 7.17 4.35 4.20
N LEU B 70 6.44 5.46 4.32
CA LEU B 70 6.03 6.27 3.18
C LEU B 70 7.24 6.85 2.47
N PHE B 71 8.24 7.29 3.23
CA PHE B 71 9.48 7.87 2.73
C PHE B 71 10.42 6.79 2.16
N ALA B 72 10.46 5.63 2.81
CA ALA B 72 11.28 4.48 2.47
C ALA B 72 10.81 3.82 1.17
N HIS B 73 9.52 3.90 0.87
CA HIS B 73 8.91 3.34 -0.34
C HIS B 73 8.26 4.52 -1.05
N PRO B 74 9.07 5.39 -1.69
CA PRO B 74 8.62 6.59 -2.38
C PRO B 74 7.88 6.36 -3.70
N SER B 75 7.36 5.16 -3.98
CA SER B 75 6.64 4.84 -5.21
C SER B 75 5.53 3.83 -4.91
N ILE B 76 4.48 3.85 -5.72
CA ILE B 76 3.29 3.01 -5.57
C ILE B 76 3.59 1.50 -5.52
N CYS B 77 4.33 0.97 -6.50
CA CYS B 77 4.64 -0.46 -6.58
C CYS B 77 5.30 -0.97 -5.29
N GLN B 78 6.13 -0.16 -4.66
CA GLN B 78 6.79 -0.56 -3.41
C GLN B 78 5.87 -0.40 -2.21
N LEU B 79 4.97 0.59 -2.22
CA LEU B 79 4.08 0.86 -1.11
C LEU B 79 3.06 -0.26 -0.87
N GLU B 80 2.47 -0.84 -1.91
CA GLU B 80 1.48 -1.91 -1.75
C GLU B 80 1.97 -3.04 -0.85
N GLU B 81 3.25 -3.41 -0.95
CA GLU B 81 3.88 -4.47 -0.17
C GLU B 81 3.72 -4.27 1.34
N CYS B 82 3.72 -3.00 1.78
CA CYS B 82 3.56 -2.61 3.17
C CYS B 82 2.09 -2.83 3.55
N ILE B 83 1.15 -2.46 2.68
CA ILE B 83 -0.29 -2.61 2.89
C ILE B 83 -0.58 -4.10 3.10
N ILE B 84 0.08 -5.00 2.36
CA ILE B 84 -0.14 -6.44 2.51
C ILE B 84 0.07 -6.86 3.97
N ASN B 85 1.24 -6.56 4.56
CA ASN B 85 1.47 -6.94 5.94
C ASN B 85 0.53 -6.20 6.89
N ALA B 86 0.22 -4.94 6.61
CA ALA B 86 -0.66 -4.15 7.45
C ALA B 86 -2.10 -4.72 7.46
N GLN B 87 -2.60 -5.22 6.33
CA GLN B 87 -3.95 -5.77 6.22
C GLN B 87 -4.04 -7.01 7.10
N LEU B 88 -3.07 -7.92 6.93
CA LEU B 88 -2.97 -9.16 7.70
C LEU B 88 -2.80 -8.84 9.19
N LEU B 89 -2.11 -7.75 9.53
CA LEU B 89 -1.91 -7.35 10.93
C LEU B 89 -3.22 -7.11 11.65
N GLN B 90 -4.30 -6.70 10.97
CA GLN B 90 -5.57 -6.49 11.66
C GLN B 90 -6.45 -7.76 11.63
N PHE B 91 -6.13 -8.72 10.75
CA PHE B 91 -6.86 -9.97 10.63
C PHE B 91 -6.45 -10.86 11.84
N ASP B 92 -7.19 -11.93 12.08
CA ASP B 92 -6.94 -12.85 13.18
C ASP B 92 -5.71 -13.68 12.85
N ALA B 93 -4.74 -13.72 13.77
CA ALA B 93 -3.51 -14.48 13.58
C ALA B 93 -3.72 -16.00 13.68
N ASP B 94 -4.75 -16.46 14.40
CA ASP B 94 -5.03 -17.88 14.54
C ASP B 94 -5.64 -18.43 13.25
N SER B 95 -6.68 -17.78 12.73
CA SER B 95 -7.32 -18.18 11.48
C SER B 95 -6.32 -18.02 10.33
N LEU B 96 -5.41 -17.04 10.42
CA LEU B 96 -4.39 -16.77 9.41
C LEU B 96 -3.54 -18.01 9.22
N GLN B 97 -3.17 -18.67 10.31
CA GLN B 97 -2.34 -19.85 10.31
C GLN B 97 -2.99 -21.00 9.56
N ASP B 98 -4.32 -21.06 9.58
CA ASP B 98 -5.11 -22.09 8.96
C ASP B 98 -5.13 -21.97 7.44
N ILE B 99 -5.21 -20.74 6.94
CA ILE B 99 -5.23 -20.45 5.51
C ILE B 99 -3.80 -20.58 5.00
N TYR B 100 -2.86 -20.03 5.74
CA TYR B 100 -1.45 -20.02 5.44
C TYR B 100 -0.90 -21.44 5.20
N LYS B 101 -1.20 -22.37 6.10
CA LYS B 101 -0.75 -23.76 6.00
C LYS B 101 -1.37 -24.51 4.82
N SER B 102 -2.42 -23.95 4.20
CA SER B 102 -3.13 -24.53 3.08
C SER B 102 -2.86 -23.73 1.79
N MET B 103 -2.07 -22.65 1.86
CA MET B 103 -1.76 -21.87 0.67
C MET B 103 -0.74 -22.67 -0.15
N GLU B 104 -0.68 -22.39 -1.45
CA GLU B 104 0.23 -23.04 -2.40
C GLU B 104 1.68 -22.86 -1.98
N MET A 1 2.45 -18.90 15.55
CA MET A 1 1.12 -18.39 15.23
C MET A 1 1.00 -17.07 15.95
N ASN A 2 1.24 -15.97 15.23
CA ASN A 2 1.21 -14.61 15.77
C ASN A 2 1.60 -13.64 14.66
N ASN A 3 1.19 -12.36 14.80
CA ASN A 3 1.49 -11.35 13.79
C ASN A 3 2.97 -11.06 13.53
N ASN A 4 3.90 -11.34 14.46
CA ASN A 4 5.30 -11.06 14.16
C ASN A 4 5.75 -11.96 13.01
N GLU A 5 5.17 -13.15 12.88
CA GLU A 5 5.53 -14.08 11.82
C GLU A 5 5.06 -13.58 10.46
N LEU A 6 3.79 -13.15 10.37
CA LEU A 6 3.20 -12.64 9.12
C LEU A 6 4.01 -11.47 8.58
N THR A 7 4.60 -10.67 9.46
CA THR A 7 5.42 -9.52 9.11
C THR A 7 6.89 -9.93 8.88
N SER A 8 7.31 -11.14 9.28
CA SER A 8 8.68 -11.61 9.09
C SER A 8 8.82 -12.34 7.75
N LEU A 9 7.75 -12.96 7.22
CA LEU A 9 7.79 -13.66 5.94
C LEU A 9 7.83 -12.61 4.82
N PRO A 10 8.50 -12.86 3.69
CA PRO A 10 8.61 -11.90 2.60
C PRO A 10 7.31 -11.65 1.86
N LEU A 11 7.24 -10.50 1.18
CA LEU A 11 6.08 -10.04 0.42
C LEU A 11 5.51 -11.09 -0.52
N ALA A 12 6.35 -11.87 -1.21
CA ALA A 12 5.87 -12.90 -2.12
C ALA A 12 4.87 -13.83 -1.45
N GLU A 13 5.19 -14.30 -0.24
CA GLU A 13 4.33 -15.18 0.52
C GLU A 13 3.26 -14.35 1.22
N ARG A 14 3.60 -13.14 1.69
CA ARG A 14 2.69 -12.23 2.38
C ARG A 14 1.45 -11.94 1.55
N LYS A 15 1.63 -11.49 0.30
CA LYS A 15 0.50 -11.18 -0.57
C LYS A 15 -0.27 -12.41 -1.02
N ARG A 16 0.42 -13.54 -1.20
CA ARG A 16 -0.22 -14.76 -1.64
C ARG A 16 -1.15 -15.25 -0.54
N LEU A 17 -0.66 -15.39 0.69
CA LEU A 17 -1.48 -15.88 1.80
C LEU A 17 -2.64 -14.91 2.02
N LEU A 18 -2.43 -13.59 1.89
CA LEU A 18 -3.47 -12.58 2.07
C LEU A 18 -4.62 -12.83 1.10
N GLU A 19 -4.30 -13.19 -0.14
CA GLU A 19 -5.27 -13.44 -1.18
C GLU A 19 -6.13 -14.65 -0.76
N LEU A 20 -5.46 -15.74 -0.41
CA LEU A 20 -6.10 -16.97 0.01
C LEU A 20 -6.98 -16.73 1.23
N ALA A 21 -6.48 -15.98 2.22
CA ALA A 21 -7.19 -15.68 3.43
C ALA A 21 -8.42 -14.81 3.15
N LYS A 22 -8.27 -13.73 2.38
CA LYS A 22 -9.40 -12.87 2.07
C LYS A 22 -10.48 -13.69 1.37
N ALA A 23 -10.06 -14.56 0.44
CA ALA A 23 -10.98 -15.41 -0.31
C ALA A 23 -11.65 -16.46 0.58
N ALA A 24 -10.92 -17.05 1.53
CA ALA A 24 -11.42 -18.07 2.45
C ALA A 24 -12.40 -17.50 3.46
N LYS A 25 -12.40 -16.17 3.66
CA LYS A 25 -13.28 -15.45 4.56
C LYS A 25 -13.09 -15.80 6.04
N LEU A 26 -11.94 -16.37 6.40
CA LEU A 26 -11.56 -16.78 7.76
C LEU A 26 -11.77 -15.72 8.84
N SER A 27 -11.81 -14.44 8.48
CA SER A 27 -11.99 -13.28 9.35
C SER A 27 -12.28 -12.05 8.50
N ARG A 28 -12.66 -10.94 9.14
CA ARG A 28 -13.02 -9.62 8.60
C ARG A 28 -13.68 -8.84 9.75
N GLN A 29 -14.32 -7.70 9.44
CA GLN A 29 -15.03 -6.77 10.28
C GLN A 29 -14.20 -6.31 11.47
N HIS A 30 -12.92 -6.06 11.24
CA HIS A 30 -12.00 -5.62 12.27
C HIS A 30 -12.14 -4.11 12.51
N TYR A 31 -13.25 -3.71 13.14
CA TYR A 31 -13.63 -2.38 13.52
C TYR A 31 -14.60 -2.61 14.65
N ASP B 1 15.23 22.00 -28.84
CA ASP B 1 15.43 21.15 -30.03
C ASP B 1 16.43 20.05 -29.71
N HIS B 2 16.81 19.24 -30.70
CA HIS B 2 17.74 18.11 -30.54
C HIS B 2 17.12 17.08 -29.56
N SER B 3 17.92 16.16 -29.01
CA SER B 3 17.45 15.13 -28.09
C SER B 3 16.43 14.25 -28.81
N SER B 4 15.49 13.67 -28.08
CA SER B 4 14.42 12.81 -28.57
C SER B 4 13.07 13.50 -28.36
N VAL B 5 12.04 12.96 -28.99
CA VAL B 5 10.69 13.49 -28.92
C VAL B 5 10.23 13.63 -27.47
N ILE B 6 9.45 14.68 -27.22
CA ILE B 6 8.91 14.96 -25.92
C ILE B 6 7.92 13.85 -25.61
N THR B 7 8.05 13.26 -24.44
CA THR B 7 7.18 12.21 -23.97
C THR B 7 6.95 12.46 -22.48
N GLN B 8 5.78 12.08 -21.98
CA GLN B 8 5.44 12.28 -20.58
C GLN B 8 5.79 11.00 -19.83
N GLU B 9 5.71 9.87 -20.53
CA GLU B 9 5.96 8.51 -20.08
C GLU B 9 5.25 8.16 -18.78
N TYR B 10 4.14 8.84 -18.50
CA TYR B 10 3.36 8.67 -17.31
C TYR B 10 2.86 7.23 -17.22
N ALA B 11 2.96 6.66 -16.02
CA ALA B 11 2.52 5.31 -15.76
C ALA B 11 1.10 5.37 -15.24
N ALA B 12 0.16 4.80 -15.99
CA ALA B 12 -1.23 4.79 -15.58
C ALA B 12 -1.34 3.97 -14.28
N PRO B 13 -2.32 4.29 -13.41
CA PRO B 13 -2.48 3.61 -12.14
C PRO B 13 -2.91 2.16 -12.28
N GLN B 14 -2.31 1.32 -11.45
CA GLN B 14 -2.59 -0.10 -11.29
C GLN B 14 -4.01 -0.20 -10.72
N GLY B 15 -4.51 -1.43 -10.57
CA GLY B 15 -5.85 -1.68 -10.05
C GLY B 15 -6.15 -0.87 -8.77
N GLU B 16 -7.35 -1.06 -8.21
CA GLU B 16 -7.84 -0.29 -7.07
C GLU B 16 -6.87 -0.14 -5.88
N ILE B 17 -5.96 -1.09 -5.69
CA ILE B 17 -4.98 -1.02 -4.62
C ILE B 17 -4.09 0.21 -4.79
N GLU B 18 -3.43 0.38 -5.94
CA GLU B 18 -2.57 1.52 -6.20
C GLU B 18 -3.36 2.79 -6.44
N GLU B 19 -4.38 2.72 -7.29
CA GLU B 19 -5.22 3.87 -7.61
C GLU B 19 -5.83 4.52 -6.36
N GLN B 20 -6.10 3.75 -5.29
CA GLN B 20 -6.71 4.28 -4.09
C GLN B 20 -5.92 5.44 -3.53
N LEU B 21 -4.63 5.22 -3.29
CA LEU B 21 -3.78 6.25 -2.74
C LEU B 21 -3.43 7.25 -3.81
N ALA B 22 -3.26 6.82 -5.06
CA ALA B 22 -2.93 7.74 -6.15
C ALA B 22 -3.97 8.84 -6.23
N ASP B 23 -5.25 8.53 -6.00
CA ASP B 23 -6.33 9.50 -6.06
C ASP B 23 -6.17 10.55 -4.97
N ILE B 24 -5.87 10.08 -3.76
CA ILE B 24 -5.72 10.97 -2.65
C ILE B 24 -4.45 11.82 -2.77
N TRP B 25 -3.35 11.24 -3.25
CA TRP B 25 -2.06 11.91 -3.39
C TRP B 25 -2.19 13.24 -4.10
N GLN B 26 -2.74 13.26 -5.31
CA GLN B 26 -2.88 14.52 -6.05
C GLN B 26 -3.56 15.58 -5.24
N THR B 27 -4.66 15.17 -4.65
CA THR B 27 -5.49 16.04 -3.85
C THR B 27 -4.68 16.67 -2.69
N ILE B 28 -3.74 15.94 -2.10
CA ILE B 28 -2.92 16.41 -1.00
C ILE B 28 -1.86 17.42 -1.48
N LEU B 29 -1.21 17.18 -2.63
CA LEU B 29 -0.16 18.03 -3.20
C LEU B 29 -0.69 18.98 -4.29
N LYS B 30 -2.00 18.97 -4.52
CA LYS B 30 -2.73 19.72 -5.54
C LYS B 30 -2.09 19.47 -6.90
N ILE B 31 -1.77 18.22 -7.20
CA ILE B 31 -1.16 17.83 -8.46
C ILE B 31 -2.25 17.39 -9.44
N ASP B 32 -1.85 17.09 -10.68
CA ASP B 32 -2.77 16.65 -11.71
C ASP B 32 -3.00 15.14 -11.62
N ARG B 33 -1.93 14.35 -11.66
CA ARG B 33 -1.91 12.89 -11.61
C ARG B 33 -0.66 12.34 -10.93
N ILE B 34 -0.63 11.03 -10.59
CA ILE B 34 0.48 10.33 -9.95
C ILE B 34 0.83 9.15 -10.85
N GLY B 35 2.11 8.81 -10.98
CA GLY B 35 2.65 7.71 -11.76
C GLY B 35 3.20 6.66 -10.80
N ARG B 36 3.08 5.36 -11.13
CA ARG B 36 3.53 4.22 -10.31
C ARG B 36 5.03 4.19 -9.94
N TYR B 37 5.86 5.05 -10.53
CA TYR B 37 7.31 5.14 -10.31
C TYR B 37 7.75 6.55 -9.87
N ASP B 38 6.82 7.51 -9.77
CA ASP B 38 7.16 8.88 -9.36
C ASP B 38 7.54 8.92 -7.89
N ASN B 39 8.35 9.92 -7.49
CA ASN B 39 8.78 10.08 -6.12
C ASN B 39 7.89 11.13 -5.46
N PHE B 40 7.45 10.88 -4.23
CA PHE B 40 6.59 11.77 -3.46
C PHE B 40 7.14 13.20 -3.44
N PHE B 41 8.45 13.32 -3.25
CA PHE B 41 9.15 14.59 -3.17
C PHE B 41 9.27 15.29 -4.51
N GLU B 42 9.35 14.58 -5.63
CA GLU B 42 9.47 15.23 -6.94
C GLU B 42 8.09 15.76 -7.35
N LEU B 43 7.04 15.05 -6.94
CA LEU B 43 5.69 15.45 -7.30
C LEU B 43 5.29 16.72 -6.58
N GLY B 44 5.74 16.91 -5.33
CA GLY B 44 5.43 18.09 -4.53
C GLY B 44 5.07 17.75 -3.08
N GLY B 45 5.06 16.47 -2.74
CA GLY B 45 4.77 16.00 -1.41
C GLY B 45 5.91 16.42 -0.49
N HIS B 46 5.58 17.07 0.62
CA HIS B 46 6.52 17.54 1.62
C HIS B 46 6.22 16.85 2.95
N SER B 47 7.10 17.01 3.94
CA SER B 47 7.01 16.41 5.28
C SER B 47 5.62 16.52 5.91
N LEU B 48 5.08 17.72 5.98
CA LEU B 48 3.76 18.00 6.56
C LEU B 48 2.62 17.26 5.83
N LEU B 49 2.78 16.94 4.55
CA LEU B 49 1.75 16.25 3.78
C LEU B 49 1.73 14.77 4.12
N VAL B 50 2.86 14.22 4.56
CA VAL B 50 2.97 12.82 4.95
C VAL B 50 2.08 12.58 6.18
N LEU B 51 1.94 13.59 7.06
CA LEU B 51 1.12 13.48 8.26
C LEU B 51 -0.34 13.28 7.90
N GLN B 52 -0.86 14.11 7.00
CA GLN B 52 -2.26 13.97 6.62
C GLN B 52 -2.46 12.70 5.80
N LEU B 53 -1.50 12.33 4.96
CA LEU B 53 -1.58 11.15 4.12
C LEU B 53 -1.75 9.94 5.01
N GLN B 54 -0.90 9.79 6.04
CA GLN B 54 -0.96 8.69 7.00
C GLN B 54 -2.37 8.55 7.55
N SER B 55 -2.93 9.69 7.98
CA SER B 55 -4.27 9.70 8.55
C SER B 55 -5.29 9.14 7.56
N ARG B 56 -5.13 9.36 6.25
CA ARG B 56 -6.05 8.82 5.28
C ARG B 56 -5.79 7.32 5.18
N ILE B 57 -4.54 6.88 4.99
CA ILE B 57 -4.22 5.45 4.86
C ILE B 57 -4.81 4.65 6.02
N ASN B 58 -4.73 5.21 7.23
CA ASN B 58 -5.24 4.53 8.41
C ASN B 58 -6.73 4.19 8.25
N GLU B 59 -7.59 5.15 7.91
CA GLU B 59 -9.02 4.86 7.75
C GLU B 59 -9.39 4.22 6.41
N ILE B 60 -8.78 4.65 5.31
CA ILE B 60 -9.02 4.17 3.94
C ILE B 60 -8.80 2.66 3.87
N PHE B 61 -7.72 2.17 4.47
CA PHE B 61 -7.39 0.75 4.46
C PHE B 61 -7.72 0.06 5.78
N ASP B 62 -8.32 0.77 6.75
CA ASP B 62 -8.71 0.31 8.07
C ASP B 62 -7.55 -0.35 8.84
N VAL B 63 -6.39 0.30 8.87
CA VAL B 63 -5.16 -0.19 9.50
C VAL B 63 -4.39 0.91 10.24
N ASP B 64 -3.29 0.56 10.91
CA ASP B 64 -2.43 1.49 11.64
C ASP B 64 -1.12 1.55 10.88
N ILE B 65 -0.88 2.65 10.19
CA ILE B 65 0.34 2.88 9.43
C ILE B 65 0.92 4.16 9.99
N SER B 66 2.23 4.20 10.13
CA SER B 66 2.91 5.38 10.65
C SER B 66 3.49 6.19 9.49
N ILE B 67 4.00 7.37 9.83
CA ILE B 67 4.64 8.29 8.89
C ILE B 67 5.89 7.63 8.31
N GLN B 68 6.53 6.76 9.10
CA GLN B 68 7.75 6.05 8.75
C GLN B 68 7.65 5.29 7.43
N GLN B 69 6.60 4.48 7.25
CA GLN B 69 6.43 3.68 6.04
C GLN B 69 6.27 4.55 4.80
N LEU B 70 5.45 5.60 4.89
CA LEU B 70 5.20 6.51 3.78
C LEU B 70 6.50 7.23 3.37
N PHE B 71 7.29 7.62 4.36
CA PHE B 71 8.56 8.31 4.15
C PHE B 71 9.64 7.34 3.65
N ALA B 72 9.57 6.07 4.06
CA ALA B 72 10.51 5.02 3.69
C ALA B 72 10.27 4.57 2.24
N HIS B 73 9.02 4.64 1.76
CA HIS B 73 8.66 4.22 0.41
C HIS B 73 7.81 5.32 -0.26
N PRO B 74 8.43 6.42 -0.72
CA PRO B 74 7.79 7.56 -1.36
C PRO B 74 7.23 7.30 -2.78
N SER B 75 6.58 6.17 -3.06
CA SER B 75 5.97 5.82 -4.36
C SER B 75 4.74 4.95 -4.12
N ILE B 76 3.85 4.83 -5.12
CA ILE B 76 2.62 4.06 -5.05
C ILE B 76 2.91 2.55 -5.06
N CYS B 77 3.66 2.05 -6.03
CA CYS B 77 3.98 0.62 -6.12
C CYS B 77 4.83 0.16 -4.92
N GLN B 78 5.56 1.06 -4.25
CA GLN B 78 6.35 0.68 -3.10
C GLN B 78 5.46 0.60 -1.83
N LEU B 79 4.37 1.38 -1.79
CA LEU B 79 3.40 1.46 -0.70
C LEU B 79 2.47 0.26 -0.64
N GLU B 80 2.09 -0.35 -1.77
CA GLU B 80 1.18 -1.50 -1.76
C GLU B 80 1.65 -2.60 -0.80
N GLU B 81 2.96 -2.80 -0.67
CA GLU B 81 3.57 -3.79 0.22
C GLU B 81 3.07 -3.58 1.66
N CYS B 82 2.99 -2.34 2.12
CA CYS B 82 2.51 -2.03 3.46
C CYS B 82 1.04 -2.36 3.60
N ILE B 83 0.23 -2.12 2.58
CA ILE B 83 -1.19 -2.46 2.67
C ILE B 83 -1.29 -3.97 2.83
N ILE B 84 -0.49 -4.76 2.09
CA ILE B 84 -0.52 -6.21 2.19
C ILE B 84 -0.27 -6.64 3.63
N ASN B 85 0.85 -6.20 4.22
CA ASN B 85 1.18 -6.57 5.60
C ASN B 85 0.14 -6.07 6.60
N ALA B 86 -0.38 -4.87 6.37
CA ALA B 86 -1.36 -4.27 7.24
C ALA B 86 -2.72 -4.95 7.13
N GLN B 87 -3.14 -5.40 5.95
CA GLN B 87 -4.42 -6.07 5.77
C GLN B 87 -4.38 -7.35 6.59
N LEU B 88 -3.31 -8.13 6.47
CA LEU B 88 -3.11 -9.38 7.21
C LEU B 88 -3.24 -9.08 8.71
N LEU B 89 -2.68 -7.96 9.18
CA LEU B 89 -2.74 -7.54 10.59
C LEU B 89 -4.19 -7.31 11.08
N GLN B 90 -5.19 -7.24 10.18
CA GLN B 90 -6.59 -7.07 10.56
C GLN B 90 -7.30 -8.43 10.59
N PHE B 91 -6.80 -9.47 9.93
CA PHE B 91 -7.41 -10.79 9.96
C PHE B 91 -6.85 -11.52 11.19
N ASP B 92 -7.47 -12.63 11.63
CA ASP B 92 -6.95 -13.34 12.80
C ASP B 92 -5.70 -14.13 12.41
N ALA B 93 -4.60 -13.93 13.15
CA ALA B 93 -3.33 -14.61 12.90
C ALA B 93 -3.48 -16.13 13.06
N ASP B 94 -4.38 -16.58 13.93
CA ASP B 94 -4.60 -18.01 14.17
C ASP B 94 -5.09 -18.71 12.90
N SER B 95 -6.14 -18.21 12.26
CA SER B 95 -6.61 -18.86 11.04
C SER B 95 -5.65 -18.52 9.90
N LEU B 96 -4.97 -17.37 9.92
CA LEU B 96 -4.02 -16.98 8.88
C LEU B 96 -2.90 -17.99 8.81
N GLN B 97 -2.43 -18.52 9.95
CA GLN B 97 -1.34 -19.48 9.96
C GLN B 97 -1.77 -20.80 9.30
N ASP B 98 -3.06 -21.13 9.39
CA ASP B 98 -3.65 -22.35 8.84
C ASP B 98 -3.68 -22.31 7.32
N ILE B 99 -3.90 -21.11 6.78
CA ILE B 99 -3.96 -20.83 5.35
C ILE B 99 -2.53 -20.79 4.82
N TYR B 100 -1.67 -20.09 5.53
CA TYR B 100 -0.25 -19.89 5.26
C TYR B 100 0.48 -21.22 5.09
N LYS B 101 0.32 -22.17 6.02
CA LYS B 101 1.00 -23.48 5.93
C LYS B 101 0.54 -24.31 4.72
N SER B 102 -0.55 -23.90 4.08
CA SER B 102 -1.15 -24.54 2.92
C SER B 102 -0.94 -23.68 1.65
N MET B 103 -0.32 -22.51 1.75
CA MET B 103 -0.08 -21.61 0.61
C MET B 103 0.66 -22.27 -0.57
N GLU B 104 0.49 -21.69 -1.75
CA GLU B 104 1.10 -22.11 -3.02
C GLU B 104 2.05 -21.01 -3.46
N MET A 1 1.50 -18.67 16.93
CA MET A 1 0.85 -17.81 15.93
C MET A 1 0.53 -16.47 16.55
N ASN A 2 1.03 -15.40 15.93
CA ASN A 2 0.84 -14.01 16.35
C ASN A 2 0.99 -13.11 15.14
N ASN A 3 0.54 -11.86 15.21
CA ASN A 3 0.62 -10.91 14.10
C ASN A 3 2.06 -10.69 13.60
N ASN A 4 3.07 -10.95 14.44
CA ASN A 4 4.48 -10.79 14.07
C ASN A 4 4.94 -11.89 13.11
N GLU A 5 4.33 -13.08 13.12
CA GLU A 5 4.76 -14.14 12.23
C GLU A 5 4.37 -13.89 10.77
N LEU A 6 3.21 -13.30 10.50
CA LEU A 6 2.77 -13.03 9.11
C LEU A 6 3.75 -12.15 8.34
N THR A 7 4.47 -11.28 9.05
CA THR A 7 5.45 -10.37 8.49
C THR A 7 6.85 -11.01 8.38
N SER A 8 7.07 -12.18 8.97
CA SER A 8 8.35 -12.89 8.94
C SER A 8 8.63 -13.53 7.57
N LEU A 9 7.58 -13.87 6.82
CA LEU A 9 7.67 -14.48 5.49
C LEU A 9 7.80 -13.36 4.45
N PRO A 10 8.42 -13.61 3.29
CA PRO A 10 8.60 -12.60 2.25
C PRO A 10 7.27 -12.24 1.60
N LEU A 11 7.26 -11.09 0.92
CA LEU A 11 6.09 -10.54 0.24
C LEU A 11 5.41 -11.56 -0.66
N ALA A 12 6.17 -12.39 -1.38
CA ALA A 12 5.62 -13.39 -2.30
C ALA A 12 4.56 -14.28 -1.67
N GLU A 13 4.85 -14.79 -0.48
CA GLU A 13 3.93 -15.66 0.23
C GLU A 13 2.86 -14.83 0.94
N ARG A 14 3.25 -13.64 1.40
CA ARG A 14 2.39 -12.71 2.10
C ARG A 14 1.18 -12.34 1.24
N LYS A 15 1.43 -11.94 -0.02
CA LYS A 15 0.34 -11.58 -0.94
C LYS A 15 -0.49 -12.79 -1.33
N ARG A 16 0.15 -13.97 -1.44
CA ARG A 16 -0.54 -15.20 -1.80
C ARG A 16 -1.57 -15.52 -0.73
N LEU A 17 -1.16 -15.55 0.55
CA LEU A 17 -2.05 -15.87 1.66
C LEU A 17 -3.13 -14.79 1.80
N LEU A 18 -2.80 -13.51 1.61
CA LEU A 18 -3.72 -12.38 1.72
C LEU A 18 -4.91 -12.55 0.80
N GLU A 19 -4.66 -12.95 -0.44
CA GLU A 19 -5.72 -13.12 -1.43
C GLU A 19 -6.71 -14.19 -0.98
N LEU A 20 -6.19 -15.30 -0.44
CA LEU A 20 -6.99 -16.42 0.06
C LEU A 20 -7.77 -15.99 1.29
N ALA A 21 -7.12 -15.27 2.20
CA ALA A 21 -7.71 -14.78 3.44
C ALA A 21 -8.87 -13.84 3.14
N LYS A 22 -8.65 -12.80 2.33
CA LYS A 22 -9.70 -11.86 1.98
C LYS A 22 -10.84 -12.61 1.31
N ALA A 23 -10.53 -13.53 0.40
CA ALA A 23 -11.53 -14.34 -0.30
C ALA A 23 -12.36 -15.20 0.65
N ALA A 24 -11.76 -15.74 1.70
CA ALA A 24 -12.39 -16.60 2.71
C ALA A 24 -13.14 -15.83 3.79
N LYS A 25 -12.79 -14.56 4.03
CA LYS A 25 -13.41 -13.70 5.05
C LYS A 25 -13.29 -14.36 6.44
N LEU A 26 -12.21 -15.10 6.70
CA LEU A 26 -11.96 -15.80 7.97
C LEU A 26 -12.22 -14.94 9.21
N SER A 27 -12.00 -13.64 9.09
CA SER A 27 -12.19 -12.59 10.07
C SER A 27 -12.24 -11.30 9.26
N ARG A 28 -12.69 -10.20 9.87
CA ARG A 28 -12.77 -8.90 9.24
C ARG A 28 -13.01 -7.85 10.31
N GLN A 29 -12.90 -6.58 9.91
CA GLN A 29 -13.10 -5.41 10.76
C GLN A 29 -14.34 -5.62 11.63
N HIS A 30 -14.15 -5.66 12.95
CA HIS A 30 -15.19 -5.85 13.95
C HIS A 30 -15.89 -4.55 14.32
N TYR A 31 -16.47 -3.91 13.33
CA TYR A 31 -17.22 -2.68 13.39
C TYR A 31 -18.29 -2.92 12.35
N ASP B 1 6.25 20.32 -31.04
CA ASP B 1 5.49 21.01 -29.98
C ASP B 1 4.29 20.13 -29.63
N HIS B 2 3.33 20.65 -28.86
CA HIS B 2 2.09 20.04 -28.40
C HIS B 2 1.43 21.02 -27.42
N SER B 3 0.15 20.84 -27.15
CA SER B 3 -0.65 21.65 -26.25
C SER B 3 -1.25 20.70 -25.21
N SER B 4 -0.40 19.88 -24.60
CA SER B 4 -0.78 18.88 -23.61
C SER B 4 0.36 18.64 -22.61
N VAL B 5 0.11 17.78 -21.62
CA VAL B 5 1.07 17.41 -20.58
C VAL B 5 2.30 16.77 -21.23
N ILE B 6 3.43 16.74 -20.49
CA ILE B 6 4.69 16.20 -20.97
C ILE B 6 5.18 15.04 -20.11
N THR B 7 5.61 13.98 -20.78
CA THR B 7 6.17 12.75 -20.27
C THR B 7 7.09 12.20 -21.37
N GLN B 8 7.95 11.24 -21.02
CA GLN B 8 8.87 10.58 -21.93
C GLN B 8 8.96 9.09 -21.59
N GLU B 9 8.93 8.74 -20.30
CA GLU B 9 9.03 7.35 -19.82
C GLU B 9 8.19 7.06 -18.57
N TYR B 10 7.11 7.81 -18.36
CA TYR B 10 6.20 7.67 -17.23
C TYR B 10 5.55 6.28 -17.25
N ALA B 11 5.32 5.69 -16.08
CA ALA B 11 4.70 4.38 -15.91
C ALA B 11 3.30 4.60 -15.34
N ALA B 12 2.29 3.95 -15.91
CA ALA B 12 0.91 4.11 -15.46
C ALA B 12 0.63 3.26 -14.21
N PRO B 13 -0.30 3.69 -13.34
CA PRO B 13 -0.62 2.96 -12.12
C PRO B 13 -1.41 1.69 -12.42
N GLN B 14 -1.21 0.73 -11.52
CA GLN B 14 -1.86 -0.56 -11.47
C GLN B 14 -3.29 -0.28 -10.98
N GLY B 15 -4.13 -1.30 -10.97
CA GLY B 15 -5.52 -1.25 -10.54
C GLY B 15 -5.74 -0.57 -9.17
N GLU B 16 -6.95 -0.72 -8.63
CA GLU B 16 -7.41 -0.09 -7.38
C GLU B 16 -6.46 -0.13 -6.20
N ILE B 17 -5.54 -1.11 -6.11
CA ILE B 17 -4.60 -1.12 -5.01
C ILE B 17 -3.59 0.04 -5.22
N GLU B 18 -2.90 0.12 -6.37
CA GLU B 18 -1.92 1.17 -6.64
C GLU B 18 -2.54 2.54 -6.91
N GLU B 19 -3.49 2.60 -7.86
CA GLU B 19 -4.12 3.86 -8.22
C GLU B 19 -4.71 4.59 -7.01
N GLN B 20 -5.12 3.86 -5.97
CA GLN B 20 -5.70 4.45 -4.79
C GLN B 20 -4.80 5.50 -4.18
N LEU B 21 -3.53 5.17 -3.91
CA LEU B 21 -2.61 6.12 -3.31
C LEU B 21 -2.15 7.13 -4.34
N ALA B 22 -1.93 6.69 -5.58
CA ALA B 22 -1.49 7.57 -6.64
C ALA B 22 -2.46 8.72 -6.82
N ASP B 23 -3.76 8.49 -6.62
CA ASP B 23 -4.81 9.48 -6.77
C ASP B 23 -4.70 10.58 -5.71
N ILE B 24 -4.45 10.13 -4.48
CA ILE B 24 -4.34 11.05 -3.38
C ILE B 24 -3.01 11.81 -3.42
N TRP B 25 -1.93 11.15 -3.84
CA TRP B 25 -0.59 11.75 -3.90
C TRP B 25 -0.62 13.08 -4.64
N GLN B 26 -1.09 13.10 -5.88
CA GLN B 26 -1.16 14.34 -6.65
C GLN B 26 -1.90 15.40 -5.89
N THR B 27 -3.05 14.99 -5.38
CA THR B 27 -3.94 15.85 -4.63
C THR B 27 -3.21 16.49 -3.42
N ILE B 28 -2.28 15.79 -2.78
CA ILE B 28 -1.52 16.28 -1.63
C ILE B 28 -0.49 17.31 -2.08
N LEU B 29 0.19 17.10 -3.21
CA LEU B 29 1.25 17.98 -3.75
C LEU B 29 0.79 18.90 -4.88
N LYS B 30 -0.49 18.87 -5.23
CA LYS B 30 -1.05 19.64 -6.34
C LYS B 30 -0.30 19.27 -7.62
N ILE B 31 0.04 17.98 -7.81
CA ILE B 31 0.77 17.54 -8.99
C ILE B 31 -0.24 17.06 -10.04
N ASP B 32 0.21 16.70 -11.24
CA ASP B 32 -0.66 16.21 -12.32
C ASP B 32 -0.94 14.72 -12.19
N ARG B 33 0.13 13.91 -12.20
CA ARG B 33 0.14 12.45 -12.12
C ARG B 33 1.32 11.89 -11.32
N ILE B 34 1.30 10.60 -10.98
CA ILE B 34 2.35 9.88 -10.23
C ILE B 34 2.74 8.65 -11.05
N GLY B 35 4.00 8.21 -10.98
CA GLY B 35 4.55 7.06 -11.70
C GLY B 35 4.90 5.89 -10.77
N ARG B 36 4.88 4.64 -11.27
CA ARG B 36 5.22 3.45 -10.47
C ARG B 36 6.64 3.45 -9.92
N TYR B 37 7.54 4.19 -10.56
CA TYR B 37 8.95 4.30 -10.20
C TYR B 37 9.31 5.75 -9.88
N ASP B 38 8.32 6.59 -9.58
CA ASP B 38 8.50 7.98 -9.21
C ASP B 38 9.24 8.03 -7.87
N ASN B 39 9.87 9.16 -7.57
CA ASN B 39 10.52 9.32 -6.28
C ASN B 39 9.81 10.48 -5.64
N PHE B 40 9.19 10.26 -4.49
CA PHE B 40 8.43 11.26 -3.76
C PHE B 40 9.22 12.58 -3.60
N PHE B 41 10.55 12.53 -3.47
CA PHE B 41 11.34 13.76 -3.33
C PHE B 41 11.40 14.55 -4.65
N GLU B 42 11.43 13.85 -5.79
CA GLU B 42 11.48 14.45 -7.11
C GLU B 42 10.16 15.14 -7.43
N LEU B 43 9.06 14.71 -6.80
CA LEU B 43 7.77 15.34 -7.03
C LEU B 43 7.69 16.61 -6.20
N GLY B 44 8.27 16.59 -4.98
CA GLY B 44 8.31 17.71 -4.05
C GLY B 44 7.78 17.39 -2.67
N GLY B 45 7.43 16.12 -2.38
CA GLY B 45 6.92 15.69 -1.09
C GLY B 45 7.83 16.15 0.07
N HIS B 46 7.23 16.62 1.16
CA HIS B 46 7.87 17.11 2.37
C HIS B 46 7.27 16.39 3.58
N SER B 47 7.90 16.45 4.75
CA SER B 47 7.48 15.80 5.99
C SER B 47 5.99 15.99 6.30
N LEU B 48 5.50 17.23 6.26
CA LEU B 48 4.10 17.54 6.52
C LEU B 48 3.12 16.86 5.56
N LEU B 49 3.56 16.56 4.34
CA LEU B 49 2.73 15.91 3.33
C LEU B 49 2.63 14.43 3.69
N VAL B 50 3.68 13.86 4.27
CA VAL B 50 3.70 12.46 4.67
C VAL B 50 2.71 12.28 5.84
N LEU B 51 2.59 13.27 6.73
CA LEU B 51 1.68 13.21 7.87
C LEU B 51 0.24 13.17 7.36
N GLN B 52 -0.12 14.09 6.45
CA GLN B 52 -1.48 14.10 5.93
C GLN B 52 -1.73 12.82 5.14
N LEU B 53 -0.73 12.33 4.39
CA LEU B 53 -0.88 11.12 3.58
C LEU B 53 -1.18 9.94 4.49
N GLN B 54 -0.37 9.73 5.52
CA GLN B 54 -0.51 8.64 6.49
C GLN B 54 -1.95 8.63 7.02
N SER B 55 -2.42 9.80 7.41
CA SER B 55 -3.76 10.01 7.94
C SER B 55 -4.83 9.46 6.97
N ARG B 56 -4.62 9.59 5.65
CA ARG B 56 -5.56 9.07 4.67
C ARG B 56 -5.39 7.56 4.58
N ILE B 57 -4.17 7.02 4.41
CA ILE B 57 -3.91 5.58 4.28
C ILE B 57 -4.59 4.79 5.41
N ASN B 58 -4.57 5.34 6.62
CA ASN B 58 -5.16 4.73 7.80
C ASN B 58 -6.64 4.42 7.57
N GLU B 59 -7.44 5.40 7.12
CA GLU B 59 -8.86 5.18 6.85
C GLU B 59 -9.14 4.51 5.51
N ILE B 60 -8.44 4.92 4.46
CA ILE B 60 -8.58 4.44 3.09
C ILE B 60 -8.41 2.92 3.01
N PHE B 61 -7.38 2.38 3.63
CA PHE B 61 -7.10 0.94 3.61
C PHE B 61 -7.58 0.22 4.87
N ASP B 62 -8.11 0.98 5.84
CA ASP B 62 -8.62 0.51 7.13
C ASP B 62 -7.53 -0.23 7.91
N VAL B 63 -6.35 0.39 8.04
CA VAL B 63 -5.17 -0.15 8.73
C VAL B 63 -4.49 0.98 9.53
N ASP B 64 -3.40 0.73 10.24
CA ASP B 64 -2.67 1.76 10.99
C ASP B 64 -1.27 1.79 10.41
N ILE B 65 -0.98 2.75 9.54
CA ILE B 65 0.33 2.91 8.89
C ILE B 65 1.04 4.09 9.52
N SER B 66 2.36 3.97 9.68
CA SER B 66 3.22 5.00 10.24
C SER B 66 3.90 5.76 9.09
N ILE B 67 4.37 6.97 9.40
CA ILE B 67 5.05 7.90 8.50
C ILE B 67 6.30 7.26 7.87
N GLN B 68 6.99 6.45 8.65
CA GLN B 68 8.22 5.76 8.29
C GLN B 68 8.05 4.95 7.00
N GLN B 69 6.98 4.15 6.89
CA GLN B 69 6.75 3.33 5.70
C GLN B 69 6.66 4.19 4.44
N LEU B 70 5.84 5.23 4.50
CA LEU B 70 5.62 6.14 3.39
C LEU B 70 6.92 6.81 2.93
N PHE B 71 7.75 7.23 3.88
CA PHE B 71 9.02 7.89 3.61
C PHE B 71 10.07 6.90 3.11
N ALA B 72 10.03 5.65 3.58
CA ALA B 72 10.96 4.58 3.25
C ALA B 72 10.68 3.99 1.87
N HIS B 73 9.42 3.98 1.43
CA HIS B 73 8.98 3.46 0.14
C HIS B 73 8.39 4.64 -0.66
N PRO B 74 9.23 5.53 -1.21
CA PRO B 74 8.86 6.73 -1.97
C PRO B 74 8.31 6.45 -3.38
N SER B 75 7.63 5.33 -3.64
CA SER B 75 7.04 4.97 -4.94
C SER B 75 5.77 4.15 -4.71
N ILE B 76 4.86 4.09 -5.69
CA ILE B 76 3.57 3.38 -5.56
C ILE B 76 3.69 1.87 -5.35
N CYS B 77 4.37 1.11 -6.23
CA CYS B 77 4.56 -0.34 -6.08
C CYS B 77 5.26 -0.69 -4.78
N GLN B 78 6.19 0.15 -4.29
CA GLN B 78 6.89 -0.13 -3.06
C GLN B 78 5.92 0.05 -1.88
N LEU B 79 5.07 1.07 -1.90
CA LEU B 79 4.10 1.30 -0.82
C LEU B 79 3.12 0.12 -0.78
N GLU B 80 2.84 -0.48 -1.94
CA GLU B 80 1.93 -1.61 -2.12
C GLU B 80 2.29 -2.73 -1.14
N GLU B 81 3.59 -3.03 -0.98
CA GLU B 81 4.08 -4.07 -0.09
C GLU B 81 3.61 -3.85 1.36
N CYS B 82 3.56 -2.59 1.79
CA CYS B 82 3.14 -2.23 3.13
C CYS B 82 1.65 -2.55 3.28
N ILE B 83 0.83 -2.31 2.26
CA ILE B 83 -0.59 -2.61 2.34
C ILE B 83 -0.75 -4.11 2.46
N ILE B 84 0.03 -4.93 1.74
CA ILE B 84 -0.07 -6.38 1.83
C ILE B 84 0.08 -6.78 3.30
N ASN B 85 1.16 -6.37 3.97
CA ASN B 85 1.35 -6.73 5.38
C ASN B 85 0.30 -6.11 6.28
N ALA B 86 -0.08 -4.86 6.06
CA ALA B 86 -1.05 -4.17 6.88
C ALA B 86 -2.44 -4.79 6.81
N GLN B 87 -2.84 -5.24 5.62
CA GLN B 87 -4.16 -5.83 5.42
C GLN B 87 -4.23 -7.15 6.15
N LEU B 88 -3.12 -7.88 6.19
CA LEU B 88 -3.05 -9.15 6.90
C LEU B 88 -3.02 -8.87 8.40
N LEU B 89 -2.29 -7.83 8.84
CA LEU B 89 -2.17 -7.43 10.24
C LEU B 89 -3.52 -7.09 10.86
N GLN B 90 -4.51 -6.63 10.08
CA GLN B 90 -5.81 -6.34 10.66
C GLN B 90 -6.63 -7.62 10.86
N PHE B 91 -6.36 -8.69 10.09
CA PHE B 91 -7.10 -9.94 10.21
C PHE B 91 -6.53 -10.73 11.40
N ASP B 92 -7.34 -11.68 11.89
CA ASP B 92 -6.98 -12.51 13.03
C ASP B 92 -5.80 -13.40 12.70
N ALA B 93 -4.71 -13.24 13.45
CA ALA B 93 -3.47 -13.99 13.29
C ALA B 93 -3.68 -15.50 13.52
N ASP B 94 -4.65 -15.84 14.36
CA ASP B 94 -5.01 -17.21 14.72
C ASP B 94 -5.52 -17.99 13.51
N SER B 95 -6.49 -17.44 12.79
CA SER B 95 -7.06 -18.07 11.60
C SER B 95 -6.13 -17.89 10.40
N LEU B 96 -5.38 -16.78 10.35
CA LEU B 96 -4.45 -16.46 9.28
C LEU B 96 -3.41 -17.56 9.12
N GLN B 97 -2.96 -18.14 10.24
CA GLN B 97 -1.96 -19.18 10.22
C GLN B 97 -2.47 -20.43 9.51
N ASP B 98 -3.76 -20.71 9.60
CA ASP B 98 -4.38 -21.87 8.95
C ASP B 98 -4.40 -21.72 7.43
N ILE B 99 -4.61 -20.49 6.97
CA ILE B 99 -4.68 -20.16 5.55
C ILE B 99 -3.27 -20.21 4.99
N TYR B 100 -2.33 -19.64 5.75
CA TYR B 100 -0.91 -19.57 5.45
C TYR B 100 -0.31 -20.97 5.27
N LYS B 101 -0.52 -21.87 6.22
CA LYS B 101 0.04 -23.24 6.13
C LYS B 101 -0.55 -24.02 4.95
N SER B 102 -1.69 -23.60 4.42
CA SER B 102 -2.37 -24.24 3.32
C SER B 102 -2.31 -23.39 2.05
N MET B 103 -1.59 -22.26 2.06
CA MET B 103 -1.51 -21.42 0.86
C MET B 103 -0.91 -22.23 -0.28
N GLU B 104 -1.22 -21.82 -1.51
CA GLU B 104 -0.79 -22.44 -2.76
C GLU B 104 0.70 -22.67 -2.81
N MET A 1 1.58 -18.26 15.79
CA MET A 1 0.52 -17.53 15.09
C MET A 1 0.21 -16.28 15.87
N ASN A 2 0.60 -15.12 15.33
CA ASN A 2 0.41 -13.82 15.95
C ASN A 2 0.75 -12.77 14.90
N ASN A 3 0.43 -11.50 15.15
CA ASN A 3 0.71 -10.39 14.24
C ASN A 3 2.16 -10.35 13.77
N ASN A 4 3.13 -10.66 14.63
CA ASN A 4 4.54 -10.62 14.25
C ASN A 4 4.90 -11.78 13.32
N GLU A 5 4.23 -12.93 13.40
CA GLU A 5 4.55 -14.07 12.55
C GLU A 5 4.32 -13.74 11.07
N LEU A 6 3.23 -13.06 10.74
CA LEU A 6 2.92 -12.70 9.35
C LEU A 6 3.92 -11.68 8.80
N THR A 7 4.47 -10.82 9.64
CA THR A 7 5.44 -9.83 9.22
C THR A 7 6.85 -10.44 9.22
N SER A 8 7.03 -11.67 9.71
CA SER A 8 8.34 -12.31 9.74
C SER A 8 8.62 -13.01 8.41
N LEU A 9 7.59 -13.47 7.70
CA LEU A 9 7.71 -14.14 6.40
C LEU A 9 7.86 -13.08 5.30
N PRO A 10 8.49 -13.40 4.16
CA PRO A 10 8.68 -12.44 3.08
C PRO A 10 7.38 -12.13 2.34
N LEU A 11 7.38 -10.98 1.64
CA LEU A 11 6.26 -10.45 0.88
C LEU A 11 5.63 -11.47 -0.06
N ALA A 12 6.45 -12.29 -0.73
CA ALA A 12 5.97 -13.29 -1.68
C ALA A 12 4.87 -14.16 -1.09
N GLU A 13 5.11 -14.64 0.12
CA GLU A 13 4.21 -15.51 0.86
C GLU A 13 3.12 -14.67 1.52
N ARG A 14 3.48 -13.48 2.01
CA ARG A 14 2.60 -12.53 2.66
C ARG A 14 1.42 -12.19 1.75
N LYS A 15 1.69 -11.76 0.51
CA LYS A 15 0.65 -11.39 -0.44
C LYS A 15 -0.16 -12.61 -0.87
N ARG A 16 0.50 -13.76 -1.06
CA ARG A 16 -0.18 -14.98 -1.45
C ARG A 16 -1.22 -15.31 -0.39
N LEU A 17 -0.84 -15.35 0.89
CA LEU A 17 -1.78 -15.67 1.96
C LEU A 17 -2.87 -14.61 2.04
N LEU A 18 -2.54 -13.31 1.94
CA LEU A 18 -3.52 -12.23 2.02
C LEU A 18 -4.63 -12.40 0.99
N GLU A 19 -4.25 -12.79 -0.23
CA GLU A 19 -5.17 -13.00 -1.33
C GLU A 19 -6.19 -14.08 -0.94
N LEU A 20 -5.69 -15.24 -0.49
CA LEU A 20 -6.53 -16.36 -0.08
C LEU A 20 -7.42 -15.97 1.10
N ALA A 21 -6.85 -15.25 2.07
CA ALA A 21 -7.52 -14.82 3.27
C ALA A 21 -8.71 -13.91 3.00
N LYS A 22 -8.46 -12.85 2.26
CA LYS A 22 -9.49 -11.89 1.93
C LYS A 22 -10.62 -12.62 1.19
N ALA A 23 -10.25 -13.47 0.23
CA ALA A 23 -11.21 -14.25 -0.56
C ALA A 23 -12.00 -15.26 0.29
N ALA A 24 -11.39 -15.82 1.33
CA ALA A 24 -11.99 -16.80 2.24
C ALA A 24 -12.93 -16.15 3.27
N LYS A 25 -12.83 -14.83 3.44
CA LYS A 25 -13.63 -14.05 4.39
C LYS A 25 -13.52 -14.62 5.81
N LEU A 26 -12.39 -15.28 6.12
CA LEU A 26 -12.14 -15.87 7.43
C LEU A 26 -12.28 -14.82 8.51
N SER A 27 -11.87 -13.59 8.20
CA SER A 27 -11.93 -12.46 9.08
C SER A 27 -11.99 -11.19 8.22
N ARG A 28 -12.17 -10.08 8.92
CA ARG A 28 -12.31 -8.68 8.54
C ARG A 28 -13.80 -8.41 8.54
N GLN A 29 -14.18 -7.25 9.04
CA GLN A 29 -15.56 -6.83 9.15
C GLN A 29 -16.28 -6.93 7.80
N HIS A 30 -17.55 -7.33 7.84
CA HIS A 30 -18.38 -7.45 6.66
C HIS A 30 -18.96 -6.08 6.35
N TYR A 31 -18.07 -5.17 5.96
CA TYR A 31 -18.30 -3.77 5.61
C TYR A 31 -17.35 -3.48 4.45
N ASP B 1 3.46 24.53 -31.78
CA ASP B 1 3.35 24.52 -30.30
C ASP B 1 2.04 23.86 -29.90
N HIS B 2 1.90 23.51 -28.62
CA HIS B 2 0.70 22.88 -28.08
C HIS B 2 0.60 23.21 -26.58
N SER B 3 -0.47 22.80 -25.90
CA SER B 3 -0.66 23.05 -24.49
C SER B 3 -1.44 21.89 -23.88
N SER B 4 -0.76 21.07 -23.09
CA SER B 4 -1.27 19.90 -22.38
C SER B 4 -0.10 19.38 -21.54
N VAL B 5 -0.30 18.24 -20.89
CA VAL B 5 0.71 17.55 -20.10
C VAL B 5 1.83 17.14 -21.06
N ILE B 6 2.99 16.77 -20.50
CA ILE B 6 4.16 16.33 -21.23
C ILE B 6 4.62 15.02 -20.59
N THR B 7 4.66 13.94 -21.35
CA THR B 7 5.08 12.61 -20.92
C THR B 7 5.53 11.81 -22.16
N GLN B 8 6.36 10.78 -21.95
CA GLN B 8 6.88 9.94 -23.03
C GLN B 8 6.71 8.45 -22.70
N GLU B 9 7.20 8.00 -21.54
CA GLU B 9 7.15 6.60 -21.13
C GLU B 9 6.50 6.40 -19.75
N TYR B 10 5.45 7.15 -19.45
CA TYR B 10 4.76 7.08 -18.17
C TYR B 10 4.04 5.73 -18.01
N ALA B 11 4.03 5.19 -16.79
CA ALA B 11 3.42 3.93 -16.37
C ALA B 11 2.16 4.24 -15.56
N ALA B 12 1.01 3.74 -16.02
CA ALA B 12 -0.27 3.97 -15.38
C ALA B 12 -0.41 3.22 -14.05
N PRO B 13 -1.25 3.73 -13.12
CA PRO B 13 -1.47 3.09 -11.83
C PRO B 13 -2.22 1.78 -12.03
N GLN B 14 -1.83 0.80 -11.23
CA GLN B 14 -2.40 -0.54 -11.15
C GLN B 14 -3.81 -0.39 -10.52
N GLY B 15 -4.55 -1.48 -10.42
CA GLY B 15 -5.92 -1.52 -9.90
C GLY B 15 -6.13 -0.80 -8.57
N GLU B 16 -7.33 -0.99 -8.01
CA GLU B 16 -7.81 -0.34 -6.78
C GLU B 16 -6.86 -0.31 -5.57
N ILE B 17 -5.92 -1.22 -5.43
CA ILE B 17 -4.96 -1.18 -4.33
C ILE B 17 -3.96 -0.05 -4.61
N GLU B 18 -3.33 -0.01 -5.79
CA GLU B 18 -2.35 0.99 -6.18
C GLU B 18 -2.94 2.36 -6.53
N GLU B 19 -3.94 2.43 -7.42
CA GLU B 19 -4.55 3.70 -7.81
C GLU B 19 -5.06 4.49 -6.60
N GLN B 20 -5.48 3.78 -5.55
CA GLN B 20 -5.99 4.34 -4.32
C GLN B 20 -4.95 5.27 -3.75
N LEU B 21 -3.69 4.84 -3.60
CA LEU B 21 -2.68 5.75 -3.09
C LEU B 21 -2.25 6.77 -4.14
N ALA B 22 -2.23 6.39 -5.41
CA ALA B 22 -1.84 7.26 -6.51
C ALA B 22 -2.73 8.47 -6.63
N ASP B 23 -4.00 8.38 -6.25
CA ASP B 23 -4.98 9.46 -6.32
C ASP B 23 -4.76 10.52 -5.26
N ILE B 24 -4.41 10.06 -4.06
CA ILE B 24 -4.19 10.98 -2.98
C ILE B 24 -2.86 11.71 -3.16
N TRP B 25 -1.83 11.05 -3.72
CA TRP B 25 -0.54 11.72 -3.88
C TRP B 25 -0.59 12.99 -4.71
N GLN B 26 -1.06 12.96 -5.97
CA GLN B 26 -1.12 14.21 -6.73
C GLN B 26 -1.95 15.27 -6.01
N THR B 27 -2.95 14.88 -5.25
CA THR B 27 -3.79 15.80 -4.49
C THR B 27 -2.98 16.52 -3.41
N ILE B 28 -2.03 15.82 -2.78
CA ILE B 28 -1.19 16.32 -1.70
C ILE B 28 -0.14 17.30 -2.24
N LEU B 29 0.58 16.89 -3.29
CA LEU B 29 1.65 17.69 -3.92
C LEU B 29 1.15 18.56 -5.06
N LYS B 30 -0.15 18.58 -5.33
CA LYS B 30 -0.76 19.35 -6.42
C LYS B 30 -0.03 19.05 -7.74
N ILE B 31 0.28 17.77 -7.97
CA ILE B 31 0.98 17.30 -9.16
C ILE B 31 -0.02 16.85 -10.25
N ASP B 32 0.48 16.47 -11.43
CA ASP B 32 -0.33 16.01 -12.55
C ASP B 32 -0.67 14.52 -12.42
N ARG B 33 0.34 13.65 -12.54
CA ARG B 33 0.20 12.19 -12.47
C ARG B 33 1.23 11.57 -11.53
N ILE B 34 1.03 10.31 -11.14
CA ILE B 34 1.91 9.55 -10.25
C ILE B 34 2.23 8.24 -10.95
N GLY B 35 3.41 8.18 -11.53
CA GLY B 35 3.91 7.02 -12.24
C GLY B 35 4.41 6.00 -11.23
N ARG B 36 4.28 4.71 -11.55
CA ARG B 36 4.69 3.59 -10.69
C ARG B 36 6.16 3.60 -10.23
N TYR B 37 7.05 4.29 -10.94
CA TYR B 37 8.47 4.35 -10.60
C TYR B 37 8.89 5.72 -10.08
N ASP B 38 7.98 6.70 -10.05
CA ASP B 38 8.27 8.05 -9.58
C ASP B 38 8.70 7.99 -8.11
N ASN B 39 9.67 8.84 -7.75
CA ASN B 39 10.21 8.96 -6.40
C ASN B 39 9.40 10.05 -5.71
N PHE B 40 8.89 9.77 -4.51
CA PHE B 40 8.09 10.68 -3.71
C PHE B 40 8.75 12.06 -3.61
N PHE B 41 10.08 12.11 -3.45
CA PHE B 41 10.84 13.34 -3.34
C PHE B 41 10.94 14.08 -4.66
N GLU B 42 11.27 13.38 -5.77
CA GLU B 42 11.42 14.00 -7.08
C GLU B 42 10.11 14.64 -7.57
N LEU B 43 8.99 14.06 -7.17
CA LEU B 43 7.68 14.57 -7.55
C LEU B 43 7.43 15.91 -6.89
N GLY B 44 7.92 16.10 -5.66
CA GLY B 44 7.76 17.31 -4.87
C GLY B 44 7.28 16.99 -3.45
N GLY B 45 7.21 15.72 -3.06
CA GLY B 45 6.80 15.32 -1.73
C GLY B 45 7.90 15.76 -0.76
N HIS B 46 7.52 16.31 0.39
CA HIS B 46 8.41 16.79 1.44
C HIS B 46 7.96 16.22 2.78
N SER B 47 8.78 16.33 3.82
CA SER B 47 8.50 15.81 5.18
C SER B 47 7.09 16.15 5.68
N LEU B 48 6.69 17.42 5.60
CA LEU B 48 5.36 17.85 6.05
C LEU B 48 4.22 17.13 5.32
N LEU B 49 4.46 16.65 4.08
CA LEU B 49 3.48 15.93 3.29
C LEU B 49 3.40 14.47 3.72
N VAL B 50 4.51 13.91 4.20
CA VAL B 50 4.57 12.51 4.66
C VAL B 50 3.66 12.36 5.89
N LEU B 51 3.61 13.37 6.76
CA LEU B 51 2.80 13.32 7.97
C LEU B 51 1.32 13.20 7.61
N GLN B 52 0.86 14.03 6.67
CA GLN B 52 -0.53 13.98 6.26
C GLN B 52 -0.81 12.69 5.49
N LEU B 53 0.15 12.23 4.67
CA LEU B 53 0.01 11.02 3.88
C LEU B 53 -0.26 9.85 4.81
N GLN B 54 0.59 9.67 5.83
CA GLN B 54 0.47 8.60 6.82
C GLN B 54 -0.94 8.58 7.43
N SER B 55 -1.45 9.75 7.80
CA SER B 55 -2.75 9.88 8.41
C SER B 55 -3.84 9.38 7.46
N ARG B 56 -3.67 9.55 6.15
CA ARG B 56 -4.63 9.08 5.17
C ARG B 56 -4.49 7.58 5.02
N ILE B 57 -3.29 7.02 4.83
CA ILE B 57 -3.10 5.56 4.70
C ILE B 57 -3.79 4.83 5.85
N ASN B 58 -3.66 5.35 7.06
CA ASN B 58 -4.27 4.77 8.27
C ASN B 58 -5.77 4.59 8.09
N GLU B 59 -6.50 5.64 7.69
CA GLU B 59 -7.95 5.58 7.51
C GLU B 59 -8.38 4.93 6.20
N ILE B 60 -7.67 5.20 5.11
CA ILE B 60 -7.96 4.71 3.78
C ILE B 60 -7.96 3.19 3.72
N PHE B 61 -6.93 2.57 4.29
CA PHE B 61 -6.79 1.12 4.29
C PHE B 61 -7.21 0.49 5.61
N ASP B 62 -7.68 1.28 6.57
CA ASP B 62 -8.12 0.88 7.92
C ASP B 62 -7.01 0.08 8.62
N VAL B 63 -5.81 0.65 8.68
CA VAL B 63 -4.58 0.08 9.24
C VAL B 63 -3.79 1.11 10.04
N ASP B 64 -2.65 0.72 10.60
CA ASP B 64 -1.73 1.52 11.36
C ASP B 64 -0.37 1.50 10.66
N ILE B 65 0.01 2.62 10.04
CA ILE B 65 1.27 2.82 9.33
C ILE B 65 1.93 4.06 9.91
N SER B 66 3.26 4.03 10.03
CA SER B 66 4.08 5.11 10.56
C SER B 66 4.77 5.87 9.42
N ILE B 67 5.33 7.05 9.71
CA ILE B 67 6.02 7.89 8.73
C ILE B 67 7.28 7.22 8.16
N GLN B 68 7.95 6.34 8.91
CA GLN B 68 9.20 5.73 8.46
C GLN B 68 9.01 4.83 7.25
N GLN B 69 7.86 4.18 7.17
CA GLN B 69 7.46 3.25 6.14
C GLN B 69 7.37 3.98 4.80
N LEU B 70 6.69 5.13 4.82
CA LEU B 70 6.48 5.99 3.67
C LEU B 70 7.84 6.52 3.23
N PHE B 71 8.64 7.01 4.19
CA PHE B 71 9.97 7.55 3.93
C PHE B 71 10.82 6.47 3.23
N ALA B 72 10.72 5.22 3.68
CA ALA B 72 11.43 4.06 3.19
C ALA B 72 10.92 3.57 1.84
N HIS B 73 9.64 3.76 1.50
CA HIS B 73 9.06 3.30 0.23
C HIS B 73 8.46 4.47 -0.57
N PRO B 74 9.31 5.30 -1.21
CA PRO B 74 8.93 6.46 -2.02
C PRO B 74 8.24 6.17 -3.38
N SER B 75 7.62 5.02 -3.66
CA SER B 75 6.98 4.75 -4.95
C SER B 75 5.71 3.90 -4.80
N ILE B 76 4.85 3.80 -5.82
CA ILE B 76 3.60 3.03 -5.71
C ILE B 76 3.82 1.55 -5.40
N CYS B 77 4.60 0.82 -6.20
CA CYS B 77 4.84 -0.61 -5.96
C CYS B 77 5.68 -0.84 -4.69
N GLN B 78 6.50 0.16 -4.32
CA GLN B 78 7.31 0.06 -3.12
C GLN B 78 6.36 0.12 -1.92
N LEU B 79 5.46 1.10 -1.91
CA LEU B 79 4.46 1.32 -0.86
C LEU B 79 3.49 0.16 -0.77
N GLU B 80 3.12 -0.44 -1.90
CA GLU B 80 2.19 -1.56 -2.04
C GLU B 80 2.55 -2.72 -1.09
N GLU B 81 3.84 -2.97 -0.84
CA GLU B 81 4.33 -4.02 0.05
C GLU B 81 3.86 -3.82 1.50
N CYS B 82 3.75 -2.56 1.93
CA CYS B 82 3.33 -2.21 3.29
C CYS B 82 1.86 -2.57 3.48
N ILE B 83 1.02 -2.23 2.50
CA ILE B 83 -0.41 -2.49 2.54
C ILE B 83 -0.64 -3.99 2.74
N ILE B 84 0.13 -4.85 2.06
CA ILE B 84 -0.01 -6.30 2.19
C ILE B 84 0.11 -6.70 3.66
N ASN B 85 1.21 -6.34 4.32
CA ASN B 85 1.41 -6.70 5.71
C ASN B 85 0.39 -6.03 6.64
N ALA B 86 0.02 -4.79 6.36
CA ALA B 86 -0.93 -4.06 7.18
C ALA B 86 -2.32 -4.68 7.13
N GLN B 87 -2.75 -5.15 5.97
CA GLN B 87 -4.06 -5.78 5.82
C GLN B 87 -4.10 -7.02 6.71
N LEU B 88 -3.07 -7.86 6.59
CA LEU B 88 -2.94 -9.08 7.38
C LEU B 88 -2.86 -8.74 8.87
N LEU B 89 -2.25 -7.61 9.25
CA LEU B 89 -2.11 -7.20 10.65
C LEU B 89 -3.46 -6.89 11.30
N GLN B 90 -4.47 -6.43 10.54
CA GLN B 90 -5.77 -6.16 11.15
C GLN B 90 -6.64 -7.43 11.15
N PHE B 91 -6.36 -8.36 10.22
CA PHE B 91 -7.06 -9.63 10.12
C PHE B 91 -6.73 -10.45 11.37
N ASP B 92 -7.54 -11.46 11.69
CA ASP B 92 -7.37 -12.30 12.87
C ASP B 92 -6.20 -13.23 12.62
N ALA B 93 -5.16 -13.12 13.46
CA ALA B 93 -3.93 -13.90 13.37
C ALA B 93 -4.11 -15.40 13.58
N ASP B 94 -5.15 -15.79 14.32
CA ASP B 94 -5.43 -17.19 14.62
C ASP B 94 -5.91 -17.89 13.36
N SER B 95 -6.92 -17.33 12.68
CA SER B 95 -7.42 -17.93 11.45
C SER B 95 -6.39 -17.75 10.34
N LEU B 96 -5.60 -16.68 10.39
CA LEU B 96 -4.60 -16.40 9.40
C LEU B 96 -3.61 -17.54 9.22
N GLN B 97 -3.22 -18.18 10.32
CA GLN B 97 -2.27 -19.25 10.26
C GLN B 97 -2.87 -20.49 9.59
N ASP B 98 -4.19 -20.70 9.72
CA ASP B 98 -4.89 -21.84 9.15
C ASP B 98 -4.81 -21.84 7.62
N ILE B 99 -4.97 -20.65 7.03
CA ILE B 99 -4.91 -20.47 5.58
C ILE B 99 -3.46 -20.46 5.12
N TYR B 100 -2.60 -19.83 5.90
CA TYR B 100 -1.18 -19.74 5.63
C TYR B 100 -0.58 -21.14 5.43
N LYS B 101 -0.91 -22.12 6.28
CA LYS B 101 -0.39 -23.48 6.13
C LYS B 101 -1.03 -24.20 4.93
N SER B 102 -2.16 -23.71 4.46
CA SER B 102 -2.91 -24.26 3.34
C SER B 102 -2.59 -23.53 2.02
N MET B 103 -1.65 -22.57 2.02
CA MET B 103 -1.28 -21.82 0.82
C MET B 103 -0.83 -22.70 -0.35
N GLU B 104 -0.97 -22.12 -1.54
CA GLU B 104 -0.61 -22.68 -2.84
C GLU B 104 0.89 -22.90 -2.95
N MET A 1 -0.07 -19.05 17.74
CA MET A 1 0.48 -18.09 16.76
C MET A 1 -0.05 -16.71 17.04
N ASN A 2 0.85 -15.73 17.02
CA ASN A 2 0.56 -14.31 17.26
C ASN A 2 0.80 -13.51 15.99
N ASN A 3 0.32 -12.26 15.98
CA ASN A 3 0.47 -11.37 14.83
C ASN A 3 1.89 -11.18 14.30
N ASN A 4 2.93 -11.33 15.12
CA ASN A 4 4.28 -11.15 14.63
C ASN A 4 4.67 -12.20 13.60
N GLU A 5 4.12 -13.41 13.69
CA GLU A 5 4.45 -14.48 12.75
C GLU A 5 4.19 -14.04 11.30
N LEU A 6 3.11 -13.30 11.07
CA LEU A 6 2.77 -12.83 9.72
C LEU A 6 3.84 -11.88 9.19
N THR A 7 4.40 -11.05 10.07
CA THR A 7 5.44 -10.10 9.72
C THR A 7 6.83 -10.80 9.71
N SER A 8 6.89 -12.09 10.05
CA SER A 8 8.11 -12.87 10.09
C SER A 8 8.38 -13.55 8.74
N LEU A 9 7.34 -13.85 7.97
CA LEU A 9 7.42 -14.48 6.64
C LEU A 9 7.59 -13.38 5.58
N PRO A 10 8.23 -13.65 4.42
CA PRO A 10 8.48 -12.66 3.36
C PRO A 10 7.23 -12.27 2.59
N LEU A 11 7.27 -11.09 1.93
CA LEU A 11 6.18 -10.53 1.15
C LEU A 11 5.55 -11.51 0.15
N ALA A 12 6.37 -12.33 -0.53
CA ALA A 12 5.88 -13.30 -1.51
C ALA A 12 4.80 -14.20 -0.93
N GLU A 13 5.02 -14.69 0.28
CA GLU A 13 4.13 -15.57 1.03
C GLU A 13 3.04 -14.71 1.70
N ARG A 14 3.43 -13.55 2.23
CA ARG A 14 2.56 -12.59 2.92
C ARG A 14 1.37 -12.20 2.05
N LYS A 15 1.63 -11.72 0.84
CA LYS A 15 0.57 -11.31 -0.08
C LYS A 15 -0.28 -12.49 -0.51
N ARG A 16 0.32 -13.68 -0.62
CA ARG A 16 -0.41 -14.86 -1.03
C ARG A 16 -1.44 -15.24 0.02
N LEU A 17 -1.01 -15.37 1.28
CA LEU A 17 -1.90 -15.76 2.36
C LEU A 17 -3.00 -14.72 2.53
N LEU A 18 -2.69 -13.42 2.36
CA LEU A 18 -3.63 -12.32 2.49
C LEU A 18 -4.81 -12.50 1.55
N GLU A 19 -4.56 -12.83 0.29
CA GLU A 19 -5.63 -13.00 -0.69
C GLU A 19 -6.56 -14.11 -0.24
N LEU A 20 -6.01 -15.27 0.12
CA LEU A 20 -6.81 -16.39 0.57
C LEU A 20 -7.60 -15.99 1.80
N ALA A 21 -6.95 -15.33 2.76
CA ALA A 21 -7.57 -14.88 3.99
C ALA A 21 -8.71 -13.90 3.76
N LYS A 22 -8.51 -12.85 2.95
CA LYS A 22 -9.58 -11.90 2.70
C LYS A 22 -10.76 -12.59 2.05
N ALA A 23 -10.49 -13.44 1.07
CA ALA A 23 -11.48 -14.17 0.30
C ALA A 23 -12.18 -15.23 1.13
N ALA A 24 -11.51 -15.73 2.18
CA ALA A 24 -12.00 -16.73 3.11
C ALA A 24 -12.77 -16.01 4.24
N LYS A 25 -12.68 -14.68 4.33
CA LYS A 25 -13.35 -13.84 5.35
C LYS A 25 -13.15 -14.30 6.81
N LEU A 26 -12.14 -15.12 7.13
CA LEU A 26 -11.84 -15.64 8.49
C LEU A 26 -11.90 -14.64 9.65
N SER A 27 -11.69 -13.35 9.40
CA SER A 27 -11.73 -12.27 10.39
C SER A 27 -11.83 -10.90 9.69
N ARG A 28 -12.11 -10.90 8.39
CA ARG A 28 -12.20 -9.67 7.61
C ARG A 28 -13.32 -8.77 8.08
N GLN A 29 -12.99 -7.49 8.24
CA GLN A 29 -13.88 -6.42 8.67
C GLN A 29 -13.68 -5.26 7.69
N HIS A 30 -14.32 -5.34 6.51
CA HIS A 30 -14.28 -4.33 5.45
C HIS A 30 -15.68 -3.83 5.08
N TYR A 31 -16.67 -4.11 5.92
CA TYR A 31 -18.08 -3.77 5.76
C TYR A 31 -18.52 -4.20 4.36
N ASP B 1 11.43 29.85 -29.69
CA ASP B 1 11.44 28.91 -28.54
C ASP B 1 10.11 29.03 -27.82
N HIS B 2 9.71 27.99 -27.08
CA HIS B 2 8.46 27.96 -26.32
C HIS B 2 8.60 26.89 -25.24
N SER B 3 7.75 26.97 -24.21
CA SER B 3 7.73 26.01 -23.12
C SER B 3 7.38 24.62 -23.66
N SER B 4 7.84 23.58 -22.99
CA SER B 4 7.60 22.19 -23.36
C SER B 4 7.11 21.41 -22.13
N VAL B 5 6.54 20.24 -22.37
CA VAL B 5 6.01 19.35 -21.34
C VAL B 5 6.90 18.12 -21.23
N ILE B 6 6.86 17.47 -20.07
CA ILE B 6 7.64 16.28 -19.76
C ILE B 6 6.73 15.07 -19.89
N THR B 7 7.30 13.91 -19.59
CA THR B 7 6.79 12.57 -19.61
C THR B 7 6.51 12.16 -21.05
N GLN B 8 6.71 10.90 -21.34
CA GLN B 8 6.54 10.33 -22.66
C GLN B 8 5.85 8.96 -22.59
N GLU B 9 6.01 8.24 -21.49
CA GLU B 9 5.47 6.90 -21.27
C GLU B 9 4.96 6.74 -19.84
N TYR B 10 3.84 7.41 -19.52
CA TYR B 10 3.21 7.31 -18.21
C TYR B 10 2.68 5.88 -18.08
N ALA B 11 2.74 5.30 -16.89
CA ALA B 11 2.28 3.95 -16.60
C ALA B 11 1.09 4.07 -15.66
N ALA B 12 -0.05 3.51 -16.09
CA ALA B 12 -1.29 3.55 -15.34
C ALA B 12 -1.22 2.78 -14.02
N PRO B 13 -2.06 3.17 -13.03
CA PRO B 13 -2.13 2.51 -11.75
C PRO B 13 -2.61 1.07 -11.95
N GLN B 14 -2.11 0.27 -11.04
CA GLN B 14 -2.35 -1.15 -10.82
C GLN B 14 -3.75 -1.24 -10.21
N GLY B 15 -4.22 -2.45 -9.94
CA GLY B 15 -5.55 -2.68 -9.37
C GLY B 15 -5.90 -1.79 -8.15
N GLU B 16 -7.05 -2.07 -7.54
CA GLU B 16 -7.64 -1.32 -6.43
C GLU B 16 -6.73 -0.97 -5.27
N ILE B 17 -5.68 -1.74 -4.98
CA ILE B 17 -4.78 -1.42 -3.89
C ILE B 17 -3.89 -0.25 -4.29
N GLU B 18 -3.23 -0.30 -5.45
CA GLU B 18 -2.33 0.76 -5.90
C GLU B 18 -3.07 2.03 -6.32
N GLU B 19 -4.12 1.88 -7.12
CA GLU B 19 -4.91 3.02 -7.60
C GLU B 19 -5.45 3.88 -6.45
N GLN B 20 -5.72 3.27 -5.30
CA GLN B 20 -6.25 3.96 -4.14
C GLN B 20 -5.31 5.09 -3.70
N LEU B 21 -4.04 4.77 -3.45
CA LEU B 21 -3.10 5.78 -3.01
C LEU B 21 -2.77 6.74 -4.12
N ALA B 22 -2.76 6.24 -5.36
CA ALA B 22 -2.47 7.06 -6.50
C ALA B 22 -3.48 8.19 -6.61
N ASP B 23 -4.72 8.02 -6.16
CA ASP B 23 -5.74 9.06 -6.24
C ASP B 23 -5.47 10.14 -5.18
N ILE B 24 -5.12 9.72 -3.97
CA ILE B 24 -4.88 10.68 -2.91
C ILE B 24 -3.58 11.45 -3.17
N TRP B 25 -2.54 10.80 -3.71
CA TRP B 25 -1.25 11.43 -3.96
C TRP B 25 -1.37 12.73 -4.76
N GLN B 26 -1.96 12.73 -5.97
CA GLN B 26 -2.03 14.01 -6.70
C GLN B 26 -2.83 15.06 -5.96
N THR B 27 -3.82 14.68 -5.15
CA THR B 27 -4.60 15.66 -4.41
C THR B 27 -3.72 16.35 -3.34
N ILE B 28 -2.73 15.65 -2.80
CA ILE B 28 -1.84 16.15 -1.75
C ILE B 28 -0.82 17.12 -2.35
N LEU B 29 -0.18 16.75 -3.46
CA LEU B 29 0.83 17.54 -4.18
C LEU B 29 0.23 18.43 -5.26
N LYS B 30 -1.08 18.41 -5.44
CA LYS B 30 -1.86 19.18 -6.42
C LYS B 30 -1.34 18.91 -7.84
N ILE B 31 -0.97 17.66 -8.13
CA ILE B 31 -0.47 17.27 -9.44
C ILE B 31 -1.59 16.76 -10.33
N ASP B 32 -1.25 16.44 -11.56
CA ASP B 32 -2.15 15.92 -12.58
C ASP B 32 -2.53 14.46 -12.34
N ARG B 33 -1.55 13.55 -12.39
CA ARG B 33 -1.66 12.09 -12.19
C ARG B 33 -0.43 11.53 -11.50
N ILE B 34 -0.44 10.25 -11.10
CA ILE B 34 0.62 9.53 -10.42
C ILE B 34 0.84 8.20 -11.13
N GLY B 35 1.99 8.03 -11.76
CA GLY B 35 2.33 6.80 -12.48
C GLY B 35 3.05 5.80 -11.58
N ARG B 36 2.98 4.49 -11.91
CA ARG B 36 3.62 3.43 -11.12
C ARG B 36 5.17 3.52 -11.06
N TYR B 37 5.83 4.35 -11.89
CA TYR B 37 7.28 4.51 -11.89
C TYR B 37 7.65 5.91 -11.36
N ASP B 38 6.69 6.84 -11.27
CA ASP B 38 6.93 8.19 -10.80
C ASP B 38 7.42 8.13 -9.35
N ASN B 39 8.38 9.00 -9.02
CA ASN B 39 8.99 9.08 -7.71
C ASN B 39 8.31 10.17 -6.91
N PHE B 40 7.89 9.85 -5.69
CA PHE B 40 7.22 10.79 -4.80
C PHE B 40 8.04 12.07 -4.63
N PHE B 41 9.37 11.96 -4.59
CA PHE B 41 10.21 13.13 -4.38
C PHE B 41 10.27 14.00 -5.65
N GLU B 42 10.31 13.37 -6.83
CA GLU B 42 10.38 14.07 -8.10
C GLU B 42 9.06 14.74 -8.48
N LEU B 43 7.93 14.17 -8.05
CA LEU B 43 6.61 14.71 -8.34
C LEU B 43 6.34 16.01 -7.59
N GLY B 44 6.85 16.13 -6.36
CA GLY B 44 6.66 17.31 -5.53
C GLY B 44 6.26 16.95 -4.11
N GLY B 45 6.40 15.68 -3.71
CA GLY B 45 6.09 15.25 -2.36
C GLY B 45 7.25 15.68 -1.49
N HIS B 46 6.96 16.23 -0.31
CA HIS B 46 7.97 16.68 0.65
C HIS B 46 7.60 16.06 2.00
N SER B 47 8.52 16.03 2.95
CA SER B 47 8.33 15.45 4.28
C SER B 47 7.01 15.79 4.99
N LEU B 48 6.57 17.05 4.92
CA LEU B 48 5.33 17.48 5.56
C LEU B 48 4.10 16.83 4.93
N LEU B 49 4.17 16.47 3.64
CA LEU B 49 3.06 15.86 2.91
C LEU B 49 2.93 14.40 3.32
N VAL B 50 4.03 13.78 3.71
CA VAL B 50 4.05 12.40 4.13
C VAL B 50 3.26 12.28 5.46
N LEU B 51 3.30 13.33 6.31
CA LEU B 51 2.59 13.34 7.58
C LEU B 51 1.09 13.26 7.33
N GLN B 52 0.57 14.10 6.43
CA GLN B 52 -0.84 14.12 6.12
C GLN B 52 -1.26 12.85 5.35
N LEU B 53 -0.36 12.30 4.54
CA LEU B 53 -0.65 11.10 3.76
C LEU B 53 -0.94 9.95 4.72
N GLN B 54 -0.05 9.71 5.69
CA GLN B 54 -0.17 8.63 6.66
C GLN B 54 -1.55 8.61 7.29
N SER B 55 -2.02 9.80 7.66
CA SER B 55 -3.30 9.97 8.28
C SER B 55 -4.40 9.38 7.41
N ARG B 56 -4.38 9.63 6.09
CA ARG B 56 -5.39 9.07 5.21
C ARG B 56 -5.23 7.56 5.17
N ILE B 57 -4.02 7.05 4.93
CA ILE B 57 -3.77 5.60 4.85
C ILE B 57 -4.33 4.84 6.04
N ASN B 58 -4.20 5.42 7.23
CA ASN B 58 -4.68 4.80 8.45
C ASN B 58 -6.18 4.51 8.38
N GLU B 59 -7.00 5.50 8.03
CA GLU B 59 -8.45 5.33 7.92
C GLU B 59 -8.91 4.68 6.60
N ILE B 60 -8.30 5.04 5.47
CA ILE B 60 -8.63 4.53 4.14
C ILE B 60 -8.46 3.02 4.06
N PHE B 61 -7.34 2.49 4.57
CA PHE B 61 -7.07 1.06 4.55
C PHE B 61 -7.43 0.40 5.88
N ASP B 62 -7.95 1.17 6.85
CA ASP B 62 -8.37 0.73 8.18
C ASP B 62 -7.20 0.02 8.91
N VAL B 63 -5.99 0.57 8.88
CA VAL B 63 -4.77 0.01 9.48
C VAL B 63 -3.88 1.07 10.14
N ASP B 64 -2.74 0.67 10.71
CA ASP B 64 -1.77 1.53 11.36
C ASP B 64 -0.45 1.54 10.57
N ILE B 65 -0.23 2.60 9.80
CA ILE B 65 0.96 2.81 8.97
C ILE B 65 1.64 4.07 9.49
N SER B 66 2.97 4.05 9.58
CA SER B 66 3.75 5.19 10.04
C SER B 66 4.41 5.89 8.85
N ILE B 67 4.87 7.12 9.06
CA ILE B 67 5.52 7.92 8.02
C ILE B 67 6.80 7.26 7.51
N GLN B 68 7.51 6.50 8.34
CA GLN B 68 8.74 5.85 7.95
C GLN B 68 8.51 4.92 6.75
N GLN B 69 7.44 4.11 6.77
CA GLN B 69 7.08 3.19 5.69
C GLN B 69 6.84 3.97 4.41
N LEU B 70 6.10 5.08 4.50
CA LEU B 70 5.79 5.90 3.35
C LEU B 70 7.09 6.44 2.73
N PHE B 71 7.99 7.00 3.56
CA PHE B 71 9.25 7.54 3.06
C PHE B 71 10.15 6.42 2.50
N ALA B 72 10.03 5.20 3.03
CA ALA B 72 10.78 4.03 2.60
C ALA B 72 10.29 3.54 1.24
N HIS B 73 9.00 3.75 0.93
CA HIS B 73 8.38 3.35 -0.31
C HIS B 73 7.80 4.55 -1.07
N PRO B 74 8.66 5.36 -1.72
CA PRO B 74 8.29 6.55 -2.49
C PRO B 74 7.73 6.22 -3.90
N SER B 75 7.17 5.04 -4.13
CA SER B 75 6.60 4.61 -5.41
C SER B 75 5.35 3.80 -5.07
N ILE B 76 4.30 3.93 -5.88
CA ILE B 76 3.01 3.26 -5.70
C ILE B 76 3.20 1.75 -5.48
N CYS B 77 3.93 1.10 -6.39
CA CYS B 77 4.22 -0.33 -6.38
C CYS B 77 4.99 -0.82 -5.17
N GLN B 78 5.85 0.01 -4.59
CA GLN B 78 6.62 -0.40 -3.42
C GLN B 78 5.75 -0.29 -2.18
N LEU B 79 4.94 0.76 -2.10
CA LEU B 79 4.05 1.06 -1.00
C LEU B 79 3.07 -0.07 -0.73
N GLU B 80 2.54 -0.75 -1.77
CA GLU B 80 1.59 -1.84 -1.57
C GLU B 80 2.15 -2.89 -0.58
N GLU B 81 3.47 -3.08 -0.50
CA GLU B 81 4.09 -4.04 0.42
C GLU B 81 3.63 -3.76 1.85
N CYS B 82 3.63 -2.48 2.24
CA CYS B 82 3.24 -2.09 3.58
C CYS B 82 1.78 -2.44 3.83
N ILE B 83 0.92 -2.20 2.84
CA ILE B 83 -0.49 -2.49 2.92
C ILE B 83 -0.69 -3.98 3.13
N ILE B 84 0.05 -4.85 2.43
CA ILE B 84 -0.07 -6.29 2.57
C ILE B 84 0.11 -6.71 4.04
N ASN B 85 1.24 -6.34 4.65
CA ASN B 85 1.48 -6.72 6.05
C ASN B 85 0.52 -6.02 7.01
N ALA B 86 0.13 -4.78 6.73
CA ALA B 86 -0.78 -4.06 7.58
C ALA B 86 -2.20 -4.63 7.53
N GLN B 87 -2.65 -5.09 6.36
CA GLN B 87 -3.98 -5.67 6.20
C GLN B 87 -4.05 -6.92 7.06
N LEU B 88 -3.09 -7.84 6.92
CA LEU B 88 -3.03 -9.08 7.67
C LEU B 88 -3.10 -8.80 9.18
N LEU B 89 -2.50 -7.71 9.65
CA LEU B 89 -2.53 -7.32 11.07
C LEU B 89 -3.95 -7.02 11.54
N GLN B 90 -4.88 -6.63 10.67
CA GLN B 90 -6.26 -6.37 11.05
C GLN B 90 -7.01 -7.69 11.22
N PHE B 91 -6.58 -8.77 10.57
CA PHE B 91 -7.24 -10.07 10.69
C PHE B 91 -6.74 -10.80 11.94
N ASP B 92 -7.46 -11.87 12.32
CA ASP B 92 -7.12 -12.70 13.46
C ASP B 92 -5.85 -13.50 13.13
N ALA B 93 -4.80 -13.35 13.93
CA ALA B 93 -3.52 -14.02 13.71
C ALA B 93 -3.58 -15.54 13.96
N ASP B 94 -4.53 -16.00 14.77
CA ASP B 94 -4.70 -17.41 15.13
C ASP B 94 -5.21 -18.19 13.93
N SER B 95 -6.24 -17.68 13.26
CA SER B 95 -6.83 -18.31 12.09
C SER B 95 -5.93 -18.08 10.86
N LEU B 96 -5.21 -16.95 10.80
CA LEU B 96 -4.31 -16.56 9.73
C LEU B 96 -3.25 -17.61 9.48
N GLN B 97 -2.69 -18.16 10.56
CA GLN B 97 -1.62 -19.14 10.45
C GLN B 97 -2.09 -20.42 9.78
N ASP B 98 -3.37 -20.77 9.92
CA ASP B 98 -3.98 -21.97 9.35
C ASP B 98 -4.15 -21.83 7.84
N ILE B 99 -4.46 -20.61 7.38
CA ILE B 99 -4.65 -20.36 5.96
C ILE B 99 -3.25 -20.34 5.34
N TYR B 100 -2.32 -19.67 6.02
CA TYR B 100 -0.95 -19.55 5.60
C TYR B 100 -0.30 -20.92 5.37
N LYS B 101 -0.40 -21.85 6.31
CA LYS B 101 0.21 -23.17 6.16
C LYS B 101 -0.38 -23.99 5.02
N SER B 102 -1.58 -23.64 4.54
CA SER B 102 -2.27 -24.31 3.45
C SER B 102 -2.31 -23.40 2.22
N MET B 103 -1.59 -22.27 2.21
CA MET B 103 -1.62 -21.37 1.06
C MET B 103 -1.14 -22.08 -0.21
N GLU B 104 -1.60 -21.57 -1.36
CA GLU B 104 -1.28 -22.07 -2.69
C GLU B 104 0.13 -21.68 -3.14
N MET A 1 1.57 -18.20 14.06
CA MET A 1 0.32 -17.97 14.80
C MET A 1 0.26 -16.56 15.40
N ASN A 2 1.33 -15.74 15.37
CA ASN A 2 1.29 -14.38 15.92
C ASN A 2 1.42 -13.35 14.81
N ASN A 3 0.87 -12.16 15.01
CA ASN A 3 0.96 -11.15 13.95
C ASN A 3 2.39 -10.63 13.73
N ASN A 4 3.24 -10.60 14.76
CA ASN A 4 4.59 -10.07 14.56
C ASN A 4 5.38 -10.92 13.57
N GLU A 5 5.05 -12.21 13.45
CA GLU A 5 5.75 -13.08 12.51
C GLU A 5 5.32 -12.83 11.06
N LEU A 6 4.06 -12.41 10.85
CA LEU A 6 3.50 -12.16 9.51
C LEU A 6 4.35 -11.18 8.71
N THR A 7 4.93 -10.18 9.38
CA THR A 7 5.79 -9.17 8.80
C THR A 7 7.22 -9.71 8.59
N SER A 8 7.62 -10.78 9.30
CA SER A 8 8.96 -11.36 9.18
C SER A 8 9.13 -12.14 7.87
N LEU A 9 8.07 -12.69 7.29
CA LEU A 9 8.17 -13.42 6.03
C LEU A 9 8.20 -12.40 4.89
N PRO A 10 8.85 -12.72 3.76
CA PRO A 10 8.96 -11.80 2.64
C PRO A 10 7.63 -11.48 1.97
N LEU A 11 7.60 -10.31 1.32
CA LEU A 11 6.45 -9.76 0.61
C LEU A 11 5.79 -10.79 -0.32
N ALA A 12 6.54 -11.65 -1.01
CA ALA A 12 5.97 -12.64 -1.90
C ALA A 12 5.05 -13.61 -1.16
N GLU A 13 5.50 -14.17 -0.04
CA GLU A 13 4.71 -15.11 0.76
C GLU A 13 3.57 -14.34 1.42
N ARG A 14 3.86 -13.09 1.80
CA ARG A 14 2.92 -12.18 2.44
C ARG A 14 1.70 -11.97 1.56
N LYS A 15 1.88 -11.54 0.30
CA LYS A 15 0.74 -11.32 -0.59
C LYS A 15 0.08 -12.62 -1.00
N ARG A 16 0.86 -13.69 -1.15
CA ARG A 16 0.35 -15.00 -1.53
C ARG A 16 -0.68 -15.46 -0.50
N LEU A 17 -0.33 -15.45 0.78
CA LEU A 17 -1.25 -15.89 1.83
C LEU A 17 -2.39 -14.89 2.01
N LEU A 18 -2.13 -13.58 1.85
CA LEU A 18 -3.13 -12.53 2.02
C LEU A 18 -4.30 -12.72 1.07
N GLU A 19 -4.01 -13.07 -0.17
CA GLU A 19 -5.09 -13.27 -1.14
C GLU A 19 -5.96 -14.41 -0.66
N LEU A 20 -5.35 -15.51 -0.24
CA LEU A 20 -6.08 -16.67 0.26
C LEU A 20 -6.90 -16.29 1.48
N ALA A 21 -6.33 -15.52 2.42
CA ALA A 21 -7.03 -15.10 3.62
C ALA A 21 -8.29 -14.30 3.25
N LYS A 22 -8.14 -13.27 2.41
CA LYS A 22 -9.25 -12.44 1.94
C LYS A 22 -10.26 -13.32 1.20
N ALA A 23 -9.81 -14.27 0.37
CA ALA A 23 -10.64 -15.18 -0.39
C ALA A 23 -11.32 -16.24 0.49
N ALA A 24 -10.78 -16.56 1.66
CA ALA A 24 -11.32 -17.55 2.60
C ALA A 24 -12.25 -16.89 3.62
N LYS A 25 -12.22 -15.55 3.74
CA LYS A 25 -13.01 -14.75 4.68
C LYS A 25 -12.94 -15.29 6.11
N LEU A 26 -11.81 -15.92 6.46
CA LEU A 26 -11.54 -16.52 7.78
C LEU A 26 -11.94 -15.61 8.94
N SER A 27 -11.74 -14.30 8.76
CA SER A 27 -12.05 -13.25 9.69
C SER A 27 -12.02 -11.95 8.90
N ARG A 28 -12.54 -10.87 9.47
CA ARG A 28 -12.57 -9.54 8.87
C ARG A 28 -13.05 -8.58 9.95
N GLN A 29 -13.41 -7.36 9.53
CA GLN A 29 -13.90 -6.27 10.35
C GLN A 29 -12.90 -5.75 11.37
N HIS A 30 -13.35 -4.75 12.11
CA HIS A 30 -12.66 -4.01 13.15
C HIS A 30 -13.73 -3.46 14.10
N TYR A 31 -14.68 -4.31 14.50
CA TYR A 31 -15.77 -3.93 15.40
C TYR A 31 -15.31 -4.16 16.83
N ASP B 1 21.47 22.90 -23.81
CA ASP B 1 20.42 22.96 -24.86
C ASP B 1 20.32 21.61 -25.55
N HIS B 2 19.21 21.35 -26.22
CA HIS B 2 18.95 20.12 -26.95
C HIS B 2 17.82 20.36 -27.96
N SER B 3 17.58 19.38 -28.83
CA SER B 3 16.55 19.43 -29.85
C SER B 3 16.13 17.97 -30.07
N SER B 4 14.95 17.59 -29.63
CA SER B 4 14.34 16.27 -29.71
C SER B 4 12.91 16.38 -29.20
N VAL B 5 12.09 15.35 -29.43
CA VAL B 5 10.72 15.33 -28.95
C VAL B 5 10.82 15.11 -27.43
N ILE B 6 9.80 15.54 -26.68
CA ILE B 6 9.74 15.43 -25.24
C ILE B 6 8.53 14.55 -24.94
N THR B 7 8.72 13.54 -24.12
CA THR B 7 7.71 12.57 -23.71
C THR B 7 7.69 12.53 -22.18
N GLN B 8 6.62 11.96 -21.61
CA GLN B 8 6.45 11.81 -20.16
C GLN B 8 6.11 10.36 -19.81
N GLU B 9 5.41 9.65 -20.71
CA GLU B 9 5.01 8.25 -20.54
C GLU B 9 4.44 7.96 -19.15
N TYR B 10 3.52 8.82 -18.72
CA TYR B 10 2.85 8.69 -17.43
C TYR B 10 2.14 7.34 -17.44
N ALA B 11 2.36 6.55 -16.39
CA ALA B 11 1.78 5.23 -16.26
C ALA B 11 0.49 5.33 -15.46
N ALA B 12 -0.62 4.97 -16.09
CA ALA B 12 -1.94 5.00 -15.48
C ALA B 12 -2.02 4.11 -14.23
N PRO B 13 -2.97 4.38 -13.32
CA PRO B 13 -3.14 3.59 -12.12
C PRO B 13 -3.51 2.14 -12.42
N GLN B 14 -3.08 1.32 -11.48
CA GLN B 14 -3.25 -0.11 -11.33
C GLN B 14 -4.62 -0.36 -10.71
N GLY B 15 -4.96 -1.63 -10.57
CA GLY B 15 -6.24 -2.06 -10.01
C GLY B 15 -6.60 -1.33 -8.70
N GLU B 16 -7.75 -1.69 -8.13
CA GLU B 16 -8.33 -1.04 -6.97
C GLU B 16 -7.42 -0.75 -5.77
N ILE B 17 -6.41 -1.56 -5.48
CA ILE B 17 -5.53 -1.30 -4.35
C ILE B 17 -4.63 -0.11 -4.64
N GLU B 18 -3.98 -0.03 -5.79
CA GLU B 18 -3.09 1.06 -6.10
C GLU B 18 -3.83 2.37 -6.37
N GLU B 19 -4.85 2.35 -7.23
CA GLU B 19 -5.61 3.57 -7.54
C GLU B 19 -6.20 4.22 -6.28
N GLN B 20 -6.53 3.40 -5.27
CA GLN B 20 -7.11 3.82 -4.01
C GLN B 20 -6.21 4.84 -3.34
N LEU B 21 -4.92 4.53 -3.16
CA LEU B 21 -4.04 5.50 -2.54
C LEU B 21 -3.69 6.64 -3.49
N ALA B 22 -3.49 6.35 -4.77
CA ALA B 22 -3.12 7.30 -5.80
C ALA B 22 -4.13 8.42 -5.95
N ASP B 23 -5.42 8.17 -5.79
CA ASP B 23 -6.47 9.16 -5.94
C ASP B 23 -6.32 10.28 -4.92
N ILE B 24 -5.96 9.87 -3.71
CA ILE B 24 -5.79 10.77 -2.59
C ILE B 24 -4.47 11.53 -2.75
N TRP B 25 -3.43 10.93 -3.31
CA TRP B 25 -2.14 11.60 -3.45
C TRP B 25 -2.31 12.93 -4.19
N GLN B 26 -2.86 12.97 -5.41
CA GLN B 26 -2.99 14.26 -6.08
C GLN B 26 -3.87 15.24 -5.32
N THR B 27 -4.84 14.77 -4.54
CA THR B 27 -5.68 15.65 -3.75
C THR B 27 -4.82 16.40 -2.71
N ILE B 28 -3.87 15.68 -2.12
CA ILE B 28 -2.98 16.16 -1.06
C ILE B 28 -1.92 17.09 -1.63
N LEU B 29 -1.15 16.62 -2.61
CA LEU B 29 -0.09 17.42 -3.23
C LEU B 29 -0.69 18.45 -4.19
N LYS B 30 -1.99 18.39 -4.45
CA LYS B 30 -2.70 19.28 -5.37
C LYS B 30 -2.05 19.18 -6.75
N ILE B 31 -1.71 17.95 -7.14
CA ILE B 31 -1.07 17.64 -8.41
C ILE B 31 -2.11 17.25 -9.46
N ASP B 32 -1.67 17.02 -10.70
CA ASP B 32 -2.51 16.62 -11.83
C ASP B 32 -2.93 15.14 -11.70
N ARG B 33 -1.99 14.22 -11.90
CA ARG B 33 -2.14 12.76 -11.82
C ARG B 33 -0.94 12.13 -11.10
N ILE B 34 -0.97 10.83 -10.77
CA ILE B 34 0.08 10.08 -10.09
C ILE B 34 0.29 8.81 -10.90
N GLY B 35 1.55 8.51 -11.22
CA GLY B 35 1.90 7.33 -11.98
C GLY B 35 2.65 6.31 -11.13
N ARG B 36 2.56 5.04 -11.50
CA ARG B 36 3.21 3.94 -10.77
C ARG B 36 4.74 4.02 -10.68
N TYR B 37 5.41 4.89 -11.45
CA TYR B 37 6.87 5.03 -11.43
C TYR B 37 7.32 6.41 -10.96
N ASP B 38 6.37 7.33 -10.74
CA ASP B 38 6.61 8.69 -10.27
C ASP B 38 7.20 8.67 -8.85
N ASN B 39 7.86 9.76 -8.42
CA ASN B 39 8.47 9.85 -7.09
C ASN B 39 7.77 10.90 -6.24
N PHE B 40 7.41 10.57 -5.01
CA PHE B 40 6.75 11.47 -4.07
C PHE B 40 7.47 12.83 -3.98
N PHE B 41 8.81 12.81 -3.96
CA PHE B 41 9.65 14.01 -3.85
C PHE B 41 9.74 14.80 -5.16
N GLU B 42 9.57 14.14 -6.31
CA GLU B 42 9.63 14.86 -7.58
C GLU B 42 8.30 15.60 -7.82
N LEU B 43 7.19 15.09 -7.26
CA LEU B 43 5.88 15.70 -7.47
C LEU B 43 5.59 16.89 -6.59
N GLY B 44 6.03 16.87 -5.34
CA GLY B 44 5.75 17.96 -4.39
C GLY B 44 5.29 17.46 -3.02
N GLY B 45 5.33 16.15 -2.76
CA GLY B 45 4.96 15.58 -1.48
C GLY B 45 6.02 16.07 -0.49
N HIS B 46 5.60 16.72 0.60
CA HIS B 46 6.48 17.27 1.63
C HIS B 46 6.17 16.65 2.99
N SER B 47 7.04 16.86 3.97
CA SER B 47 6.98 16.34 5.34
C SER B 47 5.58 16.46 5.95
N LEU B 48 5.00 17.66 5.93
CA LEU B 48 3.67 17.93 6.47
C LEU B 48 2.54 17.18 5.76
N LEU B 49 2.73 16.79 4.49
CA LEU B 49 1.75 16.09 3.68
C LEU B 49 1.74 14.61 4.02
N VAL B 50 2.86 14.08 4.50
CA VAL B 50 2.98 12.68 4.86
C VAL B 50 2.11 12.41 6.11
N LEU B 51 2.00 13.41 7.01
CA LEU B 51 1.23 13.29 8.23
C LEU B 51 -0.24 13.09 7.88
N GLN B 52 -0.78 13.92 6.99
CA GLN B 52 -2.17 13.79 6.60
C GLN B 52 -2.38 12.51 5.77
N LEU B 53 -1.39 12.15 4.93
CA LEU B 53 -1.48 10.95 4.09
C LEU B 53 -1.63 9.73 4.99
N GLN B 54 -0.82 9.62 6.04
CA GLN B 54 -0.87 8.51 6.99
C GLN B 54 -2.27 8.34 7.53
N SER B 55 -2.88 9.45 7.89
CA SER B 55 -4.22 9.47 8.46
C SER B 55 -5.20 8.88 7.45
N ARG B 56 -4.99 9.10 6.15
CA ARG B 56 -5.86 8.56 5.13
C ARG B 56 -5.61 7.07 5.04
N ILE B 57 -4.36 6.62 4.91
CA ILE B 57 -4.05 5.18 4.81
C ILE B 57 -4.71 4.40 5.94
N ASN B 58 -4.69 4.98 7.15
CA ASN B 58 -5.27 4.34 8.32
C ASN B 58 -6.77 4.10 8.16
N GLU B 59 -7.56 5.10 7.76
CA GLU B 59 -9.00 4.91 7.60
C GLU B 59 -9.38 4.23 6.29
N ILE B 60 -8.66 4.50 5.20
CA ILE B 60 -8.88 3.98 3.87
C ILE B 60 -8.68 2.48 3.79
N PHE B 61 -7.58 1.98 4.36
CA PHE B 61 -7.26 0.57 4.34
C PHE B 61 -7.62 -0.13 5.65
N ASP B 62 -8.24 0.60 6.60
CA ASP B 62 -8.69 0.13 7.91
C ASP B 62 -7.54 -0.53 8.70
N VAL B 63 -6.34 0.06 8.68
CA VAL B 63 -5.13 -0.46 9.32
C VAL B 63 -4.32 0.62 10.05
N ASP B 64 -3.19 0.22 10.66
CA ASP B 64 -2.30 1.09 11.39
C ASP B 64 -0.96 1.17 10.65
N ILE B 65 -0.74 2.29 9.97
CA ILE B 65 0.48 2.58 9.21
C ILE B 65 1.01 3.91 9.70
N SER B 66 2.30 3.96 10.00
CA SER B 66 2.99 5.15 10.49
C SER B 66 3.54 5.98 9.33
N ILE B 67 4.08 7.17 9.62
CA ILE B 67 4.66 8.07 8.60
C ILE B 67 5.96 7.47 8.03
N GLN B 68 6.69 6.72 8.84
CA GLN B 68 7.96 6.10 8.49
C GLN B 68 7.84 5.24 7.24
N GLN B 69 6.73 4.52 7.16
CA GLN B 69 6.32 3.60 6.12
C GLN B 69 6.20 4.35 4.79
N LEU B 70 5.49 5.48 4.81
CA LEU B 70 5.26 6.32 3.65
C LEU B 70 6.57 6.84 3.11
N PHE B 71 7.47 7.28 4.00
CA PHE B 71 8.79 7.78 3.61
C PHE B 71 9.72 6.63 3.18
N ALA B 72 9.38 5.40 3.53
CA ALA B 72 10.14 4.21 3.19
C ALA B 72 9.74 3.68 1.81
N HIS B 73 8.59 4.10 1.29
CA HIS B 73 8.06 3.67 0.00
C HIS B 73 7.47 4.83 -0.82
N PRO B 74 8.29 5.72 -1.41
CA PRO B 74 7.85 6.88 -2.21
C PRO B 74 7.40 6.52 -3.65
N SER B 75 6.45 5.60 -3.79
CA SER B 75 5.85 5.16 -5.06
C SER B 75 4.56 4.42 -4.72
N ILE B 76 3.61 4.38 -5.64
CA ILE B 76 2.34 3.68 -5.43
C ILE B 76 2.66 2.19 -5.22
N CYS B 77 3.40 1.59 -6.16
CA CYS B 77 3.85 0.20 -6.19
C CYS B 77 4.76 -0.14 -5.02
N GLN B 78 5.48 0.84 -4.46
CA GLN B 78 6.34 0.57 -3.31
C GLN B 78 5.44 0.57 -2.07
N LEU B 79 4.53 1.55 -1.94
CA LEU B 79 3.59 1.71 -0.83
C LEU B 79 2.74 0.45 -0.70
N GLU B 80 2.43 -0.18 -1.83
CA GLU B 80 1.66 -1.40 -2.00
C GLU B 80 2.22 -2.51 -1.07
N GLU B 81 3.54 -2.62 -0.93
CA GLU B 81 4.21 -3.61 -0.08
C GLU B 81 3.75 -3.51 1.38
N CYS B 82 3.45 -2.29 1.83
CA CYS B 82 2.99 -1.97 3.16
C CYS B 82 1.55 -2.44 3.36
N ILE B 83 0.66 -2.14 2.41
CA ILE B 83 -0.75 -2.52 2.47
C ILE B 83 -0.85 -4.03 2.61
N ILE B 84 0.01 -4.81 1.94
CA ILE B 84 -0.02 -6.26 2.04
C ILE B 84 0.10 -6.69 3.50
N ASN B 85 1.17 -6.26 4.19
CA ASN B 85 1.30 -6.66 5.60
C ASN B 85 0.22 -6.04 6.46
N ALA B 86 -0.20 -4.82 6.16
CA ALA B 86 -1.23 -4.14 6.92
C ALA B 86 -2.54 -4.91 6.90
N GLN B 87 -2.95 -5.41 5.73
CA GLN B 87 -4.19 -6.16 5.59
C GLN B 87 -4.14 -7.41 6.45
N LEU B 88 -2.98 -8.05 6.53
CA LEU B 88 -2.81 -9.25 7.35
C LEU B 88 -2.80 -8.84 8.83
N LEU B 89 -2.24 -7.68 9.19
CA LEU B 89 -2.16 -7.18 10.57
C LEU B 89 -3.52 -6.90 11.20
N GLN B 90 -4.58 -6.74 10.41
CA GLN B 90 -5.93 -6.51 10.94
C GLN B 90 -6.71 -7.83 11.04
N PHE B 91 -6.21 -8.90 10.39
CA PHE B 91 -6.82 -10.21 10.41
C PHE B 91 -6.27 -10.98 11.63
N ASP B 92 -6.93 -12.10 11.92
CA ASP B 92 -6.61 -13.03 12.99
C ASP B 92 -5.34 -13.79 12.67
N ALA B 93 -4.32 -13.64 13.52
CA ALA B 93 -3.04 -14.30 13.32
C ALA B 93 -3.13 -15.81 13.54
N ASP B 94 -4.15 -16.26 14.29
CA ASP B 94 -4.37 -17.67 14.58
C ASP B 94 -4.75 -18.44 13.32
N SER B 95 -5.78 -17.98 12.59
CA SER B 95 -6.19 -18.65 11.36
C SER B 95 -5.25 -18.28 10.22
N LEU B 96 -4.65 -17.08 10.24
CA LEU B 96 -3.72 -16.68 9.19
C LEU B 96 -2.58 -17.70 9.08
N GLN B 97 -2.13 -18.27 10.21
CA GLN B 97 -1.06 -19.26 10.21
C GLN B 97 -1.49 -20.55 9.51
N ASP B 98 -2.79 -20.86 9.58
CA ASP B 98 -3.40 -22.04 9.00
C ASP B 98 -3.46 -21.93 7.48
N ILE B 99 -3.73 -20.72 6.97
CA ILE B 99 -3.81 -20.46 5.53
C ILE B 99 -2.38 -20.38 4.98
N TYR B 100 -1.49 -19.74 5.73
CA TYR B 100 -0.08 -19.55 5.41
C TYR B 100 0.59 -20.90 5.10
N LYS B 101 0.38 -21.90 5.95
CA LYS B 101 0.95 -23.23 5.77
C LYS B 101 0.23 -24.02 4.68
N SER B 102 -0.91 -23.52 4.23
CA SER B 102 -1.74 -24.10 3.20
C SER B 102 -1.50 -23.42 1.84
N MET B 103 -0.64 -22.40 1.74
CA MET B 103 -0.40 -21.74 0.44
C MET B 103 0.08 -22.75 -0.64
N GLU B 104 -0.14 -22.42 -1.91
CA GLU B 104 0.19 -23.22 -3.09
C GLU B 104 1.68 -23.43 -3.36
N MET A 1 2.89 -18.42 16.62
CA MET A 1 1.69 -17.78 16.08
C MET A 1 1.54 -16.42 16.73
N ASN A 2 1.70 -15.32 15.98
CA ASN A 2 1.55 -13.94 16.48
C ASN A 2 1.64 -12.95 15.30
N ASN A 3 1.20 -11.71 15.52
CA ASN A 3 1.15 -10.61 14.55
C ASN A 3 2.49 -10.30 13.85
N ASN A 4 3.62 -10.56 14.50
CA ASN A 4 4.95 -10.32 13.96
C ASN A 4 5.35 -11.40 12.94
N GLU A 5 4.80 -12.61 13.07
CA GLU A 5 5.09 -13.71 12.19
C GLU A 5 4.70 -13.38 10.74
N LEU A 6 3.52 -12.79 10.54
CA LEU A 6 3.03 -12.44 9.21
C LEU A 6 3.87 -11.37 8.52
N THR A 7 4.50 -10.47 9.26
CA THR A 7 5.32 -9.43 8.67
C THR A 7 6.71 -9.97 8.33
N SER A 8 7.15 -11.04 9.01
CA SER A 8 8.45 -11.67 8.83
C SER A 8 8.53 -12.50 7.54
N LEU A 9 7.42 -13.02 7.03
CA LEU A 9 7.42 -13.82 5.80
C LEU A 9 7.53 -12.89 4.58
N PRO A 10 8.08 -13.37 3.44
CA PRO A 10 8.28 -12.57 2.24
C PRO A 10 6.96 -12.15 1.61
N LEU A 11 7.00 -11.05 0.86
CA LEU A 11 5.86 -10.47 0.17
C LEU A 11 5.11 -11.47 -0.70
N ALA A 12 5.82 -12.35 -1.42
CA ALA A 12 5.21 -13.36 -2.28
C ALA A 12 4.22 -14.24 -1.51
N GLU A 13 4.62 -14.71 -0.33
CA GLU A 13 3.81 -15.54 0.55
C GLU A 13 2.76 -14.66 1.24
N ARG A 14 3.14 -13.45 1.63
CA ARG A 14 2.28 -12.48 2.31
C ARG A 14 1.03 -12.21 1.49
N LYS A 15 1.18 -11.83 0.21
CA LYS A 15 0.01 -11.55 -0.62
C LYS A 15 -0.76 -12.83 -0.91
N ARG A 16 -0.07 -13.98 -0.99
CA ARG A 16 -0.72 -15.24 -1.26
C ARG A 16 -1.67 -15.57 -0.13
N LEU A 17 -1.21 -15.56 1.12
CA LEU A 17 -2.03 -15.87 2.28
C LEU A 17 -3.11 -14.81 2.48
N LEU A 18 -2.80 -13.53 2.22
CA LEU A 18 -3.73 -12.42 2.38
C LEU A 18 -5.00 -12.67 1.59
N GLU A 19 -4.85 -13.09 0.34
CA GLU A 19 -6.00 -13.36 -0.51
C GLU A 19 -6.81 -14.53 0.04
N LEU A 20 -6.12 -15.60 0.47
CA LEU A 20 -6.82 -16.75 1.02
C LEU A 20 -7.63 -16.30 2.23
N ALA A 21 -7.04 -15.47 3.10
CA ALA A 21 -7.65 -14.96 4.32
C ALA A 21 -8.86 -14.08 4.04
N LYS A 22 -8.74 -13.04 3.20
CA LYS A 22 -9.88 -12.18 2.90
C LYS A 22 -10.97 -12.96 2.22
N ALA A 23 -10.62 -13.85 1.30
CA ALA A 23 -11.60 -14.61 0.60
C ALA A 23 -12.31 -15.58 1.53
N ALA A 24 -11.59 -16.17 2.49
CA ALA A 24 -12.12 -17.11 3.47
C ALA A 24 -12.86 -16.38 4.59
N LYS A 25 -12.73 -15.05 4.69
CA LYS A 25 -13.39 -14.24 5.73
C LYS A 25 -13.20 -14.78 7.16
N LEU A 26 -12.08 -15.45 7.43
CA LEU A 26 -11.76 -16.06 8.72
C LEU A 26 -11.86 -15.17 9.96
N SER A 27 -11.73 -13.84 9.83
CA SER A 27 -11.76 -12.82 10.90
C SER A 27 -11.23 -11.50 10.35
N ARG A 28 -12.06 -10.45 10.26
CA ARG A 28 -11.75 -9.11 9.77
C ARG A 28 -12.91 -8.17 10.15
N GLN A 29 -12.83 -6.91 9.73
CA GLN A 29 -13.80 -5.83 9.95
C GLN A 29 -14.19 -5.30 8.55
N HIS A 30 -14.98 -4.24 8.44
CA HIS A 30 -15.37 -3.66 7.16
C HIS A 30 -15.68 -2.15 7.20
N TYR A 31 -15.19 -1.43 8.21
CA TYR A 31 -15.42 0.01 8.35
C TYR A 31 -14.50 0.78 7.40
N ASP B 1 8.66 29.45 -11.78
CA ASP B 1 9.03 28.56 -12.89
C ASP B 1 7.75 27.91 -13.40
N HIS B 2 7.79 26.66 -13.86
CA HIS B 2 6.65 25.88 -14.35
C HIS B 2 6.97 24.41 -14.05
N SER B 3 6.00 23.51 -14.15
CA SER B 3 6.26 22.10 -13.86
C SER B 3 5.30 21.17 -14.58
N SER B 4 5.84 20.38 -15.52
CA SER B 4 5.15 19.39 -16.33
C SER B 4 6.25 18.41 -16.76
N VAL B 5 6.37 17.30 -16.04
CA VAL B 5 7.34 16.26 -16.35
C VAL B 5 7.04 15.68 -17.74
N ILE B 6 8.04 15.08 -18.40
CA ILE B 6 7.87 14.50 -19.72
C ILE B 6 8.42 13.07 -19.74
N THR B 7 7.62 12.13 -20.22
CA THR B 7 7.97 10.72 -20.35
C THR B 7 6.99 10.06 -21.30
N GLN B 8 7.49 9.47 -22.39
CA GLN B 8 6.58 8.82 -23.35
C GLN B 8 6.13 7.50 -22.74
N GLU B 9 7.09 6.83 -22.10
CA GLU B 9 6.96 5.53 -21.45
C GLU B 9 6.24 5.58 -20.09
N TYR B 10 5.29 6.50 -19.93
CA TYR B 10 4.48 6.65 -18.73
C TYR B 10 3.79 5.30 -18.46
N ALA B 11 3.65 4.93 -17.19
CA ALA B 11 3.01 3.68 -16.78
C ALA B 11 1.69 3.99 -16.11
N ALA B 12 0.65 3.23 -16.45
CA ALA B 12 -0.67 3.41 -15.89
C ALA B 12 -0.74 2.74 -14.51
N PRO B 13 -1.64 3.18 -13.63
CA PRO B 13 -1.80 2.57 -12.33
C PRO B 13 -2.38 1.18 -12.56
N GLN B 14 -2.00 0.31 -11.66
CA GLN B 14 -2.39 -1.07 -11.57
C GLN B 14 -3.79 -1.05 -10.97
N GLY B 15 -4.38 -2.21 -10.85
CA GLY B 15 -5.74 -2.36 -10.31
C GLY B 15 -6.02 -1.64 -8.98
N GLU B 16 -7.17 -1.91 -8.39
CA GLU B 16 -7.68 -1.26 -7.19
C GLU B 16 -6.73 -1.09 -5.99
N ILE B 17 -5.72 -1.93 -5.79
CA ILE B 17 -4.81 -1.74 -4.67
C ILE B 17 -3.89 -0.56 -4.99
N GLU B 18 -3.27 -0.56 -6.17
CA GLU B 18 -2.36 0.45 -6.63
C GLU B 18 -3.03 1.76 -7.02
N GLU B 19 -4.06 1.72 -7.88
CA GLU B 19 -4.76 2.94 -8.30
C GLU B 19 -5.36 3.72 -7.12
N GLN B 20 -5.73 3.02 -6.04
CA GLN B 20 -6.31 3.62 -4.85
C GLN B 20 -5.40 4.70 -4.31
N LEU B 21 -4.12 4.42 -4.09
CA LEU B 21 -3.23 5.47 -3.59
C LEU B 21 -2.87 6.46 -4.69
N ALA B 22 -2.78 6.00 -5.94
CA ALA B 22 -2.42 6.85 -7.08
C ALA B 22 -3.44 7.97 -7.26
N ASP B 23 -4.71 7.75 -6.95
CA ASP B 23 -5.74 8.78 -7.12
C ASP B 23 -5.57 9.90 -6.09
N ILE B 24 -5.21 9.53 -4.87
CA ILE B 24 -5.02 10.51 -3.82
C ILE B 24 -3.71 11.26 -4.04
N TRP B 25 -2.69 10.60 -4.57
CA TRP B 25 -1.41 11.24 -4.79
C TRP B 25 -1.52 12.53 -5.61
N GLN B 26 -2.08 12.50 -6.82
CA GLN B 26 -2.16 13.76 -7.58
C GLN B 26 -2.99 14.82 -6.87
N THR B 27 -3.96 14.43 -6.07
CA THR B 27 -4.80 15.38 -5.35
C THR B 27 -3.95 16.22 -4.37
N ILE B 28 -2.97 15.58 -3.74
CA ILE B 28 -2.07 16.14 -2.73
C ILE B 28 -1.04 17.06 -3.36
N LEU B 29 -0.39 16.62 -4.44
CA LEU B 29 0.64 17.40 -5.14
C LEU B 29 0.03 18.30 -6.22
N LYS B 30 -1.29 18.22 -6.44
CA LYS B 30 -2.01 18.97 -7.47
C LYS B 30 -1.35 18.66 -8.82
N ILE B 31 -0.99 17.39 -9.04
CA ILE B 31 -0.35 16.96 -10.28
C ILE B 31 -1.42 16.43 -11.25
N ASP B 32 -0.98 16.08 -12.44
CA ASP B 32 -1.78 15.54 -13.52
C ASP B 32 -2.05 14.05 -13.27
N ARG B 33 -1.05 13.20 -13.52
CA ARG B 33 -1.11 11.74 -13.35
C ARG B 33 0.02 11.22 -12.46
N ILE B 34 -0.06 9.97 -12.01
CA ILE B 34 0.94 9.33 -11.16
C ILE B 34 1.35 8.03 -11.81
N GLY B 35 2.53 8.02 -12.39
CA GLY B 35 3.05 6.82 -13.01
C GLY B 35 3.52 5.91 -11.88
N ARG B 36 3.39 4.59 -12.06
CA ARG B 36 3.76 3.62 -11.03
C ARG B 36 5.20 3.69 -10.49
N TYR B 37 6.14 4.20 -11.29
CA TYR B 37 7.56 4.33 -10.95
C TYR B 37 7.94 5.80 -10.71
N ASP B 38 6.98 6.72 -10.79
CA ASP B 38 7.22 8.14 -10.59
C ASP B 38 7.64 8.31 -9.13
N ASN B 39 8.69 9.08 -8.90
CA ASN B 39 9.23 9.32 -7.57
C ASN B 39 8.44 10.44 -6.94
N PHE B 40 8.00 10.23 -5.71
CA PHE B 40 7.23 11.19 -4.93
C PHE B 40 7.88 12.58 -4.97
N PHE B 41 9.19 12.65 -4.76
CA PHE B 41 9.95 13.90 -4.75
C PHE B 41 10.20 14.48 -6.14
N GLU B 42 10.27 13.66 -7.20
CA GLU B 42 10.47 14.20 -8.54
C GLU B 42 9.18 14.88 -8.99
N LEU B 43 8.03 14.38 -8.50
CA LEU B 43 6.74 14.95 -8.84
C LEU B 43 6.53 16.27 -8.07
N GLY B 44 6.99 16.37 -6.82
CA GLY B 44 6.86 17.58 -6.00
C GLY B 44 6.35 17.30 -4.58
N GLY B 45 6.30 16.03 -4.15
CA GLY B 45 5.86 15.67 -2.82
C GLY B 45 6.93 16.09 -1.82
N HIS B 46 6.53 16.69 -0.70
CA HIS B 46 7.40 17.14 0.38
C HIS B 46 6.91 16.56 1.72
N SER B 47 7.72 16.63 2.78
CA SER B 47 7.40 16.09 4.10
C SER B 47 6.00 16.43 4.61
N LEU B 48 5.56 17.69 4.54
CA LEU B 48 4.22 18.06 4.99
C LEU B 48 3.11 17.33 4.25
N LEU B 49 3.36 16.89 3.01
CA LEU B 49 2.40 16.18 2.20
C LEU B 49 2.36 14.72 2.61
N VAL B 50 3.48 14.20 3.13
CA VAL B 50 3.57 12.83 3.58
C VAL B 50 2.67 12.66 4.82
N LEU B 51 2.55 13.69 5.66
CA LEU B 51 1.71 13.64 6.85
C LEU B 51 0.26 13.48 6.40
N GLN B 52 -0.20 14.29 5.44
CA GLN B 52 -1.57 14.18 4.97
C GLN B 52 -1.78 12.87 4.21
N LEU B 53 -0.75 12.40 3.49
CA LEU B 53 -0.84 11.15 2.75
C LEU B 53 -1.02 10.00 3.74
N GLN B 54 -0.16 9.91 4.76
CA GLN B 54 -0.19 8.89 5.81
C GLN B 54 -1.58 8.80 6.40
N SER B 55 -2.15 9.96 6.72
CA SER B 55 -3.48 10.04 7.29
C SER B 55 -4.49 9.34 6.38
N ARG B 56 -4.38 9.51 5.05
CA ARG B 56 -5.31 8.85 4.14
C ARG B 56 -5.02 7.36 4.13
N ILE B 57 -3.78 6.91 4.01
CA ILE B 57 -3.50 5.48 3.98
C ILE B 57 -4.09 4.78 5.22
N ASN B 58 -4.02 5.44 6.37
CA ASN B 58 -4.54 4.89 7.62
C ASN B 58 -6.04 4.63 7.52
N GLU B 59 -6.85 5.62 7.11
CA GLU B 59 -8.30 5.46 7.00
C GLU B 59 -8.80 4.75 5.74
N ILE B 60 -8.15 4.96 4.60
CA ILE B 60 -8.50 4.36 3.31
C ILE B 60 -8.33 2.85 3.38
N PHE B 61 -7.22 2.36 3.92
CA PHE B 61 -6.96 0.93 4.03
C PHE B 61 -7.31 0.36 5.41
N ASP B 62 -7.72 1.20 6.37
CA ASP B 62 -8.09 0.86 7.75
C ASP B 62 -6.93 0.16 8.49
N VAL B 63 -5.74 0.75 8.44
CA VAL B 63 -4.50 0.25 9.04
C VAL B 63 -3.68 1.38 9.70
N ASP B 64 -2.53 1.07 10.31
CA ASP B 64 -1.64 2.05 10.95
C ASP B 64 -0.33 2.09 10.17
N ILE B 65 -0.16 3.14 9.38
CA ILE B 65 1.03 3.39 8.58
C ILE B 65 1.69 4.67 9.08
N SER B 66 3.02 4.71 9.10
CA SER B 66 3.82 5.87 9.52
C SER B 66 4.36 6.58 8.27
N ILE B 67 4.78 7.85 8.42
CA ILE B 67 5.36 8.68 7.36
C ILE B 67 6.58 7.97 6.77
N GLN B 68 7.31 7.23 7.60
CA GLN B 68 8.51 6.50 7.25
C GLN B 68 8.25 5.46 6.17
N GLN B 69 7.15 4.72 6.22
CA GLN B 69 6.81 3.70 5.23
C GLN B 69 6.67 4.34 3.85
N LEU B 70 6.00 5.49 3.80
CA LEU B 70 5.77 6.22 2.57
C LEU B 70 7.12 6.73 2.04
N PHE B 71 7.93 7.33 2.91
CA PHE B 71 9.24 7.86 2.58
C PHE B 71 10.21 6.76 2.12
N ALA B 72 10.05 5.54 2.64
CA ALA B 72 10.86 4.38 2.34
C ALA B 72 10.57 3.83 0.94
N HIS B 73 9.34 4.00 0.45
CA HIS B 73 8.92 3.50 -0.87
C HIS B 73 8.21 4.63 -1.63
N PRO B 74 8.96 5.59 -2.20
CA PRO B 74 8.45 6.74 -2.94
C PRO B 74 7.79 6.47 -4.31
N SER B 75 7.27 5.27 -4.59
CA SER B 75 6.60 4.92 -5.85
C SER B 75 5.43 3.96 -5.58
N ILE B 76 4.37 4.01 -6.41
CA ILE B 76 3.16 3.18 -6.24
C ILE B 76 3.43 1.69 -6.02
N CYS B 77 4.19 1.04 -6.92
CA CYS B 77 4.43 -0.40 -6.77
C CYS B 77 5.29 -0.79 -5.57
N GLN B 78 6.11 0.11 -5.03
CA GLN B 78 6.89 -0.27 -3.86
C GLN B 78 6.04 -0.15 -2.58
N LEU B 79 5.06 0.75 -2.60
CA LEU B 79 4.15 1.06 -1.50
C LEU B 79 3.21 -0.11 -1.20
N GLU B 80 2.65 -0.76 -2.23
CA GLU B 80 1.73 -1.89 -2.05
C GLU B 80 2.28 -2.98 -1.12
N GLU B 81 3.60 -3.22 -1.12
CA GLU B 81 4.24 -4.24 -0.28
C GLU B 81 3.89 -4.06 1.20
N CYS B 82 3.80 -2.79 1.61
CA CYS B 82 3.47 -2.42 2.97
C CYS B 82 2.02 -2.73 3.23
N ILE B 83 1.12 -2.32 2.33
CA ILE B 83 -0.32 -2.54 2.45
C ILE B 83 -0.59 -4.02 2.64
N ILE B 84 0.08 -4.91 1.89
CA ILE B 84 -0.12 -6.35 2.01
C ILE B 84 0.04 -6.75 3.49
N ASN B 85 1.18 -6.41 4.11
CA ASN B 85 1.40 -6.76 5.52
C ASN B 85 0.45 -6.03 6.46
N ALA B 86 0.21 -4.73 6.23
CA ALA B 86 -0.66 -3.93 7.07
C ALA B 86 -2.09 -4.47 7.09
N GLN B 87 -2.57 -4.98 5.97
CA GLN B 87 -3.92 -5.50 5.82
C GLN B 87 -4.09 -6.80 6.60
N LEU B 88 -3.10 -7.68 6.59
CA LEU B 88 -3.07 -8.97 7.27
C LEU B 88 -3.14 -8.75 8.77
N LEU B 89 -2.58 -7.65 9.26
CA LEU B 89 -2.59 -7.31 10.69
C LEU B 89 -4.01 -7.09 11.18
N GLN B 90 -4.95 -6.68 10.30
CA GLN B 90 -6.34 -6.49 10.72
C GLN B 90 -7.00 -7.85 10.98
N PHE B 91 -6.48 -8.92 10.35
CA PHE B 91 -7.05 -10.26 10.55
C PHE B 91 -6.48 -10.86 11.84
N ASP B 92 -7.10 -11.91 12.36
CA ASP B 92 -6.60 -12.56 13.58
C ASP B 92 -5.39 -13.41 13.22
N ALA B 93 -4.26 -13.13 13.88
CA ALA B 93 -3.00 -13.85 13.68
C ALA B 93 -3.13 -15.35 14.00
N ASP B 94 -4.10 -15.69 14.84
CA ASP B 94 -4.43 -17.04 15.31
C ASP B 94 -4.91 -17.92 14.17
N SER B 95 -5.90 -17.43 13.45
CA SER B 95 -6.49 -18.12 12.31
C SER B 95 -5.59 -17.98 11.08
N LEU B 96 -4.87 -16.87 10.97
CA LEU B 96 -3.97 -16.56 9.87
C LEU B 96 -2.91 -17.64 9.72
N GLN B 97 -2.37 -18.13 10.83
CA GLN B 97 -1.33 -19.13 10.80
C GLN B 97 -1.85 -20.44 10.20
N ASP B 98 -3.15 -20.72 10.37
CA ASP B 98 -3.80 -21.92 9.88
C ASP B 98 -3.96 -21.91 8.36
N ILE B 99 -4.21 -20.72 7.79
CA ILE B 99 -4.37 -20.50 6.36
C ILE B 99 -3.00 -20.51 5.72
N TYR B 100 -2.05 -19.83 6.35
CA TYR B 100 -0.67 -19.68 5.92
C TYR B 100 -0.02 -21.05 5.66
N LYS B 101 -0.16 -21.98 6.61
CA LYS B 101 0.41 -23.33 6.50
C LYS B 101 -0.31 -24.15 5.44
N SER B 102 -1.52 -23.75 5.06
CA SER B 102 -2.38 -24.39 4.09
C SER B 102 -2.35 -23.67 2.74
N MET B 103 -1.44 -22.69 2.54
CA MET B 103 -1.34 -21.96 1.28
C MET B 103 -1.21 -22.89 0.05
N GLU B 104 -1.62 -22.34 -1.10
CA GLU B 104 -1.65 -22.93 -2.44
C GLU B 104 -0.40 -23.73 -2.76
N MET A 1 1.99 -17.70 15.89
CA MET A 1 0.91 -17.06 15.10
C MET A 1 0.50 -15.76 15.76
N ASN A 2 1.26 -14.71 15.47
CA ASN A 2 1.07 -13.36 15.98
C ASN A 2 1.27 -12.36 14.84
N ASN A 3 0.86 -11.12 15.04
CA ASN A 3 0.96 -10.05 14.05
C ASN A 3 2.37 -9.81 13.50
N ASN A 4 3.44 -10.15 14.22
CA ASN A 4 4.82 -9.99 13.75
C ASN A 4 5.20 -11.12 12.79
N GLU A 5 4.63 -12.32 12.92
CA GLU A 5 4.98 -13.43 12.04
C GLU A 5 4.56 -13.15 10.60
N LEU A 6 3.37 -12.59 10.39
CA LEU A 6 2.88 -12.28 9.05
C LEU A 6 3.81 -11.27 8.36
N THR A 7 4.47 -10.39 9.12
CA THR A 7 5.39 -9.42 8.55
C THR A 7 6.78 -10.07 8.34
N SER A 8 7.06 -11.21 8.97
CA SER A 8 8.33 -11.91 8.85
C SER A 8 8.40 -12.77 7.59
N LEU A 9 7.27 -13.25 7.07
CA LEU A 9 7.20 -14.07 5.85
C LEU A 9 7.35 -13.14 4.62
N PRO A 10 7.84 -13.65 3.47
CA PRO A 10 8.07 -12.86 2.27
C PRO A 10 6.76 -12.42 1.60
N LEU A 11 6.81 -11.33 0.83
CA LEU A 11 5.69 -10.73 0.12
C LEU A 11 4.88 -11.72 -0.70
N ALA A 12 5.56 -12.62 -1.38
CA ALA A 12 4.94 -13.65 -2.20
C ALA A 12 3.91 -14.46 -1.42
N GLU A 13 4.29 -14.91 -0.22
CA GLU A 13 3.46 -15.69 0.68
C GLU A 13 2.45 -14.77 1.37
N ARG A 14 2.89 -13.55 1.70
CA ARG A 14 2.10 -12.52 2.35
C ARG A 14 0.84 -12.23 1.54
N LYS A 15 0.99 -11.90 0.25
CA LYS A 15 -0.15 -11.62 -0.61
C LYS A 15 -0.94 -12.89 -0.88
N ARG A 16 -0.28 -14.03 -0.96
CA ARG A 16 -0.96 -15.30 -1.23
C ARG A 16 -1.95 -15.59 -0.13
N LEU A 17 -1.50 -15.57 1.13
CA LEU A 17 -2.40 -15.86 2.23
C LEU A 17 -3.47 -14.76 2.35
N LEU A 18 -3.12 -13.50 2.09
CA LEU A 18 -4.04 -12.36 2.16
C LEU A 18 -5.23 -12.55 1.23
N GLU A 19 -4.95 -12.96 -0.01
CA GLU A 19 -5.94 -13.18 -1.05
C GLU A 19 -6.98 -14.21 -0.60
N LEU A 20 -6.50 -15.30 0.00
CA LEU A 20 -7.35 -16.39 0.49
C LEU A 20 -8.09 -15.98 1.75
N ALA A 21 -7.41 -15.29 2.67
CA ALA A 21 -7.97 -14.85 3.93
C ALA A 21 -9.09 -13.87 3.73
N LYS A 22 -8.86 -12.85 2.89
CA LYS A 22 -9.86 -11.84 2.58
C LYS A 22 -11.10 -12.51 2.02
N ALA A 23 -10.91 -13.44 1.08
CA ALA A 23 -11.99 -14.17 0.44
C ALA A 23 -12.72 -15.11 1.41
N ALA A 24 -11.99 -15.72 2.34
CA ALA A 24 -12.54 -16.63 3.34
C ALA A 24 -13.35 -15.89 4.40
N LYS A 25 -13.11 -14.59 4.57
CA LYS A 25 -13.78 -13.73 5.56
C LYS A 25 -13.64 -14.28 6.98
N LEU A 26 -12.56 -15.04 7.26
CA LEU A 26 -12.27 -15.66 8.56
C LEU A 26 -12.20 -14.66 9.73
N SER A 27 -11.92 -13.39 9.44
CA SER A 27 -11.82 -12.27 10.36
C SER A 27 -12.18 -11.03 9.55
N ARG A 28 -12.20 -9.88 10.23
CA ARG A 28 -12.50 -8.51 9.83
C ARG A 28 -14.01 -8.35 9.97
N GLN A 29 -14.55 -7.12 10.10
CA GLN A 29 -15.99 -6.88 10.23
C GLN A 29 -16.70 -6.98 8.87
N HIS A 30 -16.50 -8.07 8.14
CA HIS A 30 -17.02 -8.43 6.81
C HIS A 30 -16.69 -7.45 5.68
N TYR A 31 -15.89 -6.43 6.00
CA TYR A 31 -15.41 -5.39 5.10
C TYR A 31 -14.43 -6.02 4.10
N ASP B 1 -5.76 21.45 -17.34
CA ASP B 1 -5.57 22.56 -18.28
C ASP B 1 -5.54 22.04 -19.70
N HIS B 2 -4.55 21.20 -20.06
CA HIS B 2 -4.44 20.63 -21.40
C HIS B 2 -4.22 19.12 -21.27
N SER B 3 -3.10 18.73 -20.70
CA SER B 3 -2.70 17.35 -20.48
C SER B 3 -1.58 17.34 -19.44
N SER B 4 -1.19 16.16 -18.97
CA SER B 4 -0.13 15.98 -17.99
C SER B 4 1.25 16.39 -18.53
N VAL B 5 2.25 16.32 -17.66
CA VAL B 5 3.65 16.64 -17.91
C VAL B 5 4.17 15.83 -19.12
N ILE B 6 5.21 16.33 -19.79
CA ILE B 6 5.80 15.67 -20.95
C ILE B 6 6.43 14.35 -20.50
N THR B 7 6.29 13.31 -21.32
CA THR B 7 6.82 11.99 -21.02
C THR B 7 7.04 11.17 -22.27
N GLN B 8 7.93 10.19 -22.11
CA GLN B 8 8.33 9.24 -23.13
C GLN B 8 8.03 7.83 -22.63
N GLU B 9 8.26 7.63 -21.33
CA GLU B 9 8.09 6.33 -20.69
C GLU B 9 7.41 6.25 -19.31
N TYR B 10 6.41 7.08 -19.04
CA TYR B 10 5.65 7.08 -17.79
C TYR B 10 4.90 5.75 -17.69
N ALA B 11 4.80 5.22 -16.46
CA ALA B 11 4.12 3.98 -16.17
C ALA B 11 2.77 4.30 -15.54
N ALA B 12 1.70 3.98 -16.27
CA ALA B 12 0.32 4.22 -15.86
C ALA B 12 -0.03 3.42 -14.59
N PRO B 13 -1.00 3.87 -13.80
CA PRO B 13 -1.38 3.18 -12.59
C PRO B 13 -1.94 1.78 -12.84
N GLN B 14 -1.60 0.95 -11.88
CA GLN B 14 -1.90 -0.45 -11.63
C GLN B 14 -3.33 -0.53 -11.10
N GLY B 15 -3.79 -1.75 -10.84
CA GLY B 15 -5.13 -1.97 -10.34
C GLY B 15 -5.49 -1.05 -9.16
N GLU B 16 -6.73 -1.19 -8.69
CA GLU B 16 -7.34 -0.41 -7.62
C GLU B 16 -6.51 -0.22 -6.37
N ILE B 17 -5.59 -1.11 -6.01
CA ILE B 17 -4.76 -0.93 -4.81
C ILE B 17 -3.74 0.19 -5.05
N GLU B 18 -2.97 0.15 -6.15
CA GLU B 18 -1.96 1.17 -6.43
C GLU B 18 -2.55 2.51 -6.84
N GLU B 19 -3.48 2.50 -7.79
CA GLU B 19 -4.12 3.71 -8.28
C GLU B 19 -4.76 4.53 -7.16
N GLN B 20 -5.23 3.86 -6.11
CA GLN B 20 -5.88 4.48 -4.96
C GLN B 20 -4.95 5.51 -4.31
N LEU B 21 -3.73 5.14 -3.96
CA LEU B 21 -2.81 6.12 -3.36
C LEU B 21 -2.30 7.10 -4.41
N ALA B 22 -2.14 6.65 -5.66
CA ALA B 22 -1.64 7.49 -6.73
C ALA B 22 -2.55 8.69 -6.93
N ASP B 23 -3.86 8.58 -6.74
CA ASP B 23 -4.83 9.66 -6.93
C ASP B 23 -4.62 10.74 -5.88
N ILE B 24 -4.38 10.32 -4.64
CA ILE B 24 -4.18 11.24 -3.54
C ILE B 24 -2.84 11.96 -3.71
N TRP B 25 -1.80 11.24 -4.16
CA TRP B 25 -0.47 11.82 -4.31
C TRP B 25 -0.44 13.12 -5.10
N GLN B 26 -0.92 13.18 -6.36
CA GLN B 26 -0.85 14.46 -7.07
C GLN B 26 -1.61 15.57 -6.39
N THR B 27 -2.67 15.25 -5.65
CA THR B 27 -3.46 16.25 -4.95
C THR B 27 -2.64 16.86 -3.79
N ILE B 28 -1.80 16.05 -3.15
CA ILE B 28 -0.96 16.44 -2.02
C ILE B 28 0.17 17.35 -2.50
N LEU B 29 0.93 16.92 -3.51
CA LEU B 29 2.07 17.64 -4.09
C LEU B 29 1.66 18.58 -5.22
N LYS B 30 0.36 18.70 -5.50
CA LYS B 30 -0.20 19.55 -6.56
C LYS B 30 0.50 19.28 -7.89
N ILE B 31 0.76 18.00 -8.18
CA ILE B 31 1.43 17.55 -9.39
C ILE B 31 0.41 17.18 -10.47
N ASP B 32 0.89 16.82 -11.65
CA ASP B 32 0.03 16.42 -12.75
C ASP B 32 -0.35 14.94 -12.61
N ARG B 33 0.62 14.03 -12.67
CA ARG B 33 0.43 12.58 -12.56
C ARG B 33 1.51 11.91 -11.72
N ILE B 34 1.34 10.62 -11.38
CA ILE B 34 2.26 9.82 -10.59
C ILE B 34 2.55 8.53 -11.34
N GLY B 35 3.82 8.16 -11.44
CA GLY B 35 4.32 6.97 -12.10
C GLY B 35 4.56 5.86 -11.07
N ARG B 36 4.54 4.61 -11.51
CA ARG B 36 4.75 3.47 -10.63
C ARG B 36 6.09 3.52 -9.90
N TYR B 37 7.15 3.97 -10.57
CA TYR B 37 8.53 4.06 -10.09
C TYR B 37 9.04 5.50 -9.94
N ASP B 38 8.13 6.48 -9.86
CA ASP B 38 8.51 7.87 -9.67
C ASP B 38 9.00 8.03 -8.22
N ASN B 39 9.79 9.07 -7.93
CA ASN B 39 10.28 9.29 -6.57
C ASN B 39 9.56 10.46 -5.95
N PHE B 40 8.94 10.26 -4.80
CA PHE B 40 8.20 11.32 -4.12
C PHE B 40 8.98 12.63 -3.98
N PHE B 41 10.28 12.58 -3.73
CA PHE B 41 11.06 13.81 -3.55
C PHE B 41 11.34 14.51 -4.87
N GLU B 42 11.44 13.76 -5.97
CA GLU B 42 11.72 14.33 -7.28
C GLU B 42 10.48 15.08 -7.78
N LEU B 43 9.30 14.62 -7.36
CA LEU B 43 8.03 15.23 -7.75
C LEU B 43 7.76 16.50 -6.94
N GLY B 44 8.13 16.54 -5.66
CA GLY B 44 7.90 17.69 -4.78
C GLY B 44 7.36 17.30 -3.40
N GLY B 45 7.30 16.02 -3.06
CA GLY B 45 6.83 15.54 -1.77
C GLY B 45 7.85 15.94 -0.69
N HIS B 46 7.42 16.73 0.29
CA HIS B 46 8.23 17.21 1.41
C HIS B 46 7.78 16.50 2.67
N SER B 47 8.54 16.61 3.76
CA SER B 47 8.27 15.97 5.04
C SER B 47 6.84 16.17 5.55
N LEU B 48 6.35 17.41 5.55
CA LEU B 48 5.00 17.73 6.01
C LEU B 48 3.91 17.03 5.18
N LEU B 49 4.20 16.69 3.92
CA LEU B 49 3.24 16.03 3.05
C LEU B 49 3.14 14.56 3.44
N VAL B 50 4.24 13.99 3.90
CA VAL B 50 4.29 12.60 4.35
C VAL B 50 3.39 12.44 5.59
N LEU B 51 3.28 13.47 6.44
CA LEU B 51 2.45 13.42 7.65
C LEU B 51 0.99 13.27 7.24
N GLN B 52 0.52 14.10 6.32
CA GLN B 52 -0.86 14.02 5.87
C GLN B 52 -1.09 12.73 5.10
N LEU B 53 -0.09 12.30 4.31
CA LEU B 53 -0.19 11.08 3.52
C LEU B 53 -0.46 9.91 4.46
N GLN B 54 0.31 9.77 5.56
CA GLN B 54 0.15 8.71 6.55
C GLN B 54 -1.30 8.70 7.03
N SER B 55 -1.81 9.88 7.35
CA SER B 55 -3.19 10.02 7.81
C SER B 55 -4.17 9.51 6.74
N ARG B 56 -3.92 9.73 5.45
CA ARG B 56 -4.82 9.23 4.42
C ARG B 56 -4.76 7.72 4.39
N ILE B 57 -3.57 7.11 4.35
CA ILE B 57 -3.41 5.67 4.33
C ILE B 57 -4.18 5.02 5.48
N ASN B 58 -4.18 5.67 6.65
CA ASN B 58 -4.88 5.15 7.83
C ASN B 58 -6.35 4.92 7.55
N GLU B 59 -7.07 5.92 7.05
CA GLU B 59 -8.50 5.77 6.78
C GLU B 59 -8.80 5.07 5.46
N ILE B 60 -8.08 5.41 4.39
CA ILE B 60 -8.30 4.86 3.05
C ILE B 60 -8.23 3.35 3.05
N PHE B 61 -7.19 2.78 3.67
CA PHE B 61 -7.02 1.33 3.71
C PHE B 61 -7.46 0.76 5.06
N ASP B 62 -7.84 1.62 6.01
CA ASP B 62 -8.27 1.26 7.36
C ASP B 62 -7.15 0.46 8.05
N VAL B 63 -5.89 0.91 7.96
CA VAL B 63 -4.68 0.26 8.51
C VAL B 63 -3.75 1.21 9.30
N ASP B 64 -2.63 0.70 9.82
CA ASP B 64 -1.62 1.48 10.58
C ASP B 64 -0.25 1.40 9.89
N ILE B 65 0.09 2.47 9.19
CA ILE B 65 1.31 2.72 8.45
C ILE B 65 1.88 4.02 9.02
N SER B 66 3.20 4.08 9.17
CA SER B 66 3.91 5.24 9.70
C SER B 66 4.61 6.04 8.58
N ILE B 67 4.95 7.29 8.89
CA ILE B 67 5.63 8.24 7.97
C ILE B 67 6.90 7.62 7.39
N GLN B 68 7.63 6.87 8.21
CA GLN B 68 8.88 6.23 7.82
C GLN B 68 8.66 5.21 6.71
N GLN B 69 7.58 4.42 6.74
CA GLN B 69 7.29 3.43 5.73
C GLN B 69 7.07 4.11 4.37
N LEU B 70 6.35 5.24 4.38
CA LEU B 70 6.05 6.00 3.18
C LEU B 70 7.34 6.48 2.52
N PHE B 71 8.31 6.93 3.32
CA PHE B 71 9.60 7.41 2.84
C PHE B 71 10.49 6.22 2.42
N ALA B 72 10.31 5.05 3.04
CA ALA B 72 11.08 3.86 2.75
C ALA B 72 10.72 3.33 1.36
N HIS B 73 9.47 3.54 0.92
CA HIS B 73 8.95 3.14 -0.37
C HIS B 73 8.41 4.41 -1.04
N PRO B 74 9.30 5.27 -1.57
CA PRO B 74 8.99 6.55 -2.21
C PRO B 74 8.37 6.43 -3.61
N SER B 75 7.73 5.31 -3.94
CA SER B 75 7.10 5.04 -5.24
C SER B 75 5.81 4.26 -4.99
N ILE B 76 4.86 4.27 -5.93
CA ILE B 76 3.59 3.59 -5.77
C ILE B 76 3.72 2.06 -5.69
N CYS B 77 4.39 1.43 -6.65
CA CYS B 77 4.54 -0.02 -6.70
C CYS B 77 5.15 -0.64 -5.44
N GLN B 78 6.07 0.07 -4.77
CA GLN B 78 6.70 -0.44 -3.56
C GLN B 78 5.80 -0.25 -2.34
N LEU B 79 4.97 0.79 -2.34
CA LEU B 79 4.07 1.08 -1.24
C LEU B 79 3.00 0.01 -1.08
N GLU B 80 2.43 -0.51 -2.17
CA GLU B 80 1.40 -1.55 -2.07
C GLU B 80 1.88 -2.75 -1.25
N GLU B 81 3.18 -3.09 -1.33
CA GLU B 81 3.78 -4.20 -0.59
C GLU B 81 3.55 -4.02 0.92
N CYS B 82 3.50 -2.77 1.38
CA CYS B 82 3.25 -2.43 2.77
C CYS B 82 1.79 -2.71 3.08
N ILE B 83 0.87 -2.28 2.21
CA ILE B 83 -0.58 -2.48 2.37
C ILE B 83 -0.87 -3.98 2.53
N ILE B 84 -0.19 -4.83 1.76
CA ILE B 84 -0.35 -6.29 1.81
C ILE B 84 -0.19 -6.74 3.28
N ASN B 85 0.95 -6.40 3.90
CA ASN B 85 1.19 -6.77 5.29
C ASN B 85 0.21 -6.07 6.24
N ALA B 86 -0.05 -4.78 6.01
CA ALA B 86 -0.93 -3.99 6.84
C ALA B 86 -2.35 -4.55 6.92
N GLN B 87 -2.89 -5.06 5.82
CA GLN B 87 -4.24 -5.62 5.77
C GLN B 87 -4.32 -6.86 6.64
N LEU B 88 -3.27 -7.69 6.62
CA LEU B 88 -3.20 -8.89 7.41
C LEU B 88 -3.10 -8.49 8.88
N LEU B 89 -2.50 -7.33 9.22
CA LEU B 89 -2.38 -6.88 10.61
C LEU B 89 -3.74 -6.68 11.27
N GLN B 90 -4.82 -6.33 10.53
CA GLN B 90 -6.13 -6.17 11.18
C GLN B 90 -6.87 -7.51 11.28
N PHE B 91 -6.39 -8.55 10.60
CA PHE B 91 -7.03 -9.85 10.66
C PHE B 91 -6.51 -10.58 11.91
N ASP B 92 -7.25 -11.59 12.37
CA ASP B 92 -6.87 -12.36 13.55
C ASP B 92 -5.64 -13.15 13.11
N ALA B 93 -4.48 -12.94 13.75
CA ALA B 93 -3.25 -13.64 13.38
C ALA B 93 -3.31 -15.14 13.68
N ASP B 94 -4.16 -15.54 14.62
CA ASP B 94 -4.32 -16.92 15.05
C ASP B 94 -4.97 -17.77 13.95
N SER B 95 -6.07 -17.31 13.36
CA SER B 95 -6.75 -18.01 12.26
C SER B 95 -5.97 -17.77 10.95
N LEU B 96 -5.28 -16.63 10.80
CA LEU B 96 -4.50 -16.29 9.62
C LEU B 96 -3.47 -17.37 9.33
N GLN B 97 -2.83 -17.91 10.37
CA GLN B 97 -1.82 -18.94 10.23
C GLN B 97 -2.41 -20.22 9.64
N ASP B 98 -3.69 -20.47 9.91
CA ASP B 98 -4.41 -21.65 9.47
C ASP B 98 -4.67 -21.59 7.96
N ILE B 99 -4.92 -20.40 7.42
CA ILE B 99 -5.15 -20.21 5.99
C ILE B 99 -3.79 -20.27 5.34
N TYR B 100 -2.80 -19.64 5.96
CA TYR B 100 -1.43 -19.60 5.47
C TYR B 100 -0.87 -21.01 5.26
N LYS B 101 -0.97 -21.91 6.25
CA LYS B 101 -0.47 -23.29 6.12
C LYS B 101 -1.32 -24.11 5.15
N SER B 102 -2.48 -23.59 4.77
CA SER B 102 -3.45 -24.17 3.87
C SER B 102 -3.50 -23.36 2.57
N MET B 103 -2.59 -22.40 2.34
CA MET B 103 -2.64 -21.61 1.12
C MET B 103 -2.31 -22.47 -0.08
N GLU B 104 -2.90 -22.12 -1.22
CA GLU B 104 -2.76 -22.76 -2.54
C GLU B 104 -2.67 -24.28 -2.45
N MET A 1 2.36 -17.38 15.51
CA MET A 1 0.90 -17.30 15.38
C MET A 1 0.48 -15.98 16.00
N ASN A 2 0.93 -14.87 15.41
CA ASN A 2 0.72 -13.50 15.86
C ASN A 2 1.14 -12.53 14.75
N ASN A 3 0.77 -11.26 14.91
CA ASN A 3 1.03 -10.11 14.04
C ASN A 3 2.49 -9.97 13.61
N ASN A 4 3.43 -10.30 14.49
CA ASN A 4 4.86 -10.21 14.23
C ASN A 4 5.34 -11.27 13.24
N GLU A 5 4.67 -12.42 13.17
CA GLU A 5 5.08 -13.47 12.26
C GLU A 5 4.64 -13.18 10.83
N LEU A 6 3.38 -12.76 10.66
CA LEU A 6 2.83 -12.45 9.34
C LEU A 6 3.66 -11.38 8.62
N THR A 7 4.28 -10.49 9.39
CA THR A 7 5.12 -9.41 8.88
C THR A 7 6.58 -9.86 8.71
N SER A 8 7.03 -10.92 9.39
CA SER A 8 8.40 -11.43 9.30
C SER A 8 8.61 -12.26 8.04
N LEU A 9 7.56 -12.92 7.51
CA LEU A 9 7.67 -13.74 6.30
C LEU A 9 7.72 -12.78 5.10
N PRO A 10 8.38 -13.14 3.98
CA PRO A 10 8.51 -12.28 2.82
C PRO A 10 7.19 -12.05 2.09
N LEU A 11 7.18 -10.98 1.28
CA LEU A 11 6.05 -10.53 0.49
C LEU A 11 5.38 -11.65 -0.31
N ALA A 12 6.12 -12.62 -0.84
CA ALA A 12 5.55 -13.71 -1.62
C ALA A 12 4.52 -14.52 -0.83
N GLU A 13 4.86 -14.93 0.40
CA GLU A 13 3.96 -15.70 1.25
C GLU A 13 2.86 -14.80 1.77
N ARG A 14 3.25 -13.57 2.10
CA ARG A 14 2.36 -12.53 2.61
C ARG A 14 1.19 -12.33 1.65
N LYS A 15 1.45 -12.06 0.37
CA LYS A 15 0.35 -11.87 -0.58
C LYS A 15 -0.38 -13.18 -0.85
N ARG A 16 0.35 -14.29 -0.88
CA ARG A 16 -0.25 -15.58 -1.15
C ARG A 16 -1.33 -15.90 -0.12
N LEU A 17 -1.02 -15.82 1.18
CA LEU A 17 -1.99 -16.11 2.23
C LEU A 17 -3.06 -15.03 2.27
N LEU A 18 -2.73 -13.76 2.01
CA LEU A 18 -3.68 -12.64 2.01
C LEU A 18 -4.84 -12.92 1.05
N GLU A 19 -4.54 -13.54 -0.09
CA GLU A 19 -5.57 -13.86 -1.08
C GLU A 19 -6.54 -14.88 -0.47
N LEU A 20 -5.99 -15.98 0.07
CA LEU A 20 -6.77 -17.04 0.69
C LEU A 20 -7.64 -16.46 1.80
N ALA A 21 -7.09 -15.54 2.61
CA ALA A 21 -7.76 -14.87 3.71
C ALA A 21 -8.97 -14.08 3.26
N LYS A 22 -8.77 -13.21 2.28
CA LYS A 22 -9.81 -12.37 1.76
C LYS A 22 -10.94 -13.24 1.23
N ALA A 23 -10.57 -14.27 0.48
CA ALA A 23 -11.52 -15.21 -0.10
C ALA A 23 -12.25 -16.05 0.94
N ALA A 24 -11.57 -16.42 2.02
CA ALA A 24 -12.13 -17.24 3.09
C ALA A 24 -13.09 -16.44 3.96
N LYS A 25 -12.99 -15.11 3.95
CA LYS A 25 -13.85 -14.21 4.74
C LYS A 25 -13.78 -14.51 6.24
N LEU A 26 -12.66 -15.08 6.70
CA LEU A 26 -12.42 -15.46 8.08
C LEU A 26 -12.57 -14.30 9.08
N SER A 27 -12.30 -13.06 8.66
CA SER A 27 -12.36 -11.84 9.45
C SER A 27 -12.43 -10.64 8.50
N ARG A 28 -12.91 -9.49 8.98
CA ARG A 28 -13.06 -8.21 8.28
C ARG A 28 -13.65 -7.17 9.25
N GLN A 29 -14.04 -6.01 8.73
CA GLN A 29 -14.64 -4.87 9.43
C GLN A 29 -13.75 -4.32 10.56
N HIS A 30 -12.97 -3.30 10.19
CA HIS A 30 -12.03 -2.57 11.06
C HIS A 30 -12.23 -1.06 10.87
N TYR A 31 -13.34 -0.68 10.24
CA TYR A 31 -13.70 0.69 9.94
C TYR A 31 -14.36 1.30 11.16
N ASP B 1 -7.25 25.05 -18.11
CA ASP B 1 -6.43 24.90 -16.90
C ASP B 1 -5.01 25.27 -17.26
N HIS B 2 -3.95 24.49 -16.98
CA HIS B 2 -2.58 24.85 -17.36
C HIS B 2 -1.88 23.71 -18.08
N SER B 3 -0.76 24.03 -18.72
CA SER B 3 0.08 23.12 -19.49
C SER B 3 0.63 21.97 -18.63
N SER B 4 1.30 21.03 -19.27
CA SER B 4 1.92 19.87 -18.63
C SER B 4 3.34 19.72 -19.17
N VAL B 5 4.19 18.99 -18.46
CA VAL B 5 5.59 18.75 -18.83
C VAL B 5 5.66 17.84 -20.06
N ILE B 6 6.79 17.85 -20.77
CA ILE B 6 6.97 16.99 -21.94
C ILE B 6 7.43 15.65 -21.41
N THR B 7 6.51 14.70 -21.43
CA THR B 7 6.78 13.35 -20.99
C THR B 7 7.30 12.53 -22.18
N GLN B 8 7.88 11.37 -21.91
CA GLN B 8 8.41 10.44 -22.89
C GLN B 8 7.91 9.02 -22.57
N GLU B 9 7.79 8.64 -21.29
CA GLU B 9 7.32 7.31 -20.87
C GLU B 9 6.56 7.32 -19.54
N TYR B 10 5.34 7.87 -19.49
CA TYR B 10 4.56 7.85 -18.27
C TYR B 10 3.95 6.45 -18.12
N ALA B 11 3.86 5.94 -16.89
CA ALA B 11 3.28 4.64 -16.60
C ALA B 11 1.88 4.85 -16.03
N ALA B 12 0.87 4.31 -16.72
CA ALA B 12 -0.52 4.43 -16.31
C ALA B 12 -0.75 3.63 -15.02
N PRO B 13 -1.74 4.00 -14.19
CA PRO B 13 -1.97 3.28 -12.96
C PRO B 13 -2.44 1.85 -13.16
N GLN B 14 -2.02 1.02 -12.22
CA GLN B 14 -2.32 -0.39 -12.06
C GLN B 14 -3.72 -0.44 -11.44
N GLY B 15 -4.28 -1.63 -11.24
CA GLY B 15 -5.62 -1.78 -10.67
C GLY B 15 -5.88 -0.98 -9.38
N GLU B 16 -7.05 -1.21 -8.80
CA GLU B 16 -7.56 -0.54 -7.61
C GLU B 16 -6.60 -0.40 -6.44
N ILE B 17 -5.60 -1.29 -6.27
CA ILE B 17 -4.65 -1.17 -5.18
C ILE B 17 -3.68 -0.01 -5.47
N GLU B 18 -3.00 0.03 -6.63
CA GLU B 18 -2.04 1.10 -6.93
C GLU B 18 -2.70 2.45 -7.21
N GLU B 19 -3.73 2.46 -8.05
CA GLU B 19 -4.43 3.70 -8.41
C GLU B 19 -4.98 4.46 -7.20
N GLN B 20 -5.34 3.72 -6.14
CA GLN B 20 -5.90 4.26 -4.92
C GLN B 20 -4.92 5.23 -4.27
N LEU B 21 -3.66 4.83 -4.06
CA LEU B 21 -2.70 5.77 -3.46
C LEU B 21 -2.32 6.86 -4.46
N ALA B 22 -2.21 6.49 -5.74
CA ALA B 22 -1.83 7.39 -6.81
C ALA B 22 -2.76 8.59 -6.94
N ASP B 23 -4.04 8.36 -6.70
CA ASP B 23 -5.10 9.36 -6.82
C ASP B 23 -4.91 10.46 -5.80
N ILE B 24 -4.56 10.05 -4.60
CA ILE B 24 -4.36 10.96 -3.52
C ILE B 24 -3.02 11.70 -3.66
N TRP B 25 -1.99 11.03 -4.16
CA TRP B 25 -0.67 11.63 -4.31
C TRP B 25 -0.69 12.92 -5.12
N GLN B 26 -1.21 12.91 -6.36
CA GLN B 26 -1.22 14.12 -7.17
C GLN B 26 -1.81 15.31 -6.47
N THR B 27 -2.92 15.03 -5.85
CA THR B 27 -3.73 15.98 -5.13
C THR B 27 -2.93 16.69 -4.01
N ILE B 28 -1.97 15.99 -3.39
CA ILE B 28 -1.13 16.49 -2.32
C ILE B 28 0.04 17.29 -2.89
N LEU B 29 0.74 16.72 -3.87
CA LEU B 29 1.90 17.37 -4.50
C LEU B 29 1.49 18.31 -5.62
N LYS B 30 0.19 18.46 -5.87
CA LYS B 30 -0.34 19.32 -6.93
C LYS B 30 0.20 18.89 -8.31
N ILE B 31 0.35 17.58 -8.52
CA ILE B 31 0.86 17.01 -9.76
C ILE B 31 -0.30 16.66 -10.68
N ASP B 32 0.01 16.22 -11.90
CA ASP B 32 -0.97 15.81 -12.89
C ASP B 32 -1.32 14.33 -12.73
N ARG B 33 -0.31 13.46 -12.75
CA ARG B 33 -0.42 12.01 -12.63
C ARG B 33 0.77 11.37 -11.88
N ILE B 34 0.67 10.08 -11.51
CA ILE B 34 1.71 9.32 -10.80
C ILE B 34 2.05 8.07 -11.62
N GLY B 35 3.34 7.75 -11.75
CA GLY B 35 3.81 6.60 -12.51
C GLY B 35 4.39 5.51 -11.62
N ARG B 36 4.19 4.24 -11.95
CA ARG B 36 4.70 3.11 -11.14
C ARG B 36 6.23 2.99 -11.08
N TYR B 37 6.95 3.84 -11.81
CA TYR B 37 8.40 3.90 -11.88
C TYR B 37 8.90 5.29 -11.43
N ASP B 38 7.99 6.24 -11.17
CA ASP B 38 8.29 7.59 -10.72
C ASP B 38 8.89 7.55 -9.34
N ASN B 39 9.61 8.61 -8.99
CA ASN B 39 10.24 8.74 -7.69
C ASN B 39 9.50 9.88 -7.03
N PHE B 40 8.80 9.61 -5.94
CA PHE B 40 8.02 10.59 -5.19
C PHE B 40 8.75 11.90 -4.88
N PHE B 41 10.06 11.80 -4.60
CA PHE B 41 10.93 12.92 -4.26
C PHE B 41 11.22 13.79 -5.50
N GLU B 42 11.09 13.21 -6.68
CA GLU B 42 11.25 13.87 -7.97
C GLU B 42 9.97 14.67 -8.24
N LEU B 43 8.80 14.10 -7.91
CA LEU B 43 7.53 14.77 -8.15
C LEU B 43 7.32 15.96 -7.23
N GLY B 44 7.77 15.91 -5.96
CA GLY B 44 7.63 17.02 -5.03
C GLY B 44 7.22 16.62 -3.61
N GLY B 45 7.15 15.32 -3.28
CA GLY B 45 6.77 14.88 -1.95
C GLY B 45 7.85 15.31 -0.94
N HIS B 46 7.45 16.01 0.12
CA HIS B 46 8.31 16.51 1.21
C HIS B 46 7.89 15.82 2.51
N SER B 47 8.69 15.89 3.57
CA SER B 47 8.38 15.24 4.85
C SER B 47 7.00 15.61 5.40
N LEU B 48 6.65 16.90 5.41
CA LEU B 48 5.37 17.38 5.91
C LEU B 48 4.19 16.79 5.12
N LEU B 49 4.42 16.39 3.87
CA LEU B 49 3.39 15.82 3.01
C LEU B 49 3.21 14.33 3.35
N VAL B 50 4.23 13.68 3.90
CA VAL B 50 4.17 12.26 4.27
C VAL B 50 3.22 12.08 5.46
N LEU B 51 3.20 13.05 6.38
CA LEU B 51 2.36 13.02 7.56
C LEU B 51 0.90 12.99 7.14
N GLN B 52 0.52 13.87 6.22
CA GLN B 52 -0.86 13.90 5.76
C GLN B 52 -1.18 12.63 4.98
N LEU B 53 -0.23 12.12 4.19
CA LEU B 53 -0.44 10.94 3.39
C LEU B 53 -0.78 9.77 4.31
N GLN B 54 0.04 9.53 5.33
CA GLN B 54 -0.13 8.48 6.32
C GLN B 54 -1.53 8.50 6.88
N SER B 55 -1.99 9.70 7.24
CA SER B 55 -3.32 9.89 7.80
C SER B 55 -4.39 9.36 6.84
N ARG B 56 -4.21 9.52 5.51
CA ARG B 56 -5.18 9.02 4.56
C ARG B 56 -5.04 7.51 4.46
N ILE B 57 -3.84 6.96 4.25
CA ILE B 57 -3.63 5.52 4.13
C ILE B 57 -4.25 4.79 5.31
N ASN B 58 -4.20 5.37 6.51
CA ASN B 58 -4.78 4.75 7.68
C ASN B 58 -6.28 4.48 7.47
N GLU B 59 -7.08 5.48 7.07
CA GLU B 59 -8.52 5.26 6.87
C GLU B 59 -8.88 4.62 5.53
N ILE B 60 -8.14 4.91 4.46
CA ILE B 60 -8.36 4.40 3.10
C ILE B 60 -8.22 2.87 3.08
N PHE B 61 -7.24 2.33 3.83
CA PHE B 61 -6.97 0.91 3.90
C PHE B 61 -7.35 0.28 5.26
N ASP B 62 -7.80 1.07 6.23
CA ASP B 62 -8.21 0.70 7.59
C ASP B 62 -7.07 -0.02 8.34
N VAL B 63 -5.86 0.53 8.26
CA VAL B 63 -4.65 -0.03 8.85
C VAL B 63 -3.81 1.03 9.57
N ASP B 64 -2.80 0.61 10.33
CA ASP B 64 -1.91 1.49 11.06
C ASP B 64 -0.56 1.52 10.34
N ILE B 65 -0.40 2.50 9.47
CA ILE B 65 0.80 2.69 8.67
C ILE B 65 1.62 3.79 9.33
N SER B 66 2.90 3.52 9.50
CA SER B 66 3.83 4.48 10.09
C SER B 66 4.46 5.27 8.94
N ILE B 67 4.91 6.49 9.21
CA ILE B 67 5.55 7.37 8.22
C ILE B 67 6.78 6.68 7.61
N GLN B 68 7.44 5.81 8.39
CA GLN B 68 8.63 5.08 8.01
C GLN B 68 8.42 4.30 6.72
N GLN B 69 7.30 3.57 6.60
CA GLN B 69 6.97 2.76 5.42
C GLN B 69 6.89 3.64 4.18
N LEU B 70 6.17 4.75 4.32
CA LEU B 70 5.95 5.70 3.25
C LEU B 70 7.29 6.21 2.73
N PHE B 71 8.15 6.71 3.62
CA PHE B 71 9.45 7.22 3.20
C PHE B 71 10.40 6.13 2.71
N ALA B 72 10.30 4.92 3.27
CA ALA B 72 11.15 3.80 2.91
C ALA B 72 10.84 3.27 1.52
N HIS B 73 9.58 3.36 1.07
CA HIS B 73 9.16 2.86 -0.24
C HIS B 73 8.52 4.01 -1.05
N PRO B 74 9.33 4.95 -1.59
CA PRO B 74 8.90 6.12 -2.37
C PRO B 74 8.40 5.85 -3.81
N SER B 75 7.75 4.71 -4.08
CA SER B 75 7.21 4.34 -5.38
C SER B 75 5.89 3.57 -5.17
N ILE B 76 4.99 3.53 -6.15
CA ILE B 76 3.68 2.84 -6.02
C ILE B 76 3.85 1.34 -5.81
N CYS B 77 4.59 0.69 -6.71
CA CYS B 77 4.86 -0.74 -6.66
C CYS B 77 5.64 -1.12 -5.39
N GLN B 78 6.42 -0.19 -4.81
CA GLN B 78 7.17 -0.45 -3.58
C GLN B 78 6.17 -0.40 -2.42
N LEU B 79 5.36 0.66 -2.36
CA LEU B 79 4.35 0.91 -1.33
C LEU B 79 3.36 -0.25 -1.23
N GLU B 80 3.06 -0.93 -2.34
CA GLU B 80 2.13 -2.06 -2.37
C GLU B 80 2.49 -3.09 -1.29
N GLU B 81 3.78 -3.38 -1.08
CA GLU B 81 4.24 -4.34 -0.08
C GLU B 81 3.78 -4.00 1.34
N CYS B 82 3.66 -2.71 1.63
CA CYS B 82 3.23 -2.18 2.91
C CYS B 82 1.76 -2.56 3.12
N ILE B 83 0.92 -2.33 2.11
CA ILE B 83 -0.51 -2.65 2.12
C ILE B 83 -0.68 -4.16 2.30
N ILE B 84 0.05 -4.99 1.56
CA ILE B 84 -0.08 -6.46 1.67
C ILE B 84 0.06 -6.89 3.14
N ASN B 85 1.13 -6.48 3.82
CA ASN B 85 1.30 -6.84 5.22
C ASN B 85 0.26 -6.19 6.13
N ALA B 86 -0.10 -4.94 5.87
CA ALA B 86 -1.07 -4.23 6.68
C ALA B 86 -2.47 -4.86 6.59
N GLN B 87 -2.87 -5.34 5.41
CA GLN B 87 -4.17 -5.95 5.19
C GLN B 87 -4.30 -7.23 6.01
N LEU B 88 -3.19 -7.93 6.21
CA LEU B 88 -3.16 -9.12 7.03
C LEU B 88 -3.24 -8.70 8.50
N LEU B 89 -2.48 -7.65 8.89
CA LEU B 89 -2.44 -7.17 10.27
C LEU B 89 -3.82 -6.74 10.77
N GLN B 90 -4.73 -6.29 9.91
CA GLN B 90 -6.07 -5.90 10.37
C GLN B 90 -6.95 -7.13 10.60
N PHE B 91 -6.69 -8.29 9.96
CA PHE B 91 -7.52 -9.48 10.17
C PHE B 91 -7.07 -10.19 11.46
N ASP B 92 -7.89 -11.13 11.92
CA ASP B 92 -7.61 -11.91 13.12
C ASP B 92 -6.37 -12.73 12.85
N ALA B 93 -5.30 -12.51 13.61
CA ALA B 93 -4.04 -13.24 13.43
C ALA B 93 -4.21 -14.72 13.75
N ASP B 94 -5.16 -15.05 14.62
CA ASP B 94 -5.45 -16.41 15.04
C ASP B 94 -6.11 -17.15 13.89
N SER B 95 -7.15 -16.59 13.30
CA SER B 95 -7.80 -17.25 12.17
C SER B 95 -6.83 -17.28 10.98
N LEU B 96 -5.95 -16.28 10.86
CA LEU B 96 -4.96 -16.19 9.80
C LEU B 96 -3.92 -17.27 9.90
N GLN B 97 -3.46 -17.62 11.11
CA GLN B 97 -2.44 -18.64 11.30
C GLN B 97 -2.91 -20.00 10.78
N ASP B 98 -4.21 -20.24 10.83
CA ASP B 98 -4.87 -21.45 10.41
C ASP B 98 -4.89 -21.59 8.89
N ILE B 99 -5.11 -20.48 8.18
CA ILE B 99 -5.11 -20.50 6.71
C ILE B 99 -3.66 -20.57 6.24
N TYR B 100 -2.79 -19.83 6.92
CA TYR B 100 -1.36 -19.72 6.67
C TYR B 100 -0.69 -21.10 6.74
N LYS B 101 -0.94 -21.86 7.80
CA LYS B 101 -0.36 -23.19 8.00
C LYS B 101 -0.88 -24.23 7.00
N SER B 102 -1.94 -23.88 6.28
CA SER B 102 -2.57 -24.71 5.27
C SER B 102 -2.10 -24.34 3.85
N MET B 103 -1.35 -23.24 3.71
CA MET B 103 -0.82 -22.75 2.43
C MET B 103 0.21 -23.68 1.76
N GLU B 104 0.33 -23.50 0.44
CA GLU B 104 1.25 -24.20 -0.45
C GLU B 104 2.69 -23.78 -0.16
N MET A 1 1.87 -18.18 16.85
CA MET A 1 0.90 -17.57 15.94
C MET A 1 0.26 -16.35 16.61
N ASN A 2 0.42 -15.18 15.99
CA ASN A 2 -0.11 -13.88 16.43
C ASN A 2 0.10 -12.88 15.29
N ASN A 3 -0.34 -11.64 15.47
CA ASN A 3 -0.20 -10.61 14.44
C ASN A 3 1.24 -10.39 13.93
N ASN A 4 2.29 -10.60 14.72
CA ASN A 4 3.66 -10.43 14.28
C ASN A 4 4.10 -11.62 13.42
N GLU A 5 3.54 -12.80 13.66
CA GLU A 5 3.90 -13.99 12.89
C GLU A 5 3.59 -13.76 11.42
N LEU A 6 2.51 -13.02 11.09
CA LEU A 6 2.16 -12.75 9.69
C LEU A 6 3.23 -11.90 9.00
N THR A 7 3.91 -11.05 9.77
CA THR A 7 4.97 -10.16 9.30
C THR A 7 6.32 -10.92 9.28
N SER A 8 6.39 -12.14 9.83
CA SER A 8 7.63 -12.92 9.85
C SER A 8 7.95 -13.55 8.49
N LEU A 9 6.96 -13.85 7.66
CA LEU A 9 7.10 -14.43 6.31
C LEU A 9 7.34 -13.29 5.31
N PRO A 10 7.92 -13.56 4.12
CA PRO A 10 8.18 -12.50 3.15
C PRO A 10 6.90 -12.06 2.44
N LEU A 11 6.96 -10.88 1.79
CA LEU A 11 5.85 -10.28 1.06
C LEU A 11 5.14 -11.25 0.12
N ALA A 12 5.88 -12.11 -0.59
CA ALA A 12 5.26 -13.04 -1.53
C ALA A 12 4.21 -13.93 -0.86
N GLU A 13 4.57 -14.52 0.29
CA GLU A 13 3.65 -15.38 1.02
C GLU A 13 2.58 -14.50 1.68
N ARG A 14 2.95 -13.29 2.07
CA ARG A 14 2.11 -12.30 2.72
C ARG A 14 0.93 -11.97 1.80
N LYS A 15 1.20 -11.58 0.55
CA LYS A 15 0.13 -11.25 -0.40
C LYS A 15 -0.64 -12.50 -0.78
N ARG A 16 0.04 -13.66 -0.91
CA ARG A 16 -0.63 -14.90 -1.27
C ARG A 16 -1.74 -15.17 -0.28
N LEU A 17 -1.43 -15.13 1.02
CA LEU A 17 -2.39 -15.38 2.09
C LEU A 17 -3.44 -14.26 2.17
N LEU A 18 -3.08 -12.99 1.95
CA LEU A 18 -4.03 -11.87 2.01
C LEU A 18 -5.19 -12.07 1.05
N GLU A 19 -4.89 -12.56 -0.16
CA GLU A 19 -5.91 -12.78 -1.19
C GLU A 19 -6.86 -13.88 -0.74
N LEU A 20 -6.34 -14.94 -0.09
CA LEU A 20 -7.13 -16.06 0.40
C LEU A 20 -8.02 -15.60 1.55
N ALA A 21 -7.45 -14.87 2.52
CA ALA A 21 -8.13 -14.36 3.69
C ALA A 21 -9.36 -13.55 3.31
N LYS A 22 -9.14 -12.56 2.44
CA LYS A 22 -10.19 -11.68 1.99
C LYS A 22 -11.26 -12.45 1.23
N ALA A 23 -10.88 -13.41 0.39
CA ALA A 23 -11.82 -14.21 -0.38
C ALA A 23 -12.65 -15.14 0.50
N ALA A 24 -12.05 -15.66 1.57
CA ALA A 24 -12.69 -16.56 2.50
C ALA A 24 -13.60 -15.85 3.50
N LYS A 25 -13.40 -14.53 3.73
CA LYS A 25 -14.14 -13.72 4.71
C LYS A 25 -14.09 -14.41 6.07
N LEU A 26 -12.98 -15.11 6.34
CA LEU A 26 -12.76 -15.82 7.60
C LEU A 26 -12.88 -14.92 8.83
N SER A 27 -12.66 -13.63 8.64
CA SER A 27 -12.67 -12.59 9.62
C SER A 27 -12.68 -11.25 8.87
N ARG A 28 -12.47 -10.15 9.61
CA ARG A 28 -12.47 -8.76 9.15
C ARG A 28 -13.94 -8.37 8.89
N GLN A 29 -14.23 -7.08 8.74
CA GLN A 29 -15.56 -6.52 8.51
C GLN A 29 -16.69 -7.13 9.34
N HIS A 30 -16.36 -7.57 10.56
CA HIS A 30 -17.28 -8.22 11.50
C HIS A 30 -18.10 -9.34 10.85
N TYR A 31 -17.54 -10.01 9.83
CA TYR A 31 -18.19 -11.10 9.10
C TYR A 31 -18.74 -12.14 10.07
N ASP B 1 -8.40 22.32 -24.37
CA ASP B 1 -6.95 22.11 -24.41
C ASP B 1 -6.53 21.58 -23.05
N HIS B 2 -5.44 22.04 -22.41
CA HIS B 2 -4.83 21.70 -21.11
C HIS B 2 -3.47 21.08 -21.41
N SER B 3 -2.40 21.80 -21.09
CA SER B 3 -1.03 21.39 -21.32
C SER B 3 -0.69 20.03 -20.70
N SER B 4 0.08 19.22 -21.42
CA SER B 4 0.54 17.90 -21.02
C SER B 4 2.06 17.99 -20.86
N VAL B 5 2.62 17.54 -19.73
CA VAL B 5 4.05 17.59 -19.51
C VAL B 5 4.79 16.70 -20.52
N ILE B 6 6.01 17.08 -20.89
CA ILE B 6 6.82 16.33 -21.83
C ILE B 6 7.06 14.98 -21.15
N THR B 7 6.67 13.92 -21.85
CA THR B 7 6.78 12.55 -21.40
C THR B 7 7.21 11.69 -22.59
N GLN B 8 7.75 10.52 -22.28
CA GLN B 8 8.22 9.53 -23.23
C GLN B 8 7.25 8.35 -23.16
N GLU B 9 7.04 7.80 -21.96
CA GLU B 9 6.15 6.67 -21.67
C GLU B 9 5.73 6.77 -20.20
N TYR B 10 4.64 7.48 -19.90
CA TYR B 10 4.20 7.57 -18.52
C TYR B 10 3.62 6.20 -18.18
N ALA B 11 4.00 5.66 -17.02
CA ALA B 11 3.55 4.35 -16.57
C ALA B 11 2.27 4.51 -15.74
N ALA B 12 1.17 4.04 -16.30
CA ALA B 12 -0.15 4.09 -15.68
C ALA B 12 -0.16 3.36 -14.34
N PRO B 13 -1.08 3.72 -13.44
CA PRO B 13 -1.18 3.07 -12.15
C PRO B 13 -1.63 1.62 -12.35
N GLN B 14 -1.18 0.81 -11.42
CA GLN B 14 -1.49 -0.60 -11.28
C GLN B 14 -2.91 -0.66 -10.74
N GLY B 15 -3.47 -1.84 -10.55
CA GLY B 15 -4.83 -2.03 -10.08
C GLY B 15 -5.23 -1.19 -8.84
N GLU B 16 -6.41 -1.49 -8.29
CA GLU B 16 -7.00 -0.76 -7.18
C GLU B 16 -6.12 -0.45 -5.97
N ILE B 17 -5.12 -1.24 -5.65
CA ILE B 17 -4.25 -0.99 -4.52
C ILE B 17 -3.29 0.15 -4.83
N GLU B 18 -2.60 0.11 -5.96
CA GLU B 18 -1.64 1.12 -6.37
C GLU B 18 -2.31 2.43 -6.77
N GLU B 19 -3.34 2.36 -7.62
CA GLU B 19 -4.04 3.55 -8.08
C GLU B 19 -4.61 4.39 -6.92
N GLN B 20 -4.95 3.75 -5.80
CA GLN B 20 -5.51 4.42 -4.66
C GLN B 20 -4.59 5.54 -4.14
N LEU B 21 -3.34 5.22 -3.82
CA LEU B 21 -2.44 6.23 -3.30
C LEU B 21 -2.01 7.16 -4.40
N ALA B 22 -1.89 6.64 -5.62
CA ALA B 22 -1.48 7.43 -6.75
C ALA B 22 -2.41 8.61 -6.93
N ASP B 23 -3.71 8.49 -6.65
CA ASP B 23 -4.65 9.61 -6.82
C ASP B 23 -4.41 10.66 -5.74
N ILE B 24 -4.21 10.21 -4.50
CA ILE B 24 -4.00 11.11 -3.39
C ILE B 24 -2.67 11.87 -3.58
N TRP B 25 -1.62 11.22 -4.07
CA TRP B 25 -0.31 11.83 -4.26
C TRP B 25 -0.34 13.13 -5.06
N GLN B 26 -0.84 13.17 -6.31
CA GLN B 26 -0.84 14.46 -7.02
C GLN B 26 -1.65 15.52 -6.30
N THR B 27 -2.67 15.15 -5.52
CA THR B 27 -3.45 16.13 -4.77
C THR B 27 -2.56 16.82 -3.71
N ILE B 28 -1.57 16.12 -3.15
CA ILE B 28 -0.66 16.58 -2.11
C ILE B 28 0.47 17.43 -2.68
N LEU B 29 1.13 16.94 -3.73
CA LEU B 29 2.24 17.64 -4.38
C LEU B 29 1.75 18.56 -5.49
N LYS B 30 0.43 18.67 -5.69
CA LYS B 30 -0.19 19.50 -6.74
C LYS B 30 0.49 19.23 -8.08
N ILE B 31 0.76 17.95 -8.37
CA ILE B 31 1.43 17.51 -9.58
C ILE B 31 0.44 17.07 -10.66
N ASP B 32 0.97 16.69 -11.82
CA ASP B 32 0.19 16.20 -12.95
C ASP B 32 -0.19 14.75 -12.65
N ARG B 33 0.70 13.78 -12.91
CA ARG B 33 0.47 12.35 -12.70
C ARG B 33 1.53 11.70 -11.83
N ILE B 34 1.28 10.47 -11.40
CA ILE B 34 2.18 9.68 -10.56
C ILE B 34 2.41 8.37 -11.28
N GLY B 35 3.55 8.28 -11.94
CA GLY B 35 3.92 7.10 -12.70
C GLY B 35 4.47 6.05 -11.74
N ARG B 36 4.22 4.75 -12.00
CA ARG B 36 4.71 3.67 -11.12
C ARG B 36 6.25 3.62 -10.98
N TYR B 37 7.01 4.33 -11.83
CA TYR B 37 8.47 4.39 -11.78
C TYR B 37 8.95 5.73 -11.20
N ASP B 38 8.10 6.76 -11.18
CA ASP B 38 8.44 8.08 -10.67
C ASP B 38 8.77 7.96 -9.18
N ASN B 39 9.53 8.91 -8.65
CA ASN B 39 9.92 8.94 -7.25
C ASN B 39 9.23 10.09 -6.57
N PHE B 40 8.82 9.90 -5.33
CA PHE B 40 8.13 10.90 -4.52
C PHE B 40 8.86 12.24 -4.55
N PHE B 41 10.17 12.21 -4.29
CA PHE B 41 11.04 13.38 -4.25
C PHE B 41 11.16 14.10 -5.59
N GLU B 42 11.34 13.35 -6.68
CA GLU B 42 11.49 13.92 -8.03
C GLU B 42 10.19 14.50 -8.55
N LEU B 43 9.06 14.08 -7.98
CA LEU B 43 7.76 14.60 -8.38
C LEU B 43 7.50 15.88 -7.59
N GLY B 44 7.92 15.97 -6.33
CA GLY B 44 7.71 17.17 -5.51
C GLY B 44 7.32 16.85 -4.07
N GLY B 45 7.33 15.59 -3.67
CA GLY B 45 7.01 15.20 -2.31
C GLY B 45 8.12 15.74 -1.42
N HIS B 46 7.76 16.21 -0.22
CA HIS B 46 8.66 16.79 0.77
C HIS B 46 8.32 16.20 2.13
N SER B 47 9.20 16.38 3.11
CA SER B 47 9.06 15.87 4.48
C SER B 47 7.69 16.16 5.09
N LEU B 48 7.27 17.43 5.08
CA LEU B 48 5.98 17.85 5.63
C LEU B 48 4.78 17.18 4.94
N LEU B 49 4.94 16.73 3.69
CA LEU B 49 3.89 16.08 2.92
C LEU B 49 3.78 14.62 3.29
N VAL B 50 4.87 14.00 3.77
CA VAL B 50 4.85 12.60 4.17
C VAL B 50 3.91 12.45 5.38
N LEU B 51 3.89 13.43 6.27
CA LEU B 51 3.06 13.44 7.46
C LEU B 51 1.58 13.38 7.10
N GLN B 52 1.16 14.25 6.17
CA GLN B 52 -0.24 14.27 5.78
C GLN B 52 -0.61 12.99 5.03
N LEU B 53 0.32 12.51 4.20
CA LEU B 53 0.14 11.29 3.41
C LEU B 53 -0.15 10.12 4.35
N GLN B 54 0.67 9.94 5.38
CA GLN B 54 0.52 8.88 6.37
C GLN B 54 -0.90 8.89 6.93
N SER B 55 -1.36 10.09 7.29
CA SER B 55 -2.70 10.29 7.83
C SER B 55 -3.76 9.72 6.90
N ARG B 56 -3.62 9.88 5.57
CA ARG B 56 -4.60 9.35 4.64
C ARG B 56 -4.48 7.84 4.57
N ILE B 57 -3.29 7.27 4.42
CA ILE B 57 -3.11 5.82 4.35
C ILE B 57 -3.79 5.17 5.56
N ASN B 58 -3.66 5.78 6.74
CA ASN B 58 -4.25 5.27 7.96
C ASN B 58 -5.77 5.12 7.82
N GLU B 59 -6.48 6.16 7.39
CA GLU B 59 -7.94 6.11 7.26
C GLU B 59 -8.44 5.41 5.98
N ILE B 60 -7.80 5.61 4.84
CA ILE B 60 -8.17 5.03 3.54
C ILE B 60 -8.12 3.50 3.62
N PHE B 61 -7.04 2.95 4.20
CA PHE B 61 -6.84 1.52 4.33
C PHE B 61 -7.30 0.97 5.68
N ASP B 62 -7.60 1.86 6.63
CA ASP B 62 -8.06 1.56 7.98
C ASP B 62 -7.03 0.71 8.75
N VAL B 63 -5.77 1.15 8.72
CA VAL B 63 -4.59 0.52 9.34
C VAL B 63 -3.68 1.59 9.96
N ASP B 64 -2.54 1.18 10.55
CA ASP B 64 -1.56 2.08 11.15
C ASP B 64 -0.24 1.94 10.40
N ILE B 65 0.08 2.92 9.55
CA ILE B 65 1.30 3.01 8.74
C ILE B 65 2.11 4.17 9.31
N SER B 66 3.44 4.05 9.32
CA SER B 66 4.35 5.08 9.82
C SER B 66 5.03 5.86 8.67
N ILE B 67 5.54 7.06 8.94
CA ILE B 67 6.23 7.90 7.95
C ILE B 67 7.44 7.18 7.37
N GLN B 68 8.05 6.25 8.12
CA GLN B 68 9.24 5.52 7.72
C GLN B 68 9.00 4.69 6.47
N GLN B 69 7.83 4.08 6.37
CA GLN B 69 7.41 3.21 5.28
C GLN B 69 7.33 4.05 4.01
N LEU B 70 6.67 5.19 4.12
CA LEU B 70 6.48 6.14 3.02
C LEU B 70 7.84 6.61 2.52
N PHE B 71 8.68 7.08 3.45
CA PHE B 71 10.03 7.58 3.20
C PHE B 71 10.92 6.49 2.59
N ALA B 72 10.77 5.24 3.05
CA ALA B 72 11.54 4.09 2.60
C ALA B 72 11.11 3.57 1.24
N HIS B 73 9.82 3.73 0.89
CA HIS B 73 9.26 3.26 -0.36
C HIS B 73 8.65 4.44 -1.12
N PRO B 74 9.49 5.32 -1.73
CA PRO B 74 9.07 6.51 -2.47
C PRO B 74 8.46 6.23 -3.87
N SER B 75 7.87 5.05 -4.12
CA SER B 75 7.26 4.69 -5.40
C SER B 75 5.95 3.95 -5.10
N ILE B 76 4.94 4.07 -5.97
CA ILE B 76 3.63 3.44 -5.81
C ILE B 76 3.72 1.92 -5.65
N CYS B 77 4.39 1.25 -6.59
CA CYS B 77 4.53 -0.20 -6.56
C CYS B 77 5.34 -0.69 -5.36
N GLN B 78 6.24 0.14 -4.82
CA GLN B 78 7.05 -0.25 -3.68
C GLN B 78 6.26 -0.09 -2.37
N LEU B 79 5.46 0.97 -2.29
CA LEU B 79 4.64 1.35 -1.18
C LEU B 79 3.62 0.26 -0.87
N GLU B 80 2.99 -0.33 -1.88
CA GLU B 80 1.98 -1.38 -1.69
C GLU B 80 2.47 -2.51 -0.79
N GLU B 81 3.77 -2.82 -0.81
CA GLU B 81 4.34 -3.88 0.00
C GLU B 81 4.01 -3.66 1.48
N CYS B 82 4.06 -2.42 1.97
CA CYS B 82 3.76 -2.19 3.39
C CYS B 82 2.29 -2.50 3.70
N ILE B 83 1.42 -2.08 2.80
CA ILE B 83 -0.02 -2.22 2.86
C ILE B 83 -0.40 -3.69 3.00
N ILE B 84 0.26 -4.62 2.31
CA ILE B 84 -0.07 -6.05 2.40
C ILE B 84 -0.02 -6.49 3.87
N ASN B 85 1.09 -6.25 4.56
CA ASN B 85 1.22 -6.64 5.97
C ASN B 85 0.20 -5.90 6.82
N ALA B 86 0.02 -4.60 6.58
CA ALA B 86 -0.91 -3.79 7.35
C ALA B 86 -2.35 -4.29 7.19
N GLN B 87 -2.71 -4.75 5.99
CA GLN B 87 -4.04 -5.27 5.71
C GLN B 87 -4.24 -6.51 6.56
N LEU B 88 -3.29 -7.45 6.51
CA LEU B 88 -3.35 -8.69 7.28
C LEU B 88 -3.42 -8.42 8.78
N LEU B 89 -2.78 -7.35 9.28
CA LEU B 89 -2.80 -6.99 10.70
C LEU B 89 -4.23 -6.63 11.13
N GLN B 90 -5.08 -6.15 10.21
CA GLN B 90 -6.47 -5.80 10.52
C GLN B 90 -7.37 -7.04 10.52
N PHE B 91 -6.98 -8.12 9.84
CA PHE B 91 -7.71 -9.37 9.81
C PHE B 91 -7.36 -10.11 11.11
N ASP B 92 -8.08 -11.16 11.47
CA ASP B 92 -7.77 -11.89 12.69
C ASP B 92 -6.46 -12.65 12.53
N ALA B 93 -5.60 -12.59 13.54
CA ALA B 93 -4.33 -13.29 13.53
C ALA B 93 -4.46 -14.80 13.77
N ASP B 94 -5.53 -15.24 14.45
CA ASP B 94 -5.71 -16.66 14.76
C ASP B 94 -6.15 -17.47 13.55
N SER B 95 -7.21 -17.07 12.84
CA SER B 95 -7.63 -17.81 11.66
C SER B 95 -6.61 -17.50 10.57
N LEU B 96 -5.95 -16.33 10.60
CA LEU B 96 -4.95 -16.02 9.59
C LEU B 96 -3.89 -17.11 9.48
N GLN B 97 -3.41 -17.61 10.61
CA GLN B 97 -2.39 -18.61 10.64
C GLN B 97 -2.85 -19.93 10.02
N ASP B 98 -4.15 -20.22 10.12
CA ASP B 98 -4.78 -21.43 9.62
C ASP B 98 -4.79 -21.47 8.09
N ILE B 99 -5.08 -20.32 7.46
CA ILE B 99 -5.11 -20.20 6.01
C ILE B 99 -3.67 -20.12 5.51
N TYR B 100 -2.86 -19.35 6.23
CA TYR B 100 -1.44 -19.14 5.93
C TYR B 100 -0.71 -20.48 5.79
N LYS B 101 -0.89 -21.42 6.72
CA LYS B 101 -0.18 -22.69 6.62
C LYS B 101 -0.78 -23.62 5.57
N SER B 102 -2.03 -23.39 5.17
CA SER B 102 -2.72 -24.21 4.21
C SER B 102 -2.45 -23.73 2.78
N MET B 103 -2.04 -22.48 2.59
CA MET B 103 -1.78 -21.98 1.25
C MET B 103 -0.55 -22.66 0.64
N GLU B 104 -0.51 -22.66 -0.69
CA GLU B 104 0.56 -23.22 -1.49
C GLU B 104 1.90 -22.57 -1.12
N MET A 1 0.24 -19.44 16.83
CA MET A 1 1.10 -18.55 16.05
C MET A 1 0.95 -17.12 16.57
N ASN A 2 1.61 -16.12 15.97
CA ASN A 2 1.56 -14.74 16.40
C ASN A 2 1.69 -13.82 15.20
N ASN A 3 1.29 -12.55 15.33
CA ASN A 3 1.32 -11.56 14.27
C ASN A 3 2.73 -11.33 13.69
N ASN A 4 3.78 -11.36 14.51
CA ASN A 4 5.15 -11.15 14.07
C ASN A 4 5.57 -12.19 13.02
N GLU A 5 4.96 -13.38 13.07
CA GLU A 5 5.29 -14.41 12.12
C GLU A 5 4.87 -13.97 10.71
N LEU A 6 3.70 -13.34 10.54
CA LEU A 6 3.22 -12.90 9.23
C LEU A 6 4.15 -11.89 8.54
N THR A 7 4.87 -11.10 9.30
CA THR A 7 5.80 -10.09 8.82
C THR A 7 7.20 -10.67 8.55
N SER A 8 7.48 -11.89 9.01
CA SER A 8 8.77 -12.57 8.86
C SER A 8 9.02 -13.12 7.45
N LEU A 9 7.96 -13.46 6.71
CA LEU A 9 8.03 -14.00 5.36
C LEU A 9 8.11 -12.88 4.32
N PRO A 10 8.64 -13.12 3.11
CA PRO A 10 8.77 -12.12 2.06
C PRO A 10 7.41 -11.73 1.47
N LEU A 11 7.37 -10.60 0.75
CA LEU A 11 6.15 -10.08 0.12
C LEU A 11 5.42 -11.14 -0.72
N ALA A 12 6.15 -11.96 -1.47
CA ALA A 12 5.56 -12.98 -2.32
C ALA A 12 4.60 -13.88 -1.54
N GLU A 13 5.02 -14.36 -0.37
CA GLU A 13 4.23 -15.23 0.49
C GLU A 13 3.16 -14.41 1.21
N ARG A 14 3.52 -13.18 1.60
CA ARG A 14 2.67 -12.23 2.31
C ARG A 14 1.41 -11.96 1.51
N LYS A 15 1.56 -11.53 0.25
CA LYS A 15 0.42 -11.23 -0.61
C LYS A 15 -0.33 -12.50 -0.98
N ARG A 16 0.39 -13.60 -1.19
CA ARG A 16 -0.24 -14.86 -1.57
C ARG A 16 -1.22 -15.28 -0.49
N LEU A 17 -0.77 -15.35 0.76
CA LEU A 17 -1.61 -15.77 1.86
C LEU A 17 -2.75 -14.76 2.07
N LEU A 18 -2.51 -13.46 1.90
CA LEU A 18 -3.51 -12.41 2.07
C LEU A 18 -4.68 -12.59 1.12
N GLU A 19 -4.40 -12.91 -0.14
CA GLU A 19 -5.42 -13.07 -1.15
C GLU A 19 -6.34 -14.23 -0.73
N LEU A 20 -5.73 -15.35 -0.32
CA LEU A 20 -6.47 -16.52 0.13
C LEU A 20 -7.24 -16.18 1.40
N ALA A 21 -6.61 -15.50 2.35
CA ALA A 21 -7.19 -15.12 3.62
C ALA A 21 -8.44 -14.27 3.44
N LYS A 22 -8.35 -13.20 2.65
CA LYS A 22 -9.49 -12.33 2.41
C LYS A 22 -10.59 -13.14 1.74
N ALA A 23 -10.22 -13.94 0.74
CA ALA A 23 -11.18 -14.78 0.01
C ALA A 23 -11.81 -15.87 0.89
N ALA A 24 -11.15 -16.28 1.98
CA ALA A 24 -11.60 -17.30 2.92
C ALA A 24 -12.37 -16.70 4.10
N LYS A 25 -12.28 -15.38 4.33
CA LYS A 25 -12.93 -14.66 5.42
C LYS A 25 -12.78 -15.37 6.76
N LEU A 26 -11.57 -15.85 7.06
CA LEU A 26 -11.28 -16.52 8.32
C LEU A 26 -11.52 -15.58 9.50
N SER A 27 -11.08 -14.33 9.37
CA SER A 27 -11.14 -13.27 10.36
C SER A 27 -10.98 -11.94 9.65
N ARG A 28 -11.91 -11.70 8.75
CA ARG A 28 -12.03 -10.51 7.91
C ARG A 28 -13.08 -9.60 8.53
N GLN A 29 -12.82 -8.30 8.50
CA GLN A 29 -13.73 -7.30 9.06
C GLN A 29 -14.85 -6.99 8.06
N HIS A 30 -15.92 -6.36 8.54
CA HIS A 30 -17.08 -5.97 7.75
C HIS A 30 -17.38 -4.50 8.08
N TYR A 31 -16.37 -3.65 7.84
CA TYR A 31 -16.37 -2.21 8.05
C TYR A 31 -15.62 -1.55 6.90
N ASP B 1 12.71 17.25 -33.88
CA ASP B 1 13.40 16.08 -33.31
C ASP B 1 14.84 16.47 -33.04
N HIS B 2 15.75 16.25 -34.00
CA HIS B 2 17.19 16.57 -33.95
C HIS B 2 17.95 15.64 -33.00
N SER B 3 17.37 15.37 -31.83
CA SER B 3 17.89 14.51 -30.79
C SER B 3 16.70 13.73 -30.21
N SER B 4 16.92 12.99 -29.12
CA SER B 4 15.89 12.20 -28.46
C SER B 4 14.76 13.10 -27.96
N VAL B 5 13.53 12.86 -28.42
CA VAL B 5 12.38 13.63 -28.00
C VAL B 5 12.17 13.41 -26.49
N ILE B 6 11.63 14.41 -25.81
CA ILE B 6 11.37 14.38 -24.38
C ILE B 6 10.04 13.64 -24.18
N THR B 7 9.95 12.83 -23.13
CA THR B 7 8.76 12.06 -22.77
C THR B 7 8.72 11.95 -21.26
N GLN B 8 7.53 11.91 -20.65
CA GLN B 8 7.41 11.78 -19.19
C GLN B 8 7.09 10.33 -18.80
N GLU B 9 6.56 9.59 -19.76
CA GLU B 9 6.17 8.18 -19.72
C GLU B 9 5.38 7.77 -18.45
N TYR B 10 4.47 8.63 -17.99
CA TYR B 10 3.64 8.39 -16.81
C TYR B 10 2.85 7.08 -17.01
N ALA B 11 2.68 6.32 -15.93
CA ALA B 11 1.96 5.06 -15.90
C ALA B 11 0.66 5.28 -15.13
N ALA B 12 -0.45 4.85 -15.72
CA ALA B 12 -1.78 4.98 -15.15
C ALA B 12 -1.90 4.23 -13.82
N PRO B 13 -2.84 4.63 -12.95
CA PRO B 13 -3.04 3.98 -11.68
C PRO B 13 -3.38 2.50 -11.87
N GLN B 14 -2.85 1.70 -10.97
CA GLN B 14 -3.04 0.27 -10.84
C GLN B 14 -4.46 0.09 -10.28
N GLY B 15 -4.89 -1.16 -10.10
CA GLY B 15 -6.24 -1.46 -9.59
C GLY B 15 -6.63 -0.66 -8.32
N GLU B 16 -7.81 -0.94 -7.75
CA GLU B 16 -8.38 -0.23 -6.60
C GLU B 16 -7.45 0.00 -5.41
N ILE B 17 -6.52 -0.91 -5.14
CA ILE B 17 -5.59 -0.79 -4.04
C ILE B 17 -4.69 0.42 -4.22
N GLU B 18 -4.04 0.55 -5.37
CA GLU B 18 -3.14 1.63 -5.71
C GLU B 18 -3.88 2.93 -5.99
N GLU B 19 -4.89 2.87 -6.86
CA GLU B 19 -5.71 4.01 -7.23
C GLU B 19 -6.29 4.71 -5.99
N GLN B 20 -6.54 3.97 -4.89
CA GLN B 20 -7.14 4.54 -3.70
C GLN B 20 -6.33 5.72 -3.15
N LEU B 21 -5.04 5.50 -2.92
CA LEU B 21 -4.13 6.50 -2.40
C LEU B 21 -3.72 7.47 -3.49
N ALA B 22 -3.57 6.99 -4.72
CA ALA B 22 -3.19 7.84 -5.84
C ALA B 22 -4.18 8.97 -5.97
N ASP B 23 -5.46 8.75 -5.65
CA ASP B 23 -6.49 9.77 -5.73
C ASP B 23 -6.30 10.85 -4.68
N ILE B 24 -5.94 10.40 -3.48
CA ILE B 24 -5.74 11.25 -2.34
C ILE B 24 -4.45 12.05 -2.50
N TRP B 25 -3.41 11.45 -3.07
CA TRP B 25 -2.11 12.10 -3.25
C TRP B 25 -2.24 13.44 -3.97
N GLN B 26 -2.82 13.51 -5.18
CA GLN B 26 -2.92 14.82 -5.82
C GLN B 26 -3.78 15.79 -5.02
N THR B 27 -4.75 15.29 -4.27
CA THR B 27 -5.59 16.14 -3.47
C THR B 27 -4.73 16.78 -2.35
N ILE B 28 -3.74 16.06 -1.81
CA ILE B 28 -2.83 16.46 -0.75
C ILE B 28 -1.82 17.48 -1.27
N LEU B 29 -1.07 17.12 -2.32
CA LEU B 29 -0.03 17.98 -2.92
C LEU B 29 -0.61 18.99 -3.91
N LYS B 30 -1.94 18.98 -4.09
CA LYS B 30 -2.67 19.86 -5.01
C LYS B 30 -2.04 19.74 -6.40
N ILE B 31 -1.65 18.53 -6.80
CA ILE B 31 -1.00 18.23 -8.06
C ILE B 31 -2.00 17.82 -9.15
N ASP B 32 -1.48 17.59 -10.36
CA ASP B 32 -2.21 17.18 -11.54
C ASP B 32 -2.72 15.74 -11.44
N ARG B 33 -1.84 14.74 -11.57
CA ARG B 33 -2.10 13.30 -11.51
C ARG B 33 -1.00 12.60 -10.71
N ILE B 34 -1.18 11.32 -10.36
CA ILE B 34 -0.21 10.52 -9.62
C ILE B 34 -0.04 9.16 -10.30
N GLY B 35 1.11 8.96 -10.89
CA GLY B 35 1.45 7.71 -11.55
C GLY B 35 2.02 6.71 -10.55
N ARG B 36 2.13 5.44 -10.97
CA ARG B 36 2.62 4.35 -10.12
C ARG B 36 4.05 4.46 -9.61
N TYR B 37 4.96 5.13 -10.33
CA TYR B 37 6.37 5.24 -9.93
C TYR B 37 6.75 6.60 -9.36
N ASP B 38 5.95 7.62 -9.66
CA ASP B 38 6.14 9.02 -9.28
C ASP B 38 6.44 9.12 -7.79
N ASN B 39 7.62 9.65 -7.48
CA ASN B 39 8.08 9.80 -6.11
C ASN B 39 7.40 10.98 -5.45
N PHE B 40 6.94 10.79 -4.21
CA PHE B 40 6.27 11.82 -3.42
C PHE B 40 7.14 13.08 -3.36
N PHE B 41 8.44 12.88 -3.18
CA PHE B 41 9.45 13.92 -3.07
C PHE B 41 9.65 14.64 -4.40
N GLU B 42 9.62 13.93 -5.52
CA GLU B 42 9.81 14.55 -6.84
C GLU B 42 8.56 15.29 -7.30
N LEU B 43 7.37 14.85 -6.88
CA LEU B 43 6.09 15.47 -7.25
C LEU B 43 5.83 16.77 -6.52
N GLY B 44 6.24 16.89 -5.25
CA GLY B 44 6.01 18.10 -4.48
C GLY B 44 5.61 17.85 -3.02
N GLY B 45 5.61 16.61 -2.57
CA GLY B 45 5.28 16.25 -1.21
C GLY B 45 6.35 16.81 -0.26
N HIS B 46 5.96 17.16 0.96
CA HIS B 46 6.78 17.73 2.04
C HIS B 46 6.39 17.04 3.35
N SER B 47 7.17 17.25 4.41
CA SER B 47 7.00 16.66 5.75
C SER B 47 5.55 16.71 6.24
N LEU B 48 4.93 17.89 6.28
CA LEU B 48 3.56 18.04 6.74
C LEU B 48 2.54 17.27 5.88
N LEU B 49 2.85 17.02 4.61
CA LEU B 49 1.96 16.29 3.72
C LEU B 49 1.98 14.81 4.07
N VAL B 50 3.10 14.33 4.62
CA VAL B 50 3.25 12.94 5.03
C VAL B 50 2.33 12.70 6.25
N LEU B 51 2.18 13.71 7.14
CA LEU B 51 1.34 13.58 8.33
C LEU B 51 -0.11 13.38 7.93
N GLN B 52 -0.61 14.22 7.02
CA GLN B 52 -1.98 14.12 6.58
C GLN B 52 -2.19 12.87 5.72
N LEU B 53 -1.17 12.46 4.94
CA LEU B 53 -1.27 11.27 4.11
C LEU B 53 -1.47 10.06 5.02
N GLN B 54 -0.63 9.91 6.04
CA GLN B 54 -0.68 8.81 7.01
C GLN B 54 -2.08 8.64 7.55
N SER B 55 -2.68 9.75 7.94
CA SER B 55 -4.02 9.74 8.50
C SER B 55 -5.02 9.09 7.54
N ARG B 56 -4.88 9.33 6.23
CA ARG B 56 -5.79 8.73 5.28
C ARG B 56 -5.44 7.26 5.15
N ILE B 57 -4.17 6.86 5.12
CA ILE B 57 -3.86 5.43 5.02
C ILE B 57 -4.48 4.69 6.20
N ASN B 58 -4.43 5.29 7.39
CA ASN B 58 -4.99 4.66 8.58
C ASN B 58 -6.47 4.39 8.44
N GLU B 59 -7.28 5.38 8.08
CA GLU B 59 -8.73 5.18 7.95
C GLU B 59 -9.20 4.53 6.65
N ILE B 60 -8.58 4.86 5.52
CA ILE B 60 -8.94 4.31 4.21
C ILE B 60 -8.68 2.80 4.20
N PHE B 61 -7.53 2.34 4.71
CA PHE B 61 -7.23 0.91 4.75
C PHE B 61 -7.57 0.26 6.09
N ASP B 62 -7.96 1.07 7.09
CA ASP B 62 -8.34 0.64 8.43
C ASP B 62 -7.23 -0.13 9.15
N VAL B 63 -6.01 0.43 9.15
CA VAL B 63 -4.79 -0.12 9.75
C VAL B 63 -3.94 0.98 10.41
N ASP B 64 -2.83 0.63 11.09
CA ASP B 64 -1.93 1.56 11.75
C ASP B 64 -0.63 1.68 10.94
N ILE B 65 -0.56 2.69 10.06
CA ILE B 65 0.60 2.92 9.22
C ILE B 65 1.22 4.21 9.69
N SER B 66 2.47 4.12 10.08
CA SER B 66 3.25 5.22 10.60
C SER B 66 3.78 6.11 9.49
N ILE B 67 4.27 7.29 9.85
CA ILE B 67 4.82 8.28 8.92
C ILE B 67 6.13 7.74 8.30
N GLN B 68 6.84 6.89 9.03
CA GLN B 68 8.12 6.31 8.59
C GLN B 68 7.92 5.43 7.35
N GLN B 69 6.80 4.73 7.30
CA GLN B 69 6.42 3.83 6.23
C GLN B 69 6.29 4.60 4.92
N LEU B 70 5.69 5.79 4.98
CA LEU B 70 5.49 6.64 3.81
C LEU B 70 6.83 7.17 3.31
N PHE B 71 7.77 7.44 4.21
CA PHE B 71 9.10 7.92 3.83
C PHE B 71 9.90 6.76 3.23
N ALA B 72 9.65 5.54 3.70
CA ALA B 72 10.29 4.29 3.27
C ALA B 72 9.74 3.81 1.93
N HIS B 73 8.48 4.11 1.62
CA HIS B 73 7.78 3.74 0.39
C HIS B 73 7.12 5.00 -0.17
N PRO B 74 7.89 5.95 -0.72
CA PRO B 74 7.41 7.21 -1.27
C PRO B 74 6.82 7.10 -2.68
N SER B 75 6.07 6.05 -3.01
CA SER B 75 5.44 5.82 -4.30
C SER B 75 4.11 5.11 -4.06
N ILE B 76 3.23 5.09 -5.06
CA ILE B 76 1.96 4.40 -4.98
C ILE B 76 2.26 2.89 -4.99
N CYS B 77 3.04 2.45 -5.98
CA CYS B 77 3.40 1.05 -6.16
C CYS B 77 4.20 0.53 -4.98
N GLN B 78 5.08 1.35 -4.40
CA GLN B 78 5.85 0.87 -3.25
C GLN B 78 5.01 0.85 -1.97
N LEU B 79 4.00 1.72 -1.86
CA LEU B 79 3.13 1.81 -0.67
C LEU B 79 2.23 0.59 -0.56
N GLU B 80 1.71 0.06 -1.68
CA GLU B 80 0.82 -1.10 -1.65
C GLU B 80 1.41 -2.28 -0.87
N GLU B 81 2.74 -2.46 -0.96
CA GLU B 81 3.45 -3.53 -0.28
C GLU B 81 3.26 -3.42 1.23
N CYS B 82 3.21 -2.20 1.78
CA CYS B 82 3.01 -1.96 3.19
C CYS B 82 1.59 -2.39 3.59
N ILE B 83 0.61 -2.11 2.74
CA ILE B 83 -0.79 -2.48 3.00
C ILE B 83 -0.87 -4.01 3.10
N ILE B 84 -0.13 -4.78 2.28
CA ILE B 84 -0.16 -6.24 2.33
C ILE B 84 0.08 -6.71 3.77
N ASN B 85 1.18 -6.28 4.38
CA ASN B 85 1.51 -6.67 5.75
C ASN B 85 0.48 -6.16 6.75
N ALA B 86 0.01 -4.93 6.58
CA ALA B 86 -0.97 -4.32 7.44
C ALA B 86 -2.31 -5.05 7.42
N GLN B 87 -2.75 -5.50 6.24
CA GLN B 87 -4.00 -6.22 6.07
C GLN B 87 -3.90 -7.47 6.93
N LEU B 88 -2.84 -8.24 6.78
CA LEU B 88 -2.67 -9.46 7.56
C LEU B 88 -2.70 -9.16 9.07
N LEU B 89 -2.19 -8.00 9.51
CA LEU B 89 -2.24 -7.64 10.93
C LEU B 89 -3.68 -7.32 11.35
N GLN B 90 -4.51 -6.83 10.44
CA GLN B 90 -5.91 -6.48 10.69
C GLN B 90 -6.78 -7.75 10.76
N PHE B 91 -6.29 -8.90 10.29
CA PHE B 91 -6.92 -10.23 10.33
C PHE B 91 -6.35 -11.00 11.53
N ASP B 92 -6.94 -12.15 11.93
CA ASP B 92 -6.41 -12.91 13.08
C ASP B 92 -5.22 -13.73 12.62
N ALA B 93 -4.13 -13.73 13.38
CA ALA B 93 -2.91 -14.46 13.08
C ALA B 93 -3.06 -15.97 13.26
N ASP B 94 -3.94 -16.40 14.15
CA ASP B 94 -4.16 -17.82 14.48
C ASP B 94 -4.62 -18.65 13.28
N SER B 95 -5.68 -18.22 12.61
CA SER B 95 -6.17 -18.94 11.44
C SER B 95 -5.27 -18.62 10.24
N LEU B 96 -4.64 -17.44 10.20
CA LEU B 96 -3.75 -17.04 9.12
C LEU B 96 -2.65 -18.07 8.95
N GLN B 97 -2.16 -18.65 10.05
CA GLN B 97 -1.10 -19.64 10.00
C GLN B 97 -1.55 -20.88 9.22
N ASP B 98 -2.82 -21.24 9.34
CA ASP B 98 -3.39 -22.40 8.66
C ASP B 98 -3.49 -22.18 7.15
N ILE B 99 -3.77 -20.94 6.73
CA ILE B 99 -3.90 -20.58 5.32
C ILE B 99 -2.49 -20.52 4.74
N TYR B 100 -1.59 -19.88 5.48
CA TYR B 100 -0.19 -19.71 5.15
C TYR B 100 0.47 -21.06 4.87
N LYS B 101 0.33 -22.04 5.75
CA LYS B 101 0.94 -23.37 5.55
C LYS B 101 0.30 -24.17 4.41
N SER B 102 -0.85 -23.71 3.92
CA SER B 102 -1.62 -24.31 2.86
C SER B 102 -1.39 -23.55 1.55
N MET B 103 -0.68 -22.41 1.56
CA MET B 103 -0.44 -21.61 0.36
C MET B 103 0.52 -22.26 -0.63
N GLU B 104 0.40 -21.85 -1.89
CA GLU B 104 1.20 -22.26 -3.05
C GLU B 104 2.43 -21.35 -3.07
N MET A 1 0.84 -18.21 17.05
CA MET A 1 1.18 -17.33 15.91
C MET A 1 0.73 -15.91 16.20
N ASN A 2 1.68 -15.03 16.51
CA ASN A 2 1.43 -13.61 16.79
C ASN A 2 1.68 -12.77 15.53
N ASN A 3 1.30 -11.50 15.54
CA ASN A 3 1.44 -10.59 14.39
C ASN A 3 2.80 -10.56 13.68
N ASN A 4 3.93 -10.49 14.39
CA ASN A 4 5.28 -10.40 13.83
C ASN A 4 5.59 -11.54 12.86
N GLU A 5 4.95 -12.68 13.06
CA GLU A 5 5.20 -13.82 12.20
C GLU A 5 4.77 -13.52 10.77
N LEU A 6 3.63 -12.82 10.59
CA LEU A 6 3.09 -12.49 9.27
C LEU A 6 3.97 -11.56 8.46
N THR A 7 4.69 -10.66 9.12
CA THR A 7 5.59 -9.71 8.51
C THR A 7 6.96 -10.37 8.21
N SER A 8 7.31 -11.47 8.87
CA SER A 8 8.59 -12.17 8.69
C SER A 8 8.67 -12.95 7.38
N LEU A 9 7.55 -13.41 6.84
CA LEU A 9 7.51 -14.15 5.59
C LEU A 9 7.62 -13.15 4.42
N PRO A 10 8.20 -13.54 3.27
CA PRO A 10 8.40 -12.68 2.12
C PRO A 10 7.08 -12.24 1.52
N LEU A 11 7.12 -11.11 0.81
CA LEU A 11 5.96 -10.50 0.18
C LEU A 11 5.15 -11.46 -0.70
N ALA A 12 5.81 -12.32 -1.47
CA ALA A 12 5.15 -13.28 -2.34
C ALA A 12 4.20 -14.18 -1.55
N GLU A 13 4.69 -14.72 -0.43
CA GLU A 13 3.91 -15.58 0.45
C GLU A 13 2.85 -14.75 1.17
N ARG A 14 3.24 -13.55 1.61
CA ARG A 14 2.39 -12.61 2.33
C ARG A 14 1.13 -12.30 1.54
N LYS A 15 1.26 -11.89 0.28
CA LYS A 15 0.09 -11.57 -0.54
C LYS A 15 -0.72 -12.83 -0.84
N ARG A 16 -0.05 -13.99 -0.97
CA ARG A 16 -0.75 -15.22 -1.26
C ARG A 16 -1.69 -15.55 -0.11
N LEU A 17 -1.20 -15.56 1.14
CA LEU A 17 -2.01 -15.88 2.30
C LEU A 17 -3.12 -14.85 2.46
N LEU A 18 -2.83 -13.57 2.21
CA LEU A 18 -3.77 -12.46 2.34
C LEU A 18 -4.99 -12.70 1.49
N GLU A 19 -4.80 -13.01 0.21
CA GLU A 19 -5.92 -13.23 -0.70
C GLU A 19 -6.80 -14.36 -0.20
N LEU A 20 -6.21 -15.43 0.34
CA LEU A 20 -6.96 -16.55 0.85
C LEU A 20 -7.72 -16.19 2.11
N ALA A 21 -7.03 -15.58 3.07
CA ALA A 21 -7.59 -15.22 4.36
C ALA A 21 -8.74 -14.24 4.23
N LYS A 22 -8.55 -13.17 3.47
CA LYS A 22 -9.60 -12.19 3.30
C LYS A 22 -10.82 -12.76 2.65
N ALA A 23 -10.60 -13.57 1.63
CA ALA A 23 -11.65 -14.16 0.87
C ALA A 23 -12.36 -15.25 1.68
N ALA A 24 -11.66 -15.88 2.62
CA ALA A 24 -12.19 -16.92 3.51
C ALA A 24 -12.90 -16.32 4.72
N LYS A 25 -12.83 -14.99 4.94
CA LYS A 25 -13.50 -14.29 6.06
C LYS A 25 -13.30 -14.93 7.45
N LEU A 26 -12.18 -15.60 7.66
CA LEU A 26 -11.86 -16.30 8.91
C LEU A 26 -11.93 -15.49 10.21
N SER A 27 -11.75 -14.17 10.13
CA SER A 27 -11.73 -13.22 11.25
C SER A 27 -11.36 -11.86 10.65
N ARG A 28 -12.35 -11.00 10.35
CA ARG A 28 -12.24 -9.68 9.79
C ARG A 28 -13.57 -8.91 9.94
N GLN A 29 -13.70 -7.82 9.19
CA GLN A 29 -14.81 -6.86 9.10
C GLN A 29 -15.29 -6.33 10.44
N HIS A 30 -14.51 -5.37 10.93
CA HIS A 30 -14.72 -4.63 12.17
C HIS A 30 -15.66 -3.47 11.82
N TYR A 31 -16.90 -3.79 11.45
CA TYR A 31 -17.95 -2.87 11.04
C TYR A 31 -17.44 -2.08 9.85
N ASP B 1 13.90 26.44 -25.68
CA ASP B 1 12.48 26.08 -25.54
C ASP B 1 12.25 25.47 -24.17
N HIS B 2 10.99 25.21 -23.80
CA HIS B 2 10.65 24.60 -22.52
C HIS B 2 10.89 23.09 -22.60
N SER B 3 10.97 22.43 -21.44
CA SER B 3 11.18 20.99 -21.36
C SER B 3 10.40 20.43 -20.18
N SER B 4 10.79 20.85 -18.97
CA SER B 4 10.20 20.42 -17.72
C SER B 4 10.38 18.90 -17.60
N VAL B 5 9.80 18.30 -16.58
CA VAL B 5 9.83 16.86 -16.27
C VAL B 5 8.84 16.04 -17.05
N ILE B 6 8.56 16.56 -18.21
CA ILE B 6 7.62 15.94 -19.11
C ILE B 6 8.21 14.63 -19.60
N THR B 7 7.44 13.58 -19.37
CA THR B 7 7.73 12.20 -19.74
C THR B 7 6.49 11.72 -20.49
N GLN B 8 6.69 10.75 -21.37
CA GLN B 8 5.68 10.17 -22.24
C GLN B 8 5.40 8.70 -21.90
N GLU B 9 6.41 7.94 -21.51
CA GLU B 9 6.30 6.52 -21.16
C GLU B 9 5.60 6.25 -19.82
N TYR B 10 4.72 7.16 -19.41
CA TYR B 10 3.93 7.12 -18.20
C TYR B 10 3.17 5.79 -18.12
N ALA B 11 3.04 5.26 -16.90
CA ALA B 11 2.34 4.02 -16.63
C ALA B 11 1.12 4.34 -15.80
N ALA B 12 -0.06 4.03 -16.35
CA ALA B 12 -1.33 4.26 -15.70
C ALA B 12 -1.41 3.42 -14.41
N PRO B 13 -2.23 3.83 -13.45
CA PRO B 13 -2.36 3.11 -12.21
C PRO B 13 -2.92 1.72 -12.44
N GLN B 14 -2.39 0.77 -11.68
CA GLN B 14 -2.83 -0.62 -11.65
C GLN B 14 -4.22 -0.57 -11.01
N GLY B 15 -4.90 -1.72 -10.95
CA GLY B 15 -6.25 -1.81 -10.40
C GLY B 15 -6.43 -1.15 -9.04
N GLU B 16 -7.60 -1.37 -8.45
CA GLU B 16 -8.02 -0.74 -7.20
C GLU B 16 -7.01 -0.71 -6.05
N ILE B 17 -6.07 -1.65 -5.93
CA ILE B 17 -5.09 -1.59 -4.86
C ILE B 17 -4.18 -0.37 -5.10
N GLU B 18 -3.55 -0.24 -6.28
CA GLU B 18 -2.65 0.87 -6.60
C GLU B 18 -3.40 2.18 -6.84
N GLU B 19 -4.47 2.12 -7.63
CA GLU B 19 -5.30 3.27 -7.97
C GLU B 19 -5.78 4.01 -6.71
N GLN B 20 -5.96 3.27 -5.59
CA GLN B 20 -6.44 3.82 -4.34
C GLN B 20 -5.58 4.97 -3.86
N LEU B 21 -4.27 4.73 -3.73
CA LEU B 21 -3.32 5.72 -3.28
C LEU B 21 -2.99 6.72 -4.37
N ALA B 22 -2.84 6.24 -5.60
CA ALA B 22 -2.49 7.06 -6.75
C ALA B 22 -3.48 8.19 -6.93
N ASP B 23 -4.76 7.97 -6.64
CA ASP B 23 -5.81 8.98 -6.78
C ASP B 23 -5.63 10.11 -5.76
N ILE B 24 -5.30 9.73 -4.53
CA ILE B 24 -5.12 10.68 -3.46
C ILE B 24 -3.81 11.46 -3.65
N TRP B 25 -2.75 10.82 -4.15
CA TRP B 25 -1.46 11.47 -4.35
C TRP B 25 -1.57 12.77 -5.14
N GLN B 26 -2.11 12.78 -6.37
CA GLN B 26 -2.21 14.04 -7.10
C GLN B 26 -3.08 15.05 -6.39
N THR B 27 -4.06 14.63 -5.61
CA THR B 27 -4.93 15.51 -4.86
C THR B 27 -4.15 16.22 -3.73
N ILE B 28 -3.14 15.57 -3.16
CA ILE B 28 -2.32 16.10 -2.07
C ILE B 28 -1.33 17.11 -2.63
N LEU B 29 -0.55 16.69 -3.64
CA LEU B 29 0.46 17.57 -4.26
C LEU B 29 -0.17 18.49 -5.31
N LYS B 30 -1.46 18.32 -5.60
CA LYS B 30 -2.24 19.07 -6.60
C LYS B 30 -1.54 18.98 -7.96
N ILE B 31 -1.07 17.77 -8.32
CA ILE B 31 -0.37 17.47 -9.56
C ILE B 31 -1.33 16.97 -10.63
N ASP B 32 -0.78 16.73 -11.82
CA ASP B 32 -1.49 16.22 -12.99
C ASP B 32 -1.92 14.77 -12.73
N ARG B 33 -0.97 13.83 -12.83
CA ARG B 33 -1.15 12.39 -12.66
C ARG B 33 0.01 11.77 -11.88
N ILE B 34 -0.10 10.50 -11.50
CA ILE B 34 0.91 9.75 -10.78
C ILE B 34 1.19 8.54 -11.66
N GLY B 35 2.45 8.15 -11.79
CA GLY B 35 2.87 7.01 -12.58
C GLY B 35 3.29 5.93 -11.61
N ARG B 36 2.98 4.65 -11.86
CA ARG B 36 3.34 3.57 -10.92
C ARG B 36 4.87 3.38 -10.75
N TYR B 37 5.69 4.07 -11.53
CA TYR B 37 7.15 4.04 -11.50
C TYR B 37 7.70 5.44 -11.16
N ASP B 38 6.86 6.38 -10.72
CA ASP B 38 7.24 7.73 -10.32
C ASP B 38 7.98 7.70 -8.98
N ASN B 39 8.73 8.77 -8.71
CA ASN B 39 9.49 8.98 -7.48
C ASN B 39 8.74 10.10 -6.77
N PHE B 40 8.13 9.83 -5.62
CA PHE B 40 7.34 10.79 -4.83
C PHE B 40 8.04 12.14 -4.60
N PHE B 41 9.38 12.15 -4.50
CA PHE B 41 10.13 13.39 -4.28
C PHE B 41 10.18 14.24 -5.56
N GLU B 42 10.22 13.60 -6.72
CA GLU B 42 10.27 14.29 -8.01
C GLU B 42 8.94 15.02 -8.23
N LEU B 43 7.83 14.38 -7.83
CA LEU B 43 6.53 14.98 -8.00
C LEU B 43 6.35 16.22 -7.11
N GLY B 44 6.91 16.25 -5.91
CA GLY B 44 6.81 17.39 -4.99
C GLY B 44 6.32 17.00 -3.61
N GLY B 45 6.27 15.70 -3.29
CA GLY B 45 5.85 15.22 -2.00
C GLY B 45 6.90 15.63 -0.95
N HIS B 46 6.50 16.48 0.00
CA HIS B 46 7.36 16.98 1.09
C HIS B 46 6.95 16.28 2.37
N SER B 47 7.77 16.42 3.41
CA SER B 47 7.59 15.82 4.73
C SER B 47 6.18 15.97 5.27
N LEU B 48 5.69 17.20 5.37
CA LEU B 48 4.35 17.48 5.88
C LEU B 48 3.23 16.83 5.05
N LEU B 49 3.47 16.52 3.77
CA LEU B 49 2.47 15.88 2.92
C LEU B 49 2.41 14.41 3.29
N VAL B 50 3.53 13.84 3.74
CA VAL B 50 3.58 12.44 4.16
C VAL B 50 2.68 12.27 5.39
N LEU B 51 2.58 13.31 6.25
CA LEU B 51 1.74 13.24 7.45
C LEU B 51 0.29 13.10 7.03
N GLN B 52 -0.19 13.93 6.09
CA GLN B 52 -1.57 13.86 5.63
C GLN B 52 -1.81 12.59 4.83
N LEU B 53 -0.81 12.13 4.07
CA LEU B 53 -0.97 10.92 3.27
C LEU B 53 -1.26 9.76 4.21
N GLN B 54 -0.41 9.59 5.24
CA GLN B 54 -0.53 8.55 6.25
C GLN B 54 -1.93 8.50 6.85
N SER B 55 -2.45 9.67 7.20
CA SER B 55 -3.76 9.82 7.78
C SER B 55 -4.82 9.19 6.88
N ARG B 56 -4.70 9.31 5.55
CA ARG B 56 -5.66 8.72 4.65
C ARG B 56 -5.40 7.22 4.54
N ILE B 57 -4.15 6.77 4.33
CA ILE B 57 -3.86 5.34 4.21
C ILE B 57 -4.45 4.57 5.40
N ASN B 58 -4.39 5.17 6.59
CA ASN B 58 -4.90 4.54 7.79
C ASN B 58 -6.39 4.19 7.63
N GLU B 59 -7.27 5.13 7.25
CA GLU B 59 -8.70 4.82 7.08
C GLU B 59 -9.04 4.17 5.73
N ILE B 60 -8.39 4.59 4.65
CA ILE B 60 -8.63 4.10 3.29
C ILE B 60 -8.44 2.58 3.23
N PHE B 61 -7.42 2.06 3.91
CA PHE B 61 -7.15 0.63 3.95
C PHE B 61 -7.54 0.01 5.31
N ASP B 62 -7.99 0.82 6.27
CA ASP B 62 -8.39 0.44 7.63
C ASP B 62 -7.24 -0.32 8.32
N VAL B 63 -6.09 0.35 8.38
CA VAL B 63 -4.84 -0.15 8.93
C VAL B 63 -4.11 0.96 9.70
N ASP B 64 -2.95 0.65 10.26
CA ASP B 64 -2.09 1.52 11.03
C ASP B 64 -0.74 1.62 10.34
N ILE B 65 -0.50 2.74 9.65
CA ILE B 65 0.73 3.01 8.90
C ILE B 65 1.40 4.24 9.45
N SER B 66 2.73 4.25 9.50
CA SER B 66 3.51 5.39 9.94
C SER B 66 4.12 6.09 8.72
N ILE B 67 4.53 7.33 8.92
CA ILE B 67 5.14 8.23 7.94
C ILE B 67 6.41 7.62 7.35
N GLN B 68 7.15 6.89 8.19
CA GLN B 68 8.39 6.25 7.83
C GLN B 68 8.20 5.18 6.74
N GLN B 69 7.07 4.47 6.67
CA GLN B 69 6.82 3.46 5.66
C GLN B 69 6.60 4.14 4.31
N LEU B 70 5.86 5.25 4.31
CA LEU B 70 5.57 6.02 3.11
C LEU B 70 6.88 6.58 2.55
N PHE B 71 7.67 7.25 3.39
CA PHE B 71 8.95 7.82 2.96
C PHE B 71 9.95 6.73 2.55
N ALA B 72 9.79 5.51 3.06
CA ALA B 72 10.65 4.40 2.73
C ALA B 72 10.30 3.84 1.35
N HIS B 73 9.02 3.90 0.93
CA HIS B 73 8.53 3.40 -0.35
C HIS B 73 7.92 4.56 -1.15
N PRO B 74 8.74 5.44 -1.75
CA PRO B 74 8.29 6.59 -2.54
C PRO B 74 7.74 6.21 -3.93
N SER B 75 7.03 5.09 -4.08
CA SER B 75 6.46 4.63 -5.35
C SER B 75 5.10 3.95 -5.13
N ILE B 76 4.18 3.98 -6.09
CA ILE B 76 2.86 3.34 -5.94
C ILE B 76 3.10 1.82 -5.79
N CYS B 77 3.83 1.24 -6.76
CA CYS B 77 4.20 -0.17 -6.83
C CYS B 77 5.01 -0.62 -5.58
N GLN B 78 5.78 0.26 -4.93
CA GLN B 78 6.52 -0.12 -3.72
C GLN B 78 5.59 -0.09 -2.52
N LEU B 79 4.75 0.95 -2.40
CA LEU B 79 3.80 1.13 -1.31
C LEU B 79 2.90 -0.10 -1.19
N GLU B 80 2.64 -0.79 -2.30
CA GLU B 80 1.81 -1.99 -2.39
C GLU B 80 2.27 -3.02 -1.35
N GLU B 81 3.58 -3.21 -1.16
CA GLU B 81 4.14 -4.16 -0.21
C GLU B 81 3.59 -3.93 1.21
N CYS B 82 3.53 -2.66 1.60
CA CYS B 82 3.08 -2.25 2.91
C CYS B 82 1.61 -2.58 3.09
N ILE B 83 0.76 -2.30 2.09
CA ILE B 83 -0.66 -2.59 2.15
C ILE B 83 -0.83 -4.08 2.45
N ILE B 84 -0.08 -4.95 1.77
CA ILE B 84 -0.16 -6.39 1.97
C ILE B 84 0.03 -6.73 3.46
N ASN B 85 1.13 -6.29 4.07
CA ASN B 85 1.39 -6.60 5.47
C ASN B 85 0.41 -5.93 6.42
N ALA B 86 0.01 -4.70 6.11
CA ALA B 86 -0.90 -3.96 6.96
C ALA B 86 -2.30 -4.55 6.96
N GLN B 87 -2.77 -5.05 5.80
CA GLN B 87 -4.11 -5.60 5.72
C GLN B 87 -4.20 -6.85 6.59
N LEU B 88 -3.17 -7.68 6.56
CA LEU B 88 -3.05 -8.90 7.33
C LEU B 88 -2.99 -8.57 8.82
N LEU B 89 -2.30 -7.49 9.21
CA LEU B 89 -2.20 -7.09 10.62
C LEU B 89 -3.56 -6.83 11.25
N GLN B 90 -4.59 -6.39 10.49
CA GLN B 90 -5.88 -6.17 11.12
C GLN B 90 -6.64 -7.50 11.29
N PHE B 91 -6.26 -8.58 10.59
CA PHE B 91 -6.93 -9.88 10.75
C PHE B 91 -6.38 -10.60 11.98
N ASP B 92 -7.08 -11.63 12.45
CA ASP B 92 -6.63 -12.41 13.61
C ASP B 92 -5.41 -13.24 13.21
N ALA B 93 -4.27 -13.02 13.86
CA ALA B 93 -3.03 -13.73 13.57
C ALA B 93 -3.09 -15.24 13.86
N ASP B 94 -3.96 -15.68 14.77
CA ASP B 94 -4.08 -17.10 15.13
C ASP B 94 -4.68 -17.90 13.99
N SER B 95 -5.80 -17.42 13.47
CA SER B 95 -6.49 -18.07 12.37
C SER B 95 -5.69 -17.87 11.07
N LEU B 96 -4.96 -16.76 10.93
CA LEU B 96 -4.15 -16.42 9.77
C LEU B 96 -3.08 -17.48 9.54
N GLN B 97 -2.53 -18.06 10.62
CA GLN B 97 -1.49 -19.06 10.50
C GLN B 97 -2.03 -20.31 9.83
N ASP B 98 -3.28 -20.66 10.14
CA ASP B 98 -3.92 -21.86 9.61
C ASP B 98 -4.01 -21.83 8.10
N ILE B 99 -4.31 -20.65 7.56
CA ILE B 99 -4.44 -20.44 6.12
C ILE B 99 -3.06 -20.39 5.50
N TYR B 100 -2.15 -19.68 6.15
CA TYR B 100 -0.77 -19.53 5.72
C TYR B 100 -0.09 -20.88 5.47
N LYS B 101 -0.25 -21.85 6.37
CA LYS B 101 0.38 -23.15 6.20
C LYS B 101 -0.31 -24.00 5.14
N SER B 102 -1.51 -23.61 4.72
CA SER B 102 -2.28 -24.32 3.72
C SER B 102 -2.08 -23.75 2.32
N MET B 103 -1.64 -22.48 2.21
CA MET B 103 -1.43 -21.84 0.91
C MET B 103 -0.42 -22.60 0.05
N GLU B 104 -0.49 -22.40 -1.27
CA GLU B 104 0.42 -23.04 -2.23
C GLU B 104 1.87 -22.82 -1.83
N MET A 1 2.18 -18.93 15.40
CA MET A 1 1.11 -18.17 14.75
C MET A 1 0.89 -16.88 15.54
N ASN A 2 1.42 -15.77 15.05
CA ASN A 2 1.31 -14.47 15.71
C ASN A 2 1.58 -13.38 14.68
N ASN A 3 1.18 -12.15 15.00
CA ASN A 3 1.32 -10.97 14.16
C ASN A 3 2.75 -10.66 13.70
N ASN A 4 3.78 -11.11 14.41
CA ASN A 4 5.18 -10.88 14.02
C ASN A 4 5.59 -11.82 12.88
N GLU A 5 4.98 -13.00 12.79
CA GLU A 5 5.34 -13.97 11.76
C GLU A 5 4.95 -13.48 10.37
N LEU A 6 3.70 -13.03 10.22
CA LEU A 6 3.16 -12.54 8.96
C LEU A 6 3.99 -11.38 8.39
N THR A 7 4.60 -10.57 9.26
CA THR A 7 5.41 -9.45 8.81
C THR A 7 6.83 -9.92 8.44
N SER A 8 7.31 -11.03 9.02
CA SER A 8 8.64 -11.55 8.76
C SER A 8 8.75 -12.29 7.43
N LEU A 9 7.66 -12.90 6.95
CA LEU A 9 7.67 -13.65 5.71
C LEU A 9 7.78 -12.72 4.48
N PRO A 10 8.31 -13.21 3.35
CA PRO A 10 8.48 -12.44 2.13
C PRO A 10 7.14 -12.00 1.54
N LEU A 11 7.17 -10.89 0.79
CA LEU A 11 6.02 -10.29 0.15
C LEU A 11 5.18 -11.26 -0.69
N ALA A 12 5.80 -12.20 -1.41
CA ALA A 12 5.05 -13.15 -2.24
C ALA A 12 4.10 -14.00 -1.39
N GLU A 13 4.58 -14.55 -0.28
CA GLU A 13 3.77 -15.38 0.61
C GLU A 13 2.77 -14.49 1.33
N ARG A 14 3.20 -13.27 1.65
CA ARG A 14 2.38 -12.28 2.34
C ARG A 14 1.12 -11.99 1.53
N LYS A 15 1.26 -11.65 0.24
CA LYS A 15 0.10 -11.39 -0.59
C LYS A 15 -0.68 -12.67 -0.86
N ARG A 16 0.00 -13.81 -0.95
CA ARG A 16 -0.64 -15.09 -1.21
C ARG A 16 -1.66 -15.40 -0.12
N LEU A 17 -1.26 -15.34 1.15
CA LEU A 17 -2.16 -15.62 2.25
C LEU A 17 -3.23 -14.55 2.38
N LEU A 18 -2.88 -13.26 2.16
CA LEU A 18 -3.80 -12.13 2.27
C LEU A 18 -4.98 -12.26 1.32
N GLU A 19 -4.73 -12.66 0.09
CA GLU A 19 -5.80 -12.78 -0.89
C GLU A 19 -6.80 -13.83 -0.43
N LEU A 20 -6.28 -14.99 -0.03
CA LEU A 20 -7.09 -16.09 0.45
C LEU A 20 -7.81 -15.67 1.73
N ALA A 21 -7.16 -14.94 2.63
CA ALA A 21 -7.76 -14.48 3.87
C ALA A 21 -8.94 -13.58 3.60
N LYS A 22 -8.75 -12.59 2.73
CA LYS A 22 -9.82 -11.67 2.39
C LYS A 22 -10.99 -12.45 1.78
N ALA A 23 -10.70 -13.36 0.85
CA ALA A 23 -11.71 -14.16 0.17
C ALA A 23 -12.42 -15.14 1.09
N ALA A 24 -11.72 -15.73 2.06
CA ALA A 24 -12.27 -16.69 3.02
C ALA A 24 -13.17 -15.96 4.02
N LYS A 25 -12.96 -14.65 4.20
CA LYS A 25 -13.72 -13.77 5.09
C LYS A 25 -13.58 -14.14 6.56
N LEU A 26 -12.49 -14.81 6.95
CA LEU A 26 -12.25 -15.22 8.33
C LEU A 26 -12.45 -14.09 9.35
N SER A 27 -12.06 -12.86 9.01
CA SER A 27 -12.15 -11.69 9.87
C SER A 27 -12.17 -10.43 9.02
N ARG A 28 -12.51 -9.28 9.62
CA ARG A 28 -12.57 -7.95 9.03
C ARG A 28 -12.89 -6.97 10.15
N GLN A 29 -12.95 -5.68 9.81
CA GLN A 29 -13.26 -4.61 10.74
C GLN A 29 -14.60 -4.90 11.42
N HIS A 30 -14.71 -4.46 12.67
CA HIS A 30 -15.87 -4.62 13.52
C HIS A 30 -16.97 -3.61 13.16
N TYR A 31 -17.38 -3.59 11.90
CA TYR A 31 -18.40 -2.74 11.32
C TYR A 31 -19.03 -3.57 10.22
N ASP B 1 -1.58 29.70 -14.48
CA ASP B 1 -0.30 29.38 -15.14
C ASP B 1 -0.40 27.97 -15.71
N HIS B 2 0.72 27.29 -15.97
CA HIS B 2 0.79 25.94 -16.51
C HIS B 2 2.11 25.29 -16.13
N SER B 3 2.19 23.96 -16.30
CA SER B 3 3.31 23.05 -16.05
C SER B 3 2.76 21.61 -15.98
N SER B 4 3.54 20.63 -16.44
CA SER B 4 3.20 19.21 -16.44
C SER B 4 4.49 18.42 -16.20
N VAL B 5 4.40 17.25 -15.56
CA VAL B 5 5.58 16.42 -15.32
C VAL B 5 6.05 15.92 -16.70
N ILE B 6 7.30 15.49 -16.81
CA ILE B 6 7.88 15.03 -18.05
C ILE B 6 8.36 13.59 -17.86
N THR B 7 7.66 12.68 -18.50
CA THR B 7 7.93 11.27 -18.47
C THR B 7 7.58 10.64 -19.83
N GLN B 8 8.48 9.80 -20.35
CA GLN B 8 8.28 9.11 -21.63
C GLN B 8 8.02 7.63 -21.38
N GLU B 9 8.48 7.16 -20.22
CA GLU B 9 8.38 5.78 -19.77
C GLU B 9 7.35 5.59 -18.65
N TYR B 10 6.21 6.28 -18.73
CA TYR B 10 5.18 6.13 -17.72
C TYR B 10 4.55 4.73 -17.87
N ALA B 11 4.21 4.12 -16.74
CA ALA B 11 3.61 2.79 -16.61
C ALA B 11 2.34 2.99 -15.77
N ALA B 12 1.20 2.60 -16.33
CA ALA B 12 -0.16 2.69 -15.80
C ALA B 12 -0.34 2.12 -14.39
N PRO B 13 -1.37 2.55 -13.64
CA PRO B 13 -1.60 2.07 -12.28
C PRO B 13 -2.14 0.65 -12.31
N GLN B 14 -1.72 -0.11 -11.31
CA GLN B 14 -2.10 -1.49 -11.04
C GLN B 14 -3.51 -1.46 -10.43
N GLY B 15 -4.08 -2.63 -10.14
CA GLY B 15 -5.42 -2.76 -9.57
C GLY B 15 -5.70 -1.86 -8.36
N GLU B 16 -6.84 -2.07 -7.70
CA GLU B 16 -7.32 -1.29 -6.55
C GLU B 16 -6.31 -1.02 -5.45
N ILE B 17 -5.30 -1.87 -5.28
CA ILE B 17 -4.30 -1.63 -4.27
C ILE B 17 -3.45 -0.42 -4.67
N GLU B 18 -2.81 -0.44 -5.84
CA GLU B 18 -1.95 0.67 -6.28
C GLU B 18 -2.71 1.92 -6.71
N GLU B 19 -3.75 1.74 -7.53
CA GLU B 19 -4.55 2.85 -8.01
C GLU B 19 -5.11 3.69 -6.86
N GLN B 20 -5.38 3.08 -5.69
CA GLN B 20 -5.94 3.79 -4.55
C GLN B 20 -5.07 4.98 -4.14
N LEU B 21 -3.78 4.76 -3.90
CA LEU B 21 -2.89 5.83 -3.51
C LEU B 21 -2.56 6.69 -4.70
N ALA B 22 -2.44 6.10 -5.89
CA ALA B 22 -2.12 6.84 -7.09
C ALA B 22 -3.13 7.95 -7.30
N ASP B 23 -4.40 7.74 -6.97
CA ASP B 23 -5.48 8.70 -7.12
C ASP B 23 -5.31 9.89 -6.19
N ILE B 24 -4.97 9.60 -4.95
CA ILE B 24 -4.82 10.60 -3.92
C ILE B 24 -3.51 11.39 -4.12
N TRP B 25 -2.46 10.74 -4.61
CA TRP B 25 -1.18 11.38 -4.80
C TRP B 25 -1.27 12.62 -5.69
N GLN B 26 -1.78 12.53 -6.92
CA GLN B 26 -1.86 13.76 -7.72
C GLN B 26 -2.74 14.82 -7.08
N THR B 27 -3.73 14.44 -6.30
CA THR B 27 -4.60 15.41 -5.64
C THR B 27 -3.79 16.20 -4.59
N ILE B 28 -2.81 15.56 -3.96
CA ILE B 28 -1.96 16.11 -2.92
C ILE B 28 -0.92 17.06 -3.53
N LEU B 29 -0.18 16.57 -4.54
CA LEU B 29 0.88 17.32 -5.20
C LEU B 29 0.38 18.21 -6.31
N LYS B 30 -0.92 18.14 -6.62
CA LYS B 30 -1.52 18.92 -7.70
C LYS B 30 -0.83 18.55 -9.02
N ILE B 31 -0.45 17.28 -9.18
CA ILE B 31 0.25 16.77 -10.37
C ILE B 31 -0.75 16.22 -11.38
N ASP B 32 -0.23 15.79 -12.52
CA ASP B 32 -1.01 15.23 -13.60
C ASP B 32 -1.41 13.77 -13.34
N ARG B 33 -0.46 12.82 -13.41
CA ARG B 33 -0.64 11.38 -13.20
C ARG B 33 0.50 10.79 -12.36
N ILE B 34 0.38 9.55 -11.88
CA ILE B 34 1.38 8.89 -11.04
C ILE B 34 1.72 7.52 -11.59
N GLY B 35 2.90 7.42 -12.23
CA GLY B 35 3.38 6.15 -12.80
C GLY B 35 3.65 5.14 -11.67
N ARG B 36 3.73 3.84 -11.95
CA ARG B 36 3.98 2.88 -10.87
C ARG B 36 5.46 2.84 -10.43
N TYR B 37 6.37 3.18 -11.34
CA TYR B 37 7.82 3.21 -11.15
C TYR B 37 8.31 4.63 -10.80
N ASP B 38 7.38 5.54 -10.48
CA ASP B 38 7.60 6.92 -10.11
C ASP B 38 8.58 7.11 -8.94
N ASN B 39 9.10 8.33 -8.86
CA ASN B 39 10.00 8.76 -7.79
C ASN B 39 9.22 9.91 -7.17
N PHE B 40 8.65 9.74 -5.98
CA PHE B 40 7.85 10.75 -5.27
C PHE B 40 8.55 12.11 -5.25
N PHE B 41 9.88 12.11 -5.10
CA PHE B 41 10.68 13.32 -5.07
C PHE B 41 10.71 14.02 -6.43
N GLU B 42 10.76 13.26 -7.53
CA GLU B 42 10.77 13.79 -8.89
C GLU B 42 9.44 14.48 -9.17
N LEU B 43 8.35 13.93 -8.63
CA LEU B 43 7.03 14.51 -8.86
C LEU B 43 6.98 15.86 -8.13
N GLY B 44 7.60 15.96 -6.97
CA GLY B 44 7.65 17.17 -6.15
C GLY B 44 7.28 16.95 -4.70
N GLY B 45 7.03 15.71 -4.26
CA GLY B 45 6.68 15.41 -2.89
C GLY B 45 7.68 16.01 -1.90
N HIS B 46 7.18 16.50 -0.77
CA HIS B 46 7.95 17.10 0.31
C HIS B 46 7.46 16.51 1.63
N SER B 47 8.26 16.64 2.70
CA SER B 47 7.95 16.10 4.03
C SER B 47 6.51 16.35 4.51
N LEU B 48 6.00 17.58 4.35
CA LEU B 48 4.65 17.92 4.78
C LEU B 48 3.56 17.11 4.06
N LEU B 49 3.83 16.65 2.82
CA LEU B 49 2.87 15.88 2.04
C LEU B 49 2.78 14.47 2.57
N VAL B 50 3.88 13.96 3.12
CA VAL B 50 3.96 12.62 3.67
C VAL B 50 3.03 12.51 4.89
N LEU B 51 2.92 13.58 5.69
CA LEU B 51 2.08 13.62 6.87
C LEU B 51 0.61 13.52 6.49
N GLN B 52 0.19 14.34 5.52
CA GLN B 52 -1.19 14.30 5.11
C GLN B 52 -1.47 12.96 4.39
N LEU B 53 -0.51 12.45 3.62
CA LEU B 53 -0.66 11.19 2.91
C LEU B 53 -0.91 10.07 3.91
N GLN B 54 -0.07 9.95 4.95
CA GLN B 54 -0.20 8.95 5.99
C GLN B 54 -1.59 8.97 6.60
N SER B 55 -2.09 10.19 6.87
CA SER B 55 -3.39 10.41 7.45
C SER B 55 -4.47 9.79 6.54
N ARG B 56 -4.28 9.79 5.21
CA ARG B 56 -5.22 9.18 4.28
C ARG B 56 -5.03 7.67 4.33
N ILE B 57 -3.81 7.15 4.21
CA ILE B 57 -3.53 5.71 4.25
C ILE B 57 -4.17 5.08 5.48
N ASN B 58 -4.26 5.82 6.59
CA ASN B 58 -4.85 5.32 7.82
C ASN B 58 -6.32 4.91 7.62
N GLU B 59 -7.15 5.80 7.08
CA GLU B 59 -8.57 5.57 6.83
C GLU B 59 -8.84 4.77 5.54
N ILE B 60 -8.07 5.02 4.49
CA ILE B 60 -8.18 4.40 3.17
C ILE B 60 -7.94 2.90 3.27
N PHE B 61 -6.88 2.49 3.98
CA PHE B 61 -6.54 1.07 4.12
C PHE B 61 -6.97 0.51 5.46
N ASP B 62 -7.45 1.35 6.38
CA ASP B 62 -7.93 0.97 7.72
C ASP B 62 -6.79 0.34 8.54
N VAL B 63 -5.58 0.90 8.50
CA VAL B 63 -4.37 0.41 9.18
C VAL B 63 -3.48 1.56 9.64
N ASP B 64 -2.39 1.31 10.36
CA ASP B 64 -1.47 2.35 10.82
C ASP B 64 -0.13 2.22 10.09
N ILE B 65 0.03 2.97 9.00
CA ILE B 65 1.28 3.00 8.23
C ILE B 65 1.95 4.24 8.77
N SER B 66 3.19 4.09 9.18
CA SER B 66 3.95 5.19 9.73
C SER B 66 4.53 6.06 8.62
N ILE B 67 4.95 7.27 8.96
CA ILE B 67 5.53 8.22 8.02
C ILE B 67 6.79 7.61 7.38
N GLN B 68 7.59 6.90 8.17
CA GLN B 68 8.82 6.27 7.71
C GLN B 68 8.58 5.31 6.54
N GLN B 69 7.49 4.53 6.54
CA GLN B 69 7.20 3.59 5.46
C GLN B 69 6.99 4.36 4.15
N LEU B 70 6.20 5.44 4.19
CA LEU B 70 5.93 6.25 3.02
C LEU B 70 7.24 6.87 2.51
N PHE B 71 8.10 7.32 3.42
CA PHE B 71 9.38 7.94 3.08
C PHE B 71 10.39 6.90 2.56
N ALA B 72 10.31 5.66 3.06
CA ALA B 72 11.17 4.54 2.69
C ALA B 72 10.77 3.92 1.35
N HIS B 73 9.50 4.03 0.94
CA HIS B 73 9.00 3.47 -0.31
C HIS B 73 8.37 4.63 -1.13
N PRO B 74 9.17 5.58 -1.66
CA PRO B 74 8.72 6.74 -2.44
C PRO B 74 8.28 6.41 -3.87
N SER B 75 7.46 5.36 -4.07
CA SER B 75 6.94 4.92 -5.36
C SER B 75 5.63 4.16 -5.11
N ILE B 76 4.65 4.22 -6.02
CA ILE B 76 3.35 3.54 -5.87
C ILE B 76 3.52 2.03 -5.69
N CYS B 77 4.23 1.36 -6.61
CA CYS B 77 4.41 -0.08 -6.54
C CYS B 77 5.30 -0.50 -5.36
N GLN B 78 6.16 0.38 -4.84
CA GLN B 78 6.98 -0.01 -3.69
C GLN B 78 6.14 0.14 -2.41
N LEU B 79 5.15 1.03 -2.38
CA LEU B 79 4.29 1.29 -1.23
C LEU B 79 3.32 0.13 -0.96
N GLU B 80 2.74 -0.46 -2.01
CA GLU B 80 1.77 -1.56 -1.88
C GLU B 80 2.32 -2.70 -1.01
N GLU B 81 3.62 -2.98 -1.09
CA GLU B 81 4.29 -4.04 -0.35
C GLU B 81 4.04 -3.92 1.16
N CYS B 82 3.95 -2.68 1.65
CA CYS B 82 3.70 -2.36 3.05
C CYS B 82 2.24 -2.60 3.41
N ILE B 83 1.32 -2.19 2.55
CA ILE B 83 -0.12 -2.33 2.74
C ILE B 83 -0.45 -3.81 2.92
N ILE B 84 0.17 -4.68 2.12
CA ILE B 84 -0.03 -6.13 2.19
C ILE B 84 0.18 -6.58 3.64
N ASN B 85 1.34 -6.25 4.22
CA ASN B 85 1.65 -6.62 5.60
C ASN B 85 0.71 -5.94 6.59
N ALA B 86 0.46 -4.64 6.44
CA ALA B 86 -0.40 -3.91 7.35
C ALA B 86 -1.84 -4.40 7.38
N GLN B 87 -2.37 -4.86 6.24
CA GLN B 87 -3.74 -5.33 6.13
C GLN B 87 -3.91 -6.66 6.88
N LEU B 88 -2.93 -7.55 6.77
CA LEU B 88 -2.91 -8.84 7.42
C LEU B 88 -2.94 -8.67 8.94
N LEU B 89 -2.31 -7.61 9.44
CA LEU B 89 -2.25 -7.28 10.87
C LEU B 89 -3.63 -6.95 11.43
N GLN B 90 -4.63 -6.64 10.59
CA GLN B 90 -5.96 -6.35 11.09
C GLN B 90 -6.76 -7.65 11.19
N PHE B 91 -6.43 -8.71 10.41
CA PHE B 91 -7.17 -9.96 10.50
C PHE B 91 -6.72 -10.69 11.78
N ASP B 92 -7.45 -11.72 12.21
CA ASP B 92 -7.09 -12.48 13.40
C ASP B 92 -5.92 -13.39 13.04
N ALA B 93 -4.77 -13.24 13.70
CA ALA B 93 -3.56 -14.00 13.44
C ALA B 93 -3.70 -15.51 13.69
N ASP B 94 -4.59 -15.91 14.59
CA ASP B 94 -4.79 -17.32 14.92
C ASP B 94 -5.38 -18.07 13.72
N SER B 95 -6.48 -17.55 13.16
CA SER B 95 -7.14 -18.15 12.00
C SER B 95 -6.32 -17.91 10.73
N LEU B 96 -5.55 -16.83 10.65
CA LEU B 96 -4.69 -16.50 9.52
C LEU B 96 -3.69 -17.61 9.29
N GLN B 97 -3.22 -18.27 10.36
CA GLN B 97 -2.24 -19.34 10.25
C GLN B 97 -2.80 -20.52 9.48
N ASP B 98 -4.10 -20.78 9.57
CA ASP B 98 -4.71 -21.91 8.87
C ASP B 98 -4.74 -21.67 7.38
N ILE B 99 -5.04 -20.44 6.99
CA ILE B 99 -5.12 -20.04 5.58
C ILE B 99 -3.69 -20.08 5.02
N TYR B 100 -2.76 -19.53 5.79
CA TYR B 100 -1.35 -19.46 5.47
C TYR B 100 -0.80 -20.86 5.18
N LYS B 101 -1.08 -21.88 6.00
CA LYS B 101 -0.56 -23.23 5.73
C LYS B 101 -1.26 -23.89 4.53
N SER B 102 -2.36 -23.34 4.04
CA SER B 102 -3.13 -23.85 2.92
C SER B 102 -2.77 -23.10 1.64
N MET B 103 -2.10 -21.94 1.75
CA MET B 103 -1.69 -21.17 0.60
C MET B 103 -0.64 -21.99 -0.15
N GLU B 104 -0.62 -21.84 -1.46
CA GLU B 104 0.31 -22.53 -2.33
C GLU B 104 1.68 -21.87 -2.27
N MET A 1 -1.60 -17.34 17.55
CA MET A 1 -0.28 -16.95 17.04
C MET A 1 -0.26 -15.43 16.95
N ASN A 2 0.86 -14.79 17.31
CA ASN A 2 1.03 -13.34 17.29
C ASN A 2 1.15 -12.74 15.89
N ASN A 3 0.89 -11.42 15.78
CA ASN A 3 0.97 -10.69 14.50
C ASN A 3 2.39 -10.63 13.92
N ASN A 4 3.41 -10.81 14.77
CA ASN A 4 4.82 -10.74 14.40
C ASN A 4 5.25 -11.84 13.44
N GLU A 5 4.59 -12.99 13.45
CA GLU A 5 4.95 -14.09 12.56
C GLU A 5 4.62 -13.72 11.10
N LEU A 6 3.48 -13.06 10.86
CA LEU A 6 3.02 -12.69 9.50
C LEU A 6 4.00 -11.88 8.67
N THR A 7 4.73 -10.99 9.33
CA THR A 7 5.71 -10.12 8.74
C THR A 7 7.08 -10.79 8.53
N SER A 8 7.32 -11.93 9.17
CA SER A 8 8.58 -12.68 9.11
C SER A 8 8.79 -13.48 7.83
N LEU A 9 7.72 -13.89 7.15
CA LEU A 9 7.78 -14.63 5.88
C LEU A 9 7.95 -13.58 4.76
N PRO A 10 8.39 -13.93 3.53
CA PRO A 10 8.58 -12.97 2.44
C PRO A 10 7.25 -12.48 1.89
N LEU A 11 7.30 -11.40 1.10
CA LEU A 11 6.12 -10.81 0.48
C LEU A 11 5.35 -11.82 -0.38
N ALA A 12 6.04 -12.76 -1.03
CA ALA A 12 5.43 -13.79 -1.86
C ALA A 12 4.42 -14.63 -1.09
N GLU A 13 4.81 -15.09 0.10
CA GLU A 13 3.97 -15.89 0.97
C GLU A 13 2.91 -14.98 1.62
N ARG A 14 3.33 -13.77 2.01
CA ARG A 14 2.50 -12.76 2.66
C ARG A 14 1.28 -12.42 1.79
N LYS A 15 1.50 -12.04 0.54
CA LYS A 15 0.42 -11.70 -0.38
C LYS A 15 -0.39 -12.95 -0.72
N ARG A 16 0.25 -14.12 -0.83
CA ARG A 16 -0.46 -15.34 -1.16
C ARG A 16 -1.50 -15.62 -0.08
N LEU A 17 -1.08 -15.64 1.19
CA LEU A 17 -2.00 -15.92 2.28
C LEU A 17 -3.06 -14.85 2.43
N LEU A 18 -2.73 -13.57 2.16
CA LEU A 18 -3.67 -12.46 2.26
C LEU A 18 -4.84 -12.65 1.31
N GLU A 19 -4.55 -13.08 0.09
CA GLU A 19 -5.58 -13.29 -0.92
C GLU A 19 -6.55 -14.36 -0.41
N LEU A 20 -6.01 -15.50 0.04
CA LEU A 20 -6.77 -16.63 0.58
C LEU A 20 -7.57 -16.19 1.79
N ALA A 21 -6.93 -15.52 2.75
CA ALA A 21 -7.57 -15.07 3.97
C ALA A 21 -8.74 -14.13 3.67
N LYS A 22 -8.53 -13.15 2.79
CA LYS A 22 -9.59 -12.22 2.43
C LYS A 22 -10.72 -12.99 1.77
N ALA A 23 -10.41 -13.89 0.85
CA ALA A 23 -11.40 -14.71 0.16
C ALA A 23 -12.19 -15.57 1.14
N ALA A 24 -11.55 -16.09 2.20
CA ALA A 24 -12.13 -16.95 3.22
C ALA A 24 -12.93 -16.16 4.24
N LYS A 25 -12.69 -14.85 4.40
CA LYS A 25 -13.36 -13.99 5.37
C LYS A 25 -13.24 -14.60 6.77
N LEU A 26 -12.05 -15.10 7.10
CA LEU A 26 -11.77 -15.72 8.39
C LEU A 26 -11.88 -14.74 9.57
N SER A 27 -11.69 -13.44 9.33
CA SER A 27 -11.75 -12.34 10.27
C SER A 27 -11.73 -11.05 9.43
N ARG A 28 -12.37 -9.96 9.88
CA ARG A 28 -12.41 -8.66 9.23
C ARG A 28 -12.96 -7.67 10.26
N GLN A 29 -13.18 -6.42 9.84
CA GLN A 29 -13.70 -5.34 10.66
C GLN A 29 -15.03 -5.74 11.33
N HIS A 30 -15.24 -5.27 12.56
CA HIS A 30 -16.40 -5.52 13.40
C HIS A 30 -17.35 -4.31 13.47
N TYR A 31 -17.52 -3.57 12.36
CA TYR A 31 -18.34 -2.38 12.21
C TYR A 31 -17.81 -1.25 13.10
N ASP B 1 7.61 32.30 -19.34
CA ASP B 1 6.75 31.13 -19.05
C ASP B 1 7.63 29.92 -18.85
N HIS B 2 7.23 29.00 -17.97
CA HIS B 2 7.96 27.78 -17.68
C HIS B 2 6.92 26.80 -17.12
N SER B 3 6.24 26.07 -18.00
CA SER B 3 5.20 25.14 -17.59
C SER B 3 5.02 24.05 -18.65
N SER B 4 5.90 23.04 -18.63
CA SER B 4 5.87 21.92 -19.56
C SER B 4 6.56 20.72 -18.92
N VAL B 5 5.77 19.83 -18.33
CA VAL B 5 6.25 18.62 -17.66
C VAL B 5 7.05 17.75 -18.65
N ILE B 6 7.84 16.81 -18.12
CA ILE B 6 8.68 15.91 -18.89
C ILE B 6 8.18 14.46 -18.69
N THR B 7 8.81 13.54 -19.42
CA THR B 7 8.62 12.11 -19.54
C THR B 7 7.46 11.90 -20.51
N GLN B 8 7.43 10.73 -21.14
CA GLN B 8 6.42 10.37 -22.11
C GLN B 8 5.91 8.95 -21.91
N GLU B 9 6.74 8.04 -21.40
CA GLU B 9 6.36 6.65 -21.16
C GLU B 9 5.61 6.56 -19.83
N TYR B 10 4.47 7.25 -19.72
CA TYR B 10 3.67 7.23 -18.53
C TYR B 10 3.13 5.83 -18.35
N ALA B 11 3.30 5.30 -17.14
CA ALA B 11 2.85 3.98 -16.76
C ALA B 11 1.47 4.10 -16.14
N ALA B 12 0.47 3.44 -16.73
CA ALA B 12 -0.87 3.48 -16.22
C ALA B 12 -0.89 2.73 -14.88
N PRO B 13 -1.82 3.07 -13.98
CA PRO B 13 -1.91 2.40 -12.71
C PRO B 13 -2.42 0.98 -12.90
N GLN B 14 -2.03 0.15 -11.95
CA GLN B 14 -2.42 -1.24 -11.80
C GLN B 14 -3.85 -1.18 -11.25
N GLY B 15 -4.45 -2.35 -11.06
CA GLY B 15 -5.82 -2.50 -10.59
C GLY B 15 -6.16 -1.66 -9.35
N GLU B 16 -7.37 -1.83 -8.81
CA GLU B 16 -7.91 -1.03 -7.71
C GLU B 16 -7.03 -0.78 -6.50
N ILE B 17 -6.07 -1.63 -6.14
CA ILE B 17 -5.22 -1.32 -5.00
C ILE B 17 -4.26 -0.20 -5.40
N GLU B 18 -3.57 -0.28 -6.54
CA GLU B 18 -2.61 0.74 -6.92
C GLU B 18 -3.25 2.06 -7.30
N GLU B 19 -4.22 2.01 -8.21
CA GLU B 19 -4.92 3.21 -8.66
C GLU B 19 -5.54 4.00 -7.50
N GLN B 20 -5.93 3.31 -6.42
CA GLN B 20 -6.57 3.95 -5.29
C GLN B 20 -5.62 4.89 -4.55
N LEU B 21 -4.42 4.43 -4.14
CA LEU B 21 -3.53 5.37 -3.47
C LEU B 21 -3.05 6.41 -4.46
N ALA B 22 -2.87 6.02 -5.73
CA ALA B 22 -2.42 6.88 -6.80
C ALA B 22 -3.41 8.00 -7.02
N ASP B 23 -4.71 7.83 -6.76
CA ASP B 23 -5.72 8.88 -6.97
C ASP B 23 -5.51 10.00 -5.96
N ILE B 24 -5.22 9.63 -4.73
CA ILE B 24 -5.00 10.59 -3.66
C ILE B 24 -3.67 11.30 -3.86
N TRP B 25 -2.65 10.61 -4.40
CA TRP B 25 -1.32 11.20 -4.62
C TRP B 25 -1.41 12.50 -5.40
N GLN B 26 -1.99 12.56 -6.60
CA GLN B 26 -2.06 13.84 -7.30
C GLN B 26 -2.87 14.86 -6.53
N THR B 27 -3.83 14.46 -5.73
CA THR B 27 -4.63 15.37 -4.92
C THR B 27 -3.74 16.05 -3.85
N ILE B 28 -2.72 15.32 -3.36
CA ILE B 28 -1.80 15.78 -2.32
C ILE B 28 -0.84 16.80 -2.89
N LEU B 29 -0.18 16.46 -4.00
CA LEU B 29 0.82 17.30 -4.66
C LEU B 29 0.21 18.26 -5.68
N LYS B 30 -1.08 18.15 -5.98
CA LYS B 30 -1.81 18.95 -6.97
C LYS B 30 -1.23 18.70 -8.37
N ILE B 31 -0.87 17.45 -8.68
CA ILE B 31 -0.30 17.06 -9.97
C ILE B 31 -1.34 16.56 -10.98
N ASP B 32 -0.87 16.25 -12.18
CA ASP B 32 -1.63 15.74 -13.30
C ASP B 32 -2.01 14.27 -13.09
N ARG B 33 -1.03 13.36 -13.21
CA ARG B 33 -1.16 11.90 -13.06
C ARG B 33 -0.01 11.34 -12.22
N ILE B 34 -0.08 10.06 -11.85
CA ILE B 34 0.93 9.37 -11.07
C ILE B 34 1.30 8.09 -11.81
N GLY B 35 2.58 7.87 -12.09
CA GLY B 35 3.03 6.67 -12.78
C GLY B 35 3.48 5.65 -11.73
N ARG B 36 3.26 4.35 -11.98
CA ARG B 36 3.60 3.24 -11.09
C ARG B 36 5.07 3.16 -10.66
N TYR B 37 5.99 3.71 -11.47
CA TYR B 37 7.43 3.70 -11.21
C TYR B 37 7.94 5.09 -10.81
N ASP B 38 7.11 6.14 -10.94
CA ASP B 38 7.55 7.49 -10.60
C ASP B 38 7.97 7.56 -9.14
N ASN B 39 8.86 8.49 -8.84
CA ASN B 39 9.42 8.70 -7.52
C ASN B 39 8.68 9.86 -6.87
N PHE B 40 8.09 9.64 -5.69
CA PHE B 40 7.35 10.66 -4.92
C PHE B 40 8.18 11.95 -4.81
N PHE B 41 9.48 11.83 -4.55
CA PHE B 41 10.39 12.96 -4.40
C PHE B 41 10.54 13.74 -5.71
N GLU B 42 10.54 13.05 -6.85
CA GLU B 42 10.67 13.69 -8.16
C GLU B 42 9.36 14.37 -8.56
N LEU B 43 8.21 13.87 -8.08
CA LEU B 43 6.91 14.45 -8.41
C LEU B 43 6.64 15.73 -7.62
N GLY B 44 7.31 15.89 -6.47
CA GLY B 44 7.19 17.06 -5.61
C GLY B 44 6.85 16.69 -4.16
N GLY B 45 6.75 15.40 -3.85
CA GLY B 45 6.46 14.90 -2.53
C GLY B 45 7.51 15.38 -1.54
N HIS B 46 7.08 16.17 -0.56
CA HIS B 46 7.89 16.75 0.50
C HIS B 46 7.41 16.13 1.81
N SER B 47 8.23 16.23 2.87
CA SER B 47 7.95 15.69 4.20
C SER B 47 6.54 15.96 4.72
N LEU B 48 6.05 17.20 4.59
CA LEU B 48 4.71 17.58 5.06
C LEU B 48 3.59 16.82 4.35
N LEU B 49 3.80 16.36 3.11
CA LEU B 49 2.79 15.64 2.34
C LEU B 49 2.64 14.21 2.81
N VAL B 50 3.73 13.66 3.32
CA VAL B 50 3.78 12.29 3.82
C VAL B 50 2.83 12.16 5.03
N LEU B 51 2.68 13.22 5.82
CA LEU B 51 1.83 13.21 7.01
C LEU B 51 0.37 13.10 6.62
N GLN B 52 -0.07 13.92 5.65
CA GLN B 52 -1.46 13.85 5.22
C GLN B 52 -1.69 12.51 4.52
N LEU B 53 -0.72 12.04 3.73
CA LEU B 53 -0.79 10.79 2.98
C LEU B 53 -1.00 9.59 3.89
N GLN B 54 -0.24 9.47 4.98
CA GLN B 54 -0.37 8.36 5.92
C GLN B 54 -1.79 8.28 6.48
N SER B 55 -2.48 9.41 6.63
CA SER B 55 -3.83 9.40 7.18
C SER B 55 -4.75 8.73 6.18
N ARG B 56 -4.43 8.85 4.90
CA ARG B 56 -5.20 8.27 3.82
C ARG B 56 -4.97 6.80 3.84
N ILE B 57 -3.72 6.37 3.84
CA ILE B 57 -3.45 4.94 3.84
C ILE B 57 -4.14 4.29 5.04
N ASN B 58 -4.16 4.99 6.19
CA ASN B 58 -4.81 4.48 7.38
C ASN B 58 -6.32 4.33 7.19
N GLU B 59 -7.05 5.35 6.68
CA GLU B 59 -8.51 5.23 6.52
C GLU B 59 -8.99 4.46 5.29
N ILE B 60 -8.29 4.65 4.18
CA ILE B 60 -8.57 4.05 2.89
C ILE B 60 -8.37 2.53 2.94
N PHE B 61 -7.29 2.05 3.57
CA PHE B 61 -7.03 0.62 3.66
C PHE B 61 -7.46 0.02 5.00
N ASP B 62 -7.88 0.86 5.95
CA ASP B 62 -8.35 0.52 7.29
C ASP B 62 -7.28 -0.28 8.05
N VAL B 63 -6.05 0.25 8.07
CA VAL B 63 -4.88 -0.36 8.72
C VAL B 63 -4.02 0.73 9.39
N ASP B 64 -2.94 0.35 10.09
CA ASP B 64 -2.04 1.26 10.79
C ASP B 64 -0.66 1.36 10.11
N ILE B 65 -0.52 2.36 9.25
CA ILE B 65 0.70 2.65 8.49
C ILE B 65 1.39 3.88 9.10
N SER B 66 2.72 3.90 9.11
CA SER B 66 3.52 5.00 9.63
C SER B 66 4.14 5.83 8.48
N ILE B 67 4.61 7.04 8.76
CA ILE B 67 5.24 7.95 7.78
C ILE B 67 6.48 7.29 7.18
N GLN B 68 7.22 6.53 7.99
CA GLN B 68 8.44 5.86 7.59
C GLN B 68 8.23 4.94 6.38
N GLN B 69 7.16 4.13 6.38
CA GLN B 69 6.83 3.20 5.29
C GLN B 69 6.67 3.95 3.97
N LEU B 70 5.93 5.07 4.01
CA LEU B 70 5.69 5.89 2.83
C LEU B 70 6.98 6.43 2.23
N PHE B 71 7.96 6.78 3.07
CA PHE B 71 9.25 7.29 2.63
C PHE B 71 10.11 6.15 2.09
N ALA B 72 10.02 4.98 2.73
CA ALA B 72 10.78 3.79 2.37
C ALA B 72 10.34 3.21 1.03
N HIS B 73 9.06 3.36 0.65
CA HIS B 73 8.48 2.88 -0.59
C HIS B 73 7.79 4.08 -1.28
N PRO B 74 8.57 5.00 -1.87
CA PRO B 74 8.09 6.21 -2.52
C PRO B 74 7.53 6.02 -3.95
N SER B 75 6.84 4.92 -4.24
CA SER B 75 6.23 4.64 -5.54
C SER B 75 4.94 3.86 -5.30
N ILE B 76 3.98 3.89 -6.23
CA ILE B 76 2.69 3.21 -6.07
C ILE B 76 2.81 1.69 -5.87
N CYS B 77 3.50 0.98 -6.76
CA CYS B 77 3.65 -0.48 -6.66
C CYS B 77 4.60 -0.86 -5.51
N GLN B 78 5.46 0.06 -5.06
CA GLN B 78 6.36 -0.23 -3.95
C GLN B 78 5.52 -0.17 -2.67
N LEU B 79 4.71 0.89 -2.52
CA LEU B 79 3.82 1.13 -1.38
C LEU B 79 2.89 -0.06 -1.15
N GLU B 80 2.55 -0.76 -2.23
CA GLU B 80 1.69 -1.93 -2.27
C GLU B 80 2.18 -2.98 -1.26
N GLU B 81 3.50 -3.16 -1.13
CA GLU B 81 4.10 -4.13 -0.19
C GLU B 81 3.64 -3.85 1.24
N CYS B 82 3.64 -2.57 1.61
CA CYS B 82 3.24 -2.13 2.93
C CYS B 82 1.78 -2.47 3.17
N ILE B 83 0.92 -2.34 2.16
CA ILE B 83 -0.50 -2.65 2.30
C ILE B 83 -0.65 -4.15 2.55
N ILE B 84 0.09 -5.00 1.83
CA ILE B 84 -0.01 -6.45 2.03
C ILE B 84 0.20 -6.80 3.50
N ASN B 85 1.32 -6.37 4.09
CA ASN B 85 1.58 -6.69 5.49
C ASN B 85 0.57 -6.02 6.42
N ALA B 86 0.18 -4.79 6.15
CA ALA B 86 -0.77 -4.06 6.99
C ALA B 86 -2.17 -4.66 6.95
N GLN B 87 -2.61 -5.17 5.80
CA GLN B 87 -3.95 -5.76 5.66
C GLN B 87 -4.01 -7.03 6.49
N LEU B 88 -2.90 -7.75 6.54
CA LEU B 88 -2.82 -8.97 7.34
C LEU B 88 -2.84 -8.57 8.81
N LEU B 89 -2.15 -7.47 9.21
CA LEU B 89 -2.14 -7.01 10.60
C LEU B 89 -3.54 -6.70 11.13
N GLN B 90 -4.49 -6.28 10.28
CA GLN B 90 -5.85 -5.99 10.78
C GLN B 90 -6.63 -7.30 11.01
N PHE B 91 -6.27 -8.38 10.32
CA PHE B 91 -6.93 -9.68 10.46
C PHE B 91 -6.35 -10.34 11.72
N ASP B 92 -7.06 -11.28 12.32
CA ASP B 92 -6.60 -11.96 13.53
C ASP B 92 -5.45 -12.89 13.17
N ALA B 93 -4.28 -12.66 13.76
CA ALA B 93 -3.07 -13.40 13.51
C ALA B 93 -3.20 -14.90 13.81
N ASP B 94 -4.08 -15.25 14.76
CA ASP B 94 -4.29 -16.65 15.14
C ASP B 94 -4.82 -17.50 13.99
N SER B 95 -5.89 -17.03 13.32
CA SER B 95 -6.45 -17.77 12.21
C SER B 95 -5.59 -17.57 10.96
N LEU B 96 -4.94 -16.41 10.83
CA LEU B 96 -4.08 -16.08 9.71
C LEU B 96 -2.98 -17.14 9.54
N GLN B 97 -2.42 -17.61 10.65
CA GLN B 97 -1.35 -18.59 10.66
C GLN B 97 -1.80 -19.94 10.10
N ASP B 98 -3.09 -20.27 10.25
CA ASP B 98 -3.68 -21.53 9.81
C ASP B 98 -3.85 -21.57 8.30
N ILE B 99 -4.17 -20.43 7.69
CA ILE B 99 -4.36 -20.30 6.25
C ILE B 99 -2.97 -20.26 5.64
N TYR B 100 -2.08 -19.53 6.28
CA TYR B 100 -0.70 -19.36 5.89
C TYR B 100 -0.01 -20.70 5.69
N LYS B 101 0.00 -21.58 6.68
CA LYS B 101 0.66 -22.89 6.57
C LYS B 101 -0.04 -23.82 5.57
N SER B 102 -1.28 -23.48 5.19
CA SER B 102 -2.14 -24.20 4.27
C SER B 102 -2.17 -23.51 2.90
N MET B 103 -1.39 -22.44 2.69
CA MET B 103 -1.35 -21.71 1.42
C MET B 103 -0.85 -22.63 0.30
N GLU B 104 -1.23 -22.28 -0.93
CA GLU B 104 -0.92 -22.97 -2.18
C GLU B 104 -1.09 -24.47 -1.99
N MET A 1 2.37 -16.85 17.55
CA MET A 1 1.66 -16.63 16.28
C MET A 1 0.99 -15.25 16.27
N ASN A 2 1.60 -14.23 16.89
CA ASN A 2 1.01 -12.89 16.93
C ASN A 2 1.18 -12.15 15.60
N ASN A 3 0.46 -11.03 15.47
CA ASN A 3 0.45 -10.19 14.27
C ASN A 3 1.82 -9.67 13.86
N ASN A 4 2.77 -9.50 14.79
CA ASN A 4 4.10 -9.02 14.44
C ASN A 4 4.86 -10.09 13.64
N GLU A 5 4.54 -11.36 13.82
CA GLU A 5 5.20 -12.45 13.12
C GLU A 5 4.86 -12.47 11.61
N LEU A 6 3.60 -12.15 11.24
CA LEU A 6 3.08 -12.14 9.87
C LEU A 6 3.85 -11.23 8.91
N THR A 7 4.43 -10.16 9.42
CA THR A 7 5.18 -9.17 8.65
C THR A 7 6.62 -9.62 8.33
N SER A 8 7.14 -10.64 9.04
CA SER A 8 8.50 -11.12 8.84
C SER A 8 8.71 -11.93 7.56
N LEU A 9 7.65 -12.58 7.07
CA LEU A 9 7.70 -13.39 5.86
C LEU A 9 7.74 -12.48 4.62
N PRO A 10 8.32 -12.95 3.51
CA PRO A 10 8.44 -12.17 2.28
C PRO A 10 7.09 -11.88 1.66
N LEU A 11 7.05 -10.81 0.86
CA LEU A 11 5.87 -10.33 0.16
C LEU A 11 5.14 -11.41 -0.62
N ALA A 12 5.87 -12.30 -1.31
CA ALA A 12 5.25 -13.37 -2.10
C ALA A 12 4.36 -14.26 -1.23
N GLU A 13 4.85 -14.66 -0.06
CA GLU A 13 4.12 -15.52 0.88
C GLU A 13 3.03 -14.68 1.57
N ARG A 14 3.32 -13.41 1.84
CA ARG A 14 2.42 -12.47 2.49
C ARG A 14 1.15 -12.29 1.68
N LYS A 15 1.26 -11.96 0.39
CA LYS A 15 0.10 -11.78 -0.47
C LYS A 15 -0.59 -13.11 -0.72
N ARG A 16 0.17 -14.21 -0.78
CA ARG A 16 -0.35 -15.55 -0.99
C ARG A 16 -1.35 -15.88 0.10
N LEU A 17 -0.97 -15.72 1.38
CA LEU A 17 -1.85 -16.02 2.50
C LEU A 17 -2.98 -14.98 2.60
N LEU A 18 -2.70 -13.70 2.33
CA LEU A 18 -3.67 -12.60 2.42
C LEU A 18 -4.92 -12.87 1.59
N GLU A 19 -4.73 -13.35 0.37
CA GLU A 19 -5.86 -13.61 -0.51
C GLU A 19 -6.76 -14.69 0.10
N LEU A 20 -6.15 -15.79 0.57
CA LEU A 20 -6.85 -16.91 1.18
C LEU A 20 -7.60 -16.42 2.41
N ALA A 21 -6.94 -15.62 3.25
CA ALA A 21 -7.50 -15.05 4.47
C ALA A 21 -8.71 -14.18 4.15
N LYS A 22 -8.58 -13.27 3.18
CA LYS A 22 -9.64 -12.38 2.76
C LYS A 22 -10.83 -13.22 2.30
N ALA A 23 -10.58 -14.24 1.49
CA ALA A 23 -11.59 -15.12 0.96
C ALA A 23 -12.23 -15.98 2.05
N ALA A 24 -11.47 -16.44 3.03
CA ALA A 24 -11.96 -17.29 4.12
C ALA A 24 -12.75 -16.50 5.16
N LYS A 25 -12.59 -15.17 5.21
CA LYS A 25 -13.28 -14.27 6.14
C LYS A 25 -13.05 -14.65 7.60
N LEU A 26 -11.97 -15.37 7.91
CA LEU A 26 -11.63 -15.79 9.27
C LEU A 26 -11.78 -14.71 10.34
N SER A 27 -11.47 -13.45 9.99
CA SER A 27 -11.52 -12.30 10.90
C SER A 27 -11.72 -10.95 10.20
N ARG A 28 -12.14 -10.99 8.93
CA ARG A 28 -12.39 -9.81 8.09
C ARG A 28 -13.68 -9.06 8.53
N GLN A 29 -14.14 -8.12 7.70
CA GLN A 29 -15.31 -7.28 7.80
C GLN A 29 -15.36 -6.36 9.02
N HIS A 30 -14.34 -5.51 9.15
CA HIS A 30 -14.17 -4.52 10.22
C HIS A 30 -15.08 -3.29 10.01
N TYR A 31 -16.33 -3.49 9.61
CA TYR A 31 -17.34 -2.49 9.37
C TYR A 31 -18.64 -2.98 9.98
N ASP B 1 2.32 26.21 -9.25
CA ASP B 1 3.01 25.51 -8.17
C ASP B 1 3.20 24.04 -8.56
N HIS B 2 4.20 23.75 -9.39
CA HIS B 2 4.53 22.41 -9.85
C HIS B 2 6.02 22.31 -10.16
N SER B 3 6.55 21.08 -10.16
CA SER B 3 7.92 20.70 -10.45
C SER B 3 7.87 19.24 -10.91
N SER B 4 7.83 19.03 -12.22
CA SER B 4 7.80 17.73 -12.87
C SER B 4 8.18 17.88 -14.34
N VAL B 5 8.52 16.75 -14.97
CA VAL B 5 8.89 16.64 -16.35
C VAL B 5 7.94 15.66 -17.05
N ILE B 6 7.99 15.64 -18.37
CA ILE B 6 7.18 14.79 -19.22
C ILE B 6 7.97 13.55 -19.61
N THR B 7 7.26 12.46 -19.89
CA THR B 7 7.79 11.18 -20.33
C THR B 7 6.81 10.61 -21.33
N GLN B 8 7.34 9.67 -22.08
CA GLN B 8 6.65 8.93 -23.13
C GLN B 8 6.20 7.62 -22.49
N GLU B 9 7.08 6.96 -21.75
CA GLU B 9 6.87 5.70 -21.07
C GLU B 9 6.10 5.80 -19.74
N TYR B 10 5.09 6.67 -19.67
CA TYR B 10 4.23 6.84 -18.49
C TYR B 10 3.51 5.51 -18.26
N ALA B 11 3.28 5.12 -17.01
CA ALA B 11 2.61 3.87 -16.66
C ALA B 11 1.27 4.18 -15.99
N ALA B 12 0.18 3.70 -16.61
CA ALA B 12 -1.17 3.90 -16.09
C ALA B 12 -1.37 3.21 -14.74
N PRO B 13 -2.28 3.72 -13.90
CA PRO B 13 -2.53 3.12 -12.60
C PRO B 13 -3.21 1.77 -12.78
N GLN B 14 -2.79 0.83 -11.93
CA GLN B 14 -3.34 -0.51 -11.85
C GLN B 14 -4.72 -0.36 -11.21
N GLY B 15 -5.47 -1.45 -11.10
CA GLY B 15 -6.81 -1.47 -10.53
C GLY B 15 -6.94 -0.75 -9.17
N GLU B 16 -8.11 -0.85 -8.54
CA GLU B 16 -8.44 -0.15 -7.31
C GLU B 16 -7.40 -0.17 -6.19
N ILE B 17 -6.54 -1.19 -6.07
CA ILE B 17 -5.51 -1.18 -5.04
C ILE B 17 -4.54 -0.02 -5.34
N GLU B 18 -3.94 0.03 -6.53
CA GLU B 18 -2.99 1.06 -6.92
C GLU B 18 -3.65 2.41 -7.20
N GLU B 19 -4.71 2.44 -8.00
CA GLU B 19 -5.41 3.68 -8.32
C GLU B 19 -5.85 4.43 -7.06
N GLN B 20 -6.16 3.71 -5.96
CA GLN B 20 -6.64 4.34 -4.74
C GLN B 20 -5.70 5.42 -4.24
N LEU B 21 -4.43 5.09 -4.09
CA LEU B 21 -3.44 6.02 -3.62
C LEU B 21 -3.06 6.99 -4.72
N ALA B 22 -2.95 6.50 -5.96
CA ALA B 22 -2.57 7.30 -7.10
C ALA B 22 -3.51 8.47 -7.24
N ASP B 23 -4.79 8.33 -6.96
CA ASP B 23 -5.82 9.36 -7.06
C ASP B 23 -5.56 10.51 -6.09
N ILE B 24 -5.21 10.13 -4.87
CA ILE B 24 -4.96 11.05 -3.79
C ILE B 24 -3.61 11.74 -3.98
N TRP B 25 -2.62 11.06 -4.54
CA TRP B 25 -1.30 11.63 -4.76
C TRP B 25 -1.40 12.92 -5.56
N GLN B 26 -2.00 12.94 -6.77
CA GLN B 26 -2.07 14.21 -7.50
C GLN B 26 -2.87 15.27 -6.77
N THR B 27 -3.84 14.89 -5.95
CA THR B 27 -4.62 15.85 -5.17
C THR B 27 -3.73 16.57 -4.15
N ILE B 28 -2.73 15.87 -3.60
CA ILE B 28 -1.81 16.38 -2.60
C ILE B 28 -0.76 17.28 -3.25
N LEU B 29 -0.09 16.81 -4.31
CA LEU B 29 0.95 17.57 -5.01
C LEU B 29 0.34 18.47 -6.10
N LYS B 30 -0.99 18.50 -6.20
CA LYS B 30 -1.77 19.29 -7.16
C LYS B 30 -1.29 19.04 -8.60
N ILE B 31 -0.93 17.79 -8.91
CA ILE B 31 -0.42 17.39 -10.23
C ILE B 31 -1.48 16.86 -11.20
N ASP B 32 -1.01 16.55 -12.41
CA ASP B 32 -1.72 16.00 -13.56
C ASP B 32 -2.04 14.52 -13.30
N ARG B 33 -1.08 13.62 -13.46
CA ARG B 33 -1.21 12.19 -13.25
C ARG B 33 -0.08 11.67 -12.38
N ILE B 34 -0.17 10.41 -11.96
CA ILE B 34 0.82 9.73 -11.16
C ILE B 34 1.07 8.43 -11.90
N GLY B 35 2.31 8.19 -12.30
CA GLY B 35 2.67 6.95 -12.97
C GLY B 35 2.98 5.98 -11.84
N ARG B 36 2.74 4.68 -12.01
CA ARG B 36 2.97 3.72 -10.94
C ARG B 36 4.41 3.65 -10.41
N TYR B 37 5.40 4.14 -11.17
CA TYR B 37 6.80 4.14 -10.80
C TYR B 37 7.35 5.57 -10.63
N ASP B 38 6.53 6.63 -10.79
CA ASP B 38 7.02 8.01 -10.62
C ASP B 38 7.46 8.13 -9.15
N ASN B 39 8.52 8.89 -8.87
CA ASN B 39 9.04 9.06 -7.52
C ASN B 39 8.41 10.30 -6.89
N PHE B 40 8.05 10.27 -5.61
CA PHE B 40 7.44 11.45 -4.99
C PHE B 40 8.34 12.68 -5.15
N PHE B 41 9.65 12.50 -5.02
CA PHE B 41 10.63 13.58 -5.16
C PHE B 41 10.56 14.25 -6.52
N GLU B 42 10.54 13.45 -7.58
CA GLU B 42 10.51 13.95 -8.95
C GLU B 42 9.14 14.53 -9.33
N LEU B 43 8.09 14.15 -8.60
CA LEU B 43 6.74 14.65 -8.83
C LEU B 43 6.47 15.98 -8.14
N GLY B 44 7.12 16.26 -7.01
CA GLY B 44 6.93 17.49 -6.24
C GLY B 44 6.54 17.23 -4.80
N GLY B 45 6.55 15.96 -4.37
CA GLY B 45 6.25 15.55 -3.02
C GLY B 45 7.40 16.02 -2.12
N HIS B 46 7.05 16.53 -0.94
CA HIS B 46 7.96 17.04 0.08
C HIS B 46 7.53 16.40 1.40
N SER B 47 8.38 16.38 2.44
CA SER B 47 8.03 15.76 3.72
C SER B 47 6.65 16.13 4.27
N LEU B 48 6.26 17.39 4.26
CA LEU B 48 4.94 17.83 4.75
C LEU B 48 3.77 17.16 3.99
N LEU B 49 3.97 16.77 2.73
CA LEU B 49 2.95 16.12 1.92
C LEU B 49 2.87 14.66 2.33
N VAL B 50 4.01 14.07 2.67
CA VAL B 50 4.08 12.69 3.11
C VAL B 50 3.29 12.57 4.42
N LEU B 51 3.33 13.59 5.29
CA LEU B 51 2.61 13.58 6.55
C LEU B 51 1.12 13.44 6.34
N GLN B 52 0.55 14.24 5.44
CA GLN B 52 -0.87 14.16 5.17
C GLN B 52 -1.19 12.84 4.47
N LEU B 53 -0.34 12.42 3.53
CA LEU B 53 -0.49 11.19 2.76
C LEU B 53 -0.67 9.98 3.68
N GLN B 54 0.11 9.89 4.77
CA GLN B 54 -0.01 8.80 5.72
C GLN B 54 -1.43 8.73 6.29
N SER B 55 -2.09 9.86 6.47
CA SER B 55 -3.44 9.92 7.01
C SER B 55 -4.39 9.31 6.01
N ARG B 56 -4.08 9.41 4.72
CA ARG B 56 -4.88 8.86 3.65
C ARG B 56 -4.74 7.37 3.72
N ILE B 57 -3.52 6.85 3.78
CA ILE B 57 -3.34 5.41 3.87
C ILE B 57 -4.09 4.91 5.10
N ASN B 58 -4.19 5.71 6.17
CA ASN B 58 -4.92 5.33 7.36
C ASN B 58 -6.43 5.29 7.10
N GLU B 59 -7.05 6.31 6.47
CA GLU B 59 -8.50 6.27 6.26
C GLU B 59 -8.97 5.41 5.09
N ILE B 60 -8.17 5.38 4.04
CA ILE B 60 -8.42 4.65 2.80
C ILE B 60 -8.22 3.15 2.94
N PHE B 61 -7.17 2.72 3.66
CA PHE B 61 -6.93 1.28 3.82
C PHE B 61 -7.34 0.79 5.21
N ASP B 62 -7.70 1.69 6.12
CA ASP B 62 -8.15 1.40 7.49
C ASP B 62 -7.03 0.68 8.28
N VAL B 63 -5.76 1.04 8.07
CA VAL B 63 -4.56 0.44 8.69
C VAL B 63 -3.54 1.49 9.13
N ASP B 64 -2.40 1.11 9.69
CA ASP B 64 -1.35 2.03 10.14
C ASP B 64 0.00 1.83 9.43
N ILE B 65 0.23 2.59 8.36
CA ILE B 65 1.48 2.62 7.57
C ILE B 65 2.14 3.90 8.05
N SER B 66 3.47 3.95 8.20
CA SER B 66 4.16 5.15 8.69
C SER B 66 4.76 6.03 7.57
N ILE B 67 5.00 7.32 7.84
CA ILE B 67 5.62 8.27 6.90
C ILE B 67 6.92 7.72 6.33
N GLN B 68 7.66 6.98 7.15
CA GLN B 68 8.93 6.38 6.80
C GLN B 68 8.77 5.40 5.65
N GLN B 69 7.73 4.55 5.65
CA GLN B 69 7.46 3.58 4.60
C GLN B 69 7.12 4.30 3.30
N LEU B 70 6.44 5.46 3.38
CA LEU B 70 6.07 6.25 2.21
C LEU B 70 7.35 6.66 1.46
N PHE B 71 8.39 7.08 2.19
CA PHE B 71 9.68 7.49 1.60
C PHE B 71 10.48 6.27 1.15
N ALA B 72 10.34 5.14 1.85
CA ALA B 72 11.06 3.91 1.55
C ALA B 72 10.62 3.30 0.22
N HIS B 73 9.34 3.51 -0.12
CA HIS B 73 8.70 3.03 -1.32
C HIS B 73 8.02 4.24 -1.95
N PRO B 74 8.80 5.12 -2.62
CA PRO B 74 8.36 6.35 -3.26
C PRO B 74 7.52 6.14 -4.52
N SER B 75 6.87 4.99 -4.73
CA SER B 75 6.06 4.73 -5.93
C SER B 75 4.76 4.00 -5.59
N ILE B 76 3.73 4.10 -6.44
CA ILE B 76 2.43 3.45 -6.22
C ILE B 76 2.58 1.92 -6.07
N CYS B 77 3.21 1.26 -7.05
CA CYS B 77 3.40 -0.17 -7.04
C CYS B 77 4.28 -0.64 -5.87
N GLN B 78 5.12 0.24 -5.31
CA GLN B 78 5.97 -0.09 -4.18
C GLN B 78 5.15 0.01 -2.87
N LEU B 79 4.19 0.94 -2.79
CA LEU B 79 3.33 1.16 -1.62
C LEU B 79 2.49 -0.10 -1.37
N GLU B 80 2.16 -0.83 -2.45
CA GLU B 80 1.39 -2.06 -2.45
C GLU B 80 1.97 -3.06 -1.44
N GLU B 81 3.31 -3.18 -1.37
CA GLU B 81 4.00 -4.11 -0.46
C GLU B 81 3.56 -3.92 0.99
N CYS B 82 3.38 -2.68 1.40
CA CYS B 82 2.97 -2.38 2.76
C CYS B 82 1.48 -2.68 2.95
N ILE B 83 0.61 -2.43 1.97
CA ILE B 83 -0.82 -2.73 2.13
C ILE B 83 -0.97 -4.23 2.40
N ILE B 84 -0.22 -5.08 1.69
CA ILE B 84 -0.31 -6.52 1.91
C ILE B 84 -0.11 -6.84 3.40
N ASN B 85 0.98 -6.34 4.00
CA ASN B 85 1.26 -6.62 5.40
C ASN B 85 0.21 -6.00 6.32
N ALA B 86 -0.22 -4.80 6.02
CA ALA B 86 -1.17 -4.07 6.81
C ALA B 86 -2.59 -4.63 6.76
N GLN B 87 -3.00 -5.20 5.63
CA GLN B 87 -4.33 -5.75 5.51
C GLN B 87 -4.44 -7.01 6.36
N LEU B 88 -3.36 -7.79 6.47
CA LEU B 88 -3.25 -9.01 7.26
C LEU B 88 -3.36 -8.59 8.72
N LEU B 89 -2.80 -7.43 9.10
CA LEU B 89 -2.87 -6.93 10.47
C LEU B 89 -4.32 -6.76 10.91
N GLN B 90 -5.27 -6.48 9.99
CA GLN B 90 -6.67 -6.31 10.38
C GLN B 90 -7.30 -7.66 10.78
N PHE B 91 -6.77 -8.77 10.29
CA PHE B 91 -7.31 -10.11 10.62
C PHE B 91 -6.65 -10.64 11.91
N ASP B 92 -7.18 -11.73 12.49
CA ASP B 92 -6.59 -12.31 13.71
C ASP B 92 -5.34 -13.04 13.27
N ALA B 93 -4.23 -12.84 13.98
CA ALA B 93 -2.97 -13.50 13.66
C ALA B 93 -3.00 -14.99 13.99
N ASP B 94 -3.76 -15.37 15.00
CA ASP B 94 -3.87 -16.77 15.43
C ASP B 94 -4.52 -17.60 14.34
N SER B 95 -5.68 -17.16 13.84
CA SER B 95 -6.37 -17.87 12.78
C SER B 95 -5.55 -17.79 11.49
N LEU B 96 -4.78 -16.71 11.29
CA LEU B 96 -3.95 -16.53 10.12
C LEU B 96 -2.90 -17.62 10.04
N GLN B 97 -2.34 -18.07 11.17
CA GLN B 97 -1.31 -19.09 11.15
C GLN B 97 -1.86 -20.40 10.59
N ASP B 98 -3.16 -20.64 10.78
CA ASP B 98 -3.83 -21.85 10.30
C ASP B 98 -4.00 -21.82 8.79
N ILE B 99 -4.24 -20.63 8.23
CA ILE B 99 -4.41 -20.45 6.79
C ILE B 99 -3.03 -20.51 6.16
N TYR B 100 -2.10 -19.77 6.75
CA TYR B 100 -0.72 -19.65 6.33
C TYR B 100 -0.06 -21.04 6.24
N LYS B 101 -0.23 -21.90 7.24
CA LYS B 101 0.37 -23.24 7.20
C LYS B 101 -0.28 -24.14 6.13
N SER B 102 -1.44 -23.76 5.62
CA SER B 102 -2.21 -24.47 4.62
C SER B 102 -1.99 -23.90 3.23
N MET B 103 -1.50 -22.66 3.11
CA MET B 103 -1.27 -22.04 1.81
C MET B 103 -0.32 -22.88 0.95
N GLU B 104 -0.41 -22.71 -0.35
CA GLU B 104 0.39 -23.44 -1.32
C GLU B 104 1.89 -23.22 -1.16
N MET A 1 -1.24 -18.21 15.69
CA MET A 1 0.19 -17.89 15.69
C MET A 1 0.42 -16.49 16.26
N ASN A 2 0.69 -15.42 15.47
CA ASN A 2 0.94 -14.08 16.01
C ASN A 2 1.05 -13.01 14.91
N ASN A 3 0.82 -11.76 15.26
CA ASN A 3 0.86 -10.64 14.33
C ASN A 3 2.28 -10.41 13.83
N ASN A 4 3.31 -10.51 14.68
CA ASN A 4 4.66 -10.27 14.20
C ASN A 4 5.11 -11.40 13.28
N GLU A 5 4.58 -12.60 13.49
CA GLU A 5 4.92 -13.76 12.68
C GLU A 5 4.43 -13.57 11.24
N LEU A 6 3.31 -12.89 11.01
CA LEU A 6 2.79 -12.64 9.65
C LEU A 6 3.76 -11.71 8.93
N THR A 7 4.35 -10.77 9.66
CA THR A 7 5.32 -9.84 9.14
C THR A 7 6.70 -10.52 9.02
N SER A 8 6.90 -11.75 9.53
CA SER A 8 8.18 -12.45 9.45
C SER A 8 8.34 -13.22 8.14
N LEU A 9 7.24 -13.69 7.55
CA LEU A 9 7.27 -14.43 6.27
C LEU A 9 7.37 -13.40 5.16
N PRO A 10 8.02 -13.70 4.03
CA PRO A 10 8.19 -12.75 2.93
C PRO A 10 6.88 -12.42 2.21
N LEU A 11 6.88 -11.31 1.48
CA LEU A 11 5.77 -10.75 0.70
C LEU A 11 5.07 -11.77 -0.18
N ALA A 12 5.84 -12.69 -0.74
CA ALA A 12 5.33 -13.73 -1.62
C ALA A 12 4.25 -14.56 -0.90
N GLU A 13 4.54 -15.00 0.33
CA GLU A 13 3.60 -15.78 1.13
C GLU A 13 2.60 -14.84 1.80
N ARG A 14 3.03 -13.62 2.11
CA ARG A 14 2.22 -12.59 2.76
C ARG A 14 0.99 -12.33 1.90
N LYS A 15 1.17 -12.00 0.61
CA LYS A 15 0.04 -11.73 -0.28
C LYS A 15 -0.72 -13.02 -0.61
N ARG A 16 -0.01 -14.16 -0.72
CA ARG A 16 -0.62 -15.45 -1.03
C ARG A 16 -1.70 -15.75 0.01
N LEU A 17 -1.37 -15.66 1.30
CA LEU A 17 -2.32 -15.92 2.38
C LEU A 17 -3.38 -14.81 2.46
N LEU A 18 -3.01 -13.54 2.22
CA LEU A 18 -3.92 -12.39 2.29
C LEU A 18 -5.09 -12.54 1.34
N GLU A 19 -4.84 -13.07 0.14
CA GLU A 19 -5.87 -13.22 -0.86
C GLU A 19 -6.95 -14.14 -0.30
N LEU A 20 -6.53 -15.29 0.19
CA LEU A 20 -7.37 -16.31 0.76
C LEU A 20 -8.11 -15.80 1.99
N ALA A 21 -7.40 -15.17 2.92
CA ALA A 21 -7.96 -14.63 4.15
C ALA A 21 -9.01 -13.57 3.87
N LYS A 22 -8.66 -12.54 3.09
CA LYS A 22 -9.59 -11.47 2.75
C LYS A 22 -10.80 -12.05 2.04
N ALA A 23 -10.60 -12.99 1.12
CA ALA A 23 -11.67 -13.61 0.37
C ALA A 23 -12.58 -14.49 1.23
N ALA A 24 -12.02 -15.18 2.23
CA ALA A 24 -12.73 -16.08 3.12
C ALA A 24 -13.49 -15.37 4.23
N LYS A 25 -13.21 -14.09 4.49
CA LYS A 25 -13.86 -13.32 5.57
C LYS A 25 -13.73 -14.07 6.90
N LEU A 26 -12.63 -14.81 7.11
CA LEU A 26 -12.39 -15.55 8.36
C LEU A 26 -12.50 -14.57 9.54
N SER A 27 -12.17 -13.30 9.29
CA SER A 27 -12.17 -12.12 10.12
C SER A 27 -12.24 -10.94 9.14
N ARG A 28 -12.39 -9.75 9.72
CA ARG A 28 -12.50 -8.39 9.19
C ARG A 28 -13.95 -7.94 9.32
N GLN A 29 -14.17 -6.63 9.24
CA GLN A 29 -15.51 -6.06 9.32
C GLN A 29 -16.28 -6.37 8.03
N HIS A 30 -17.56 -6.00 7.97
CA HIS A 30 -18.43 -6.21 6.83
C HIS A 30 -18.61 -7.70 6.47
N TYR A 31 -18.26 -8.59 7.40
CA TYR A 31 -18.37 -10.03 7.25
C TYR A 31 -19.84 -10.34 7.02
N ASP B 1 -4.18 29.27 -22.86
CA ASP B 1 -2.95 28.51 -23.14
C ASP B 1 -3.13 27.09 -22.64
N HIS B 2 -2.49 26.11 -23.26
CA HIS B 2 -2.55 24.71 -22.86
C HIS B 2 -1.38 23.97 -23.53
N SER B 3 -0.79 23.00 -22.84
CA SER B 3 0.33 22.20 -23.34
C SER B 3 0.43 20.90 -22.53
N SER B 4 0.54 21.06 -21.21
CA SER B 4 0.65 20.03 -20.18
C SER B 4 2.03 19.35 -20.20
N VAL B 5 2.24 18.44 -19.25
CA VAL B 5 3.46 17.67 -19.11
C VAL B 5 3.52 16.66 -20.28
N ILE B 6 4.69 16.09 -20.55
CA ILE B 6 4.93 15.13 -21.62
C ILE B 6 5.24 13.76 -21.00
N THR B 7 5.22 12.71 -21.81
CA THR B 7 5.47 11.33 -21.44
C THR B 7 6.49 10.70 -22.39
N GLN B 8 7.35 9.84 -21.84
CA GLN B 8 8.38 9.11 -22.56
C GLN B 8 8.34 7.65 -22.12
N GLU B 9 8.27 7.41 -20.81
CA GLU B 9 8.26 6.07 -20.20
C GLU B 9 7.45 6.07 -18.90
N TYR B 10 6.33 6.78 -18.86
CA TYR B 10 5.49 6.84 -17.67
C TYR B 10 4.71 5.54 -17.55
N ALA B 11 4.76 4.96 -16.36
CA ALA B 11 4.09 3.71 -15.99
C ALA B 11 2.76 4.07 -15.38
N ALA B 12 1.67 3.66 -16.01
CA ALA B 12 0.33 3.92 -15.52
C ALA B 12 0.15 3.11 -14.24
N PRO B 13 -0.67 3.59 -13.29
CA PRO B 13 -0.87 2.86 -12.05
C PRO B 13 -1.64 1.58 -12.32
N GLN B 14 -1.44 0.61 -11.44
CA GLN B 14 -2.12 -0.68 -11.41
C GLN B 14 -3.57 -0.39 -10.99
N GLY B 15 -4.42 -1.42 -10.95
CA GLY B 15 -5.83 -1.27 -10.58
C GLY B 15 -6.08 -0.51 -9.28
N GLU B 16 -7.31 -0.61 -8.75
CA GLU B 16 -7.77 0.12 -7.56
C GLU B 16 -6.82 0.13 -6.36
N ILE B 17 -5.96 -0.86 -6.15
CA ILE B 17 -5.05 -0.81 -5.02
C ILE B 17 -3.99 0.29 -5.26
N GLU B 18 -3.32 0.31 -6.42
CA GLU B 18 -2.31 1.32 -6.72
C GLU B 18 -2.87 2.70 -7.07
N GLU B 19 -3.79 2.75 -8.05
CA GLU B 19 -4.35 4.03 -8.50
C GLU B 19 -4.93 4.83 -7.34
N GLN B 20 -5.42 4.15 -6.30
CA GLN B 20 -5.99 4.76 -5.13
C GLN B 20 -4.99 5.70 -4.47
N LEU B 21 -3.77 5.23 -4.15
CA LEU B 21 -2.78 6.14 -3.54
C LEU B 21 -2.20 7.11 -4.54
N ALA B 22 -2.02 6.67 -5.80
CA ALA B 22 -1.48 7.53 -6.83
C ALA B 22 -2.38 8.76 -7.02
N ASP B 23 -3.69 8.60 -6.80
CA ASP B 23 -4.68 9.66 -6.94
C ASP B 23 -4.44 10.74 -5.89
N ILE B 24 -4.15 10.30 -4.67
CA ILE B 24 -3.93 11.23 -3.57
C ILE B 24 -2.58 11.94 -3.73
N TRP B 25 -1.55 11.22 -4.18
CA TRP B 25 -0.22 11.78 -4.34
C TRP B 25 -0.22 13.09 -5.10
N GLN B 26 -0.76 13.14 -6.32
CA GLN B 26 -0.78 14.36 -7.10
C GLN B 26 -1.38 15.48 -6.32
N THR B 27 -2.50 15.18 -5.71
CA THR B 27 -3.28 16.10 -4.91
C THR B 27 -2.42 16.69 -3.76
N ILE B 28 -1.46 15.96 -3.20
CA ILE B 28 -0.61 16.42 -2.11
C ILE B 28 0.50 17.34 -2.63
N LEU B 29 1.07 17.04 -3.80
CA LEU B 29 2.17 17.81 -4.43
C LEU B 29 1.66 18.79 -5.49
N LYS B 30 0.35 18.79 -5.76
CA LYS B 30 -0.33 19.58 -6.77
C LYS B 30 0.27 19.26 -8.16
N ILE B 31 0.57 17.98 -8.43
CA ILE B 31 1.14 17.50 -9.70
C ILE B 31 0.05 17.03 -10.66
N ASP B 32 0.46 16.61 -11.85
CA ASP B 32 -0.40 16.10 -12.91
C ASP B 32 -0.70 14.60 -12.75
N ARG B 33 0.31 13.75 -12.74
CA ARG B 33 0.24 12.28 -12.62
C ARG B 33 1.38 11.69 -11.79
N ILE B 34 1.32 10.40 -11.44
CA ILE B 34 2.33 9.69 -10.67
C ILE B 34 2.67 8.40 -11.40
N GLY B 35 3.86 8.32 -11.96
CA GLY B 35 4.31 7.12 -12.64
C GLY B 35 4.59 6.12 -11.53
N ARG B 36 4.35 4.82 -11.76
CA ARG B 36 4.58 3.80 -10.73
C ARG B 36 5.98 3.81 -10.15
N TYR B 37 6.98 4.16 -10.96
CA TYR B 37 8.39 4.22 -10.58
C TYR B 37 8.86 5.64 -10.26
N ASP B 38 7.98 6.64 -10.31
CA ASP B 38 8.36 8.00 -9.99
C ASP B 38 8.81 8.00 -8.53
N ASN B 39 9.80 8.83 -8.19
CA ASN B 39 10.31 8.91 -6.83
C ASN B 39 9.63 10.04 -6.11
N PHE B 40 9.10 9.76 -4.91
CA PHE B 40 8.40 10.70 -4.07
C PHE B 40 9.15 12.03 -3.93
N PHE B 41 10.46 11.96 -3.69
CA PHE B 41 11.36 13.10 -3.51
C PHE B 41 11.61 13.88 -4.79
N GLU B 42 11.72 13.16 -5.91
CA GLU B 42 11.98 13.76 -7.22
C GLU B 42 10.74 14.51 -7.72
N LEU B 43 9.55 14.05 -7.34
CA LEU B 43 8.32 14.71 -7.76
C LEU B 43 8.07 16.01 -7.02
N GLY B 44 8.45 16.07 -5.74
CA GLY B 44 8.27 17.23 -4.87
C GLY B 44 7.68 16.87 -3.51
N GLY B 45 7.54 15.58 -3.20
CA GLY B 45 7.03 15.10 -1.93
C GLY B 45 8.12 15.38 -0.91
N HIS B 46 7.87 16.23 0.08
CA HIS B 46 8.82 16.59 1.12
C HIS B 46 8.38 15.95 2.42
N SER B 47 9.23 16.01 3.45
CA SER B 47 8.95 15.43 4.76
C SER B 47 7.60 15.81 5.36
N LEU B 48 7.20 17.08 5.29
CA LEU B 48 5.90 17.49 5.83
C LEU B 48 4.72 16.87 5.08
N LEU B 49 4.88 16.48 3.81
CA LEU B 49 3.80 15.90 3.02
C LEU B 49 3.57 14.46 3.44
N VAL B 50 4.62 13.81 3.93
CA VAL B 50 4.57 12.43 4.41
C VAL B 50 3.59 12.33 5.59
N LEU B 51 3.49 13.38 6.42
CA LEU B 51 2.62 13.40 7.58
C LEU B 51 1.18 13.31 7.10
N GLN B 52 0.80 14.13 6.11
CA GLN B 52 -0.57 14.10 5.62
C GLN B 52 -0.83 12.81 4.85
N LEU B 53 0.17 12.29 4.11
CA LEU B 53 0.00 11.08 3.35
C LEU B 53 -0.36 9.94 4.29
N GLN B 54 0.42 9.73 5.36
CA GLN B 54 0.17 8.69 6.36
C GLN B 54 -1.26 8.76 6.86
N SER B 55 -1.70 9.97 7.19
CA SER B 55 -3.04 10.20 7.70
C SER B 55 -4.08 9.74 6.68
N ARG B 56 -3.83 9.88 5.36
CA ARG B 56 -4.78 9.42 4.37
C ARG B 56 -4.69 7.90 4.29
N ILE B 57 -3.50 7.28 4.25
CA ILE B 57 -3.38 5.82 4.19
C ILE B 57 -4.16 5.21 5.36
N ASN B 58 -4.20 5.91 6.50
CA ASN B 58 -4.92 5.44 7.67
C ASN B 58 -6.41 5.30 7.42
N GLU B 59 -7.06 6.35 6.91
CA GLU B 59 -8.49 6.33 6.65
C GLU B 59 -8.91 5.64 5.35
N ILE B 60 -8.10 5.75 4.32
CA ILE B 60 -8.34 5.17 3.01
C ILE B 60 -8.27 3.64 3.07
N PHE B 61 -7.23 3.09 3.70
CA PHE B 61 -7.05 1.63 3.78
C PHE B 61 -7.52 1.00 5.10
N ASP B 62 -7.79 1.82 6.11
CA ASP B 62 -8.25 1.45 7.45
C ASP B 62 -7.14 0.66 8.17
N VAL B 63 -5.90 1.18 8.20
CA VAL B 63 -4.72 0.55 8.80
C VAL B 63 -3.80 1.59 9.45
N ASP B 64 -2.75 1.19 10.18
CA ASP B 64 -1.81 2.10 10.84
C ASP B 64 -0.39 1.99 10.26
N ILE B 65 -0.02 2.87 9.32
CA ILE B 65 1.31 2.93 8.71
C ILE B 65 2.07 4.08 9.36
N SER B 66 3.40 3.99 9.42
CA SER B 66 4.26 5.01 9.99
C SER B 66 4.91 5.87 8.89
N ILE B 67 5.30 7.10 9.24
CA ILE B 67 5.94 8.05 8.36
C ILE B 67 7.28 7.51 7.83
N GLN B 68 7.98 6.66 8.58
CA GLN B 68 9.26 6.11 8.15
C GLN B 68 9.08 5.14 6.99
N GLN B 69 7.99 4.36 6.99
CA GLN B 69 7.69 3.39 5.96
C GLN B 69 7.47 4.14 4.65
N LEU B 70 6.62 5.17 4.69
CA LEU B 70 6.30 5.99 3.53
C LEU B 70 7.59 6.56 2.92
N PHE B 71 8.48 7.02 3.79
CA PHE B 71 9.76 7.59 3.38
C PHE B 71 10.64 6.52 2.74
N ALA B 72 10.62 5.32 3.31
CA ALA B 72 11.39 4.15 2.90
C ALA B 72 10.92 3.59 1.55
N HIS B 73 9.64 3.72 1.20
CA HIS B 73 9.11 3.24 -0.08
C HIS B 73 8.63 4.43 -0.92
N PRO B 74 9.52 5.24 -1.51
CA PRO B 74 9.20 6.42 -2.31
C PRO B 74 8.48 6.18 -3.66
N SER B 75 7.74 5.08 -3.88
CA SER B 75 7.03 4.82 -5.15
C SER B 75 5.68 4.14 -4.89
N ILE B 76 4.83 3.98 -5.92
CA ILE B 76 3.50 3.36 -5.76
C ILE B 76 3.63 1.86 -5.51
N CYS B 77 4.32 1.12 -6.40
CA CYS B 77 4.54 -0.32 -6.30
C CYS B 77 5.29 -0.69 -4.99
N GLN B 78 6.14 0.19 -4.46
CA GLN B 78 6.87 -0.08 -3.24
C GLN B 78 5.94 0.00 -2.01
N LEU B 79 4.94 0.90 -2.04
CA LEU B 79 3.94 1.09 -0.99
C LEU B 79 2.91 -0.03 -1.02
N GLU B 80 2.66 -0.57 -2.20
CA GLU B 80 1.71 -1.63 -2.50
C GLU B 80 1.93 -2.84 -1.58
N GLU B 81 3.19 -3.19 -1.32
CA GLU B 81 3.65 -4.29 -0.49
C GLU B 81 3.36 -4.03 1.00
N CYS B 82 3.40 -2.76 1.38
CA CYS B 82 3.14 -2.32 2.74
C CYS B 82 1.67 -2.61 3.05
N ILE B 83 0.76 -2.32 2.11
CA ILE B 83 -0.67 -2.57 2.28
C ILE B 83 -0.87 -4.06 2.58
N ILE B 84 -0.17 -4.97 1.88
CA ILE B 84 -0.30 -6.41 2.10
C ILE B 84 -0.13 -6.76 3.59
N ASN B 85 0.99 -6.36 4.19
CA ASN B 85 1.20 -6.68 5.60
C ASN B 85 0.24 -5.94 6.51
N ALA B 86 -0.11 -4.71 6.19
CA ALA B 86 -1.03 -3.92 6.99
C ALA B 86 -2.45 -4.52 7.02
N GLN B 87 -2.91 -5.08 5.90
CA GLN B 87 -4.23 -5.68 5.79
C GLN B 87 -4.27 -6.97 6.62
N LEU B 88 -3.17 -7.72 6.68
CA LEU B 88 -3.10 -8.94 7.47
C LEU B 88 -3.06 -8.58 8.95
N LEU B 89 -2.41 -7.47 9.33
CA LEU B 89 -2.30 -7.05 10.74
C LEU B 89 -3.67 -6.74 11.35
N GLN B 90 -4.66 -6.30 10.56
CA GLN B 90 -5.98 -6.03 11.11
C GLN B 90 -6.81 -7.32 11.21
N PHE B 91 -6.36 -8.44 10.62
CA PHE B 91 -7.06 -9.73 10.69
C PHE B 91 -6.55 -10.51 11.91
N ASP B 92 -7.26 -11.56 12.27
CA ASP B 92 -6.96 -12.45 13.39
C ASP B 92 -5.74 -13.31 13.08
N ALA B 93 -4.67 -13.19 13.88
CA ALA B 93 -3.44 -13.96 13.66
C ALA B 93 -3.55 -15.45 13.92
N ASP B 94 -4.51 -15.86 14.75
CA ASP B 94 -4.72 -17.27 15.06
C ASP B 94 -5.35 -18.00 13.87
N SER B 95 -6.42 -17.49 13.29
CA SER B 95 -7.04 -18.16 12.15
C SER B 95 -6.20 -17.89 10.88
N LEU B 96 -5.51 -16.74 10.79
CA LEU B 96 -4.69 -16.38 9.63
C LEU B 96 -3.67 -17.45 9.30
N GLN B 97 -3.01 -17.98 10.33
CA GLN B 97 -1.99 -18.98 10.15
C GLN B 97 -2.58 -20.29 9.62
N ASP B 98 -3.84 -20.59 9.95
CA ASP B 98 -4.53 -21.80 9.52
C ASP B 98 -4.75 -21.77 8.01
N ILE B 99 -5.01 -20.59 7.44
CA ILE B 99 -5.20 -20.43 6.01
C ILE B 99 -3.82 -20.48 5.35
N TYR B 100 -2.86 -19.76 5.92
CA TYR B 100 -1.49 -19.69 5.46
C TYR B 100 -0.84 -21.08 5.31
N LYS B 101 -1.01 -21.95 6.29
CA LYS B 101 -0.43 -23.29 6.23
C LYS B 101 -1.19 -24.21 5.28
N SER B 102 -2.36 -23.80 4.82
CA SER B 102 -3.20 -24.57 3.92
C SER B 102 -2.86 -24.18 2.48
N MET B 103 -2.09 -23.12 2.28
CA MET B 103 -1.73 -22.67 0.96
C MET B 103 -1.00 -23.71 0.12
N GLU B 104 -1.15 -23.50 -1.18
CA GLU B 104 -0.63 -24.27 -2.29
C GLU B 104 0.81 -24.71 -2.10
N MET A 1 2.91 -18.57 15.74
CA MET A 1 1.71 -17.93 15.20
C MET A 1 1.32 -16.73 16.05
N ASN A 2 1.60 -15.52 15.55
CA ASN A 2 1.33 -14.21 16.13
C ASN A 2 1.57 -13.17 15.03
N ASN A 3 1.20 -11.92 15.28
CA ASN A 3 1.36 -10.83 14.32
C ASN A 3 2.79 -10.67 13.75
N ASN A 4 3.85 -11.10 14.45
CA ASN A 4 5.21 -10.97 13.95
C ASN A 4 5.58 -12.01 12.89
N GLU A 5 4.96 -13.20 12.89
CA GLU A 5 5.30 -14.19 11.87
C GLU A 5 4.88 -13.76 10.47
N LEU A 6 3.68 -13.19 10.34
CA LEU A 6 3.18 -12.76 9.04
C LEU A 6 4.07 -11.70 8.41
N THR A 7 4.73 -10.88 9.23
CA THR A 7 5.64 -9.85 8.73
C THR A 7 7.04 -10.44 8.54
N SER A 8 7.40 -11.52 9.25
CA SER A 8 8.73 -12.10 9.11
C SER A 8 8.84 -12.85 7.78
N LEU A 9 7.73 -13.37 7.23
CA LEU A 9 7.78 -14.06 5.95
C LEU A 9 7.86 -13.02 4.82
N PRO A 10 8.54 -13.35 3.71
CA PRO A 10 8.71 -12.45 2.59
C PRO A 10 7.39 -12.15 1.86
N LEU A 11 7.36 -10.99 1.17
CA LEU A 11 6.20 -10.49 0.44
C LEU A 11 5.59 -11.50 -0.53
N ALA A 12 6.41 -12.29 -1.22
CA ALA A 12 5.92 -13.29 -2.17
C ALA A 12 4.90 -14.22 -1.53
N GLU A 13 5.21 -14.73 -0.33
CA GLU A 13 4.35 -15.62 0.42
C GLU A 13 3.28 -14.82 1.16
N ARG A 14 3.61 -13.60 1.58
CA ARG A 14 2.69 -12.71 2.29
C ARG A 14 1.44 -12.44 1.44
N LYS A 15 1.61 -12.03 0.18
CA LYS A 15 0.45 -11.76 -0.69
C LYS A 15 -0.29 -13.04 -1.04
N ARG A 16 0.43 -14.17 -1.11
CA ARG A 16 -0.20 -15.44 -1.43
C ARG A 16 -1.18 -15.74 -0.29
N LEU A 17 -0.71 -15.68 0.96
CA LEU A 17 -1.52 -15.95 2.15
C LEU A 17 -2.68 -14.99 2.21
N LEU A 18 -2.45 -13.71 1.91
CA LEU A 18 -3.49 -12.70 1.93
C LEU A 18 -4.60 -13.01 0.92
N GLU A 19 -4.27 -13.66 -0.19
CA GLU A 19 -5.27 -13.96 -1.21
C GLU A 19 -6.15 -15.09 -0.70
N LEU A 20 -5.54 -16.17 -0.23
CA LEU A 20 -6.27 -17.32 0.29
C LEU A 20 -7.07 -16.91 1.52
N ALA A 21 -6.50 -16.08 2.40
CA ALA A 21 -7.11 -15.60 3.63
C ALA A 21 -8.30 -14.71 3.36
N LYS A 22 -8.12 -13.66 2.54
CA LYS A 22 -9.20 -12.74 2.21
C LYS A 22 -10.36 -13.51 1.60
N ALA A 23 -10.09 -14.51 0.75
CA ALA A 23 -11.13 -15.32 0.15
C ALA A 23 -11.74 -16.30 1.16
N ALA A 24 -10.98 -16.80 2.13
CA ALA A 24 -11.47 -17.74 3.14
C ALA A 24 -12.36 -17.06 4.15
N LYS A 25 -12.22 -15.74 4.32
CA LYS A 25 -13.02 -14.90 5.23
C LYS A 25 -12.85 -15.27 6.71
N LEU A 26 -11.74 -15.96 7.04
CA LEU A 26 -11.39 -16.41 8.40
C LEU A 26 -11.50 -15.32 9.48
N SER A 27 -11.43 -14.04 9.11
CA SER A 27 -11.52 -12.87 9.97
C SER A 27 -11.73 -11.65 9.06
N ARG A 28 -12.10 -10.51 9.65
CA ARG A 28 -12.35 -9.20 9.06
C ARG A 28 -12.97 -8.28 10.12
N GLN A 29 -13.38 -7.08 9.71
CA GLN A 29 -14.02 -6.05 10.51
C GLN A 29 -15.27 -5.57 9.75
N HIS A 30 -16.03 -4.65 10.35
CA HIS A 30 -17.27 -4.11 9.77
C HIS A 30 -17.44 -2.60 9.96
N TYR A 31 -16.35 -1.90 10.30
CA TYR A 31 -16.34 -0.45 10.48
C TYR A 31 -15.98 0.20 9.15
N ASP B 1 14.40 25.98 -30.53
CA ASP B 1 15.31 24.83 -30.65
C ASP B 1 15.39 24.14 -29.30
N HIS B 2 16.58 23.78 -28.82
CA HIS B 2 16.92 23.09 -27.56
C HIS B 2 16.96 21.56 -27.71
N SER B 3 16.36 21.02 -28.79
CA SER B 3 16.21 19.64 -29.24
C SER B 3 14.75 19.48 -29.69
N SER B 4 14.35 18.26 -30.00
CA SER B 4 12.99 17.90 -30.42
C SER B 4 12.11 17.78 -29.17
N VAL B 5 10.84 17.41 -29.36
CA VAL B 5 9.91 17.23 -28.25
C VAL B 5 10.47 16.15 -27.31
N ILE B 6 10.13 16.23 -26.03
CA ILE B 6 10.60 15.30 -25.01
C ILE B 6 9.43 14.47 -24.51
N THR B 7 9.62 13.15 -24.51
CA THR B 7 8.60 12.22 -24.05
C THR B 7 8.53 12.24 -22.51
N GLN B 8 7.48 11.64 -21.95
CA GLN B 8 7.22 11.57 -20.50
C GLN B 8 6.93 10.14 -20.08
N GLU B 9 6.36 9.35 -20.99
CA GLU B 9 5.99 7.95 -20.82
C GLU B 9 5.33 7.66 -19.46
N TYR B 10 4.44 8.56 -19.00
CA TYR B 10 3.74 8.43 -17.74
C TYR B 10 3.02 7.07 -17.68
N ALA B 11 3.15 6.43 -16.52
CA ALA B 11 2.55 5.15 -16.22
C ALA B 11 1.19 5.41 -15.58
N ALA B 12 0.14 4.78 -16.11
CA ALA B 12 -1.22 4.90 -15.61
C ALA B 12 -1.40 4.01 -14.37
N PRO B 13 -2.32 4.37 -13.47
CA PRO B 13 -2.56 3.62 -12.25
C PRO B 13 -3.02 2.19 -12.51
N GLN B 14 -2.46 1.33 -11.67
CA GLN B 14 -2.72 -0.10 -11.58
C GLN B 14 -4.12 -0.22 -10.96
N GLY B 15 -4.63 -1.44 -10.83
CA GLY B 15 -5.95 -1.71 -10.29
C GLY B 15 -6.25 -1.01 -8.95
N GLU B 16 -7.42 -1.30 -8.41
CA GLU B 16 -7.96 -0.71 -7.19
C GLU B 16 -7.00 -0.64 -5.99
N ILE B 17 -6.03 -1.54 -5.86
CA ILE B 17 -5.08 -1.48 -4.76
C ILE B 17 -4.21 -0.23 -4.90
N GLU B 18 -3.53 -0.05 -6.04
CA GLU B 18 -2.67 1.09 -6.27
C GLU B 18 -3.44 2.39 -6.49
N GLU B 19 -4.45 2.36 -7.37
CA GLU B 19 -5.27 3.53 -7.65
C GLU B 19 -5.87 4.16 -6.39
N GLN B 20 -6.14 3.37 -5.34
CA GLN B 20 -6.76 3.89 -4.12
C GLN B 20 -5.97 5.07 -3.55
N LEU B 21 -4.68 4.84 -3.33
CA LEU B 21 -3.80 5.87 -2.81
C LEU B 21 -3.44 6.87 -3.91
N ALA B 22 -3.31 6.40 -5.15
CA ALA B 22 -2.96 7.25 -6.26
C ALA B 22 -3.97 8.34 -6.44
N ASP B 23 -5.25 8.16 -6.10
CA ASP B 23 -6.28 9.18 -6.22
C ASP B 23 -6.09 10.22 -5.13
N ILE B 24 -5.85 9.77 -3.90
CA ILE B 24 -5.69 10.69 -2.78
C ILE B 24 -4.42 11.53 -2.96
N TRP B 25 -3.33 10.93 -3.47
CA TRP B 25 -2.07 11.62 -3.65
C TRP B 25 -2.22 12.95 -4.39
N GLN B 26 -2.75 12.99 -5.62
CA GLN B 26 -2.87 14.28 -6.29
C GLN B 26 -3.80 15.24 -5.58
N THR B 27 -4.78 14.76 -4.85
CA THR B 27 -5.69 15.61 -4.10
C THR B 27 -4.93 16.29 -2.94
N ILE B 28 -3.91 15.61 -2.37
CA ILE B 28 -3.13 16.12 -1.26
C ILE B 28 -2.16 17.19 -1.75
N LEU B 29 -1.33 16.83 -2.73
CA LEU B 29 -0.31 17.71 -3.32
C LEU B 29 -0.91 18.60 -4.42
N LYS B 30 -2.22 18.52 -4.63
CA LYS B 30 -3.01 19.27 -5.60
C LYS B 30 -2.39 19.21 -7.01
N ILE B 31 -1.90 18.03 -7.40
CA ILE B 31 -1.26 17.77 -8.69
C ILE B 31 -2.25 17.23 -9.75
N ASP B 32 -1.75 17.02 -10.96
CA ASP B 32 -2.49 16.49 -12.09
C ASP B 32 -2.75 14.97 -11.94
N ARG B 33 -1.70 14.15 -12.10
CA ARG B 33 -1.70 12.68 -12.03
C ARG B 33 -0.51 12.12 -11.23
N ILE B 34 -0.52 10.82 -10.90
CA ILE B 34 0.51 10.13 -10.14
C ILE B 34 0.96 8.89 -10.92
N GLY B 35 2.23 8.84 -11.31
CA GLY B 35 2.83 7.72 -12.04
C GLY B 35 3.36 6.68 -11.05
N ARG B 36 3.28 5.38 -11.35
CA ARG B 36 3.72 4.30 -10.46
C ARG B 36 5.19 4.31 -10.05
N TYR B 37 6.04 5.06 -10.76
CA TYR B 37 7.47 5.17 -10.50
C TYR B 37 7.86 6.61 -10.10
N ASP B 38 6.85 7.44 -9.80
CA ASP B 38 7.06 8.80 -9.33
C ASP B 38 7.64 8.74 -7.91
N ASN B 39 8.28 9.82 -7.49
CA ASN B 39 8.85 9.98 -6.16
C ASN B 39 7.99 11.10 -5.60
N PHE B 40 7.26 10.87 -4.50
CA PHE B 40 6.39 11.88 -3.91
C PHE B 40 7.07 13.26 -3.73
N PHE B 41 8.36 13.27 -3.40
CA PHE B 41 9.11 14.50 -3.19
C PHE B 41 9.30 15.29 -4.50
N GLU B 42 9.25 14.64 -5.67
CA GLU B 42 9.37 15.27 -6.97
C GLU B 42 8.05 15.94 -7.32
N LEU B 43 6.94 15.41 -6.79
CA LEU B 43 5.60 15.94 -7.05
C LEU B 43 5.24 17.11 -6.12
N GLY B 44 5.89 17.23 -4.98
CA GLY B 44 5.66 18.30 -4.01
C GLY B 44 5.22 17.77 -2.64
N GLY B 45 5.29 16.46 -2.44
CA GLY B 45 4.95 15.84 -1.18
C GLY B 45 6.00 16.27 -0.16
N HIS B 46 5.59 17.08 0.81
CA HIS B 46 6.43 17.62 1.88
C HIS B 46 6.10 16.85 3.17
N SER B 47 6.90 17.01 4.23
CA SER B 47 6.73 16.32 5.51
C SER B 47 5.30 16.39 6.05
N LEU B 48 4.73 17.60 6.15
CA LEU B 48 3.38 17.80 6.66
C LEU B 48 2.32 17.06 5.84
N LEU B 49 2.59 16.76 4.55
CA LEU B 49 1.63 16.07 3.70
C LEU B 49 1.66 14.58 4.00
N VAL B 50 2.82 14.05 4.40
CA VAL B 50 2.97 12.64 4.73
C VAL B 50 2.15 12.35 6.00
N LEU B 51 2.07 13.32 6.93
CA LEU B 51 1.31 13.18 8.17
C LEU B 51 -0.16 13.00 7.85
N GLN B 52 -0.71 13.86 6.98
CA GLN B 52 -2.12 13.75 6.63
C GLN B 52 -2.36 12.50 5.79
N LEU B 53 -1.41 12.11 4.93
CA LEU B 53 -1.54 10.93 4.08
C LEU B 53 -1.72 9.71 4.97
N GLN B 54 -0.83 9.52 5.95
CA GLN B 54 -0.88 8.41 6.87
C GLN B 54 -2.26 8.28 7.50
N SER B 55 -2.81 9.40 7.95
CA SER B 55 -4.13 9.42 8.55
C SER B 55 -5.19 8.93 7.57
N ARG B 56 -5.09 9.20 6.26
CA ARG B 56 -6.08 8.67 5.33
C ARG B 56 -5.86 7.18 5.20
N ILE B 57 -4.63 6.69 5.03
CA ILE B 57 -4.37 5.25 4.93
C ILE B 57 -4.97 4.54 6.15
N ASN B 58 -4.99 5.20 7.31
CA ASN B 58 -5.54 4.60 8.52
C ASN B 58 -7.00 4.25 8.31
N GLU B 59 -7.83 5.19 7.87
CA GLU B 59 -9.25 4.94 7.65
C GLU B 59 -9.59 4.24 6.32
N ILE B 60 -8.92 4.60 5.23
CA ILE B 60 -9.13 4.06 3.88
C ILE B 60 -8.85 2.56 3.85
N PHE B 61 -7.73 2.12 4.43
CA PHE B 61 -7.36 0.70 4.44
C PHE B 61 -7.66 0.03 5.77
N ASP B 62 -8.10 0.79 6.77
CA ASP B 62 -8.43 0.33 8.10
C ASP B 62 -7.23 -0.41 8.74
N VAL B 63 -6.04 0.21 8.74
CA VAL B 63 -4.81 -0.37 9.29
C VAL B 63 -3.91 0.67 9.97
N ASP B 64 -2.96 0.20 10.77
CA ASP B 64 -2.00 0.99 11.52
C ASP B 64 -0.66 0.90 10.79
N ILE B 65 -0.31 2.01 10.14
CA ILE B 65 0.90 2.26 9.36
C ILE B 65 1.55 3.50 9.96
N SER B 66 2.88 3.54 9.95
CA SER B 66 3.65 4.67 10.48
C SER B 66 4.20 5.55 9.35
N ILE B 67 4.41 6.84 9.62
CA ILE B 67 4.92 7.83 8.64
C ILE B 67 6.25 7.43 7.99
N GLN B 68 7.10 6.69 8.71
CA GLN B 68 8.39 6.27 8.18
C GLN B 68 8.22 5.35 6.98
N GLN B 69 7.20 4.48 6.98
CA GLN B 69 6.91 3.57 5.88
C GLN B 69 6.60 4.37 4.63
N LEU B 70 5.71 5.37 4.74
CA LEU B 70 5.33 6.21 3.60
C LEU B 70 6.57 6.84 2.96
N PHE B 71 7.54 7.26 3.78
CA PHE B 71 8.80 7.84 3.31
C PHE B 71 9.76 6.77 2.77
N ALA B 72 9.72 5.55 3.33
CA ALA B 72 10.59 4.45 2.93
C ALA B 72 10.21 3.95 1.54
N HIS B 73 8.93 4.03 1.19
CA HIS B 73 8.41 3.64 -0.11
C HIS B 73 7.72 4.87 -0.69
N PRO B 74 8.49 5.84 -1.22
CA PRO B 74 7.98 7.09 -1.80
C PRO B 74 7.30 6.90 -3.17
N SER B 75 6.77 5.72 -3.47
CA SER B 75 6.11 5.42 -4.74
C SER B 75 4.83 4.60 -4.51
N ILE B 76 3.87 4.68 -5.44
CA ILE B 76 2.60 3.95 -5.36
C ILE B 76 2.88 2.44 -5.33
N CYS B 77 3.65 1.95 -6.30
CA CYS B 77 4.01 0.54 -6.43
C CYS B 77 4.80 0.02 -5.22
N GLN B 78 5.55 0.88 -4.52
CA GLN B 78 6.30 0.44 -3.36
C GLN B 78 5.39 0.35 -2.13
N LEU B 79 4.36 1.20 -2.06
CA LEU B 79 3.42 1.27 -0.95
C LEU B 79 2.53 0.03 -0.83
N GLU B 80 2.13 -0.60 -1.94
CA GLU B 80 1.27 -1.80 -1.90
C GLU B 80 1.83 -2.90 -0.99
N GLU B 81 3.15 -3.06 -0.94
CA GLU B 81 3.85 -4.06 -0.12
C GLU B 81 3.45 -3.91 1.36
N CYS B 82 3.27 -2.65 1.77
CA CYS B 82 2.87 -2.26 3.11
C CYS B 82 1.43 -2.74 3.34
N ILE B 83 0.52 -2.43 2.42
CA ILE B 83 -0.89 -2.82 2.51
C ILE B 83 -1.00 -4.33 2.65
N ILE B 84 -0.24 -5.11 1.87
CA ILE B 84 -0.28 -6.58 1.91
C ILE B 84 -0.07 -7.05 3.37
N ASN B 85 1.01 -6.63 4.01
CA ASN B 85 1.31 -7.03 5.38
C ASN B 85 0.29 -6.44 6.36
N ALA B 86 -0.09 -5.18 6.17
CA ALA B 86 -1.02 -4.52 7.07
C ALA B 86 -2.41 -5.16 7.04
N GLN B 87 -2.87 -5.65 5.89
CA GLN B 87 -4.18 -6.30 5.78
C GLN B 87 -4.16 -7.51 6.69
N LEU B 88 -3.11 -8.33 6.58
CA LEU B 88 -2.97 -9.54 7.39
C LEU B 88 -2.94 -9.18 8.88
N LEU B 89 -2.39 -8.02 9.26
CA LEU B 89 -2.34 -7.59 10.65
C LEU B 89 -3.74 -7.34 11.25
N GLN B 90 -4.77 -7.00 10.46
CA GLN B 90 -6.11 -6.78 11.03
C GLN B 90 -6.88 -8.11 11.16
N PHE B 91 -6.51 -9.10 10.34
CA PHE B 91 -7.12 -10.43 10.37
C PHE B 91 -6.55 -11.18 11.58
N ASP B 92 -7.17 -12.30 11.95
CA ASP B 92 -6.73 -13.10 13.10
C ASP B 92 -5.48 -13.88 12.72
N ALA B 93 -4.40 -13.63 13.45
CA ALA B 93 -3.11 -14.27 13.26
C ALA B 93 -3.18 -15.77 13.54
N ASP B 94 -4.09 -16.20 14.43
CA ASP B 94 -4.23 -17.62 14.81
C ASP B 94 -4.74 -18.45 13.63
N SER B 95 -5.83 -18.01 13.02
CA SER B 95 -6.43 -18.69 11.88
C SER B 95 -5.55 -18.48 10.65
N LEU B 96 -4.85 -17.35 10.56
CA LEU B 96 -3.97 -17.03 9.44
C LEU B 96 -2.88 -18.09 9.31
N GLN B 97 -2.37 -18.61 10.43
CA GLN B 97 -1.32 -19.60 10.40
C GLN B 97 -1.83 -20.90 9.77
N ASP B 98 -3.12 -21.19 9.96
CA ASP B 98 -3.78 -22.39 9.46
C ASP B 98 -3.83 -22.36 7.93
N ILE B 99 -4.09 -21.18 7.37
CA ILE B 99 -4.17 -20.99 5.93
C ILE B 99 -2.74 -21.02 5.38
N TYR B 100 -1.83 -20.32 6.05
CA TYR B 100 -0.41 -20.19 5.72
C TYR B 100 0.29 -21.56 5.61
N LYS B 101 0.00 -22.50 6.51
CA LYS B 101 0.61 -23.84 6.44
C LYS B 101 0.01 -24.65 5.29
N SER B 102 -1.18 -24.26 4.83
CA SER B 102 -1.93 -24.89 3.75
C SER B 102 -1.77 -24.14 2.43
N MET B 103 -0.90 -23.12 2.32
CA MET B 103 -0.71 -22.41 1.06
C MET B 103 -0.28 -23.27 -0.11
N GLU B 104 -0.54 -22.68 -1.26
CA GLU B 104 -0.25 -23.18 -2.60
C GLU B 104 1.24 -23.48 -2.68
N MET A 1 2.81 -17.95 13.50
CA MET A 1 1.64 -17.60 14.30
C MET A 1 1.96 -16.38 15.16
N ASN A 2 1.62 -15.16 14.72
CA ASN A 2 1.81 -13.85 15.39
C ASN A 2 1.81 -12.75 14.32
N ASN A 3 1.37 -11.56 14.72
CA ASN A 3 1.30 -10.40 13.84
C ASN A 3 2.67 -9.87 13.48
N ASN A 4 3.65 -9.92 14.39
CA ASN A 4 4.98 -9.41 14.06
C ASN A 4 5.75 -10.37 13.16
N GLU A 5 5.48 -11.68 13.24
CA GLU A 5 6.20 -12.65 12.42
C GLU A 5 5.72 -12.69 10.96
N LEU A 6 4.43 -12.49 10.68
CA LEU A 6 3.85 -12.49 9.32
C LEU A 6 4.56 -11.51 8.38
N THR A 7 5.13 -10.43 8.91
CA THR A 7 5.83 -9.41 8.15
C THR A 7 7.27 -9.84 7.77
N SER A 8 7.83 -10.87 8.41
CA SER A 8 9.19 -11.36 8.16
C SER A 8 9.34 -12.14 6.86
N LEU A 9 8.27 -12.77 6.38
CA LEU A 9 8.30 -13.54 5.13
C LEU A 9 8.20 -12.57 3.94
N PRO A 10 8.81 -12.91 2.80
CA PRO A 10 8.82 -12.07 1.61
C PRO A 10 7.41 -11.81 1.09
N LEU A 11 7.29 -10.70 0.36
CA LEU A 11 6.04 -10.23 -0.24
C LEU A 11 5.29 -11.33 -0.99
N ALA A 12 5.98 -12.21 -1.73
CA ALA A 12 5.33 -13.28 -2.49
C ALA A 12 4.52 -14.21 -1.60
N GLU A 13 5.10 -14.68 -0.50
CA GLU A 13 4.45 -15.59 0.45
C GLU A 13 3.38 -14.82 1.21
N ARG A 14 3.66 -13.55 1.50
CA ARG A 14 2.79 -12.66 2.24
C ARG A 14 1.48 -12.47 1.47
N LYS A 15 1.56 -12.05 0.20
CA LYS A 15 0.37 -11.86 -0.63
C LYS A 15 -0.30 -13.19 -0.93
N ARG A 16 0.47 -14.28 -1.06
CA ARG A 16 -0.12 -15.59 -1.32
C ARG A 16 -1.11 -15.91 -0.22
N LEU A 17 -0.68 -15.81 1.04
CA LEU A 17 -1.51 -16.10 2.20
C LEU A 17 -2.67 -15.11 2.31
N LEU A 18 -2.41 -13.80 2.12
CA LEU A 18 -3.41 -12.75 2.22
C LEU A 18 -4.61 -13.02 1.32
N GLU A 19 -4.34 -13.38 0.07
CA GLU A 19 -5.39 -13.62 -0.89
C GLU A 19 -6.37 -14.66 -0.39
N LEU A 20 -5.83 -15.77 0.10
CA LEU A 20 -6.56 -16.91 0.66
C LEU A 20 -7.28 -16.48 1.94
N ALA A 21 -6.58 -15.88 2.90
CA ALA A 21 -7.18 -15.47 4.17
C ALA A 21 -8.37 -14.55 3.96
N LYS A 22 -8.17 -13.51 3.15
CA LYS A 22 -9.21 -12.54 2.84
C LYS A 22 -10.40 -13.23 2.21
N ALA A 23 -10.13 -14.08 1.23
CA ALA A 23 -11.14 -14.85 0.52
C ALA A 23 -11.87 -15.87 1.41
N ALA A 24 -11.18 -16.47 2.38
CA ALA A 24 -11.72 -17.46 3.31
C ALA A 24 -12.58 -16.82 4.38
N LYS A 25 -12.42 -15.50 4.61
CA LYS A 25 -13.17 -14.76 5.64
C LYS A 25 -12.98 -15.47 6.98
N LEU A 26 -11.74 -15.93 7.24
CA LEU A 26 -11.39 -16.64 8.47
C LEU A 26 -11.67 -15.79 9.71
N SER A 27 -11.57 -14.47 9.56
CA SER A 27 -11.81 -13.42 10.53
C SER A 27 -11.90 -12.11 9.74
N ARG A 28 -12.46 -11.03 10.31
CA ARG A 28 -12.66 -9.72 9.68
C ARG A 28 -13.28 -8.76 10.70
N GLN A 29 -13.65 -7.55 10.29
CA GLN A 29 -14.27 -6.47 11.04
C GLN A 29 -13.55 -6.10 12.33
N HIS A 30 -12.68 -5.09 12.21
CA HIS A 30 -11.87 -4.55 13.28
C HIS A 30 -12.17 -3.05 13.39
N TYR A 31 -13.27 -2.71 14.04
CA TYR A 31 -13.66 -1.32 14.28
C TYR A 31 -12.87 -0.86 15.50
N ASP B 1 22.81 16.93 -15.68
CA ASP B 1 22.16 17.60 -16.81
C ASP B 1 22.06 16.60 -17.94
N HIS B 2 20.94 16.56 -18.68
CA HIS B 2 20.73 15.63 -19.79
C HIS B 2 20.20 16.39 -21.01
N SER B 3 20.25 15.72 -22.15
CA SER B 3 19.82 16.22 -23.45
C SER B 3 19.20 15.04 -24.19
N SER B 4 17.94 14.73 -23.89
CA SER B 4 17.20 13.62 -24.46
C SER B 4 15.89 14.07 -25.11
N VAL B 5 15.22 13.14 -25.80
CA VAL B 5 13.94 13.39 -26.46
C VAL B 5 12.89 13.67 -25.38
N ILE B 6 11.88 14.47 -25.74
CA ILE B 6 10.81 14.87 -24.84
C ILE B 6 9.71 13.80 -24.88
N THR B 7 9.56 13.08 -23.78
CA THR B 7 8.58 12.04 -23.57
C THR B 7 7.99 12.27 -22.17
N GLN B 8 6.84 11.67 -21.84
CA GLN B 8 6.23 11.83 -20.52
C GLN B 8 6.43 10.55 -19.69
N GLU B 9 6.50 9.41 -20.38
CA GLU B 9 6.67 8.05 -19.87
C GLU B 9 5.84 7.73 -18.63
N TYR B 10 4.71 8.40 -18.49
CA TYR B 10 3.79 8.25 -17.40
C TYR B 10 3.14 6.88 -17.50
N ALA B 11 2.90 6.27 -16.34
CA ALA B 11 2.27 4.98 -16.21
C ALA B 11 0.89 5.21 -15.62
N ALA B 12 -0.13 4.58 -16.19
CA ALA B 12 -1.53 4.70 -15.79
C ALA B 12 -1.81 3.92 -14.52
N PRO B 13 -2.82 4.27 -13.72
CA PRO B 13 -3.13 3.55 -12.51
C PRO B 13 -3.64 2.16 -12.85
N GLN B 14 -3.26 1.26 -11.98
CA GLN B 14 -3.52 -0.16 -11.89
C GLN B 14 -4.90 -0.27 -11.28
N GLY B 15 -5.32 -1.51 -11.15
CA GLY B 15 -6.62 -1.86 -10.59
C GLY B 15 -6.95 -1.15 -9.26
N GLU B 16 -8.06 -1.53 -8.64
CA GLU B 16 -8.60 -0.92 -7.43
C GLU B 16 -7.65 -0.68 -6.27
N ILE B 17 -6.60 -1.48 -6.11
CA ILE B 17 -5.67 -1.28 -5.01
C ILE B 17 -4.78 -0.07 -5.31
N GLU B 18 -4.16 0.03 -6.48
CA GLU B 18 -3.28 1.14 -6.79
C GLU B 18 -4.01 2.45 -7.01
N GLU B 19 -5.09 2.42 -7.79
CA GLU B 19 -5.87 3.62 -8.07
C GLU B 19 -6.41 4.28 -6.80
N GLN B 20 -6.70 3.47 -5.77
CA GLN B 20 -7.26 3.91 -4.52
C GLN B 20 -6.35 4.94 -3.86
N LEU B 21 -5.05 4.63 -3.68
CA LEU B 21 -4.19 5.63 -3.08
C LEU B 21 -3.85 6.73 -4.08
N ALA B 22 -3.71 6.42 -5.37
CA ALA B 22 -3.37 7.39 -6.40
C ALA B 22 -4.40 8.50 -6.54
N ASP B 23 -5.69 8.20 -6.36
CA ASP B 23 -6.78 9.15 -6.50
C ASP B 23 -6.69 10.26 -5.46
N ILE B 24 -6.32 9.87 -4.26
CA ILE B 24 -6.22 10.80 -3.16
C ILE B 24 -4.96 11.66 -3.31
N TRP B 25 -3.85 11.10 -3.78
CA TRP B 25 -2.60 11.83 -3.94
C TRP B 25 -2.78 13.14 -4.69
N GLN B 26 -3.32 13.11 -5.91
CA GLN B 26 -3.52 14.33 -6.68
C GLN B 26 -4.26 15.36 -5.91
N THR B 27 -5.34 14.91 -5.31
CA THR B 27 -6.25 15.73 -4.52
C THR B 27 -5.49 16.47 -3.39
N ILE B 28 -4.48 15.85 -2.78
CA ILE B 28 -3.68 16.41 -1.69
C ILE B 28 -2.70 17.47 -2.21
N LEU B 29 -2.04 17.23 -3.35
CA LEU B 29 -1.06 18.14 -3.97
C LEU B 29 -1.65 18.99 -5.10
N LYS B 30 -2.96 18.88 -5.32
CA LYS B 30 -3.70 19.57 -6.37
C LYS B 30 -3.01 19.30 -7.72
N ILE B 31 -2.59 18.06 -7.96
CA ILE B 31 -1.90 17.68 -9.18
C ILE B 31 -2.93 17.13 -10.17
N ASP B 32 -2.50 16.80 -11.38
CA ASP B 32 -3.40 16.24 -12.39
C ASP B 32 -3.53 14.72 -12.29
N ARG B 33 -2.40 14.00 -12.28
CA ARG B 33 -2.33 12.54 -12.22
C ARG B 33 -1.11 12.06 -11.44
N ILE B 34 -1.04 10.75 -11.12
CA ILE B 34 0.07 10.14 -10.40
C ILE B 34 0.55 8.94 -11.20
N GLY B 35 1.76 9.01 -11.76
CA GLY B 35 2.38 7.94 -12.52
C GLY B 35 3.18 7.11 -11.51
N ARG B 36 3.26 5.77 -11.65
CA ARG B 36 4.01 4.99 -10.63
C ARG B 36 5.51 5.26 -10.54
N TYR B 37 6.09 5.98 -11.49
CA TYR B 37 7.51 6.30 -11.46
C TYR B 37 7.72 7.68 -10.85
N ASP B 38 6.66 8.48 -10.73
CA ASP B 38 6.61 9.83 -10.19
C ASP B 38 6.82 9.70 -8.68
N ASN B 39 7.68 10.56 -8.11
CA ASN B 39 8.00 10.60 -6.69
C ASN B 39 7.16 11.69 -6.04
N PHE B 40 6.72 11.49 -4.80
CA PHE B 40 5.94 12.49 -4.09
C PHE B 40 6.58 13.88 -4.11
N PHE B 41 7.88 13.99 -3.82
CA PHE B 41 8.60 15.27 -3.77
C PHE B 41 8.78 15.89 -5.14
N GLU B 42 8.80 15.07 -6.19
CA GLU B 42 8.94 15.56 -7.56
C GLU B 42 7.60 16.11 -8.03
N LEU B 43 6.50 15.54 -7.52
CA LEU B 43 5.15 15.98 -7.87
C LEU B 43 4.80 17.25 -7.11
N GLY B 44 5.26 17.41 -5.86
CA GLY B 44 4.99 18.58 -5.03
C GLY B 44 4.62 18.24 -3.59
N GLY B 45 4.60 16.96 -3.24
CA GLY B 45 4.29 16.47 -1.92
C GLY B 45 5.35 17.01 -0.95
N HIS B 46 4.91 17.37 0.25
CA HIS B 46 5.75 17.91 1.32
C HIS B 46 5.45 17.16 2.61
N SER B 47 6.28 17.35 3.63
CA SER B 47 6.18 16.72 4.95
C SER B 47 4.75 16.74 5.51
N LEU B 48 4.13 17.92 5.57
CA LEU B 48 2.77 18.13 6.07
C LEU B 48 1.71 17.35 5.27
N LEU B 49 1.98 17.02 4.01
CA LEU B 49 1.06 16.27 3.15
C LEU B 49 1.13 14.78 3.47
N VAL B 50 2.28 14.32 3.97
CA VAL B 50 2.48 12.92 4.33
C VAL B 50 1.64 12.60 5.58
N LEU B 51 1.47 13.56 6.49
CA LEU B 51 0.70 13.35 7.72
C LEU B 51 -0.75 13.10 7.38
N GLN B 52 -1.35 13.95 6.53
CA GLN B 52 -2.74 13.78 6.15
C GLN B 52 -2.87 12.52 5.31
N LEU B 53 -1.88 12.23 4.46
CA LEU B 53 -1.92 11.04 3.62
C LEU B 53 -2.03 9.81 4.51
N GLN B 54 -1.13 9.67 5.51
CA GLN B 54 -1.14 8.55 6.44
C GLN B 54 -2.53 8.41 7.08
N SER B 55 -3.11 9.53 7.49
CA SER B 55 -4.42 9.59 8.11
C SER B 55 -5.45 8.90 7.23
N ARG B 56 -5.37 9.12 5.91
CA ARG B 56 -6.29 8.54 4.96
C ARG B 56 -5.96 7.07 4.76
N ILE B 57 -4.72 6.66 4.47
CA ILE B 57 -4.38 5.24 4.26
C ILE B 57 -4.91 4.40 5.43
N ASN B 58 -4.79 4.94 6.64
CA ASN B 58 -5.24 4.23 7.83
C ASN B 58 -6.72 3.86 7.72
N GLU B 59 -7.61 4.82 7.43
CA GLU B 59 -9.04 4.53 7.31
C GLU B 59 -9.47 3.93 5.97
N ILE B 60 -8.85 4.34 4.86
CA ILE B 60 -9.15 3.87 3.50
C ILE B 60 -8.91 2.36 3.39
N PHE B 61 -7.81 1.88 3.95
CA PHE B 61 -7.44 0.47 3.89
C PHE B 61 -7.73 -0.26 5.20
N ASP B 62 -8.24 0.45 6.22
CA ASP B 62 -8.58 -0.05 7.55
C ASP B 62 -7.33 -0.71 8.20
N VAL B 63 -6.20 -0.01 8.21
CA VAL B 63 -4.92 -0.49 8.77
C VAL B 63 -4.19 0.61 9.55
N ASP B 64 -3.02 0.31 10.11
CA ASP B 64 -2.20 1.23 10.89
C ASP B 64 -0.86 1.46 10.18
N ILE B 65 -0.74 2.53 9.38
CA ILE B 65 0.45 2.88 8.61
C ILE B 65 1.08 4.13 9.22
N SER B 66 2.42 4.20 9.25
CA SER B 66 3.16 5.33 9.80
C SER B 66 3.68 6.22 8.66
N ILE B 67 4.11 7.42 9.02
CA ILE B 67 4.64 8.40 8.08
C ILE B 67 5.91 7.85 7.41
N GLN B 68 6.69 7.01 8.11
CA GLN B 68 7.94 6.45 7.59
C GLN B 68 7.67 5.51 6.42
N GLN B 69 6.60 4.70 6.47
CA GLN B 69 6.22 3.77 5.41
C GLN B 69 5.97 4.55 4.12
N LEU B 70 5.25 5.67 4.23
CA LEU B 70 4.93 6.53 3.11
C LEU B 70 6.22 7.14 2.56
N PHE B 71 7.01 7.76 3.43
CA PHE B 71 8.27 8.41 3.07
C PHE B 71 9.26 7.41 2.46
N ALA B 72 9.17 6.12 2.86
CA ALA B 72 10.03 5.06 2.41
C ALA B 72 9.65 4.60 1.01
N HIS B 73 8.38 4.70 0.64
CA HIS B 73 7.87 4.30 -0.66
C HIS B 73 7.13 5.49 -1.27
N PRO B 74 7.87 6.47 -1.83
CA PRO B 74 7.35 7.69 -2.44
C PRO B 74 6.62 7.51 -3.78
N SER B 75 6.11 6.32 -4.10
CA SER B 75 5.39 6.05 -5.33
C SER B 75 4.28 5.00 -5.10
N ILE B 76 3.36 4.77 -6.06
CA ILE B 76 2.26 3.82 -5.88
C ILE B 76 2.72 2.34 -5.86
N CYS B 77 3.42 1.85 -6.90
CA CYS B 77 3.87 0.46 -6.98
C CYS B 77 4.74 0.02 -5.79
N GLN B 78 5.46 0.97 -5.18
CA GLN B 78 6.32 0.70 -4.03
C GLN B 78 5.49 0.62 -2.74
N LEU B 79 4.41 1.41 -2.62
CA LEU B 79 3.51 1.44 -1.47
C LEU B 79 2.73 0.13 -1.35
N GLU B 80 2.39 -0.49 -2.48
CA GLU B 80 1.64 -1.72 -2.55
C GLU B 80 2.18 -2.87 -1.71
N GLU B 81 3.50 -2.98 -1.59
CA GLU B 81 4.12 -4.04 -0.81
C GLU B 81 3.72 -3.96 0.66
N CYS B 82 3.50 -2.73 1.15
CA CYS B 82 3.12 -2.45 2.51
C CYS B 82 1.65 -2.83 2.78
N ILE B 83 0.74 -2.53 1.85
CA ILE B 83 -0.70 -2.84 2.01
C ILE B 83 -0.86 -4.33 2.30
N ILE B 84 -0.07 -5.20 1.65
CA ILE B 84 -0.14 -6.63 1.85
C ILE B 84 0.11 -6.97 3.32
N ASN B 85 1.25 -6.54 3.88
CA ASN B 85 1.52 -6.85 5.30
C ASN B 85 0.49 -6.19 6.20
N ALA B 86 0.08 -4.97 5.86
CA ALA B 86 -0.88 -4.24 6.67
C ALA B 86 -2.24 -4.96 6.73
N GLN B 87 -2.71 -5.53 5.62
CA GLN B 87 -3.99 -6.24 5.60
C GLN B 87 -3.92 -7.47 6.49
N LEU B 88 -2.78 -8.13 6.53
CA LEU B 88 -2.57 -9.31 7.36
C LEU B 88 -2.45 -8.89 8.82
N LEU B 89 -1.82 -7.75 9.12
CA LEU B 89 -1.64 -7.24 10.47
C LEU B 89 -2.96 -6.93 11.16
N GLN B 90 -4.02 -6.56 10.44
CA GLN B 90 -5.31 -6.28 11.06
C GLN B 90 -6.12 -7.57 11.24
N PHE B 91 -5.84 -8.59 10.44
CA PHE B 91 -6.48 -9.91 10.47
C PHE B 91 -5.93 -10.71 11.67
N ASP B 92 -6.56 -11.83 12.01
CA ASP B 92 -6.13 -12.67 13.13
C ASP B 92 -4.88 -13.45 12.75
N ALA B 93 -3.83 -13.30 13.54
CA ALA B 93 -2.56 -13.98 13.34
C ALA B 93 -2.63 -15.48 13.69
N ASP B 94 -3.61 -15.86 14.51
CA ASP B 94 -3.82 -17.23 14.95
C ASP B 94 -4.34 -18.11 13.83
N SER B 95 -5.43 -17.74 13.16
CA SER B 95 -5.97 -18.53 12.06
C SER B 95 -5.10 -18.25 10.83
N LEU B 96 -4.50 -17.05 10.72
CA LEU B 96 -3.65 -16.73 9.57
C LEU B 96 -2.55 -17.77 9.40
N GLN B 97 -1.96 -18.27 10.50
CA GLN B 97 -0.89 -19.25 10.44
C GLN B 97 -1.37 -20.56 9.85
N ASP B 98 -2.65 -20.89 10.04
CA ASP B 98 -3.28 -22.11 9.56
C ASP B 98 -3.48 -22.07 8.04
N ILE B 99 -3.86 -20.91 7.52
CA ILE B 99 -4.07 -20.73 6.07
C ILE B 99 -2.69 -20.66 5.42
N TYR B 100 -1.79 -19.91 6.04
CA TYR B 100 -0.44 -19.72 5.60
C TYR B 100 0.28 -21.05 5.36
N LYS B 101 0.13 -22.04 6.26
CA LYS B 101 0.78 -23.33 6.07
C LYS B 101 0.08 -24.20 5.03
N SER B 102 -1.13 -23.86 4.62
CA SER B 102 -1.92 -24.60 3.66
C SER B 102 -1.86 -23.98 2.26
N MET B 103 -1.27 -22.78 2.15
CA MET B 103 -1.13 -22.09 0.88
C MET B 103 -0.08 -22.79 0.02
N GLU B 104 -0.18 -22.60 -1.30
CA GLU B 104 0.75 -23.18 -2.25
C GLU B 104 2.13 -22.56 -2.09
N MET A 1 0.85 -18.41 17.43
CA MET A 1 1.37 -17.49 16.38
C MET A 1 1.11 -16.04 16.81
N ASN A 2 1.69 -15.04 16.14
CA ASN A 2 1.49 -13.62 16.46
C ASN A 2 1.78 -12.74 15.25
N ASN A 3 1.53 -11.43 15.36
CA ASN A 3 1.73 -10.43 14.31
C ASN A 3 3.15 -10.37 13.73
N ASN A 4 4.16 -10.70 14.53
CA ASN A 4 5.56 -10.69 14.13
C ASN A 4 5.86 -11.78 13.10
N GLU A 5 5.10 -12.87 13.12
CA GLU A 5 5.30 -13.99 12.21
C GLU A 5 4.85 -13.66 10.79
N LEU A 6 3.65 -13.07 10.63
CA LEU A 6 3.09 -12.77 9.30
C LEU A 6 3.95 -11.86 8.43
N THR A 7 4.71 -10.98 9.03
CA THR A 7 5.60 -10.04 8.36
C THR A 7 6.97 -10.69 8.06
N SER A 8 7.29 -11.84 8.65
CA SER A 8 8.56 -12.53 8.48
C SER A 8 8.71 -13.21 7.12
N LEU A 9 7.59 -13.59 6.48
CA LEU A 9 7.58 -14.22 5.17
C LEU A 9 7.67 -13.12 4.09
N PRO A 10 8.13 -13.44 2.87
CA PRO A 10 8.26 -12.49 1.79
C PRO A 10 6.88 -12.10 1.26
N LEU A 11 6.83 -10.95 0.58
CA LEU A 11 5.61 -10.39 -0.01
C LEU A 11 4.87 -11.41 -0.87
N ALA A 12 5.57 -12.22 -1.66
CA ALA A 12 4.96 -13.22 -2.53
C ALA A 12 4.04 -14.16 -1.75
N GLU A 13 4.49 -14.66 -0.61
CA GLU A 13 3.73 -15.56 0.25
C GLU A 13 2.67 -14.78 1.04
N ARG A 14 3.03 -13.56 1.45
CA ARG A 14 2.20 -12.67 2.24
C ARG A 14 0.92 -12.26 1.52
N LYS A 15 1.01 -11.74 0.29
CA LYS A 15 -0.17 -11.33 -0.47
C LYS A 15 -1.04 -12.54 -0.77
N ARG A 16 -0.39 -13.68 -0.99
CA ARG A 16 -1.01 -14.93 -1.30
C ARG A 16 -1.86 -15.39 -0.12
N LEU A 17 -1.31 -15.45 1.10
CA LEU A 17 -2.09 -15.85 2.27
C LEU A 17 -3.18 -14.81 2.51
N LEU A 18 -2.90 -13.53 2.29
CA LEU A 18 -3.88 -12.45 2.48
C LEU A 18 -5.11 -12.70 1.62
N GLU A 19 -4.92 -13.16 0.40
CA GLU A 19 -6.02 -13.44 -0.52
C GLU A 19 -6.87 -14.55 0.09
N LEU A 20 -6.25 -15.66 0.47
CA LEU A 20 -6.91 -16.81 1.07
C LEU A 20 -7.70 -16.40 2.31
N ALA A 21 -7.05 -15.67 3.22
CA ALA A 21 -7.62 -15.19 4.46
C ALA A 21 -8.80 -14.28 4.21
N LYS A 22 -8.61 -13.25 3.38
CA LYS A 22 -9.68 -12.30 3.07
C LYS A 22 -10.86 -13.01 2.45
N ALA A 23 -10.63 -13.95 1.53
CA ALA A 23 -11.66 -14.71 0.85
C ALA A 23 -12.41 -15.66 1.79
N ALA A 24 -11.72 -16.28 2.74
CA ALA A 24 -12.32 -17.23 3.68
C ALA A 24 -13.07 -16.55 4.83
N LYS A 25 -12.86 -15.24 5.06
CA LYS A 25 -13.49 -14.45 6.13
C LYS A 25 -13.28 -15.13 7.50
N LEU A 26 -12.11 -15.73 7.72
CA LEU A 26 -11.77 -16.40 8.98
C LEU A 26 -11.73 -15.43 10.17
N SER A 27 -11.59 -14.13 9.89
CA SER A 27 -11.53 -13.03 10.83
C SER A 27 -12.01 -11.78 10.07
N ARG A 28 -11.93 -10.64 10.76
CA ARG A 28 -12.30 -9.30 10.33
C ARG A 28 -13.82 -9.18 10.19
N GLN A 29 -14.30 -7.95 10.31
CA GLN A 29 -15.68 -7.52 10.24
C GLN A 29 -16.31 -7.92 8.91
N HIS A 30 -17.65 -7.98 8.86
CA HIS A 30 -18.41 -8.34 7.66
C HIS A 30 -19.06 -7.10 7.04
N TYR A 31 -18.44 -5.93 7.24
CA TYR A 31 -18.91 -4.65 6.74
C TYR A 31 -18.75 -4.67 5.23
N ASP B 1 10.38 28.49 -22.31
CA ASP B 1 9.37 27.41 -22.22
C ASP B 1 8.83 27.35 -20.81
N HIS B 2 7.64 26.81 -20.63
CA HIS B 2 6.93 26.64 -19.37
C HIS B 2 5.75 25.70 -19.63
N SER B 3 5.17 25.11 -18.59
CA SER B 3 4.03 24.17 -18.69
C SER B 3 4.32 22.94 -19.58
N SER B 4 5.57 22.74 -19.99
CA SER B 4 6.02 21.65 -20.83
C SER B 4 6.35 20.46 -19.94
N VAL B 5 5.41 19.53 -19.83
CA VAL B 5 5.56 18.31 -19.04
C VAL B 5 6.69 17.48 -19.66
N ILE B 6 7.33 16.62 -18.86
CA ILE B 6 8.40 15.74 -19.28
C ILE B 6 7.98 14.29 -19.01
N THR B 7 8.83 13.37 -19.43
CA THR B 7 8.72 11.92 -19.41
C THR B 7 7.71 11.61 -20.51
N GLN B 8 7.83 10.42 -21.08
CA GLN B 8 6.98 10.01 -22.19
C GLN B 8 6.40 8.62 -21.98
N GLU B 9 7.12 7.78 -21.25
CA GLU B 9 6.74 6.40 -20.97
C GLU B 9 5.88 6.33 -19.72
N TYR B 10 4.91 7.23 -19.55
CA TYR B 10 4.05 7.26 -18.39
C TYR B 10 3.30 5.91 -18.31
N ALA B 11 3.09 5.43 -17.09
CA ALA B 11 2.42 4.17 -16.79
C ALA B 11 1.14 4.53 -16.04
N ALA B 12 0.01 4.10 -16.58
CA ALA B 12 -1.29 4.35 -15.98
C ALA B 12 -1.42 3.53 -14.69
N PRO B 13 -2.26 3.96 -13.73
CA PRO B 13 -2.42 3.24 -12.49
C PRO B 13 -3.03 1.86 -12.74
N GLN B 14 -2.52 0.92 -11.95
CA GLN B 14 -2.89 -0.47 -11.85
C GLN B 14 -4.29 -0.49 -11.25
N GLY B 15 -4.86 -1.69 -11.10
CA GLY B 15 -6.21 -1.87 -10.57
C GLY B 15 -6.50 -1.09 -9.27
N GLU B 16 -7.68 -1.35 -8.70
CA GLU B 16 -8.17 -0.62 -7.53
C GLU B 16 -7.23 -0.44 -6.35
N ILE B 17 -6.27 -1.32 -6.09
CA ILE B 17 -5.35 -1.15 -4.96
C ILE B 17 -4.36 -0.04 -5.27
N GLU B 18 -3.72 -0.05 -6.43
CA GLU B 18 -2.74 0.97 -6.78
C GLU B 18 -3.42 2.31 -7.07
N GLU B 19 -4.49 2.30 -7.88
CA GLU B 19 -5.25 3.52 -8.21
C GLU B 19 -5.75 4.22 -6.93
N GLN B 20 -6.02 3.46 -5.86
CA GLN B 20 -6.50 3.97 -4.59
C GLN B 20 -5.50 5.02 -4.07
N LEU B 21 -4.21 4.69 -4.02
CA LEU B 21 -3.23 5.67 -3.56
C LEU B 21 -2.93 6.74 -4.61
N ALA B 22 -2.88 6.36 -5.89
CA ALA B 22 -2.56 7.26 -6.99
C ALA B 22 -3.49 8.48 -7.04
N ASP B 23 -4.76 8.24 -6.78
CA ASP B 23 -5.82 9.23 -6.82
C ASP B 23 -5.63 10.35 -5.84
N ILE B 24 -5.20 9.99 -4.66
CA ILE B 24 -4.97 10.91 -3.58
C ILE B 24 -3.68 11.69 -3.75
N TRP B 25 -2.64 11.05 -4.27
CA TRP B 25 -1.35 11.71 -4.42
C TRP B 25 -1.40 12.99 -5.21
N GLN B 26 -1.92 12.95 -6.44
CA GLN B 26 -1.97 14.16 -7.27
C GLN B 26 -2.58 15.33 -6.57
N THR B 27 -3.67 15.03 -5.91
CA THR B 27 -4.46 15.97 -5.18
C THR B 27 -3.63 16.71 -4.12
N ILE B 28 -2.75 16.01 -3.42
CA ILE B 28 -1.90 16.54 -2.36
C ILE B 28 -0.76 17.39 -2.92
N LEU B 29 -0.09 16.93 -3.98
CA LEU B 29 1.04 17.63 -4.61
C LEU B 29 0.60 18.51 -5.77
N LYS B 30 -0.71 18.60 -6.02
CA LYS B 30 -1.31 19.36 -7.11
C LYS B 30 -0.70 18.90 -8.45
N ILE B 31 -0.51 17.59 -8.63
CA ILE B 31 0.07 17.04 -9.85
C ILE B 31 -1.05 16.64 -10.82
N ASP B 32 -0.67 16.20 -12.02
CA ASP B 32 -1.59 15.76 -13.07
C ASP B 32 -1.99 14.29 -12.85
N ARG B 33 -0.99 13.39 -12.84
CA ARG B 33 -1.09 11.95 -12.68
C ARG B 33 0.07 11.34 -11.87
N ILE B 34 0.00 10.06 -11.52
CA ILE B 34 1.02 9.31 -10.78
C ILE B 34 1.35 8.10 -11.67
N GLY B 35 2.64 7.78 -11.82
CA GLY B 35 3.14 6.68 -12.62
C GLY B 35 3.69 5.59 -11.71
N ARG B 36 3.46 4.31 -12.03
CA ARG B 36 3.93 3.16 -11.23
C ARG B 36 5.43 3.09 -10.90
N TYR B 37 6.28 3.90 -11.54
CA TYR B 37 7.72 3.96 -11.34
C TYR B 37 8.18 5.37 -10.96
N ASP B 38 7.27 6.35 -10.87
CA ASP B 38 7.57 7.73 -10.49
C ASP B 38 8.21 7.76 -9.10
N ASN B 39 8.92 8.83 -8.80
CA ASN B 39 9.58 9.02 -7.53
C ASN B 39 8.79 10.10 -6.84
N PHE B 40 8.23 9.78 -5.68
CA PHE B 40 7.42 10.69 -4.86
C PHE B 40 8.08 12.07 -4.71
N PHE B 41 9.40 12.11 -4.49
CA PHE B 41 10.15 13.35 -4.30
C PHE B 41 10.30 14.14 -5.61
N GLU B 42 10.43 13.49 -6.76
CA GLU B 42 10.57 14.17 -8.05
C GLU B 42 9.24 14.87 -8.40
N LEU B 43 8.13 14.27 -7.96
CA LEU B 43 6.82 14.84 -8.22
C LEU B 43 6.61 16.08 -7.34
N GLY B 44 7.14 16.08 -6.11
CA GLY B 44 7.01 17.19 -5.17
C GLY B 44 6.62 16.74 -3.76
N GLY B 45 6.53 15.43 -3.52
CA GLY B 45 6.20 14.84 -2.24
C GLY B 45 7.30 15.19 -1.24
N HIS B 46 6.94 15.85 -0.13
CA HIS B 46 7.85 16.27 0.92
C HIS B 46 7.35 15.78 2.27
N SER B 47 8.17 15.85 3.33
CA SER B 47 7.83 15.38 4.68
C SER B 47 6.45 15.82 5.17
N LEU B 48 6.11 17.10 5.02
CA LEU B 48 4.79 17.60 5.44
C LEU B 48 3.65 16.88 4.70
N LEU B 49 3.88 16.47 3.45
CA LEU B 49 2.91 15.76 2.62
C LEU B 49 2.91 14.29 3.01
N VAL B 50 4.02 13.75 3.53
CA VAL B 50 4.07 12.36 3.94
C VAL B 50 3.20 12.24 5.21
N LEU B 51 3.22 13.25 6.08
CA LEU B 51 2.45 13.28 7.31
C LEU B 51 0.96 13.27 7.00
N GLN B 52 0.54 14.13 6.06
CA GLN B 52 -0.86 14.18 5.69
C GLN B 52 -1.26 12.91 4.93
N LEU B 53 -0.36 12.39 4.08
CA LEU B 53 -0.61 11.19 3.30
C LEU B 53 -0.87 10.02 4.25
N GLN B 54 -0.05 9.86 5.28
CA GLN B 54 -0.19 8.82 6.29
C GLN B 54 -1.59 8.85 6.87
N SER B 55 -2.08 10.04 7.19
CA SER B 55 -3.40 10.24 7.73
C SER B 55 -4.42 9.65 6.76
N ARG B 56 -4.20 9.80 5.44
CA ARG B 56 -5.08 9.26 4.43
C ARG B 56 -4.94 7.75 4.39
N ILE B 57 -3.74 7.16 4.34
CA ILE B 57 -3.62 5.70 4.31
C ILE B 57 -4.39 5.08 5.47
N ASN B 58 -4.29 5.71 6.65
CA ASN B 58 -4.96 5.23 7.85
C ASN B 58 -6.47 5.18 7.64
N GLU B 59 -7.11 6.26 7.15
CA GLU B 59 -8.58 6.29 6.94
C GLU B 59 -9.07 5.60 5.67
N ILE B 60 -8.29 5.66 4.59
CA ILE B 60 -8.62 5.07 3.29
C ILE B 60 -8.55 3.55 3.33
N PHE B 61 -7.49 3.00 3.93
CA PHE B 61 -7.32 1.55 4.03
C PHE B 61 -7.79 1.02 5.37
N ASP B 62 -8.28 1.89 6.27
CA ASP B 62 -8.78 1.54 7.59
C ASP B 62 -7.71 0.70 8.33
N VAL B 63 -6.44 1.13 8.30
CA VAL B 63 -5.25 0.50 8.89
C VAL B 63 -4.40 1.53 9.67
N ASP B 64 -3.27 1.11 10.24
CA ASP B 64 -2.34 1.91 11.01
C ASP B 64 -0.96 1.86 10.33
N ILE B 65 -0.57 2.93 9.63
CA ILE B 65 0.71 3.06 8.93
C ILE B 65 1.43 4.29 9.44
N SER B 66 2.76 4.24 9.47
CA SER B 66 3.62 5.34 9.89
C SER B 66 4.26 6.00 8.66
N ILE B 67 4.68 7.25 8.83
CA ILE B 67 5.31 8.11 7.83
C ILE B 67 6.52 7.45 7.19
N GLN B 68 7.30 6.77 8.01
CA GLN B 68 8.52 6.08 7.67
C GLN B 68 8.30 5.09 6.52
N GLN B 69 7.22 4.30 6.51
CA GLN B 69 6.95 3.35 5.44
C GLN B 69 6.73 4.08 4.11
N LEU B 70 5.93 5.15 4.12
CA LEU B 70 5.64 5.94 2.93
C LEU B 70 6.91 6.52 2.34
N PHE B 71 7.75 7.13 3.19
CA PHE B 71 8.99 7.73 2.74
C PHE B 71 10.02 6.67 2.34
N ALA B 72 9.89 5.44 2.86
CA ALA B 72 10.79 4.34 2.55
C ALA B 72 10.39 3.68 1.23
N HIS B 73 9.13 3.78 0.82
CA HIS B 73 8.59 3.19 -0.41
C HIS B 73 7.93 4.29 -1.25
N PRO B 74 8.74 5.17 -1.88
CA PRO B 74 8.26 6.27 -2.72
C PRO B 74 7.80 5.80 -4.11
N SER B 75 7.03 4.70 -4.19
CA SER B 75 6.49 4.15 -5.42
C SER B 75 5.14 3.52 -5.13
N ILE B 76 4.30 3.36 -6.16
CA ILE B 76 2.98 2.76 -6.02
C ILE B 76 3.14 1.27 -5.72
N CYS B 77 3.91 0.57 -6.55
CA CYS B 77 4.19 -0.85 -6.43
C CYS B 77 4.99 -1.18 -5.17
N GLN B 78 5.79 -0.23 -4.65
CA GLN B 78 6.56 -0.42 -3.44
C GLN B 78 5.65 -0.22 -2.22
N LEU B 79 4.76 0.78 -2.28
CA LEU B 79 3.80 1.08 -1.22
C LEU B 79 2.84 -0.09 -1.05
N GLU B 80 2.53 -0.81 -2.13
CA GLU B 80 1.64 -1.95 -2.20
C GLU B 80 1.97 -2.98 -1.10
N GLU B 81 3.26 -3.25 -0.87
CA GLU B 81 3.71 -4.21 0.14
C GLU B 81 3.20 -3.87 1.55
N CYS B 82 3.14 -2.58 1.87
CA CYS B 82 2.69 -2.09 3.18
C CYS B 82 1.22 -2.40 3.41
N ILE B 83 0.40 -2.24 2.37
CA ILE B 83 -1.03 -2.51 2.44
C ILE B 83 -1.21 -3.99 2.74
N ILE B 84 -0.50 -4.84 1.99
CA ILE B 84 -0.55 -6.29 2.15
C ILE B 84 -0.32 -6.67 3.61
N ASN B 85 0.80 -6.22 4.20
CA ASN B 85 1.07 -6.56 5.59
C ASN B 85 0.09 -5.92 6.55
N ALA B 86 -0.31 -4.67 6.33
CA ALA B 86 -1.25 -3.98 7.19
C ALA B 86 -2.58 -4.68 7.29
N GLN B 87 -3.09 -5.17 6.16
CA GLN B 87 -4.37 -5.86 6.12
C GLN B 87 -4.31 -7.14 6.97
N LEU B 88 -3.20 -7.87 6.92
CA LEU B 88 -3.02 -9.10 7.69
C LEU B 88 -2.80 -8.78 9.17
N LEU B 89 -2.12 -7.67 9.50
CA LEU B 89 -1.83 -7.27 10.88
C LEU B 89 -3.10 -7.06 11.70
N GLN B 90 -4.24 -6.73 11.09
CA GLN B 90 -5.50 -6.50 11.82
C GLN B 90 -6.30 -7.77 11.94
N PHE B 91 -6.08 -8.68 10.99
CA PHE B 91 -6.74 -9.98 11.00
C PHE B 91 -6.24 -10.75 12.23
N ASP B 92 -6.98 -11.77 12.64
CA ASP B 92 -6.62 -12.57 13.80
C ASP B 92 -5.41 -13.45 13.48
N ALA B 93 -4.29 -13.25 14.18
CA ALA B 93 -3.05 -14.01 13.94
C ALA B 93 -3.17 -15.51 14.23
N ASP B 94 -4.09 -15.90 15.11
CA ASP B 94 -4.31 -17.29 15.50
C ASP B 94 -4.91 -18.07 14.33
N SER B 95 -5.95 -17.54 13.71
CA SER B 95 -6.60 -18.16 12.58
C SER B 95 -5.75 -17.99 11.32
N LEU B 96 -5.05 -16.85 11.18
CA LEU B 96 -4.21 -16.55 10.02
C LEU B 96 -3.16 -17.62 9.84
N GLN B 97 -2.59 -18.11 10.93
CA GLN B 97 -1.55 -19.12 10.86
C GLN B 97 -2.09 -20.44 10.32
N ASP B 98 -3.38 -20.74 10.55
CA ASP B 98 -4.05 -21.96 10.12
C ASP B 98 -4.11 -22.03 8.59
N ILE B 99 -4.40 -20.88 7.97
CA ILE B 99 -4.50 -20.75 6.52
C ILE B 99 -3.09 -20.72 5.94
N TYR B 100 -2.20 -19.97 6.58
CA TYR B 100 -0.82 -19.83 6.21
C TYR B 100 -0.14 -21.20 6.11
N LYS B 101 -0.29 -22.08 7.11
CA LYS B 101 0.32 -23.42 7.08
C LYS B 101 -0.31 -24.31 6.00
N SER B 102 -1.50 -23.95 5.49
CA SER B 102 -2.21 -24.70 4.47
C SER B 102 -1.84 -24.19 3.06
N MET B 103 -1.11 -23.07 2.97
CA MET B 103 -0.70 -22.50 1.71
C MET B 103 0.31 -23.34 0.93
N GLU B 104 0.33 -23.09 -0.38
CA GLU B 104 1.21 -23.69 -1.38
C GLU B 104 2.64 -23.21 -1.11
#